data_9CLI
#
_entry.id   9CLI
#
_cell.length_a   1.00
_cell.length_b   1.00
_cell.length_c   1.00
_cell.angle_alpha   90.00
_cell.angle_beta   90.00
_cell.angle_gamma   90.00
#
_symmetry.space_group_name_H-M   'P 1'
#
loop_
_entity.id
_entity.type
_entity.pdbx_description
1 polymer 'Hexon protein'
2 polymer 'Coagulation factor X'
3 non-polymer 'CALCIUM ION'
#
loop_
_entity_poly.entity_id
_entity_poly.type
_entity_poly.pdbx_seq_one_letter_code
_entity_poly.pdbx_strand_id
1 'polypeptide(L)'
;MATPSMMPQWSYMHISGQDASEYLSPGLVQFARATETYFSLNNKFRNPTVAPTHDVTTDRSQRLTLRFIPVDREDTAYSY
KARFTLAVGDNRVLDMASTYFDIRGVLDRGPTFKPYSGTAYNALAPKGAPNPCEWDEAATALEINLEEEDDDNEDEVDEQ
AEQQKTHVFGQAPYSGINITKEGIQIGVEGQTPKYADKTFQPEPQIGESQWYETEINHAAGRVLKKTTPMKPCYGSYAKP
TNENGGQGILVKQQNGKLESQVEMQFFSTTEATAGNGDNLTPKVVLYSEDVDIETPDTHISYMPTIKEGNSRELMGQQSM
PNRPNYIAFRDNFIGLMYYNSTGNMGVLAGQASQLNAVVDLQDRNTELSYQLLLDSIGDRTRYFSMWNQAVDSYDPDVRI
IENHGTEDELPNYCFPLGGVINTETLTKVKPKTGQENGWEKDATEFSDKNEIRVGNNFAMEINLNANLWRNFLYSNIALY
LPDKLKYSPSNVKISDNPNTYDYMNKRVVAPGLVDCYINLGARWSLDYMDNVNPFNHHRNAGLRYRSMLLGNGRYVPFHI
QVPQKFFAIKNLLLLPGSYTYEWNFRKDVNMVLQSSLGNDLRVDGASIKFDSICLYATFFPMAHNTASTLEAMLRNDTND
QSFNDYLSAANMLYPIPANATNVPISIPSRNWAAFRGWAFTRLKTKETPSLGSGYDPYYTYSGSIPYLDGTFYLNHTFKK
VAITFDSSVSWPGNDRLLTPNEFEIKRSVDGEGYNVAQCNMTKDWFLVQMLANYNIGYQGFYIPESYKDRMYSFFRNFQP
MSRQVVDDTKYKDYQQVGILHQHNNSGFVGYLAPTMREGQAYPANFPYPLIGKTAVDSITQKKFLCDRTLWRIPFSSNFM
SMGALTDLGQNLLYANSAHALDMTFEVDPMDEPTLLYVLFEVFDVVRVHRPHRGVIETVYLRTPFSAGNATT
;
J,K,L
2 'polypeptide(L)'
;MGRPLHLVLLSASLAGLLLLGESLFIRREQANNILARVTRANSFL(CGU)(CGU)MKKGHL(CGU)R(CGU)CM(CGU)
(CGU)TCSY(CGU)(CGU)AR(CGU)VF(CGU)DSDKTN(CGU)FWNKYKDGDQCETSPCQNQGKCKDGLGEYTCTCLEG
FEGKNCELFTRKLCSLDNGDCDQFCHEEQNSVVCSCARGYTLADNGKACIPTGPYPCGKQTLERRKRSVAQATSSSGEAP
DSITWKPYDAADLDPTENPFDLLDFNQTQPERGDNNLTRIVGGQECKDGECPWQALLINEENEGFCGGTILSEFYILTAA
HCLYQAKRFKVRVGDRNTEQEEGGEAVHEVEVVIKHNRFTKETYDFDIAVLRLKTPITFRMNVAPACLPERDWAESTLMT
QKTGIVSGFGRTHEKGRQSTRLKMLEVPYVDRNSCKLSSSFIITQNMFCAGYDTKQEDACQGDSGGPHVTRFKDTYFVTG
IVSWGEGCARKGKYGIYTKVTAFLKWIDRSMKTRGLPKAKSHAPEVITSSPLK
;
Z
#
loop_
_chem_comp.id
_chem_comp.type
_chem_comp.name
_chem_comp.formula
CA non-polymer 'CALCIUM ION' 'Ca 2'
#
# COMPACT_ATOMS: atom_id res chain seq x y z
N ALA A 2 -25.66 -25.37 62.97
CA ALA A 2 -24.60 -26.17 63.57
C ALA A 2 -23.40 -26.29 62.65
N THR A 3 -22.47 -27.16 63.01
CA THR A 3 -21.32 -27.42 62.17
C THR A 3 -21.75 -28.21 60.94
N PRO A 4 -21.26 -27.86 59.75
CA PRO A 4 -21.61 -28.64 58.55
C PRO A 4 -21.27 -30.12 58.69
N SER A 5 -20.14 -30.44 59.31
CA SER A 5 -19.78 -31.84 59.49
C SER A 5 -20.75 -32.58 60.41
N MET A 6 -21.59 -31.85 61.15
CA MET A 6 -22.68 -32.50 61.84
C MET A 6 -23.80 -32.87 60.89
N MET A 7 -23.96 -32.13 59.80
CA MET A 7 -24.94 -32.48 58.78
C MET A 7 -24.39 -33.62 57.93
N PRO A 8 -25.07 -34.75 57.85
CA PRO A 8 -24.48 -35.91 57.16
C PRO A 8 -24.43 -35.77 55.65
N GLN A 9 -25.50 -35.25 55.05
CA GLN A 9 -25.57 -35.20 53.59
C GLN A 9 -24.43 -34.41 53.00
N TRP A 10 -24.14 -33.24 53.55
CA TRP A 10 -23.08 -32.40 52.99
C TRP A 10 -21.74 -33.12 53.05
N SER A 11 -21.56 -34.02 54.01
CA SER A 11 -20.37 -34.85 54.00
C SER A 11 -20.45 -35.94 52.96
N TYR A 12 -21.63 -36.52 52.78
CA TYR A 12 -21.77 -37.64 51.87
C TYR A 12 -21.51 -37.22 50.42
N MET A 13 -21.96 -36.03 50.04
CA MET A 13 -21.77 -35.53 48.69
C MET A 13 -20.55 -34.66 48.55
N HIS A 14 -19.66 -34.66 49.54
CA HIS A 14 -18.39 -33.94 49.48
C HIS A 14 -18.57 -32.44 49.34
N ILE A 15 -19.70 -31.91 49.79
CA ILE A 15 -19.81 -30.45 49.87
C ILE A 15 -18.89 -29.92 50.95
N SER A 16 -18.76 -30.66 52.05
CA SER A 16 -17.87 -30.28 53.14
C SER A 16 -17.44 -31.55 53.86
N GLY A 17 -16.15 -31.61 54.20
CA GLY A 17 -15.61 -32.81 54.80
C GLY A 17 -14.12 -32.94 54.60
N GLN A 18 -13.68 -34.07 54.09
CA GLN A 18 -12.27 -34.33 53.85
C GLN A 18 -11.95 -34.17 52.37
N ASP A 19 -10.66 -33.98 52.09
CA ASP A 19 -10.21 -33.91 50.72
C ASP A 19 -10.12 -35.30 50.12
N ALA A 20 -9.98 -35.36 48.81
CA ALA A 20 -9.94 -36.66 48.14
C ALA A 20 -8.66 -37.41 48.41
N SER A 21 -7.64 -36.76 48.95
CA SER A 21 -6.41 -37.45 49.29
C SER A 21 -6.57 -38.40 50.46
N GLU A 22 -7.69 -38.34 51.17
CA GLU A 22 -7.83 -39.06 52.42
C GLU A 22 -8.90 -40.15 52.37
N TYR A 23 -10.13 -39.81 52.01
CA TYR A 23 -11.19 -40.81 52.16
C TYR A 23 -11.10 -41.93 51.14
N LEU A 24 -10.25 -41.82 50.13
CA LEU A 24 -10.00 -42.94 49.25
C LEU A 24 -9.16 -44.00 49.97
N SER A 25 -9.40 -45.25 49.63
CA SER A 25 -8.56 -46.30 50.16
C SER A 25 -7.13 -46.08 49.70
N PRO A 26 -6.14 -46.37 50.55
CA PRO A 26 -4.75 -46.00 50.21
C PRO A 26 -4.24 -46.61 48.93
N GLY A 27 -4.65 -47.83 48.61
CA GLY A 27 -4.17 -48.46 47.39
C GLY A 27 -4.47 -47.65 46.15
N LEU A 28 -5.70 -47.13 46.06
CA LEU A 28 -6.07 -46.35 44.89
C LEU A 28 -5.31 -45.04 44.84
N VAL A 29 -5.05 -44.42 45.99
CA VAL A 29 -4.28 -43.19 45.99
C VAL A 29 -2.88 -43.45 45.48
N GLN A 30 -2.25 -44.53 45.94
CA GLN A 30 -0.92 -44.84 45.44
C GLN A 30 -0.95 -45.12 43.95
N PHE A 31 -1.97 -45.84 43.49
CA PHE A 31 -2.11 -46.11 42.06
C PHE A 31 -2.19 -44.83 41.27
N ALA A 32 -3.07 -43.91 41.68
CA ALA A 32 -3.25 -42.66 40.94
C ALA A 32 -1.96 -41.84 40.93
N ARG A 33 -1.26 -41.78 42.06
CA ARG A 33 0.02 -41.08 42.04
C ARG A 33 1.05 -41.79 41.18
N ALA A 34 0.87 -43.10 40.94
CA ALA A 34 1.89 -43.85 40.22
C ALA A 34 1.84 -43.58 38.72
N THR A 35 0.65 -43.38 38.17
CA THR A 35 0.46 -43.30 36.71
C THR A 35 -0.11 -41.96 36.31
N GLU A 36 0.43 -40.88 36.84
CA GLU A 36 -0.09 -39.55 36.52
C GLU A 36 0.31 -39.11 35.12
N THR A 37 1.41 -39.63 34.59
CA THR A 37 1.93 -39.11 33.32
C THR A 37 1.12 -39.58 32.12
N TYR A 38 0.53 -40.78 32.17
CA TYR A 38 -0.12 -41.32 30.99
C TYR A 38 -1.55 -41.80 31.20
N PHE A 39 -2.07 -41.83 32.41
CA PHE A 39 -3.47 -42.20 32.60
C PHE A 39 -3.94 -41.52 33.89
N SER A 40 -4.61 -40.40 33.75
CA SER A 40 -4.92 -39.53 34.87
C SER A 40 -6.30 -39.81 35.43
N LEU A 41 -6.36 -40.02 36.74
CA LEU A 41 -7.61 -40.08 37.47
C LEU A 41 -7.86 -38.82 38.30
N ASN A 42 -7.04 -37.79 38.12
CA ASN A 42 -7.01 -36.68 39.05
C ASN A 42 -8.24 -35.79 39.00
N ASN A 43 -9.14 -35.97 38.03
CA ASN A 43 -10.32 -35.11 37.94
C ASN A 43 -11.61 -35.90 38.04
N LYS A 44 -11.58 -37.09 38.63
CA LYS A 44 -12.78 -37.87 38.84
C LYS A 44 -13.32 -37.75 40.26
N PHE A 45 -12.79 -36.83 41.06
CA PHE A 45 -13.24 -36.67 42.44
C PHE A 45 -13.15 -35.19 42.81
N ARG A 46 -14.13 -34.70 43.55
CA ARG A 46 -14.20 -33.30 43.92
C ARG A 46 -13.78 -33.11 45.37
N ASN A 47 -12.90 -32.12 45.60
CA ASN A 47 -12.43 -31.80 46.95
C ASN A 47 -13.20 -30.60 47.47
N PRO A 48 -13.84 -30.69 48.63
CA PRO A 48 -14.59 -29.54 49.14
C PRO A 48 -13.68 -28.43 49.61
N THR A 49 -14.20 -27.21 49.59
CA THR A 49 -13.53 -26.04 50.13
C THR A 49 -14.52 -25.26 50.97
N VAL A 50 -14.10 -24.85 52.16
CA VAL A 50 -14.95 -24.10 53.08
C VAL A 50 -14.19 -22.85 53.51
N ALA A 51 -14.94 -21.87 53.99
CA ALA A 51 -14.36 -20.61 54.37
C ALA A 51 -14.50 -20.39 55.87
N PRO A 52 -13.59 -19.65 56.49
CA PRO A 52 -13.67 -19.44 57.93
C PRO A 52 -14.89 -18.64 58.31
N THR A 53 -15.41 -18.90 59.50
CA THR A 53 -16.60 -18.23 60.00
C THR A 53 -16.43 -17.55 61.34
N HIS A 54 -15.27 -17.66 61.98
CA HIS A 54 -15.04 -17.10 63.30
C HIS A 54 -14.02 -15.97 63.23
N ASP A 55 -14.39 -14.82 63.77
CA ASP A 55 -13.47 -13.69 63.94
C ASP A 55 -12.81 -13.30 62.62
N VAL A 56 -13.65 -13.03 61.62
CA VAL A 56 -13.17 -12.52 60.35
C VAL A 56 -13.85 -11.19 60.04
N THR A 57 -15.17 -11.15 60.22
CA THR A 57 -15.98 -10.00 59.82
C THR A 57 -16.89 -9.59 60.96
N THR A 58 -16.96 -8.29 61.23
CA THR A 58 -17.74 -7.78 62.34
C THR A 58 -19.23 -7.88 62.04
N ASP A 59 -20.03 -7.39 62.99
CA ASP A 59 -21.47 -7.30 62.80
C ASP A 59 -22.05 -5.98 63.26
N ARG A 60 -21.23 -5.06 63.75
CA ARG A 60 -21.70 -3.73 64.09
C ARG A 60 -21.94 -2.94 62.80
N SER A 61 -22.36 -1.69 62.95
CA SER A 61 -22.55 -0.82 61.80
C SER A 61 -21.25 -0.08 61.52
N GLN A 62 -20.66 -0.36 60.36
CA GLN A 62 -19.38 0.22 60.00
C GLN A 62 -19.28 0.31 58.50
N ARG A 63 -18.86 1.46 57.98
CA ARG A 63 -18.85 1.68 56.55
C ARG A 63 -17.57 1.16 55.91
N LEU A 64 -17.65 0.86 54.62
CA LEU A 64 -16.51 0.39 53.86
C LEU A 64 -15.69 1.53 53.27
N THR A 65 -16.31 2.62 52.88
CA THR A 65 -15.63 3.75 52.27
C THR A 65 -15.93 5.02 53.03
N LEU A 66 -14.90 5.78 53.36
CA LEU A 66 -15.07 7.05 54.02
C LEU A 66 -14.56 8.17 53.12
N ARG A 67 -15.17 9.34 53.29
CA ARG A 67 -14.94 10.49 52.42
C ARG A 67 -14.75 11.73 53.29
N PHE A 68 -13.55 12.31 53.22
CA PHE A 68 -13.16 13.42 54.06
C PHE A 68 -13.11 14.72 53.27
N ILE A 69 -13.42 15.81 53.95
CA ILE A 69 -13.59 17.14 53.38
C ILE A 69 -12.37 17.98 53.74
N PRO A 70 -11.90 18.87 52.86
CA PRO A 70 -10.75 19.72 53.22
C PRO A 70 -11.09 20.61 54.40
N VAL A 71 -10.40 20.37 55.51
CA VAL A 71 -10.55 21.25 56.66
C VAL A 71 -10.04 22.64 56.32
N ASP A 72 -8.98 22.73 55.52
CA ASP A 72 -8.52 24.03 55.09
C ASP A 72 -7.99 23.97 53.67
N ARG A 73 -8.14 25.09 52.97
CA ARG A 73 -7.70 25.20 51.58
C ARG A 73 -7.23 26.63 51.34
N GLU A 74 -6.08 26.76 50.68
CA GLU A 74 -5.50 28.07 50.41
C GLU A 74 -5.00 28.09 48.98
N ASP A 75 -5.10 29.26 48.34
CA ASP A 75 -4.93 29.37 46.90
C ASP A 75 -3.94 30.47 46.56
N THR A 76 -3.30 30.34 45.40
CA THR A 76 -2.31 31.30 44.95
C THR A 76 -2.36 31.38 43.43
N ALA A 77 -1.35 32.02 42.85
CA ALA A 77 -1.35 32.22 41.40
C ALA A 77 -0.97 30.96 40.65
N TYR A 78 -0.09 30.14 41.23
CA TYR A 78 0.48 29.02 40.48
C TYR A 78 0.28 27.67 41.16
N SER A 79 -0.07 27.65 42.44
CA SER A 79 -0.15 26.39 43.16
C SER A 79 -1.01 26.60 44.38
N TYR A 80 -1.79 25.60 44.74
CA TYR A 80 -2.70 25.72 45.88
C TYR A 80 -2.59 24.50 46.78
N LYS A 81 -2.89 24.73 48.06
CA LYS A 81 -2.58 23.79 49.12
C LYS A 81 -3.84 23.38 49.88
N ALA A 82 -3.97 22.09 50.15
CA ALA A 82 -5.12 21.55 50.86
C ALA A 82 -4.66 20.80 52.09
N ARG A 83 -5.50 20.80 53.12
CA ARG A 83 -5.15 20.19 54.41
C ARG A 83 -6.37 19.52 55.00
N PHE A 84 -6.29 18.20 55.18
CA PHE A 84 -7.35 17.36 55.70
C PHE A 84 -6.96 16.83 57.07
N THR A 85 -7.98 16.33 57.78
CA THR A 85 -7.80 15.70 59.09
C THR A 85 -8.27 14.25 59.00
N LEU A 86 -7.32 13.34 58.79
CA LEU A 86 -7.62 11.94 58.61
C LEU A 86 -7.80 11.28 59.97
N ALA A 87 -8.98 10.73 60.22
CA ALA A 87 -9.29 10.13 61.50
C ALA A 87 -9.51 8.63 61.31
N VAL A 88 -8.77 7.82 62.05
CA VAL A 88 -8.91 6.38 62.02
C VAL A 88 -9.39 5.94 63.40
N GLY A 89 -10.65 5.56 63.49
CA GLY A 89 -11.20 5.18 64.78
C GLY A 89 -10.57 3.91 65.31
N ASP A 90 -10.96 3.56 66.53
CA ASP A 90 -10.35 2.40 67.16
C ASP A 90 -10.85 1.12 66.49
N ASN A 91 -10.13 0.03 66.75
CA ASN A 91 -10.46 -1.29 66.23
C ASN A 91 -10.54 -1.31 64.71
N ARG A 92 -9.66 -0.57 64.06
CA ARG A 92 -9.56 -0.60 62.60
C ARG A 92 -8.11 -0.46 62.20
N VAL A 93 -7.83 -0.82 60.96
CA VAL A 93 -6.51 -0.62 60.36
C VAL A 93 -6.74 -0.18 58.93
N LEU A 94 -5.98 0.83 58.50
CA LEU A 94 -6.11 1.39 57.16
C LEU A 94 -4.79 1.23 56.43
N ASP A 95 -4.86 0.73 55.19
CA ASP A 95 -3.70 0.59 54.33
C ASP A 95 -3.70 1.78 53.38
N MET A 96 -2.61 2.55 53.39
CA MET A 96 -2.57 3.77 52.61
C MET A 96 -2.58 3.51 51.11
N ALA A 97 -2.41 2.25 50.69
CA ALA A 97 -2.40 1.96 49.26
C ALA A 97 -3.75 2.16 48.62
N SER A 98 -4.81 2.35 49.42
CA SER A 98 -6.15 2.54 48.89
C SER A 98 -6.68 3.92 49.21
N THR A 99 -5.86 4.95 49.08
CA THR A 99 -6.30 6.33 49.21
C THR A 99 -5.86 7.11 47.98
N TYR A 100 -6.71 8.02 47.53
CA TYR A 100 -6.40 8.83 46.37
C TYR A 100 -7.11 10.15 46.52
N PHE A 101 -6.61 11.16 45.81
CA PHE A 101 -7.30 12.44 45.76
C PHE A 101 -8.29 12.44 44.61
N ASP A 102 -9.35 13.24 44.75
CA ASP A 102 -10.43 13.29 43.79
C ASP A 102 -10.68 14.75 43.43
N ILE A 103 -10.45 15.11 42.18
CA ILE A 103 -10.45 16.51 41.76
C ILE A 103 -11.46 16.72 40.65
N ARG A 104 -12.10 17.89 40.66
CA ARG A 104 -13.03 18.30 39.61
C ARG A 104 -12.65 19.69 39.11
N GLY A 105 -12.85 19.93 37.82
CA GLY A 105 -12.43 21.21 37.30
C GLY A 105 -12.91 21.45 35.89
N VAL A 106 -12.51 22.59 35.35
CA VAL A 106 -12.84 23.01 33.99
C VAL A 106 -11.54 23.30 33.26
N LEU A 107 -11.49 22.93 31.98
CA LEU A 107 -10.27 22.98 31.19
C LEU A 107 -10.56 23.61 29.84
N ASP A 108 -9.61 24.41 29.35
CA ASP A 108 -9.70 25.02 28.04
C ASP A 108 -8.38 24.78 27.32
N ARG A 109 -8.41 23.90 26.31
CA ARG A 109 -7.19 23.48 25.65
C ARG A 109 -6.62 24.53 24.72
N GLY A 110 -7.41 25.53 24.33
CA GLY A 110 -6.90 26.62 23.53
C GLY A 110 -7.34 26.54 22.08
N PRO A 111 -6.92 27.51 21.26
CA PRO A 111 -7.26 27.50 19.85
C PRO A 111 -6.27 26.75 18.97
N THR A 112 -5.34 25.98 19.54
CA THR A 112 -4.39 25.20 18.75
C THR A 112 -4.55 23.72 19.04
N PHE A 113 -5.79 23.25 19.06
CA PHE A 113 -6.09 21.86 19.36
C PHE A 113 -6.84 21.27 18.18
N LYS A 114 -6.12 20.59 17.30
CA LYS A 114 -6.71 19.94 16.14
C LYS A 114 -6.43 18.46 16.23
N PRO A 115 -7.40 17.63 16.64
CA PRO A 115 -7.12 16.22 16.89
C PRO A 115 -7.24 15.31 15.67
N TYR A 116 -7.75 15.79 14.55
CA TYR A 116 -7.86 14.97 13.36
C TYR A 116 -6.87 15.40 12.31
N SER A 117 -6.60 14.49 11.38
CA SER A 117 -5.74 14.76 10.23
C SER A 117 -6.61 15.08 9.03
N GLY A 118 -6.24 16.11 8.28
CA GLY A 118 -7.06 16.56 7.20
C GLY A 118 -8.21 17.42 7.72
N THR A 119 -9.09 17.81 6.81
CA THR A 119 -10.21 18.68 7.13
C THR A 119 -11.50 17.90 7.14
N ALA A 120 -12.59 18.63 7.38
CA ALA A 120 -13.90 18.03 7.55
C ALA A 120 -14.94 18.53 6.56
N TYR A 121 -14.67 19.60 5.83
CA TYR A 121 -15.64 20.22 4.96
C TYR A 121 -15.17 20.12 3.52
N ASN A 122 -16.00 19.55 2.66
CA ASN A 122 -15.66 19.36 1.25
C ASN A 122 -14.33 18.66 1.09
N ALA A 123 -14.18 17.54 1.80
CA ALA A 123 -12.92 16.81 1.73
C ALA A 123 -12.63 16.32 0.32
N LEU A 124 -13.65 15.82 -0.37
CA LEU A 124 -13.43 15.23 -1.69
C LEU A 124 -13.13 16.26 -2.77
N ALA A 125 -13.39 17.53 -2.52
CA ALA A 125 -13.19 18.54 -3.55
C ALA A 125 -11.71 18.65 -3.90
N PRO A 126 -11.38 18.89 -5.16
CA PRO A 126 -9.97 19.11 -5.51
C PRO A 126 -9.45 20.37 -4.87
N LYS A 127 -8.14 20.40 -4.62
CA LYS A 127 -7.54 21.45 -3.82
C LYS A 127 -7.36 22.76 -4.58
N GLY A 128 -7.94 22.89 -5.77
CA GLY A 128 -7.82 24.13 -6.49
C GLY A 128 -9.15 24.72 -6.91
N ALA A 129 -10.19 23.91 -6.89
CA ALA A 129 -11.46 24.32 -7.45
C ALA A 129 -12.03 25.50 -6.68
N PRO A 130 -12.45 26.56 -7.35
CA PRO A 130 -13.02 27.72 -6.66
C PRO A 130 -14.52 27.60 -6.46
N ASN A 131 -15.00 28.29 -5.42
CA ASN A 131 -16.43 28.42 -5.25
C ASN A 131 -16.98 29.43 -6.25
N PRO A 132 -18.24 29.28 -6.66
CA PRO A 132 -18.82 30.26 -7.58
C PRO A 132 -18.72 31.66 -7.00
N CYS A 133 -18.36 32.62 -7.85
CA CYS A 133 -18.05 33.95 -7.35
C CYS A 133 -18.21 34.98 -8.46
N GLU A 134 -18.04 36.24 -8.07
CA GLU A 134 -18.06 37.37 -8.98
C GLU A 134 -16.98 38.34 -8.52
N TRP A 135 -16.50 39.17 -9.44
CA TRP A 135 -15.51 40.16 -9.07
C TRP A 135 -15.54 41.31 -10.06
N ASP A 136 -14.58 42.22 -9.92
CA ASP A 136 -14.54 43.45 -10.70
C ASP A 136 -13.24 43.53 -11.52
N GLU A 137 -13.35 44.15 -12.69
CA GLU A 137 -12.20 44.38 -13.55
C GLU A 137 -12.32 45.75 -14.19
N ALA A 138 -11.22 46.19 -14.80
CA ALA A 138 -11.19 47.48 -15.45
C ALA A 138 -11.11 47.32 -16.97
N GLN A 164 -15.04 49.92 -14.65
CA GLN A 164 -15.18 48.80 -13.72
C GLN A 164 -16.42 47.98 -14.03
N LYS A 165 -16.23 46.74 -14.47
CA LYS A 165 -17.34 45.85 -14.79
C LYS A 165 -17.20 44.55 -14.03
N THR A 166 -18.33 43.87 -13.86
CA THR A 166 -18.41 42.67 -13.04
C THR A 166 -18.30 41.42 -13.91
N HIS A 167 -17.48 40.47 -13.45
CA HIS A 167 -17.35 39.17 -14.09
C HIS A 167 -17.91 38.10 -13.16
N VAL A 168 -18.51 37.07 -13.77
CA VAL A 168 -19.23 36.03 -13.06
C VAL A 168 -18.64 34.67 -13.43
N PHE A 169 -18.49 33.80 -12.45
CA PHE A 169 -18.04 32.44 -12.69
C PHE A 169 -18.81 31.52 -11.75
N GLY A 170 -19.70 30.72 -12.28
CA GLY A 170 -20.61 29.94 -11.46
C GLY A 170 -21.01 28.62 -12.08
N GLN A 171 -22.27 28.26 -11.89
CA GLN A 171 -22.79 26.95 -12.25
C GLN A 171 -24.29 26.95 -12.00
N ALA A 172 -24.99 26.00 -12.61
CA ALA A 172 -26.45 25.90 -12.46
C ALA A 172 -26.90 24.49 -12.75
N PRO A 173 -26.99 23.64 -11.73
CA PRO A 173 -27.35 22.25 -11.97
C PRO A 173 -28.85 21.98 -12.01
N TYR A 174 -29.63 22.80 -11.33
CA TYR A 174 -31.04 22.49 -11.14
C TYR A 174 -31.82 22.67 -12.44
N SER A 175 -32.83 21.85 -12.63
CA SER A 175 -33.66 21.89 -13.84
C SER A 175 -35.10 22.24 -13.46
N GLY A 176 -35.67 23.20 -14.19
CA GLY A 176 -37.04 23.61 -13.92
C GLY A 176 -37.93 23.46 -15.13
N ILE A 177 -38.94 24.32 -15.25
CA ILE A 177 -39.88 24.23 -16.36
C ILE A 177 -39.88 25.53 -17.15
N ASN A 178 -40.25 26.63 -16.50
CA ASN A 178 -40.36 27.93 -17.13
C ASN A 178 -39.72 28.97 -16.23
N ILE A 179 -39.34 30.10 -16.81
CA ILE A 179 -38.70 31.18 -16.07
C ILE A 179 -39.45 32.47 -16.33
N THR A 180 -39.81 33.17 -15.26
CA THR A 180 -40.40 34.50 -15.37
C THR A 180 -39.63 35.47 -14.49
N LYS A 181 -40.15 36.68 -14.33
CA LYS A 181 -39.49 37.64 -13.46
C LYS A 181 -39.68 37.32 -11.99
N GLU A 182 -40.50 36.33 -11.66
CA GLU A 182 -40.73 35.95 -10.27
C GLU A 182 -39.88 34.78 -9.82
N GLY A 183 -38.92 34.35 -10.63
CA GLY A 183 -38.07 33.22 -10.29
C GLY A 183 -38.18 32.13 -11.35
N ILE A 184 -38.08 30.88 -10.88
CA ILE A 184 -38.14 29.70 -11.73
C ILE A 184 -39.20 28.78 -11.16
N GLN A 185 -40.16 28.39 -12.00
CA GLN A 185 -41.24 27.52 -11.55
C GLN A 185 -40.72 26.13 -11.22
N ILE A 186 -41.17 25.58 -10.10
CA ILE A 186 -40.75 24.26 -9.66
C ILE A 186 -41.91 23.28 -9.56
N GLY A 187 -43.14 23.73 -9.76
CA GLY A 187 -44.27 22.83 -9.68
C GLY A 187 -45.56 23.60 -9.81
N VAL A 188 -46.64 22.84 -9.93
CA VAL A 188 -47.98 23.39 -10.12
C VAL A 188 -48.85 22.99 -8.95
N GLU A 189 -49.62 23.94 -8.43
CA GLU A 189 -50.56 23.72 -7.34
C GLU A 189 -51.94 24.05 -7.89
N GLY A 190 -52.61 23.06 -8.46
CA GLY A 190 -53.86 23.31 -9.16
C GLY A 190 -53.56 23.71 -10.58
N GLN A 191 -53.63 25.02 -10.85
CA GLN A 191 -53.15 25.57 -12.11
C GLN A 191 -52.16 26.70 -11.93
N THR A 192 -52.10 27.30 -10.75
CA THR A 192 -51.17 28.39 -10.52
C THR A 192 -49.74 27.85 -10.47
N PRO A 193 -48.80 28.46 -11.17
CA PRO A 193 -47.40 28.06 -11.02
C PRO A 193 -46.92 28.36 -9.61
N LYS A 194 -46.01 27.51 -9.13
CA LYS A 194 -45.41 27.66 -7.82
C LYS A 194 -43.91 27.87 -7.98
N TYR A 195 -43.41 29.00 -7.49
CA TYR A 195 -42.05 29.41 -7.75
C TYR A 195 -41.14 29.10 -6.56
N ALA A 196 -39.84 29.22 -6.80
CA ALA A 196 -38.86 28.82 -5.80
C ALA A 196 -38.89 29.75 -4.60
N ASP A 197 -38.53 29.19 -3.45
CA ASP A 197 -38.39 29.96 -2.22
C ASP A 197 -36.95 30.45 -2.14
N LYS A 198 -36.76 31.76 -2.19
CA LYS A 198 -35.42 32.28 -2.40
C LYS A 198 -34.54 32.20 -1.16
N THR A 199 -35.09 31.84 0.00
CA THR A 199 -34.26 31.73 1.19
C THR A 199 -33.38 30.49 1.16
N PHE A 200 -33.86 29.37 0.60
CA PHE A 200 -33.06 28.15 0.64
C PHE A 200 -33.16 27.34 -0.64
N GLN A 201 -33.77 27.88 -1.69
CA GLN A 201 -33.89 27.07 -2.89
C GLN A 201 -33.26 27.77 -4.08
N PRO A 202 -32.69 27.03 -5.04
CA PRO A 202 -32.54 25.58 -5.02
C PRO A 202 -31.41 25.13 -4.11
N GLU A 203 -31.48 23.91 -3.61
CA GLU A 203 -30.39 23.55 -2.74
C GLU A 203 -29.16 23.16 -3.54
N PRO A 204 -27.97 23.46 -3.06
CA PRO A 204 -26.78 23.11 -3.82
C PRO A 204 -26.41 21.64 -3.67
N GLN A 205 -27.40 20.77 -3.75
CA GLN A 205 -27.12 19.34 -3.72
C GLN A 205 -27.99 18.54 -4.65
N ILE A 206 -28.95 19.14 -5.34
CA ILE A 206 -29.89 18.43 -6.19
C ILE A 206 -29.57 18.75 -7.63
N GLY A 207 -29.39 17.72 -8.44
CA GLY A 207 -29.16 17.90 -9.86
C GLY A 207 -29.94 16.90 -10.68
N GLU A 208 -29.49 16.61 -11.89
CA GLU A 208 -30.09 15.55 -12.67
C GLU A 208 -29.60 14.20 -12.15
N SER A 209 -30.13 13.14 -12.70
CA SER A 209 -29.72 11.82 -12.27
C SER A 209 -29.23 10.94 -13.41
N GLN A 210 -29.81 11.05 -14.59
CA GLN A 210 -29.35 10.27 -15.73
C GLN A 210 -27.95 10.70 -16.13
N TRP A 211 -27.11 9.73 -16.49
CA TRP A 211 -25.71 10.02 -16.76
C TRP A 211 -25.50 10.68 -18.11
N TYR A 212 -26.25 10.27 -19.12
CA TYR A 212 -26.03 10.79 -20.47
C TYR A 212 -26.53 12.23 -20.57
N GLU A 213 -25.81 13.03 -21.37
CA GLU A 213 -26.08 14.45 -21.49
C GLU A 213 -27.38 14.67 -22.26
N THR A 214 -28.45 15.00 -21.54
CA THR A 214 -29.67 15.47 -22.16
C THR A 214 -29.59 16.98 -22.33
N GLU A 215 -30.70 17.62 -22.66
CA GLU A 215 -30.74 19.06 -22.87
C GLU A 215 -31.53 19.74 -21.76
N ILE A 216 -31.07 20.92 -21.37
CA ILE A 216 -31.69 21.72 -20.31
C ILE A 216 -31.93 23.12 -20.85
N ASN A 217 -33.08 23.69 -20.50
CA ASN A 217 -33.45 25.00 -21.01
C ASN A 217 -33.78 26.03 -19.95
N HIS A 218 -33.88 25.66 -18.68
CA HIS A 218 -34.30 26.59 -17.64
C HIS A 218 -33.51 26.37 -16.35
N ALA A 219 -32.18 26.29 -16.46
CA ALA A 219 -31.36 25.98 -15.30
C ALA A 219 -31.32 27.12 -14.30
N ALA A 220 -31.12 26.76 -13.03
CA ALA A 220 -30.99 27.70 -11.93
C ALA A 220 -29.83 27.28 -11.03
N GLY A 221 -29.32 28.24 -10.27
CA GLY A 221 -28.19 27.96 -9.42
C GLY A 221 -27.98 29.06 -8.39
N ARG A 222 -26.89 28.93 -7.62
CA ARG A 222 -26.56 29.89 -6.58
C ARG A 222 -25.18 30.48 -6.82
N VAL A 223 -24.96 31.69 -6.29
CA VAL A 223 -23.72 32.43 -6.52
C VAL A 223 -23.48 33.37 -5.35
N LEU A 224 -22.25 33.36 -4.84
CA LEU A 224 -21.85 34.30 -3.81
C LEU A 224 -21.67 35.69 -4.41
N LYS A 225 -22.07 36.71 -3.67
CA LYS A 225 -21.89 38.08 -4.13
C LYS A 225 -20.41 38.44 -4.13
N LYS A 226 -20.12 39.67 -4.53
CA LYS A 226 -18.73 40.11 -4.64
C LYS A 226 -18.17 40.66 -3.34
N THR A 227 -19.03 40.96 -2.36
CA THR A 227 -18.53 41.49 -1.09
C THR A 227 -17.86 40.40 -0.26
N THR A 228 -18.30 39.17 -0.40
CA THR A 228 -17.71 38.07 0.35
C THR A 228 -16.35 37.71 -0.23
N PRO A 229 -15.31 37.60 0.60
CA PRO A 229 -14.00 37.23 0.07
C PRO A 229 -14.02 35.82 -0.50
N MET A 230 -13.17 35.60 -1.50
CA MET A 230 -13.13 34.33 -2.21
C MET A 230 -12.18 33.36 -1.52
N LYS A 231 -12.63 32.12 -1.34
CA LYS A 231 -11.84 31.04 -0.77
C LYS A 231 -12.03 29.79 -1.62
N PRO A 232 -11.03 28.91 -1.65
CA PRO A 232 -11.20 27.66 -2.39
C PRO A 232 -12.30 26.81 -1.77
N CYS A 233 -12.85 25.91 -2.58
CA CYS A 233 -13.93 25.07 -2.10
C CYS A 233 -13.46 24.12 -1.00
N TYR A 234 -12.19 23.77 -1.02
CA TYR A 234 -11.68 22.74 -0.13
C TYR A 234 -11.60 23.28 1.28
N GLY A 235 -12.63 23.02 2.08
CA GLY A 235 -12.63 23.41 3.47
C GLY A 235 -13.37 24.67 3.80
N SER A 236 -14.24 25.15 2.93
CA SER A 236 -15.05 26.31 3.29
C SER A 236 -16.13 25.90 4.27
N TYR A 237 -16.71 26.90 4.94
CA TYR A 237 -17.78 26.66 5.88
C TYR A 237 -18.51 27.97 6.13
N ALA A 238 -19.80 27.88 6.44
CA ALA A 238 -20.59 29.05 6.75
C ALA A 238 -21.84 28.62 7.49
N LYS A 239 -22.05 29.16 8.68
CA LYS A 239 -23.12 28.69 9.55
C LYS A 239 -24.47 28.90 8.88
N PRO A 240 -25.42 28.00 9.09
CA PRO A 240 -26.77 28.21 8.59
C PRO A 240 -27.44 29.35 9.34
N THR A 241 -28.52 29.86 8.76
CA THR A 241 -29.20 31.01 9.34
C THR A 241 -30.72 30.89 9.29
N ASN A 242 -31.26 29.71 9.01
CA ASN A 242 -32.69 29.50 9.10
C ASN A 242 -32.97 28.01 9.27
N GLU A 243 -34.25 27.68 9.43
CA GLU A 243 -34.62 26.31 9.73
C GLU A 243 -34.26 25.37 8.59
N ASN A 244 -34.47 25.79 7.36
CA ASN A 244 -34.33 24.91 6.21
C ASN A 244 -32.89 24.69 5.79
N GLY A 245 -31.92 25.27 6.48
CA GLY A 245 -30.54 24.98 6.22
C GLY A 245 -29.91 25.79 5.11
N GLY A 246 -30.55 26.86 4.68
CA GLY A 246 -29.96 27.69 3.65
C GLY A 246 -29.28 28.91 4.24
N GLN A 247 -27.95 28.93 4.17
CA GLN A 247 -27.21 30.04 4.76
C GLN A 247 -27.49 31.33 4.02
N GLY A 248 -27.44 32.43 4.77
CA GLY A 248 -27.58 33.76 4.20
C GLY A 248 -27.64 34.80 5.30
N ILE A 249 -26.94 35.90 5.13
CA ILE A 249 -26.86 36.92 6.16
C ILE A 249 -28.18 37.67 6.21
N LEU A 250 -28.56 38.11 7.40
CA LEU A 250 -29.77 38.90 7.60
C LEU A 250 -29.42 40.36 7.84
N VAL A 251 -30.46 41.20 7.83
CA VAL A 251 -30.31 42.64 8.00
C VAL A 251 -31.64 43.19 8.47
N LYS A 252 -31.62 44.40 9.02
CA LYS A 252 -32.79 45.02 9.64
C LYS A 252 -33.23 46.23 8.85
N GLN A 253 -34.53 46.29 8.50
CA GLN A 253 -35.11 47.45 7.82
C GLN A 253 -36.39 47.86 8.53
N GLN A 254 -36.24 48.60 9.62
CA GLN A 254 -37.28 49.43 10.24
C GLN A 254 -38.46 48.63 10.80
N ASN A 255 -38.49 47.33 10.53
CA ASN A 255 -39.60 46.48 10.94
C ASN A 255 -39.25 45.04 10.65
N GLY A 256 -39.64 44.13 11.54
CA GLY A 256 -39.26 42.74 11.39
C GLY A 256 -37.80 42.53 11.74
N LYS A 257 -36.94 43.35 11.13
CA LYS A 257 -35.52 43.49 11.43
C LYS A 257 -34.70 42.27 11.04
N LEU A 258 -35.30 41.26 10.44
CA LEU A 258 -34.58 40.05 10.05
C LEU A 258 -34.93 39.62 8.64
N GLU A 259 -34.95 40.57 7.70
CA GLU A 259 -35.14 40.20 6.31
C GLU A 259 -33.85 39.60 5.75
N SER A 260 -34.00 38.90 4.63
CA SER A 260 -32.88 38.29 3.93
C SER A 260 -32.72 38.96 2.58
N GLN A 261 -31.47 39.21 2.19
CA GLN A 261 -31.18 39.96 0.97
C GLN A 261 -30.59 39.00 -0.05
N VAL A 262 -31.45 38.36 -0.81
CA VAL A 262 -31.07 37.45 -1.89
C VAL A 262 -31.60 38.04 -3.18
N GLU A 263 -30.74 38.13 -4.19
CA GLU A 263 -31.12 38.80 -5.42
C GLU A 263 -31.06 37.83 -6.59
N MET A 264 -31.90 38.07 -7.60
CA MET A 264 -31.97 37.20 -8.75
C MET A 264 -31.30 37.87 -9.94
N GLN A 265 -30.36 37.17 -10.57
CA GLN A 265 -29.65 37.66 -11.74
C GLN A 265 -29.88 36.70 -12.89
N PHE A 266 -30.32 37.23 -14.03
CA PHE A 266 -30.72 36.43 -15.17
C PHE A 266 -29.60 36.35 -16.20
N PHE A 267 -29.67 35.33 -17.05
CA PHE A 267 -28.70 35.18 -18.13
C PHE A 267 -29.33 34.49 -19.31
N SER A 268 -28.93 34.90 -20.51
CA SER A 268 -29.47 34.41 -21.76
C SER A 268 -28.34 34.18 -22.77
N THR A 269 -28.66 33.45 -23.83
CA THR A 269 -27.66 33.03 -24.78
C THR A 269 -27.10 34.22 -25.56
N THR A 270 -25.85 34.09 -26.00
CA THR A 270 -25.23 35.16 -26.76
C THR A 270 -25.94 35.38 -28.09
N GLU A 271 -26.13 34.31 -28.87
CA GLU A 271 -26.77 34.47 -30.17
C GLU A 271 -28.22 34.91 -30.01
N ALA A 272 -28.85 34.57 -28.88
CA ALA A 272 -30.17 35.11 -28.61
C ALA A 272 -30.14 36.62 -28.49
N THR A 273 -29.11 37.17 -27.87
CA THR A 273 -28.94 38.61 -27.83
C THR A 273 -28.60 39.14 -29.22
N ALA A 274 -28.43 40.45 -29.30
CA ALA A 274 -28.25 41.14 -30.58
C ALA A 274 -29.38 40.83 -31.55
N GLY A 275 -30.57 40.59 -31.01
CA GLY A 275 -31.74 40.32 -31.81
C GLY A 275 -32.73 41.47 -31.82
N ASN A 276 -33.97 41.19 -31.45
CA ASN A 276 -35.05 42.16 -31.51
C ASN A 276 -36.04 41.82 -30.40
N GLY A 277 -37.27 42.33 -30.54
CA GLY A 277 -38.33 41.99 -29.62
C GLY A 277 -38.87 40.60 -29.87
N ASP A 278 -37.97 39.72 -30.32
CA ASP A 278 -38.24 38.31 -30.57
C ASP A 278 -38.35 37.51 -29.29
N ASN A 279 -38.54 38.18 -28.17
CA ASN A 279 -38.76 37.56 -26.87
C ASN A 279 -37.55 36.71 -26.45
N LEU A 280 -36.45 37.41 -26.19
CA LEU A 280 -35.32 36.77 -25.57
C LEU A 280 -35.77 36.14 -24.25
N THR A 281 -35.80 34.82 -24.20
CA THR A 281 -36.16 34.14 -22.98
C THR A 281 -34.90 33.87 -22.17
N PRO A 282 -34.80 34.34 -20.94
CA PRO A 282 -33.63 34.05 -20.13
C PRO A 282 -33.45 32.55 -19.98
N LYS A 283 -32.21 32.10 -20.04
CA LYS A 283 -31.92 30.67 -20.01
C LYS A 283 -31.50 30.19 -18.63
N VAL A 284 -30.80 31.01 -17.86
CA VAL A 284 -30.29 30.60 -16.56
C VAL A 284 -30.63 31.67 -15.54
N VAL A 285 -30.95 31.24 -14.32
CA VAL A 285 -31.21 32.16 -13.22
C VAL A 285 -30.27 31.83 -12.07
N LEU A 286 -29.59 32.85 -11.55
CA LEU A 286 -28.68 32.68 -10.44
C LEU A 286 -29.17 33.47 -9.24
N TYR A 287 -29.21 32.82 -8.09
CA TYR A 287 -29.55 33.49 -6.84
C TYR A 287 -28.25 33.93 -6.18
N SER A 288 -28.05 35.23 -6.11
CA SER A 288 -26.86 35.81 -5.52
C SER A 288 -27.13 36.10 -4.05
N GLU A 289 -26.23 35.61 -3.20
CA GLU A 289 -26.29 35.85 -1.76
C GLU A 289 -24.86 36.08 -1.27
N ASP A 290 -24.72 36.26 0.04
CA ASP A 290 -23.40 36.36 0.64
C ASP A 290 -23.47 35.82 2.05
N VAL A 291 -22.42 35.13 2.48
CA VAL A 291 -22.43 34.40 3.73
C VAL A 291 -21.14 34.64 4.49
N ASP A 292 -21.18 34.35 5.79
CA ASP A 292 -20.04 34.56 6.68
C ASP A 292 -19.06 33.40 6.50
N ILE A 293 -18.39 33.40 5.34
CA ILE A 293 -17.48 32.31 5.00
C ILE A 293 -16.28 32.32 5.94
N GLU A 294 -15.76 31.13 6.21
CA GLU A 294 -14.56 30.99 7.04
C GLU A 294 -13.99 29.60 6.83
N THR A 295 -12.71 29.46 7.17
CA THR A 295 -12.00 28.19 7.08
C THR A 295 -11.43 27.84 8.45
N PRO A 296 -12.11 27.02 9.24
CA PRO A 296 -11.66 26.80 10.62
C PRO A 296 -10.30 26.14 10.75
N ASP A 297 -9.91 25.25 9.83
CA ASP A 297 -8.73 24.44 10.09
C ASP A 297 -7.79 24.27 8.90
N THR A 298 -7.96 25.03 7.82
CA THR A 298 -7.10 24.92 6.65
C THR A 298 -6.52 26.29 6.31
N HIS A 299 -5.35 26.29 5.69
CA HIS A 299 -4.68 27.53 5.32
C HIS A 299 -4.36 27.51 3.84
N ILE A 300 -3.65 28.55 3.38
CA ILE A 300 -3.39 28.75 1.96
C ILE A 300 -1.92 28.43 1.70
N SER A 301 -1.68 27.48 0.80
CA SER A 301 -0.32 27.04 0.54
C SER A 301 0.28 27.65 -0.71
N TYR A 302 -0.44 28.56 -1.38
CA TYR A 302 0.10 29.27 -2.53
C TYR A 302 -0.74 30.51 -2.77
N MET A 303 -0.14 31.68 -2.56
CA MET A 303 -0.83 32.94 -2.80
C MET A 303 -0.23 33.60 -4.03
N PRO A 304 -1.02 33.88 -5.06
CA PRO A 304 -0.44 34.44 -6.29
C PRO A 304 0.11 35.85 -6.12
N THR A 305 -0.68 36.76 -5.56
CA THR A 305 -0.29 38.15 -5.49
C THR A 305 -0.68 38.74 -4.14
N ILE A 306 0.02 39.81 -3.74
CA ILE A 306 -0.15 40.39 -2.42
C ILE A 306 -1.28 41.40 -2.36
N LYS A 307 -1.89 41.75 -3.49
CA LYS A 307 -2.97 42.74 -3.47
C LYS A 307 -4.14 42.25 -2.64
N GLU A 308 -4.76 43.17 -1.92
CA GLU A 308 -5.94 42.84 -1.14
C GLU A 308 -7.19 42.90 -2.01
N GLY A 309 -8.34 42.71 -1.38
CA GLY A 309 -9.61 42.73 -2.09
C GLY A 309 -9.77 41.52 -2.99
N ASN A 310 -10.70 41.65 -3.93
CA ASN A 310 -10.92 40.59 -4.92
C ASN A 310 -10.44 41.05 -6.29
N SER A 311 -9.70 40.17 -6.97
CA SER A 311 -9.21 40.45 -8.30
C SER A 311 -9.04 39.14 -9.03
N ARG A 312 -8.95 39.22 -10.37
CA ARG A 312 -8.95 38.02 -11.17
C ARG A 312 -7.78 37.09 -10.88
N GLU A 313 -6.73 37.59 -10.22
CA GLU A 313 -5.60 36.73 -9.91
C GLU A 313 -5.93 35.77 -8.77
N LEU A 314 -6.58 36.26 -7.72
CA LEU A 314 -6.80 35.45 -6.53
C LEU A 314 -7.54 34.16 -6.80
N MET A 315 -8.08 33.97 -8.00
CA MET A 315 -8.72 32.70 -8.32
C MET A 315 -7.75 31.54 -8.35
N GLY A 316 -6.45 31.81 -8.36
CA GLY A 316 -5.50 30.71 -8.45
C GLY A 316 -5.06 30.09 -7.14
N GLN A 317 -5.58 30.53 -6.00
CA GLN A 317 -5.03 30.07 -4.73
C GLN A 317 -5.46 28.65 -4.42
N GLN A 318 -4.61 27.94 -3.67
CA GLN A 318 -4.87 26.57 -3.27
C GLN A 318 -4.65 26.43 -1.77
N SER A 319 -5.40 25.53 -1.15
CA SER A 319 -5.40 25.39 0.30
C SER A 319 -4.74 24.09 0.72
N MET A 320 -4.65 23.90 2.04
CA MET A 320 -3.97 22.74 2.61
C MET A 320 -4.39 22.60 4.07
N PRO A 321 -4.55 21.37 4.57
CA PRO A 321 -4.97 21.20 5.96
C PRO A 321 -3.84 21.49 6.94
N ASN A 322 -4.23 21.81 8.17
CA ASN A 322 -3.26 22.09 9.23
C ASN A 322 -2.79 20.79 9.88
N ARG A 323 -1.60 20.86 10.46
CA ARG A 323 -1.02 19.68 11.10
C ARG A 323 -1.85 19.29 12.31
N PRO A 324 -2.09 18.00 12.52
CA PRO A 324 -2.79 17.57 13.72
C PRO A 324 -1.95 17.82 14.95
N ASN A 325 -2.63 18.05 16.08
CA ASN A 325 -1.94 18.40 17.30
C ASN A 325 -2.82 18.03 18.48
N TYR A 326 -2.47 16.99 19.21
CA TYR A 326 -3.25 16.56 20.36
C TYR A 326 -2.83 17.32 21.62
N ILE A 327 -3.60 17.11 22.69
CA ILE A 327 -3.32 17.72 23.99
C ILE A 327 -4.08 16.93 25.05
N ALA A 328 -3.47 16.69 26.20
CA ALA A 328 -4.13 15.90 27.24
C ALA A 328 -3.35 16.00 28.54
N PHE A 329 -3.83 15.28 29.55
CA PHE A 329 -3.08 15.11 30.79
C PHE A 329 -1.97 14.11 30.59
N ARG A 330 -0.90 14.25 31.37
CA ARG A 330 0.25 13.41 31.16
C ARG A 330 -0.04 11.98 31.59
N ASP A 331 0.97 11.14 31.46
CA ASP A 331 0.89 9.79 31.99
C ASP A 331 0.94 9.84 33.51
N ASN A 332 0.05 9.09 34.16
CA ASN A 332 -0.01 9.01 35.62
C ASN A 332 -0.11 10.38 36.27
N PHE A 333 -0.55 11.39 35.51
CA PHE A 333 -0.67 12.75 36.01
C PHE A 333 0.65 13.28 36.56
N ILE A 334 1.75 12.94 35.87
CA ILE A 334 3.05 13.45 36.30
C ILE A 334 2.99 14.96 36.37
N GLY A 335 3.58 15.51 37.42
CA GLY A 335 3.63 16.94 37.60
C GLY A 335 2.42 17.55 38.25
N LEU A 336 1.33 16.79 38.38
CA LEU A 336 0.14 17.34 39.02
C LEU A 336 0.35 17.55 40.52
N MET A 337 1.16 16.72 41.15
CA MET A 337 1.45 16.85 42.59
C MET A 337 2.91 17.22 42.77
N TYR A 338 3.16 18.16 43.69
CA TYR A 338 4.52 18.57 43.97
C TYR A 338 5.31 17.43 44.58
N TYR A 339 6.61 17.39 44.27
CA TYR A 339 7.49 16.38 44.84
C TYR A 339 8.90 16.93 44.90
N ASN A 340 9.65 16.47 45.91
CA ASN A 340 11.09 16.69 45.97
C ASN A 340 11.43 18.17 45.85
N SER A 341 10.67 19.00 46.53
CA SER A 341 10.90 20.44 46.55
C SER A 341 10.74 20.94 47.97
N THR A 342 11.83 21.44 48.56
CA THR A 342 11.77 21.91 49.93
C THR A 342 10.83 23.10 50.08
N GLY A 343 10.45 23.74 48.98
CA GLY A 343 9.50 24.83 49.08
C GLY A 343 8.12 24.38 49.53
N ASN A 344 7.62 23.29 48.97
CA ASN A 344 6.22 22.91 49.11
C ASN A 344 6.10 21.47 49.58
N MET A 345 6.86 21.10 50.59
CA MET A 345 6.84 19.73 51.08
C MET A 345 5.49 19.41 51.72
N GLY A 346 4.98 18.22 51.43
CA GLY A 346 3.74 17.77 52.02
C GLY A 346 3.94 17.28 53.44
N VAL A 347 2.84 17.12 54.17
CA VAL A 347 2.91 16.82 55.59
C VAL A 347 1.93 15.71 55.93
N LEU A 348 2.41 14.73 56.69
CA LEU A 348 1.57 13.69 57.30
C LEU A 348 2.07 13.51 58.71
N ALA A 349 1.29 13.95 59.70
CA ALA A 349 1.80 13.97 61.06
C ALA A 349 0.71 13.59 62.04
N GLY A 350 1.15 13.33 63.28
CA GLY A 350 0.21 13.00 64.35
C GLY A 350 -0.29 14.26 65.00
N GLN A 351 -1.62 14.37 65.13
CA GLN A 351 -2.23 15.63 65.53
C GLN A 351 -1.84 16.04 66.94
N ALA A 352 -1.44 15.09 67.78
CA ALA A 352 -1.12 15.44 69.17
C ALA A 352 0.13 16.30 69.24
N SER A 353 1.21 15.88 68.59
CA SER A 353 2.50 16.55 68.74
C SER A 353 2.95 17.30 67.50
N GLN A 354 2.30 17.10 66.36
CA GLN A 354 2.63 17.81 65.12
C GLN A 354 4.11 17.66 64.77
N LEU A 355 4.57 16.42 64.69
CA LEU A 355 5.91 16.10 64.27
C LEU A 355 5.86 15.54 62.85
N ASN A 356 6.47 16.23 61.91
CA ASN A 356 6.40 15.83 60.52
C ASN A 356 7.02 14.45 60.33
N ALA A 357 6.42 13.67 59.43
CA ALA A 357 6.90 12.34 59.13
C ALA A 357 7.30 12.15 57.67
N VAL A 358 7.37 13.23 56.90
CA VAL A 358 7.83 13.18 55.53
C VAL A 358 8.99 14.16 55.40
N VAL A 359 10.18 13.65 55.10
CA VAL A 359 11.36 14.47 54.90
C VAL A 359 11.91 14.16 53.52
N ASP A 360 11.94 15.17 52.66
CA ASP A 360 12.27 14.97 51.26
C ASP A 360 13.46 15.83 50.86
N LEU A 361 14.32 15.27 50.04
CA LEU A 361 15.50 15.96 49.53
C LEU A 361 15.22 16.49 48.13
N GLN A 362 16.16 17.28 47.62
CA GLN A 362 16.04 17.75 46.25
C GLN A 362 16.55 16.71 45.26
N ASP A 363 17.64 16.04 45.58
CA ASP A 363 18.28 15.17 44.60
C ASP A 363 17.52 13.87 44.38
N ARG A 364 16.59 13.51 45.25
CA ARG A 364 15.82 12.30 45.04
C ARG A 364 14.77 12.54 43.96
N ASN A 365 14.58 11.54 43.10
CA ASN A 365 13.62 11.62 42.01
C ASN A 365 12.54 10.59 42.23
N THR A 366 11.27 11.01 42.35
CA THR A 366 10.19 10.06 42.67
C THR A 366 9.41 9.57 41.50
N GLU A 367 9.23 10.42 40.52
CA GLU A 367 8.43 10.04 39.39
C GLU A 367 9.12 9.03 38.50
N LEU A 368 10.33 9.32 38.06
CA LEU A 368 11.02 8.33 37.28
C LEU A 368 10.89 7.04 38.02
N SER A 369 10.77 7.07 39.33
CA SER A 369 10.76 5.82 40.08
C SER A 369 9.50 4.99 39.95
N TYR A 370 8.37 5.58 40.23
CA TYR A 370 7.14 4.86 40.06
C TYR A 370 7.15 4.19 38.72
N GLN A 371 7.76 4.80 37.72
CA GLN A 371 7.66 4.22 36.39
C GLN A 371 8.42 2.93 36.30
N LEU A 372 9.70 2.98 36.56
CA LEU A 372 10.44 1.77 36.54
C LEU A 372 9.68 0.74 37.34
N LEU A 373 9.10 1.13 38.46
CA LEU A 373 8.46 0.09 39.30
C LEU A 373 7.27 -0.56 38.68
N LEU A 374 6.35 0.22 38.14
CA LEU A 374 5.23 -0.37 37.48
C LEU A 374 5.79 -1.29 36.45
N ASP A 375 6.74 -0.82 35.68
CA ASP A 375 7.24 -1.69 34.63
C ASP A 375 7.51 -3.00 35.22
N SER A 376 8.43 -3.03 36.16
CA SER A 376 8.79 -4.31 36.77
C SER A 376 7.63 -5.14 37.26
N ILE A 377 6.82 -4.64 38.19
CA ILE A 377 5.77 -5.50 38.78
C ILE A 377 4.66 -6.07 37.90
N GLY A 378 4.54 -5.66 36.65
CA GLY A 378 3.45 -6.14 35.82
C GLY A 378 3.63 -5.73 34.38
N ASP A 379 2.63 -6.09 33.57
CA ASP A 379 2.62 -5.73 32.17
C ASP A 379 2.38 -4.23 32.02
N ARG A 380 2.80 -3.69 30.87
CA ARG A 380 2.67 -2.27 30.61
C ARG A 380 1.87 -1.94 29.36
N THR A 381 1.77 -2.85 28.39
CA THR A 381 1.08 -2.52 27.15
C THR A 381 -0.42 -2.34 27.36
N ARG A 382 -0.96 -2.83 28.46
CA ARG A 382 -2.38 -2.67 28.72
C ARG A 382 -2.67 -1.28 29.26
N TYR A 383 -3.93 -0.86 29.12
CA TYR A 383 -4.36 0.48 29.47
C TYR A 383 -5.34 0.43 30.63
N PHE A 384 -5.13 1.28 31.63
CA PHE A 384 -6.03 1.41 32.76
C PHE A 384 -6.50 2.85 32.82
N SER A 385 -7.81 3.04 32.73
CA SER A 385 -8.36 4.39 32.64
C SER A 385 -8.38 5.10 33.98
N MET A 386 -8.54 4.37 35.07
CA MET A 386 -8.79 5.02 36.36
C MET A 386 -7.64 5.91 36.77
N TRP A 387 -6.41 5.46 36.60
CA TRP A 387 -5.24 6.28 36.91
C TRP A 387 -4.72 7.01 35.70
N ASN A 388 -5.41 6.95 34.57
CA ASN A 388 -4.91 7.52 33.32
C ASN A 388 -3.54 6.94 32.99
N GLN A 389 -3.51 5.62 32.85
CA GLN A 389 -2.27 4.86 32.82
C GLN A 389 -2.05 4.31 31.42
N ALA A 390 -1.43 5.13 30.57
CA ALA A 390 -1.02 4.71 29.24
C ALA A 390 0.43 5.12 29.03
N VAL A 391 1.18 4.31 28.30
CA VAL A 391 2.61 4.50 28.14
C VAL A 391 2.89 5.07 26.76
N ASP A 392 3.66 6.15 26.71
CA ASP A 392 4.04 6.72 25.43
C ASP A 392 4.87 5.73 24.64
N SER A 393 4.62 5.66 23.33
CA SER A 393 5.35 4.72 22.49
C SER A 393 5.26 5.16 21.04
N TYR A 394 6.38 5.53 20.45
CA TYR A 394 6.42 5.79 19.02
C TYR A 394 6.13 4.51 18.25
N ASP A 395 5.49 4.66 17.11
CA ASP A 395 5.28 3.51 16.24
C ASP A 395 6.62 3.05 15.70
N PRO A 396 6.92 1.74 15.75
CA PRO A 396 8.27 1.29 15.40
C PRO A 396 8.56 1.34 13.92
N ASP A 397 7.60 1.73 13.08
CA ASP A 397 7.81 1.79 11.65
C ASP A 397 7.94 3.23 11.15
N VAL A 398 8.13 4.18 12.05
CA VAL A 398 8.38 5.57 11.67
C VAL A 398 9.77 6.01 12.13
N ARG A 399 10.24 5.46 13.25
CA ARG A 399 11.59 5.74 13.69
C ARG A 399 12.61 5.16 12.72
N ILE A 400 12.36 3.96 12.24
CA ILE A 400 13.27 3.25 11.33
C ILE A 400 12.53 3.02 10.02
N ILE A 401 13.05 3.58 8.93
CA ILE A 401 12.42 3.45 7.63
C ILE A 401 12.82 2.13 7.00
N GLU A 402 11.82 1.32 6.67
CA GLU A 402 12.05 0.05 5.99
C GLU A 402 11.35 0.13 4.64
N ASN A 403 12.14 0.21 3.57
CA ASN A 403 11.65 0.61 2.26
C ASN A 403 11.82 -0.55 1.28
N HIS A 404 10.74 -1.30 1.06
CA HIS A 404 10.72 -2.35 0.06
C HIS A 404 10.26 -1.85 -1.30
N GLY A 405 9.92 -0.59 -1.43
CA GLY A 405 9.27 -0.14 -2.64
C GLY A 405 7.81 -0.51 -2.63
N THR A 406 7.23 -0.55 -3.82
CA THR A 406 5.81 -0.80 -3.98
C THR A 406 5.58 -1.87 -5.03
N GLU A 407 4.41 -2.50 -4.96
CA GLU A 407 4.03 -3.55 -5.90
C GLU A 407 3.08 -2.93 -6.92
N ASP A 408 3.58 -2.61 -8.10
CA ASP A 408 2.83 -1.87 -9.09
C ASP A 408 3.01 -2.50 -10.48
N GLU A 409 2.84 -3.82 -10.57
CA GLU A 409 2.98 -4.47 -11.86
C GLU A 409 1.83 -4.16 -12.80
N LEU A 410 0.65 -3.90 -12.28
CA LEU A 410 -0.38 -3.67 -13.28
C LEU A 410 -0.80 -2.21 -13.29
N PRO A 411 -1.29 -1.70 -14.41
CA PRO A 411 -1.81 -0.34 -14.46
C PRO A 411 -3.18 -0.23 -13.79
N ASN A 412 -3.62 0.95 -13.51
CA ASN A 412 -4.87 1.05 -12.83
C ASN A 412 -5.61 2.13 -13.53
N TYR A 413 -6.35 1.80 -14.56
CA TYR A 413 -6.97 2.81 -15.37
C TYR A 413 -8.34 3.26 -14.93
N CYS A 414 -8.71 4.52 -15.19
CA CYS A 414 -10.06 4.99 -14.91
C CYS A 414 -10.89 4.64 -16.12
N PHE A 415 -12.08 5.21 -16.28
CA PHE A 415 -12.92 4.97 -17.44
C PHE A 415 -14.06 5.96 -17.49
N PRO A 416 -14.49 6.37 -18.67
CA PRO A 416 -15.51 7.41 -18.71
C PRO A 416 -16.79 6.99 -18.07
N LEU A 417 -17.50 7.89 -17.42
CA LEU A 417 -18.69 7.55 -16.64
C LEU A 417 -19.65 6.67 -17.44
N GLY A 418 -19.88 7.02 -18.70
CA GLY A 418 -20.83 6.28 -19.50
C GLY A 418 -20.28 5.07 -20.21
N GLY A 419 -18.98 4.85 -20.18
CA GLY A 419 -18.35 3.76 -20.89
C GLY A 419 -17.69 4.14 -22.19
N VAL A 420 -18.22 5.15 -22.88
CA VAL A 420 -17.62 5.64 -24.11
C VAL A 420 -18.20 7.02 -24.41
N ILE A 421 -17.34 7.95 -24.83
CA ILE A 421 -17.79 9.32 -25.06
C ILE A 421 -17.35 9.86 -26.41
N ASN A 422 -16.54 9.09 -27.14
CA ASN A 422 -15.98 9.55 -28.41
C ASN A 422 -16.69 8.92 -29.60
N THR A 423 -18.00 8.76 -29.53
CA THR A 423 -18.73 8.06 -30.57
C THR A 423 -18.77 8.90 -31.86
N GLU A 424 -19.38 8.32 -32.89
CA GLU A 424 -19.60 9.01 -34.15
C GLU A 424 -20.84 8.43 -34.80
N THR A 425 -21.43 9.22 -35.71
CA THR A 425 -22.70 8.85 -36.32
C THR A 425 -22.48 7.97 -37.54
N LEU A 426 -23.47 7.12 -37.82
CA LEU A 426 -23.42 6.19 -38.94
C LEU A 426 -24.83 5.89 -39.41
N THR A 427 -24.91 5.34 -40.62
CA THR A 427 -26.16 5.05 -41.31
C THR A 427 -26.17 3.59 -41.78
N LYS A 428 -27.30 2.91 -41.59
CA LYS A 428 -27.39 1.51 -41.96
C LYS A 428 -27.38 1.34 -43.47
N VAL A 429 -26.70 0.29 -43.93
CA VAL A 429 -26.50 0.02 -45.35
C VAL A 429 -26.71 -1.47 -45.59
N LYS A 430 -27.42 -1.81 -46.66
CA LYS A 430 -27.67 -3.22 -46.94
C LYS A 430 -27.18 -3.57 -48.34
N PRO A 431 -26.84 -4.84 -48.56
CA PRO A 431 -26.24 -5.22 -49.85
C PRO A 431 -27.23 -5.16 -50.99
N LYS A 432 -26.97 -4.29 -51.96
CA LYS A 432 -27.82 -4.16 -53.13
C LYS A 432 -27.81 -5.46 -53.91
N THR A 433 -28.99 -6.00 -54.16
CA THR A 433 -29.10 -7.30 -54.82
C THR A 433 -28.78 -7.16 -56.31
N GLY A 434 -28.44 -8.29 -56.93
CA GLY A 434 -28.08 -8.29 -58.33
C GLY A 434 -26.61 -8.03 -58.54
N GLN A 435 -26.25 -6.79 -58.85
CA GLN A 435 -24.85 -6.43 -59.05
C GLN A 435 -24.04 -6.72 -57.79
N GLU A 436 -22.94 -7.43 -57.97
CA GLU A 436 -22.07 -7.73 -56.84
C GLU A 436 -21.39 -6.46 -56.33
N ASN A 437 -21.08 -6.46 -55.04
CA ASN A 437 -20.44 -5.35 -54.34
C ASN A 437 -21.29 -4.07 -54.37
N GLY A 438 -22.56 -4.18 -54.71
CA GLY A 438 -23.46 -3.04 -54.65
C GLY A 438 -24.07 -2.92 -53.26
N TRP A 439 -24.23 -1.68 -52.82
CA TRP A 439 -24.81 -1.40 -51.51
C TRP A 439 -25.81 -0.27 -51.64
N GLU A 440 -26.76 -0.22 -50.72
CA GLU A 440 -27.75 0.83 -50.76
C GLU A 440 -28.20 1.20 -49.36
N LYS A 441 -28.66 2.45 -49.22
CA LYS A 441 -29.13 2.93 -47.93
C LYS A 441 -30.42 2.25 -47.54
N ASP A 442 -30.51 1.86 -46.27
CA ASP A 442 -31.72 1.24 -45.71
C ASP A 442 -32.17 2.07 -44.52
N ALA A 443 -33.41 2.54 -44.54
CA ALA A 443 -33.96 3.35 -43.47
C ALA A 443 -35.39 2.97 -43.17
N THR A 444 -35.86 1.82 -43.65
CA THR A 444 -37.23 1.41 -43.41
C THR A 444 -37.47 1.11 -41.94
N GLU A 445 -36.46 0.58 -41.24
CA GLU A 445 -36.62 0.16 -39.87
C GLU A 445 -35.56 0.71 -38.92
N PHE A 446 -34.47 1.26 -39.42
CA PHE A 446 -33.40 1.77 -38.58
C PHE A 446 -33.19 3.24 -38.87
N SER A 447 -33.03 4.03 -37.81
CA SER A 447 -32.87 5.46 -37.95
C SER A 447 -31.59 5.78 -38.70
N ASP A 448 -31.60 6.92 -39.40
CA ASP A 448 -30.44 7.35 -40.16
C ASP A 448 -29.31 7.83 -39.26
N LYS A 449 -29.51 7.92 -37.96
CA LYS A 449 -28.49 8.33 -37.01
C LYS A 449 -28.28 7.22 -36.00
N ASN A 450 -27.15 6.53 -36.08
CA ASN A 450 -26.78 5.53 -35.09
C ASN A 450 -25.39 5.84 -34.57
N GLU A 451 -25.22 5.83 -33.26
CA GLU A 451 -23.94 6.20 -32.66
C GLU A 451 -23.11 4.95 -32.40
N ILE A 452 -21.88 4.96 -32.89
CA ILE A 452 -20.96 3.84 -32.72
C ILE A 452 -19.56 4.39 -32.49
N ARG A 453 -18.79 3.71 -31.65
CA ARG A 453 -17.40 4.04 -31.40
C ARG A 453 -16.50 3.01 -32.06
N VAL A 454 -15.43 3.48 -32.70
CA VAL A 454 -14.48 2.62 -33.39
C VAL A 454 -13.19 2.61 -32.59
N GLY A 455 -12.70 1.42 -32.29
CA GLY A 455 -11.48 1.26 -31.52
C GLY A 455 -11.74 1.09 -30.03
N ASN A 456 -10.67 1.23 -29.25
CA ASN A 456 -10.79 1.13 -27.81
C ASN A 456 -11.53 2.35 -27.27
N ASN A 457 -11.69 2.39 -25.96
CA ASN A 457 -12.38 3.48 -25.29
C ASN A 457 -11.40 4.31 -24.47
N PHE A 458 -11.78 5.56 -24.23
CA PHE A 458 -10.95 6.48 -23.48
C PHE A 458 -10.69 5.94 -22.08
N ALA A 459 -9.53 6.28 -21.54
CA ALA A 459 -9.13 5.84 -20.20
C ALA A 459 -7.88 6.60 -19.78
N MET A 460 -7.77 6.87 -18.48
CA MET A 460 -6.63 7.59 -17.96
C MET A 460 -5.92 6.73 -16.92
N GLU A 461 -4.60 6.86 -16.85
CA GLU A 461 -3.79 5.99 -16.02
C GLU A 461 -3.44 6.67 -14.69
N ILE A 462 -3.24 5.85 -13.66
CA ILE A 462 -2.82 6.32 -12.36
C ILE A 462 -2.04 5.19 -11.69
N ASN A 463 -1.15 5.54 -10.77
CA ASN A 463 -0.41 4.57 -9.99
C ASN A 463 -0.87 4.65 -8.54
N LEU A 464 -1.32 3.53 -7.99
CA LEU A 464 -1.95 3.53 -6.68
C LEU A 464 -0.96 3.34 -5.54
N ASN A 465 -0.25 2.22 -5.54
CA ASN A 465 0.58 1.87 -4.39
C ASN A 465 1.68 2.91 -4.18
N ALA A 466 2.30 3.37 -5.27
CA ALA A 466 3.33 4.38 -5.15
C ALA A 466 2.76 5.66 -4.54
N ASN A 467 1.56 6.04 -4.98
CA ASN A 467 0.95 7.24 -4.42
C ASN A 467 0.66 7.09 -2.93
N LEU A 468 0.15 5.93 -2.52
CA LEU A 468 -0.14 5.72 -1.11
C LEU A 468 1.13 5.79 -0.28
N TRP A 469 2.17 5.07 -0.71
CA TRP A 469 3.41 5.08 0.06
C TRP A 469 4.03 6.47 0.10
N ARG A 470 3.93 7.22 -1.00
CA ARG A 470 4.46 8.57 -1.04
C ARG A 470 3.71 9.49 -0.08
N ASN A 471 2.38 9.37 -0.05
CA ASN A 471 1.59 10.18 0.87
C ASN A 471 1.98 9.88 2.31
N PHE A 472 2.10 8.60 2.65
CA PHE A 472 2.48 8.23 4.00
C PHE A 472 3.84 8.80 4.36
N LEU A 473 4.80 8.67 3.46
CA LEU A 473 6.15 9.15 3.75
C LEU A 473 6.17 10.64 3.96
N TYR A 474 5.47 11.40 3.11
CA TYR A 474 5.47 12.84 3.31
C TYR A 474 4.76 13.22 4.61
N SER A 475 3.66 12.55 4.93
CA SER A 475 2.87 12.98 6.08
C SER A 475 3.58 12.69 7.39
N ASN A 476 4.17 11.51 7.53
CA ASN A 476 4.62 11.09 8.86
C ASN A 476 6.10 11.31 9.12
N ILE A 477 6.89 11.71 8.13
CA ILE A 477 8.31 11.92 8.38
C ILE A 477 8.76 13.31 7.92
N ALA A 478 8.43 13.66 6.68
CA ALA A 478 8.99 14.86 6.08
C ALA A 478 8.63 16.12 6.87
N LEU A 479 7.43 16.17 7.42
CA LEU A 479 7.02 17.35 8.18
C LEU A 479 7.86 17.54 9.42
N TYR A 480 8.23 16.45 10.08
CA TYR A 480 8.92 16.52 11.36
C TYR A 480 10.41 16.70 11.23
N LEU A 481 10.89 17.19 10.10
CA LEU A 481 12.32 17.43 9.93
C LEU A 481 12.76 18.61 10.79
N PRO A 482 14.05 18.69 11.10
CA PRO A 482 14.56 19.84 11.86
C PRO A 482 14.27 21.14 11.14
N ASP A 483 14.00 22.18 11.92
CA ASP A 483 13.57 23.45 11.36
C ASP A 483 14.61 24.10 10.46
N LYS A 484 15.88 23.71 10.58
CA LYS A 484 16.92 24.35 9.78
C LYS A 484 16.82 24.01 8.30
N LEU A 485 16.02 23.01 7.92
CA LEU A 485 15.91 22.62 6.52
C LEU A 485 14.75 23.26 5.80
N LYS A 486 13.69 23.65 6.51
CA LYS A 486 12.56 24.30 5.87
C LYS A 486 12.88 25.74 5.54
N TYR A 487 12.05 26.34 4.70
CA TYR A 487 12.20 27.75 4.32
C TYR A 487 10.86 28.44 4.41
N SER A 488 10.90 29.74 4.69
CA SER A 488 9.68 30.50 4.93
C SER A 488 8.84 30.59 3.65
N PRO A 489 7.53 30.75 3.79
CA PRO A 489 6.68 30.87 2.60
C PRO A 489 6.73 32.26 2.00
N SER A 490 5.94 32.51 0.96
CA SER A 490 5.95 33.78 0.26
C SER A 490 4.56 34.39 0.23
N ASN A 491 4.49 35.70 0.43
CA ASN A 491 3.26 36.48 0.37
C ASN A 491 2.25 36.07 1.43
N VAL A 492 2.71 35.47 2.53
CA VAL A 492 1.85 35.07 3.63
C VAL A 492 2.45 35.59 4.93
N LYS A 493 1.65 36.29 5.71
CA LYS A 493 2.12 36.76 7.01
C LYS A 493 2.36 35.59 7.94
N ILE A 494 3.51 35.62 8.63
CA ILE A 494 3.88 34.56 9.55
C ILE A 494 4.35 35.18 10.85
N SER A 495 4.30 34.40 11.92
CA SER A 495 4.71 34.87 13.23
C SER A 495 6.23 35.00 13.29
N ASP A 496 6.73 35.38 14.46
CA ASP A 496 8.15 35.52 14.70
C ASP A 496 8.64 34.75 15.90
N ASN A 497 7.75 34.24 16.75
CA ASN A 497 8.14 33.46 17.91
C ASN A 497 8.21 32.00 17.50
N PRO A 498 9.41 31.44 17.30
CA PRO A 498 9.49 30.10 16.71
C PRO A 498 8.88 28.99 17.54
N ASN A 499 8.40 29.28 18.74
CA ASN A 499 7.76 28.26 19.54
C ASN A 499 6.26 28.17 19.33
N THR A 500 5.67 29.10 18.60
CA THR A 500 4.21 29.13 18.48
C THR A 500 3.73 27.96 17.61
N TYR A 501 2.44 27.70 17.69
CA TYR A 501 1.83 26.74 16.76
C TYR A 501 1.87 27.26 15.34
N ASP A 502 1.61 28.56 15.17
CA ASP A 502 1.53 29.14 13.84
C ASP A 502 2.84 29.00 13.08
N TYR A 503 3.96 29.29 13.75
CA TYR A 503 5.26 29.16 13.10
C TYR A 503 5.53 27.73 12.68
N MET A 504 5.22 26.77 13.55
CA MET A 504 5.39 25.37 13.18
C MET A 504 4.45 24.94 12.08
N ASN A 505 3.35 25.66 11.89
CA ASN A 505 2.34 25.25 10.93
C ASN A 505 2.60 25.80 9.54
N LYS A 506 2.97 27.08 9.42
CA LYS A 506 2.99 27.73 8.13
C LYS A 506 4.33 27.66 7.42
N ARG A 507 5.34 27.03 8.00
CA ARG A 507 6.58 26.78 7.29
C ARG A 507 6.38 25.63 6.31
N VAL A 508 7.06 25.72 5.17
CA VAL A 508 6.92 24.72 4.12
C VAL A 508 8.23 23.98 3.95
N VAL A 509 8.12 22.73 3.49
CA VAL A 509 9.28 21.87 3.32
C VAL A 509 9.13 21.09 2.02
N ALA A 510 10.16 21.10 1.20
CA ALA A 510 10.06 20.50 -0.12
C ALA A 510 9.95 18.97 -0.01
N PRO A 511 9.03 18.34 -0.75
CA PRO A 511 8.93 16.88 -0.67
C PRO A 511 10.17 16.15 -1.15
N GLY A 512 11.02 16.81 -1.93
CA GLY A 512 12.18 16.13 -2.48
C GLY A 512 13.14 15.62 -1.44
N LEU A 513 13.16 16.23 -0.25
CA LEU A 513 14.07 15.79 0.80
C LEU A 513 13.78 14.35 1.19
N VAL A 514 12.51 13.96 1.22
CA VAL A 514 12.11 12.61 1.57
C VAL A 514 11.05 12.18 0.57
N ASP A 515 11.41 11.31 -0.36
CA ASP A 515 10.49 10.84 -1.37
C ASP A 515 10.47 9.32 -1.34
N CYS A 516 9.86 8.68 -2.34
CA CYS A 516 9.74 7.24 -2.36
C CYS A 516 10.96 6.57 -2.99
N TYR A 517 12.12 7.22 -2.96
CA TYR A 517 13.33 6.62 -3.51
C TYR A 517 14.55 6.86 -2.63
N ILE A 518 14.38 6.99 -1.32
CA ILE A 518 15.50 7.23 -0.42
C ILE A 518 15.92 5.90 0.20
N ASN A 519 17.21 5.59 0.11
CA ASN A 519 17.80 4.42 0.74
C ASN A 519 16.99 3.16 0.42
N LEU A 520 16.78 2.94 -0.88
CA LEU A 520 15.95 1.82 -1.31
C LEU A 520 16.50 0.51 -0.77
N GLY A 521 15.60 -0.31 -0.22
CA GLY A 521 15.98 -1.63 0.22
C GLY A 521 16.83 -1.66 1.47
N ALA A 522 16.96 -0.55 2.17
CA ALA A 522 17.87 -0.45 3.31
C ALA A 522 17.08 -0.14 4.56
N ARG A 523 17.23 -0.99 5.58
CA ARG A 523 16.63 -0.77 6.88
C ARG A 523 17.45 0.28 7.61
N TRP A 524 16.99 1.52 7.57
CA TRP A 524 17.82 2.64 7.99
C TRP A 524 16.94 3.75 8.54
N SER A 525 17.56 4.66 9.26
CA SER A 525 16.91 5.85 9.79
C SER A 525 17.71 7.08 9.42
N LEU A 526 17.03 8.14 9.02
CA LEU A 526 17.73 9.33 8.54
C LEU A 526 18.58 9.94 9.63
N ASP A 527 19.80 10.35 9.27
CA ASP A 527 20.68 10.98 10.24
C ASP A 527 20.06 12.26 10.79
N TYR A 528 19.26 12.96 10.00
CA TYR A 528 18.62 14.18 10.47
C TYR A 528 17.69 13.89 11.64
N MET A 529 16.95 12.80 11.58
CA MET A 529 15.92 12.50 12.57
C MET A 529 16.45 11.77 13.79
N ASP A 530 17.74 11.45 13.85
CA ASP A 530 18.26 10.74 15.02
C ASP A 530 18.09 11.56 16.29
N ASN A 531 18.42 12.85 16.23
CA ASN A 531 18.42 13.69 17.42
C ASN A 531 17.17 14.53 17.53
N VAL A 532 16.03 14.01 17.10
CA VAL A 532 14.74 14.65 17.28
C VAL A 532 13.86 13.69 18.07
N ASN A 533 13.21 14.20 19.10
CA ASN A 533 12.43 13.37 20.00
C ASN A 533 11.42 12.55 19.21
N PRO A 534 11.41 11.23 19.36
CA PRO A 534 10.45 10.42 18.61
C PRO A 534 9.12 10.26 19.30
N PHE A 535 8.96 10.78 20.50
CA PHE A 535 7.68 10.67 21.19
C PHE A 535 6.78 11.88 20.96
N ASN A 536 7.34 12.99 20.49
CA ASN A 536 6.54 14.16 20.11
C ASN A 536 6.04 13.93 18.69
N HIS A 537 4.95 13.18 18.60
CA HIS A 537 4.48 12.66 17.33
C HIS A 537 2.99 12.43 17.43
N HIS A 538 2.34 12.33 16.28
CA HIS A 538 0.89 12.15 16.30
C HIS A 538 0.48 10.70 16.13
N ARG A 539 1.42 9.77 16.12
CA ARG A 539 1.14 8.35 16.16
C ARG A 539 1.46 7.73 17.51
N ASN A 540 1.77 8.55 18.50
CA ASN A 540 2.06 8.05 19.83
C ASN A 540 0.77 7.54 20.45
N ALA A 541 0.58 6.22 20.43
CA ALA A 541 -0.70 5.63 20.79
C ALA A 541 -1.16 6.09 22.17
N GLY A 542 -0.25 6.13 23.13
CA GLY A 542 -0.63 6.54 24.48
C GLY A 542 -1.18 7.95 24.52
N LEU A 543 -0.48 8.88 23.86
CA LEU A 543 -0.94 10.27 23.87
C LEU A 543 -2.29 10.39 23.20
N ARG A 544 -2.47 9.69 22.09
CA ARG A 544 -3.76 9.74 21.40
C ARG A 544 -4.87 9.20 22.27
N TYR A 545 -4.62 8.10 22.98
CA TYR A 545 -5.65 7.55 23.86
C TYR A 545 -5.97 8.51 24.99
N ARG A 546 -4.95 9.08 25.62
CA ARG A 546 -5.20 9.99 26.74
C ARG A 546 -5.91 11.25 26.26
N SER A 547 -5.67 11.67 25.02
CA SER A 547 -6.36 12.84 24.51
C SER A 547 -7.81 12.53 24.19
N MET A 548 -8.06 11.36 23.61
CA MET A 548 -9.44 11.01 23.30
C MET A 548 -10.25 10.73 24.55
N LEU A 549 -9.62 10.35 25.65
CA LEU A 549 -10.37 10.01 26.85
C LEU A 549 -11.13 11.21 27.40
N LEU A 550 -10.49 12.39 27.41
CA LEU A 550 -11.19 13.58 27.89
C LEU A 550 -12.35 13.94 26.99
N GLY A 551 -12.16 13.87 25.68
CA GLY A 551 -13.18 14.26 24.74
C GLY A 551 -12.54 14.76 23.46
N ASN A 552 -13.38 15.28 22.56
CA ASN A 552 -12.93 15.80 21.28
C ASN A 552 -13.26 17.28 21.11
N GLY A 553 -13.58 17.97 22.19
CA GLY A 553 -13.99 19.35 22.14
C GLY A 553 -12.87 20.30 22.44
N ARG A 554 -13.22 21.46 22.95
CA ARG A 554 -12.25 22.45 23.35
C ARG A 554 -12.49 22.96 24.76
N TYR A 555 -13.75 23.01 25.20
CA TYR A 555 -14.12 23.42 26.55
C TYR A 555 -14.60 22.18 27.27
N VAL A 556 -13.80 21.68 28.22
CA VAL A 556 -14.00 20.36 28.78
C VAL A 556 -14.09 20.43 30.30
N PRO A 557 -15.22 20.05 30.91
CA PRO A 557 -15.22 19.76 32.33
C PRO A 557 -14.63 18.38 32.56
N PHE A 558 -13.97 18.20 33.70
CA PHE A 558 -13.25 16.96 33.95
C PHE A 558 -13.28 16.60 35.43
N HIS A 559 -13.04 15.32 35.70
CA HIS A 559 -13.26 14.73 37.00
C HIS A 559 -12.35 13.51 37.14
N ILE A 560 -11.27 13.64 37.91
CA ILE A 560 -10.21 12.64 37.91
C ILE A 560 -9.88 12.21 39.34
N GLN A 561 -9.12 11.11 39.43
CA GLN A 561 -8.58 10.60 40.67
C GLN A 561 -7.07 10.44 40.53
N VAL A 562 -6.33 11.00 41.47
CA VAL A 562 -4.87 11.02 41.42
C VAL A 562 -4.33 10.15 42.54
N PRO A 563 -3.37 9.28 42.27
CA PRO A 563 -2.82 8.42 43.32
C PRO A 563 -1.71 9.10 44.10
N GLN A 564 -1.14 8.39 45.05
CA GLN A 564 -0.04 8.89 45.88
C GLN A 564 1.20 8.05 45.62
N LYS A 565 2.34 8.71 45.42
CA LYS A 565 3.52 8.04 44.90
C LYS A 565 4.73 8.02 45.82
N PHE A 566 4.75 8.85 46.86
CA PHE A 566 5.92 8.90 47.72
C PHE A 566 6.12 7.55 48.40
N PHE A 567 7.36 7.06 48.39
CA PHE A 567 7.59 5.67 48.79
C PHE A 567 7.47 5.48 50.29
N ALA A 568 7.69 6.54 51.07
CA ALA A 568 7.65 6.40 52.51
C ALA A 568 6.27 6.01 53.00
N ILE A 569 5.22 6.59 52.41
CA ILE A 569 3.86 6.37 52.88
C ILE A 569 2.99 5.77 51.78
N LYS A 570 3.59 5.12 50.79
CA LYS A 570 2.82 4.48 49.75
C LYS A 570 2.16 3.20 50.23
N ASN A 571 2.77 2.50 51.18
CA ASN A 571 2.23 1.25 51.69
C ASN A 571 2.18 1.21 53.20
N LEU A 572 2.20 2.36 53.86
CA LEU A 572 2.16 2.40 55.31
C LEU A 572 0.85 1.83 55.81
N LEU A 573 0.87 1.20 56.98
CA LEU A 573 -0.31 0.59 57.58
C LEU A 573 -0.64 1.40 58.83
N LEU A 574 -1.52 2.38 58.69
CA LEU A 574 -1.83 3.28 59.78
C LEU A 574 -2.60 2.56 60.88
N LEU A 575 -2.41 3.06 62.10
CA LEU A 575 -3.03 2.53 63.30
C LEU A 575 -3.86 3.62 63.96
N PRO A 576 -4.86 3.24 64.76
CA PRO A 576 -5.91 4.21 65.12
C PRO A 576 -5.35 5.48 65.74
N GLY A 577 -5.99 6.60 65.39
CA GLY A 577 -5.56 7.90 65.87
C GLY A 577 -6.19 8.99 65.03
N SER A 578 -5.64 10.18 65.20
CA SER A 578 -6.00 11.33 64.37
C SER A 578 -4.74 11.95 63.80
N TYR A 579 -4.69 12.08 62.48
CA TYR A 579 -3.52 12.57 61.79
C TYR A 579 -3.89 13.75 60.91
N THR A 580 -2.93 14.62 60.66
CA THR A 580 -3.11 15.72 59.73
C THR A 580 -2.38 15.40 58.44
N TYR A 581 -3.02 15.71 57.31
CA TYR A 581 -2.56 15.25 56.00
C TYR A 581 -2.75 16.39 55.02
N GLU A 582 -1.67 16.98 54.53
CA GLU A 582 -1.77 18.16 53.69
C GLU A 582 -0.78 18.08 52.54
N TRP A 583 -1.19 18.60 51.39
CA TRP A 583 -0.38 18.52 50.19
C TRP A 583 -0.69 19.68 49.26
N ASN A 584 0.21 19.92 48.32
CA ASN A 584 0.10 21.01 47.36
C ASN A 584 -0.24 20.47 45.98
N PHE A 585 -0.58 21.39 45.08
CA PHE A 585 -0.85 21.02 43.69
C PHE A 585 -0.50 22.18 42.78
N ARG A 586 -0.12 21.86 41.55
CA ARG A 586 0.32 22.84 40.57
C ARG A 586 -0.84 23.35 39.73
N LYS A 587 -0.67 24.58 39.23
CA LYS A 587 -1.61 25.18 38.30
C LYS A 587 -0.97 25.61 36.99
N ASP A 588 0.35 25.57 36.89
CA ASP A 588 1.01 25.90 35.62
C ASP A 588 0.52 24.97 34.52
N VAL A 589 0.37 25.52 33.32
CA VAL A 589 -0.22 24.75 32.23
C VAL A 589 0.80 24.05 31.36
N ASN A 590 2.09 24.35 31.51
CA ASN A 590 3.09 23.60 30.76
C ASN A 590 3.43 22.28 31.45
N MET A 591 3.41 22.25 32.78
CA MET A 591 3.78 21.03 33.49
C MET A 591 2.67 19.99 33.46
N VAL A 592 1.41 20.42 33.56
CA VAL A 592 0.32 19.46 33.75
C VAL A 592 -0.35 19.05 32.45
N LEU A 593 0.06 19.60 31.31
CA LEU A 593 -0.51 19.23 30.02
C LEU A 593 0.60 18.71 29.12
N GLN A 594 0.19 17.96 28.10
CA GLN A 594 1.13 17.44 27.11
C GLN A 594 0.51 17.60 25.73
N SER A 595 1.36 17.95 24.77
CA SER A 595 0.95 18.22 23.40
C SER A 595 1.89 17.52 22.44
N SER A 596 1.35 17.07 21.32
CA SER A 596 2.13 16.26 20.40
C SER A 596 3.23 17.04 19.71
N LEU A 597 3.16 18.37 19.71
CA LEU A 597 4.12 19.18 18.98
C LEU A 597 5.12 19.90 19.87
N GLY A 598 4.66 20.61 20.90
CA GLY A 598 5.55 21.32 21.78
C GLY A 598 5.42 22.83 21.72
N ASN A 599 4.30 23.35 21.29
CA ASN A 599 4.08 24.79 21.32
C ASN A 599 3.98 25.28 22.75
N ASP A 600 4.49 26.47 23.00
CA ASP A 600 4.40 27.08 24.32
C ASP A 600 2.95 27.40 24.64
N LEU A 601 2.32 26.57 25.47
CA LEU A 601 0.89 26.69 25.70
C LEU A 601 0.50 27.93 26.50
N ARG A 602 1.45 28.54 27.21
CA ARG A 602 1.12 29.79 27.90
C ARG A 602 0.74 30.87 26.92
N VAL A 603 1.45 30.95 25.79
CA VAL A 603 1.16 31.98 24.80
C VAL A 603 -0.19 31.76 24.15
N ASP A 604 -0.60 30.50 23.98
CA ASP A 604 -1.77 30.17 23.18
C ASP A 604 -3.03 30.00 24.02
N GLY A 605 -3.14 30.72 25.12
CA GLY A 605 -4.40 30.82 25.83
C GLY A 605 -4.99 29.51 26.32
N ALA A 606 -4.18 28.66 26.93
CA ALA A 606 -4.69 27.48 27.62
C ALA A 606 -5.07 27.88 29.04
N SER A 607 -6.05 27.18 29.62
CA SER A 607 -6.52 27.56 30.93
C SER A 607 -7.06 26.35 31.69
N ILE A 608 -7.03 26.44 33.01
CA ILE A 608 -7.48 25.35 33.85
C ILE A 608 -7.89 25.91 35.21
N LYS A 609 -9.06 25.50 35.69
CA LYS A 609 -9.58 25.99 36.96
C LYS A 609 -10.06 24.81 37.79
N PHE A 610 -9.50 24.66 38.99
CA PHE A 610 -9.88 23.60 39.91
C PHE A 610 -10.99 24.09 40.83
N ASP A 611 -11.96 23.22 41.11
CA ASP A 611 -13.12 23.61 41.90
C ASP A 611 -13.09 23.04 43.31
N SER A 612 -12.94 21.73 43.46
CA SER A 612 -13.05 21.13 44.76
C SER A 612 -12.17 19.89 44.84
N ILE A 613 -11.88 19.49 46.08
CA ILE A 613 -11.15 18.27 46.38
C ILE A 613 -11.92 17.51 47.45
N CYS A 614 -11.83 16.19 47.40
CA CYS A 614 -12.30 15.34 48.48
C CYS A 614 -11.34 14.17 48.59
N LEU A 615 -11.22 13.60 49.78
CA LEU A 615 -10.30 12.49 50.02
C LEU A 615 -11.09 11.22 50.29
N TYR A 616 -10.70 10.12 49.66
CA TYR A 616 -11.42 8.86 49.81
C TYR A 616 -10.51 7.81 50.43
N ALA A 617 -11.10 6.94 51.23
CA ALA A 617 -10.32 5.86 51.84
C ALA A 617 -11.22 4.66 52.04
N THR A 618 -10.62 3.47 52.09
CA THR A 618 -11.35 2.22 52.20
C THR A 618 -10.80 1.41 53.37
N PHE A 619 -11.70 0.83 54.16
CA PHE A 619 -11.34 0.05 55.33
C PHE A 619 -11.81 -1.38 55.19
N PHE A 620 -10.94 -2.32 55.50
CA PHE A 620 -11.38 -3.71 55.62
C PHE A 620 -12.27 -3.83 56.84
N PRO A 621 -13.45 -4.43 56.73
CA PRO A 621 -14.32 -4.57 57.91
C PRO A 621 -13.90 -5.73 58.82
N MET A 622 -12.65 -5.70 59.25
CA MET A 622 -12.09 -6.79 60.04
C MET A 622 -12.76 -6.84 61.41
N ALA A 623 -12.93 -8.06 61.91
CA ALA A 623 -13.58 -8.26 63.20
C ALA A 623 -12.83 -7.53 64.30
N HIS A 624 -13.57 -7.08 65.31
CA HIS A 624 -13.03 -6.08 66.22
C HIS A 624 -11.89 -6.62 67.05
N ASN A 625 -12.04 -7.79 67.67
CA ASN A 625 -10.98 -8.24 68.55
C ASN A 625 -9.77 -8.72 67.76
N THR A 626 -9.98 -9.25 66.55
CA THR A 626 -8.83 -9.56 65.70
C THR A 626 -8.03 -8.30 65.38
N ALA A 627 -8.72 -7.23 65.03
CA ALA A 627 -8.03 -5.98 64.73
C ALA A 627 -7.34 -5.42 65.97
N SER A 628 -7.97 -5.58 67.13
CA SER A 628 -7.33 -5.11 68.35
C SER A 628 -6.06 -5.89 68.63
N THR A 629 -6.09 -7.20 68.45
CA THR A 629 -4.88 -7.99 68.62
C THR A 629 -3.80 -7.57 67.65
N LEU A 630 -4.16 -7.35 66.39
CA LEU A 630 -3.17 -6.94 65.39
C LEU A 630 -2.57 -5.59 65.74
N GLU A 631 -3.41 -4.64 66.17
CA GLU A 631 -2.92 -3.34 66.58
C GLU A 631 -1.96 -3.47 67.75
N ALA A 632 -2.32 -4.30 68.74
CA ALA A 632 -1.46 -4.46 69.91
C ALA A 632 -0.12 -5.05 69.53
N MET A 633 -0.12 -6.01 68.61
CA MET A 633 1.15 -6.60 68.20
C MET A 633 2.01 -5.60 67.44
N LEU A 634 1.40 -4.83 66.55
CA LEU A 634 2.19 -4.00 65.64
C LEU A 634 2.75 -2.74 66.27
N ARG A 635 2.67 -2.60 67.59
CA ARG A 635 3.25 -1.42 68.22
C ARG A 635 4.57 -1.69 68.92
N ASN A 636 4.88 -2.95 69.23
CA ASN A 636 6.17 -3.25 69.84
C ASN A 636 7.29 -2.80 68.92
N ASP A 637 8.31 -2.18 69.52
CA ASP A 637 9.32 -1.52 68.70
C ASP A 637 10.27 -2.51 68.03
N THR A 638 9.96 -3.79 68.02
CA THR A 638 10.67 -4.74 67.19
C THR A 638 9.85 -5.21 66.00
N ASN A 639 8.68 -4.64 65.80
CA ASN A 639 7.86 -4.91 64.62
C ASN A 639 7.67 -3.64 63.81
N ASP A 640 8.74 -2.85 63.68
CA ASP A 640 8.65 -1.65 62.86
C ASP A 640 8.43 -2.04 61.40
N GLN A 641 8.10 -1.04 60.59
CA GLN A 641 7.90 -1.27 59.17
C GLN A 641 9.05 -0.65 58.39
N SER A 642 9.55 -1.36 57.40
CA SER A 642 10.65 -0.86 56.59
C SER A 642 10.17 -0.59 55.17
N PHE A 643 10.88 0.30 54.48
CA PHE A 643 10.53 0.61 53.11
C PHE A 643 11.77 1.05 52.35
N ASN A 644 11.79 0.79 51.05
CA ASN A 644 12.96 1.11 50.25
C ASN A 644 12.59 1.48 48.86
N ASP A 645 12.82 2.72 48.46
CA ASP A 645 12.50 3.18 47.11
C ASP A 645 13.01 2.24 46.06
N TYR A 646 12.47 2.28 44.84
CA TYR A 646 12.85 1.28 43.85
C TYR A 646 13.93 1.65 42.90
N LEU A 647 14.11 2.91 42.64
CA LEU A 647 15.20 3.30 41.79
C LEU A 647 16.38 3.34 42.66
N SER A 648 16.28 4.09 43.74
CA SER A 648 17.34 4.14 44.69
C SER A 648 18.55 4.75 44.14
N ALA A 649 18.65 6.05 44.23
CA ALA A 649 19.89 6.62 43.81
C ALA A 649 19.93 8.08 43.91
N ALA A 650 21.13 8.59 43.81
CA ALA A 650 21.32 10.02 43.94
C ALA A 650 21.67 10.59 42.57
N ASN A 651 20.99 11.65 42.18
CA ASN A 651 21.06 12.16 40.82
C ASN A 651 21.88 13.44 40.75
N MET A 652 22.61 13.59 39.65
CA MET A 652 23.32 14.83 39.39
C MET A 652 23.21 15.16 37.91
N LEU A 653 23.14 16.46 37.63
CA LEU A 653 23.08 16.99 36.28
C LEU A 653 24.30 17.85 36.04
N TYR A 654 25.05 17.55 34.98
CA TYR A 654 26.14 18.45 34.65
C TYR A 654 25.91 19.06 33.27
N PRO A 655 26.37 20.28 33.05
CA PRO A 655 26.06 20.95 31.78
C PRO A 655 27.08 20.64 30.71
N ILE A 656 26.60 20.73 29.47
CA ILE A 656 27.44 20.53 28.28
C ILE A 656 27.10 21.63 27.28
N PRO A 657 28.03 22.52 26.99
CA PRO A 657 27.73 23.61 26.06
C PRO A 657 27.60 23.11 24.64
N ALA A 658 27.34 24.02 23.69
CA ALA A 658 27.18 23.62 22.30
C ALA A 658 28.52 23.23 21.70
N ASN A 659 28.52 22.14 20.96
CA ASN A 659 29.70 21.66 20.23
C ASN A 659 30.86 21.35 21.19
N ALA A 660 30.55 20.74 22.32
CA ALA A 660 31.57 20.34 23.28
C ALA A 660 31.73 18.83 23.26
N THR A 661 32.98 18.37 23.26
CA THR A 661 33.28 16.95 23.12
C THR A 661 33.63 16.28 24.42
N ASN A 662 34.28 16.98 25.34
CA ASN A 662 34.82 16.38 26.55
C ASN A 662 34.11 16.93 27.78
N VAL A 663 33.84 16.05 28.74
CA VAL A 663 33.16 16.45 29.97
C VAL A 663 33.84 15.82 31.18
N PRO A 664 34.57 16.58 31.98
CA PRO A 664 35.14 16.04 33.21
C PRO A 664 34.26 16.29 34.43
N ILE A 665 34.20 15.33 35.36
CA ILE A 665 33.56 15.56 36.66
C ILE A 665 34.47 15.02 37.75
N SER A 666 34.34 15.60 38.94
CA SER A 666 35.21 15.28 40.06
C SER A 666 34.41 15.21 41.35
N ILE A 667 34.80 14.29 42.21
CA ILE A 667 34.23 14.15 43.55
C ILE A 667 35.37 14.29 44.54
N PRO A 668 35.33 15.29 45.42
CA PRO A 668 36.53 15.67 46.19
C PRO A 668 37.11 14.59 47.10
N SER A 669 36.33 14.12 48.07
CA SER A 669 36.80 13.05 48.95
C SER A 669 35.65 12.53 49.80
N ARG A 670 35.52 11.21 49.91
CA ARG A 670 34.38 10.64 50.61
C ARG A 670 34.67 9.18 50.91
N ASN A 671 34.02 8.67 51.95
CA ASN A 671 33.99 7.23 52.18
C ASN A 671 32.94 6.59 51.28
N TRP A 672 33.31 5.50 50.61
CA TRP A 672 32.49 4.90 49.56
C TRP A 672 31.86 3.58 49.99
N ALA A 673 31.55 3.42 51.27
CA ALA A 673 31.04 2.15 51.75
C ALA A 673 29.70 1.83 51.11
N ALA A 674 29.52 0.56 50.73
CA ALA A 674 28.25 0.06 50.22
C ALA A 674 27.77 0.85 49.00
N PHE A 675 28.68 1.12 48.07
CA PHE A 675 28.30 1.71 46.80
C PHE A 675 27.59 0.66 45.94
N ARG A 676 27.03 1.10 44.83
CA ARG A 676 26.42 0.09 43.98
C ARG A 676 26.84 0.15 42.52
N GLY A 677 27.03 1.34 41.97
CA GLY A 677 27.41 1.47 40.58
C GLY A 677 26.91 2.76 39.98
N TRP A 678 27.19 2.95 38.70
CA TRP A 678 26.78 4.15 37.98
C TRP A 678 25.70 3.81 36.97
N ALA A 679 24.93 4.82 36.59
CA ALA A 679 23.98 4.70 35.49
C ALA A 679 23.75 6.07 34.89
N PHE A 680 23.97 6.22 33.59
CA PHE A 680 23.95 7.55 33.00
C PHE A 680 23.17 7.59 31.69
N THR A 681 22.85 8.82 31.30
CA THR A 681 22.10 9.15 30.08
C THR A 681 22.39 10.60 29.72
N ARG A 682 21.76 11.08 28.65
CA ARG A 682 21.95 12.43 28.16
C ARG A 682 20.60 13.07 27.83
N LEU A 683 20.49 14.38 28.04
CA LEU A 683 19.22 15.08 27.92
C LEU A 683 19.43 16.42 27.21
N LYS A 684 18.32 16.97 26.71
CA LYS A 684 18.32 18.32 26.14
C LYS A 684 17.95 19.34 27.19
N THR A 685 18.73 20.42 27.27
CA THR A 685 18.47 21.45 28.27
C THR A 685 17.10 22.08 28.06
N LYS A 686 16.72 22.32 26.80
CA LYS A 686 15.44 22.95 26.51
C LYS A 686 14.27 22.15 27.07
N GLU A 687 14.43 20.87 27.25
CA GLU A 687 13.32 20.16 27.82
C GLU A 687 13.70 19.41 29.06
N THR A 688 13.95 20.12 30.13
CA THR A 688 14.21 19.47 31.39
C THR A 688 13.87 20.55 32.35
N PRO A 689 12.77 20.39 33.05
CA PRO A 689 12.34 21.48 33.89
C PRO A 689 13.38 21.82 34.89
N SER A 690 13.37 23.03 35.40
CA SER A 690 14.40 23.45 36.32
C SER A 690 14.19 22.84 37.67
N LEU A 691 14.78 21.68 37.88
CA LEU A 691 14.64 21.01 39.15
C LEU A 691 14.57 22.01 40.25
N GLY A 692 13.55 21.95 41.09
CA GLY A 692 13.53 22.84 42.22
C GLY A 692 12.30 23.63 42.53
N SER A 693 12.29 24.92 42.17
CA SER A 693 11.17 25.76 42.58
C SER A 693 9.98 25.77 41.68
N GLY A 694 9.06 26.67 41.95
CA GLY A 694 7.84 26.73 41.19
C GLY A 694 7.95 27.53 39.93
N TYR A 695 6.86 28.14 39.51
CA TYR A 695 6.85 28.83 38.25
C TYR A 695 8.22 29.17 37.80
N ASP A 696 8.70 28.48 36.78
CA ASP A 696 9.96 28.81 36.22
C ASP A 696 9.60 29.70 35.10
N PRO A 697 9.77 30.98 35.27
CA PRO A 697 9.28 31.85 34.22
C PRO A 697 10.07 31.75 32.94
N TYR A 698 10.30 30.57 32.40
CA TYR A 698 10.96 30.45 31.11
C TYR A 698 10.73 29.11 30.41
N TYR A 699 10.45 28.06 31.16
CA TYR A 699 10.19 26.77 30.55
C TYR A 699 9.15 26.96 29.52
N THR A 700 9.56 27.08 28.27
CA THR A 700 8.60 27.14 27.17
C THR A 700 8.73 25.87 26.34
N TYR A 701 7.95 24.85 26.70
CA TYR A 701 7.95 23.58 25.99
C TYR A 701 6.82 22.74 26.58
N SER A 702 6.28 21.84 25.77
CA SER A 702 5.11 21.10 26.22
C SER A 702 5.12 19.64 25.81
N GLY A 703 6.25 19.09 25.38
CA GLY A 703 6.33 17.71 24.97
C GLY A 703 6.72 16.80 26.11
N SER A 704 6.94 15.54 25.77
CA SER A 704 7.32 14.57 26.78
C SER A 704 8.62 14.98 27.46
N ILE A 705 8.67 14.78 28.77
CA ILE A 705 9.82 15.17 29.57
C ILE A 705 10.62 13.91 29.89
N PRO A 706 11.80 13.71 29.28
CA PRO A 706 12.56 12.50 29.57
C PRO A 706 12.97 12.37 31.03
N TYR A 707 13.22 13.49 31.69
CA TYR A 707 13.70 13.42 33.07
C TYR A 707 12.64 12.94 34.04
N LEU A 708 11.37 12.95 33.64
CA LEU A 708 10.30 12.53 34.54
C LEU A 708 9.61 11.23 34.10
N ASP A 709 9.14 11.13 32.88
CA ASP A 709 8.40 9.93 32.50
C ASP A 709 9.29 8.82 31.96
N GLY A 710 10.57 9.08 31.75
CA GLY A 710 11.48 8.03 31.35
C GLY A 710 11.38 7.64 29.89
N THR A 711 11.66 8.58 28.99
CA THR A 711 11.71 8.34 27.55
C THR A 711 13.00 8.97 27.05
N PHE A 712 14.09 8.23 27.07
CA PHE A 712 15.40 8.72 26.69
C PHE A 712 15.68 8.32 25.25
N TYR A 713 16.20 9.25 24.45
CA TYR A 713 16.41 9.00 23.03
C TYR A 713 17.80 9.41 22.55
N LEU A 714 18.73 9.67 23.45
CA LEU A 714 20.06 10.10 23.03
C LEU A 714 21.15 9.16 23.53
N ASN A 715 20.80 7.91 23.83
CA ASN A 715 21.79 6.98 24.36
C ASN A 715 22.89 6.64 23.37
N HIS A 716 22.74 7.00 22.10
CA HIS A 716 23.67 6.60 21.05
C HIS A 716 24.64 7.70 20.68
N THR A 717 25.05 8.53 21.64
CA THR A 717 25.99 9.60 21.33
C THR A 717 27.15 9.65 22.32
N PHE A 718 27.41 8.55 23.03
CA PHE A 718 28.53 8.44 23.94
C PHE A 718 29.68 7.72 23.25
N LYS A 719 30.88 8.27 23.35
CA LYS A 719 32.06 7.60 22.81
C LYS A 719 32.80 6.79 23.88
N LYS A 720 33.27 7.44 24.94
CA LYS A 720 34.09 6.70 25.89
C LYS A 720 33.98 7.28 27.30
N VAL A 721 34.36 6.46 28.28
CA VAL A 721 34.31 6.80 29.70
C VAL A 721 35.59 6.33 30.38
N ALA A 722 36.15 7.17 31.24
CA ALA A 722 37.34 6.82 32.00
C ALA A 722 37.13 7.16 33.47
N ILE A 723 37.56 6.27 34.36
CA ILE A 723 37.29 6.35 35.79
C ILE A 723 38.58 6.16 36.56
N THR A 724 38.87 7.07 37.50
CA THR A 724 40.10 6.99 38.27
C THR A 724 39.86 7.37 39.72
N PHE A 725 40.36 6.54 40.64
CA PHE A 725 40.39 6.86 42.05
C PHE A 725 41.74 7.45 42.41
N ASP A 726 41.74 8.33 43.41
CA ASP A 726 42.96 8.89 43.98
C ASP A 726 43.86 9.54 42.95
N SER A 727 43.31 9.91 41.79
CA SER A 727 44.01 10.62 40.73
C SER A 727 45.17 9.84 40.15
N SER A 728 45.40 8.63 40.60
CA SER A 728 46.48 7.84 40.03
C SER A 728 46.06 6.45 39.59
N VAL A 729 45.17 5.81 40.32
CA VAL A 729 44.84 4.41 40.07
C VAL A 729 43.63 4.33 39.17
N SER A 730 43.77 3.57 38.09
CA SER A 730 42.69 3.33 37.14
C SER A 730 41.71 2.32 37.71
N TRP A 731 40.63 2.08 36.98
CA TRP A 731 39.61 1.15 37.44
C TRP A 731 38.81 0.63 36.25
N PRO A 732 38.50 -0.66 36.19
CA PRO A 732 38.88 -1.68 37.18
C PRO A 732 40.33 -2.08 37.05
N GLY A 733 40.92 -1.79 35.90
CA GLY A 733 42.34 -2.07 35.73
C GLY A 733 42.63 -3.55 35.81
N ASN A 734 43.80 -3.88 36.37
CA ASN A 734 44.26 -5.25 36.51
C ASN A 734 44.27 -5.97 35.17
N ASP A 735 44.29 -5.24 34.07
CA ASP A 735 44.28 -5.84 32.74
C ASP A 735 43.06 -6.72 32.57
N ARG A 736 41.87 -6.18 32.85
CA ARG A 736 40.65 -6.96 32.72
C ARG A 736 40.09 -6.89 31.30
N LEU A 737 39.76 -5.69 30.84
CA LEU A 737 39.09 -5.51 29.56
C LEU A 737 40.09 -5.60 28.41
N LEU A 738 39.55 -5.60 27.19
CA LEU A 738 40.40 -5.62 26.01
C LEU A 738 41.25 -4.37 25.92
N THR A 739 40.67 -3.21 26.17
CA THR A 739 41.44 -1.99 26.36
C THR A 739 41.43 -1.67 27.84
N PRO A 740 42.54 -1.84 28.55
CA PRO A 740 42.47 -1.90 30.02
C PRO A 740 41.96 -0.63 30.69
N ASN A 741 42.27 0.55 30.17
CA ASN A 741 42.11 1.77 30.94
C ASN A 741 40.80 2.51 30.71
N GLU A 742 39.96 2.05 29.80
CA GLU A 742 38.78 2.81 29.50
C GLU A 742 37.70 2.02 28.84
N PHE A 743 36.48 2.12 29.35
CA PHE A 743 35.40 1.46 28.70
C PHE A 743 35.32 2.22 27.42
N GLU A 744 34.88 1.60 26.34
CA GLU A 744 34.85 2.25 25.04
C GLU A 744 33.66 1.82 24.27
N ILE A 745 32.63 2.62 24.22
CA ILE A 745 31.42 2.18 23.57
C ILE A 745 31.58 1.99 22.06
N LYS A 746 31.53 3.05 21.27
CA LYS A 746 31.58 2.93 19.82
C LYS A 746 32.91 3.24 19.20
N ARG A 747 33.42 2.33 18.39
CA ARG A 747 34.66 2.60 17.67
C ARG A 747 34.35 2.97 16.22
N SER A 748 34.93 4.09 15.77
CA SER A 748 34.69 4.52 14.40
C SER A 748 35.62 3.79 13.42
N VAL A 749 36.87 3.58 13.80
CA VAL A 749 37.88 2.99 12.93
C VAL A 749 38.41 1.74 13.62
N ASP A 750 37.83 0.59 13.31
CA ASP A 750 38.20 -0.66 13.96
C ASP A 750 39.31 -1.31 13.14
N GLY A 751 40.55 -0.94 13.44
CA GLY A 751 41.68 -1.52 12.75
C GLY A 751 42.09 -2.90 13.22
N GLU A 752 41.51 -3.38 14.31
CA GLU A 752 41.88 -4.66 14.88
C GLU A 752 40.70 -5.61 15.02
N GLY A 753 39.51 -5.20 14.61
CA GLY A 753 38.36 -6.07 14.66
C GLY A 753 37.74 -6.24 16.03
N TYR A 754 37.45 -5.14 16.70
CA TYR A 754 36.81 -5.19 18.01
C TYR A 754 35.31 -4.96 17.96
N ASN A 755 34.73 -4.70 16.80
CA ASN A 755 33.30 -4.49 16.73
C ASN A 755 32.57 -5.82 16.93
N VAL A 756 31.24 -5.77 16.91
CA VAL A 756 30.44 -6.96 17.17
C VAL A 756 29.03 -6.72 16.66
N ALA A 757 28.31 -7.80 16.42
CA ALA A 757 26.89 -7.76 16.03
C ALA A 757 26.67 -6.99 14.74
N GLN A 758 27.67 -6.98 13.86
CA GLN A 758 27.58 -6.29 12.57
C GLN A 758 27.18 -4.83 12.78
N CYS A 759 27.82 -4.20 13.75
CA CYS A 759 27.55 -2.82 14.14
C CYS A 759 28.89 -2.18 14.47
N ASN A 760 28.80 -1.14 15.30
CA ASN A 760 29.97 -0.45 15.77
C ASN A 760 29.88 -0.23 17.26
N MET A 761 29.93 -1.30 18.06
CA MET A 761 29.92 -1.22 19.52
C MET A 761 30.95 -2.18 19.97
N THR A 762 31.98 -1.74 20.66
CA THR A 762 33.07 -2.62 20.97
C THR A 762 32.61 -3.86 21.63
N LYS A 763 33.44 -4.88 21.62
CA LYS A 763 33.04 -6.16 22.15
C LYS A 763 33.18 -6.11 23.62
N ASP A 764 33.04 -4.94 24.20
CA ASP A 764 33.05 -4.88 25.63
C ASP A 764 31.73 -4.33 26.00
N TRP A 765 31.46 -3.09 25.62
CA TRP A 765 30.23 -2.55 26.08
C TRP A 765 29.15 -3.52 25.76
N PHE A 766 29.41 -4.54 24.98
CA PHE A 766 28.35 -5.53 24.85
C PHE A 766 28.39 -6.53 25.99
N LEU A 767 29.59 -7.03 26.31
CA LEU A 767 29.72 -7.97 27.40
C LEU A 767 29.29 -7.35 28.72
N VAL A 768 29.72 -6.12 28.98
CA VAL A 768 29.37 -5.46 30.23
C VAL A 768 27.86 -5.30 30.35
N GLN A 769 27.21 -4.86 29.29
CA GLN A 769 25.76 -4.67 29.35
C GLN A 769 25.05 -6.00 29.58
N MET A 770 25.42 -7.03 28.84
CA MET A 770 24.72 -8.30 29.00
C MET A 770 24.91 -8.85 30.40
N LEU A 771 26.13 -8.75 30.94
CA LEU A 771 26.35 -9.21 32.31
C LEU A 771 25.50 -8.43 33.29
N ALA A 772 25.65 -7.11 33.30
CA ALA A 772 24.96 -6.31 34.30
C ALA A 772 23.45 -6.39 34.18
N ASN A 773 22.92 -6.78 33.02
CA ASN A 773 21.47 -6.86 32.92
C ASN A 773 20.93 -8.26 33.21
N TYR A 774 21.53 -9.30 32.62
CA TYR A 774 20.93 -10.62 32.67
C TYR A 774 21.86 -11.70 33.18
N ASN A 775 23.05 -11.35 33.66
CA ASN A 775 24.03 -12.33 34.12
C ASN A 775 24.35 -13.35 33.03
N ILE A 776 24.46 -12.88 31.79
CA ILE A 776 24.71 -13.73 30.64
C ILE A 776 26.01 -13.31 29.98
N GLY A 777 26.84 -14.29 29.64
CA GLY A 777 28.04 -13.97 28.90
C GLY A 777 29.26 -14.79 29.23
N TYR A 778 29.29 -15.44 30.38
CA TYR A 778 30.41 -16.31 30.68
C TYR A 778 30.23 -17.72 30.17
N GLN A 779 29.07 -18.05 29.64
CA GLN A 779 28.81 -19.36 29.08
C GLN A 779 28.05 -19.24 27.78
N GLY A 780 28.48 -18.32 26.92
CA GLY A 780 27.90 -18.18 25.60
C GLY A 780 26.66 -17.32 25.59
N PHE A 781 26.59 -16.40 24.63
CA PHE A 781 25.44 -15.51 24.53
C PHE A 781 24.25 -16.24 23.96
N TYR A 782 23.06 -15.72 24.25
CA TYR A 782 21.81 -16.21 23.69
C TYR A 782 20.72 -15.22 24.07
N ILE A 783 19.49 -15.54 23.72
CA ILE A 783 18.38 -14.64 23.95
C ILE A 783 17.81 -14.87 25.35
N PRO A 784 17.73 -13.85 26.19
CA PRO A 784 17.19 -14.03 27.53
C PRO A 784 15.71 -14.37 27.49
N GLU A 785 15.26 -15.01 28.56
CA GLU A 785 13.85 -15.38 28.66
C GLU A 785 12.97 -14.14 28.71
N SER A 786 11.71 -14.32 28.30
CA SER A 786 10.83 -13.18 28.10
C SER A 786 10.60 -12.40 29.38
N TYR A 787 10.38 -13.09 30.50
CA TYR A 787 10.00 -12.39 31.72
C TYR A 787 11.15 -11.59 32.31
N LYS A 788 12.39 -11.98 32.06
CA LYS A 788 13.53 -11.22 32.55
C LYS A 788 13.87 -10.03 31.67
N ASP A 789 13.18 -9.87 30.54
CA ASP A 789 13.46 -8.82 29.57
C ASP A 789 12.23 -7.93 29.46
N ARG A 790 12.18 -6.91 30.31
CA ARG A 790 11.00 -6.07 30.43
C ARG A 790 10.99 -5.01 29.34
N MET A 791 10.07 -4.06 29.45
CA MET A 791 9.96 -3.01 28.44
C MET A 791 11.17 -2.09 28.45
N TYR A 792 11.63 -1.68 29.62
CA TYR A 792 12.75 -0.76 29.74
C TYR A 792 14.09 -1.48 29.78
N SER A 793 14.16 -2.70 29.27
CA SER A 793 15.40 -3.47 29.33
C SER A 793 16.34 -2.96 28.26
N PHE A 794 17.45 -3.68 28.06
CA PHE A 794 18.43 -3.33 27.04
C PHE A 794 18.24 -4.10 25.76
N PHE A 795 18.14 -5.43 25.83
CA PHE A 795 18.08 -6.24 24.62
C PHE A 795 16.80 -6.00 23.84
N ARG A 796 15.72 -5.61 24.52
CA ARG A 796 14.50 -5.29 23.79
C ARG A 796 14.69 -4.08 22.89
N ASN A 797 15.63 -3.20 23.23
CA ASN A 797 15.76 -1.92 22.54
C ASN A 797 17.13 -1.78 21.89
N PHE A 798 17.58 -2.82 21.21
CA PHE A 798 18.84 -2.79 20.47
C PHE A 798 18.52 -2.88 18.99
N GLN A 799 19.01 -1.91 18.21
CA GLN A 799 18.74 -1.90 16.77
C GLN A 799 20.00 -1.55 16.00
N PRO A 800 20.66 -2.53 15.37
CA PRO A 800 21.80 -2.22 14.51
C PRO A 800 21.37 -2.01 13.08
N MET A 801 22.00 -1.05 12.41
CA MET A 801 21.60 -0.64 11.07
C MET A 801 22.82 -0.32 10.23
N SER A 802 22.69 -0.50 8.92
CA SER A 802 23.80 -0.27 8.01
C SER A 802 23.25 0.14 6.64
N ARG A 803 24.09 0.80 5.85
CA ARG A 803 23.71 1.19 4.50
C ARG A 803 24.96 1.48 3.69
N GLN A 804 24.78 1.65 2.39
CA GLN A 804 25.86 1.98 1.47
C GLN A 804 25.53 3.24 0.70
N VAL A 805 26.54 4.09 0.52
CA VAL A 805 26.40 5.31 -0.27
C VAL A 805 27.53 5.36 -1.30
N VAL A 806 27.47 6.36 -2.17
CA VAL A 806 28.45 6.45 -3.25
C VAL A 806 29.77 7.01 -2.72
N ASP A 807 30.87 6.51 -3.26
CA ASP A 807 32.21 6.94 -2.86
C ASP A 807 32.58 8.14 -3.71
N ASP A 808 32.54 9.33 -3.12
CA ASP A 808 32.75 10.54 -3.90
C ASP A 808 34.19 10.77 -4.32
N THR A 809 35.11 9.88 -3.96
CA THR A 809 36.50 10.02 -4.36
C THR A 809 36.94 8.98 -5.36
N LYS A 810 36.50 7.72 -5.19
CA LYS A 810 36.91 6.69 -6.13
C LYS A 810 36.02 6.64 -7.36
N TYR A 811 34.87 7.29 -7.34
CA TYR A 811 34.02 7.33 -8.52
C TYR A 811 34.60 8.33 -9.51
N LYS A 812 34.72 7.90 -10.77
CA LYS A 812 35.34 8.76 -11.76
C LYS A 812 34.43 9.94 -12.13
N ASP A 813 33.12 9.70 -12.21
CA ASP A 813 32.18 10.69 -12.70
C ASP A 813 31.31 11.28 -11.60
N TYR A 814 31.82 11.39 -10.38
CA TYR A 814 31.01 11.95 -9.32
C TYR A 814 30.76 13.43 -9.57
N GLN A 815 29.52 13.85 -9.31
CA GLN A 815 29.10 15.23 -9.54
C GLN A 815 28.08 15.60 -8.49
N GLN A 816 28.50 16.43 -7.52
CA GLN A 816 27.61 16.78 -6.42
C GLN A 816 26.46 17.64 -6.92
N VAL A 817 25.24 17.16 -6.71
CA VAL A 817 24.04 17.88 -7.12
C VAL A 817 23.27 18.25 -5.87
N GLY A 818 22.93 19.53 -5.73
CA GLY A 818 22.19 19.98 -4.59
C GLY A 818 20.74 19.51 -4.61
N ILE A 819 19.85 20.25 -3.95
CA ILE A 819 18.44 19.91 -3.96
C ILE A 819 17.65 20.72 -4.98
N LEU A 820 18.13 21.91 -5.33
CA LEU A 820 17.44 22.74 -6.30
C LEU A 820 17.50 22.17 -7.71
N HIS A 821 18.31 21.16 -7.97
CA HIS A 821 18.53 20.67 -9.32
C HIS A 821 18.42 19.16 -9.39
N GLN A 822 17.39 18.60 -8.78
CA GLN A 822 17.08 17.17 -8.89
C GLN A 822 15.70 17.06 -9.51
N HIS A 823 15.60 16.33 -10.61
CA HIS A 823 14.37 16.35 -11.37
C HIS A 823 13.89 14.94 -11.69
N ASN A 824 13.87 14.08 -10.68
CA ASN A 824 13.12 12.84 -10.81
C ASN A 824 11.63 13.17 -10.76
N ASN A 825 10.83 12.32 -11.42
CA ASN A 825 9.41 12.58 -11.62
C ASN A 825 9.19 13.97 -12.21
N SER A 826 9.89 14.21 -13.32
CA SER A 826 10.09 15.57 -13.80
C SER A 826 8.77 16.31 -13.96
N GLY A 827 7.79 15.70 -14.60
CA GLY A 827 6.60 16.40 -15.01
C GLY A 827 5.32 16.05 -14.28
N PHE A 828 5.39 15.31 -13.19
CA PHE A 828 4.18 14.85 -12.52
C PHE A 828 4.19 15.17 -11.03
N VAL A 829 4.78 16.30 -10.65
CA VAL A 829 4.88 16.66 -9.24
C VAL A 829 5.23 18.14 -9.15
N GLY A 830 4.93 18.74 -8.00
CA GLY A 830 5.24 20.13 -7.79
C GLY A 830 6.73 20.38 -7.67
N TYR A 831 7.10 21.66 -7.60
CA TYR A 831 8.49 22.08 -7.52
C TYR A 831 8.75 22.69 -6.16
N LEU A 832 9.53 21.97 -5.33
CA LEU A 832 9.95 22.45 -4.02
C LEU A 832 8.76 22.83 -3.14
N ALA A 833 7.68 22.08 -3.26
CA ALA A 833 6.46 22.40 -2.54
C ALA A 833 5.48 21.26 -2.73
N PRO A 834 4.43 21.21 -1.92
CA PRO A 834 3.38 20.23 -2.15
C PRO A 834 2.30 20.73 -3.10
N THR A 835 2.61 21.77 -3.86
CA THR A 835 1.61 22.43 -4.69
C THR A 835 1.34 21.61 -5.96
N MET A 836 0.63 22.21 -6.90
CA MET A 836 0.15 21.53 -8.09
C MET A 836 1.30 21.08 -8.98
N ARG A 837 1.01 20.10 -9.83
CA ARG A 837 2.01 19.54 -10.73
C ARG A 837 2.42 20.54 -11.79
N GLU A 838 3.56 20.28 -12.41
CA GLU A 838 4.10 21.12 -13.47
C GLU A 838 5.23 20.37 -14.16
N GLY A 839 5.88 21.03 -15.11
CA GLY A 839 7.04 20.46 -15.77
C GLY A 839 6.70 19.50 -16.88
N GLN A 840 7.75 18.98 -17.51
CA GLN A 840 7.63 18.10 -18.66
C GLN A 840 8.37 16.80 -18.41
N ALA A 841 7.86 15.72 -18.99
CA ALA A 841 8.48 14.42 -18.82
C ALA A 841 9.91 14.43 -19.35
N TYR A 842 10.79 13.72 -18.65
CA TYR A 842 12.20 13.67 -18.99
C TYR A 842 12.88 12.61 -18.13
N PRO A 843 13.95 11.96 -18.61
CA PRO A 843 14.61 10.95 -17.79
C PRO A 843 15.17 11.54 -16.51
N ALA A 844 15.02 10.81 -15.41
CA ALA A 844 15.40 11.29 -14.09
C ALA A 844 16.92 11.29 -13.93
N ASN A 845 17.41 11.92 -12.88
CA ASN A 845 18.86 12.00 -12.72
C ASN A 845 19.38 11.88 -11.28
N PHE A 846 18.53 11.60 -10.29
CA PHE A 846 19.16 11.58 -8.98
C PHE A 846 18.63 10.55 -7.99
N PRO A 847 18.53 9.32 -8.36
CA PRO A 847 19.08 8.29 -7.48
C PRO A 847 20.41 7.86 -8.06
N TYR A 848 21.45 7.69 -7.26
CA TYR A 848 22.63 7.14 -7.89
C TYR A 848 22.51 5.62 -7.85
N PRO A 849 22.55 4.96 -9.01
CA PRO A 849 22.27 3.52 -9.02
C PRO A 849 23.29 2.73 -8.22
N LEU A 850 22.79 1.75 -7.48
CA LEU A 850 23.64 0.91 -6.63
C LEU A 850 23.50 -0.57 -6.92
N ILE A 851 22.72 -0.96 -7.92
CA ILE A 851 22.56 -2.36 -8.29
C ILE A 851 22.65 -2.47 -9.80
N GLY A 852 22.46 -3.66 -10.32
CA GLY A 852 22.57 -3.87 -11.74
C GLY A 852 24.01 -3.80 -12.21
N LYS A 853 24.20 -3.99 -13.50
CA LYS A 853 25.54 -4.12 -14.05
C LYS A 853 26.23 -2.78 -14.24
N THR A 854 25.65 -1.68 -13.75
CA THR A 854 26.24 -0.36 -13.90
C THR A 854 26.37 0.34 -12.55
N ALA A 855 26.45 -0.45 -11.48
CA ALA A 855 26.48 0.13 -10.15
C ALA A 855 27.77 0.93 -9.94
N VAL A 856 27.68 1.93 -9.08
CA VAL A 856 28.78 2.83 -8.81
C VAL A 856 29.52 2.34 -7.58
N ASP A 857 30.80 2.71 -7.48
CA ASP A 857 31.60 2.31 -6.34
C ASP A 857 31.06 2.95 -5.07
N SER A 858 31.09 2.19 -3.97
CA SER A 858 30.34 2.54 -2.78
C SER A 858 31.18 2.34 -1.52
N ILE A 859 30.76 3.02 -0.46
CA ILE A 859 31.30 2.85 0.87
C ILE A 859 30.16 2.58 1.82
N THR A 860 30.50 2.12 3.03
CA THR A 860 29.53 1.57 3.97
C THR A 860 29.49 2.40 5.25
N GLN A 861 28.30 2.52 5.83
CA GLN A 861 28.09 3.20 7.09
C GLN A 861 27.27 2.32 8.02
N LYS A 862 27.63 2.32 9.30
CA LYS A 862 26.97 1.51 10.32
C LYS A 862 26.65 2.37 11.53
N LYS A 863 25.56 2.04 12.22
CA LYS A 863 25.22 2.71 13.47
C LYS A 863 24.19 1.87 14.21
N PHE A 864 23.80 2.33 15.39
CA PHE A 864 22.83 1.60 16.19
C PHE A 864 21.97 2.56 16.97
N LEU A 865 20.76 2.13 17.28
CA LEU A 865 19.78 2.88 18.04
C LEU A 865 19.37 2.10 19.27
N CYS A 866 19.25 2.80 20.39
CA CYS A 866 18.91 2.16 21.66
C CYS A 866 18.28 3.23 22.55
N ASP A 867 16.96 3.19 22.69
CA ASP A 867 16.22 4.20 23.45
C ASP A 867 15.58 3.59 24.68
N ARG A 868 14.91 4.44 25.46
CA ARG A 868 14.24 4.06 26.70
C ARG A 868 15.12 3.23 27.62
N THR A 869 16.37 3.63 27.82
CA THR A 869 17.24 2.90 28.73
C THR A 869 18.41 3.77 29.14
N LEU A 870 19.04 3.36 30.24
CA LEU A 870 20.21 4.06 30.78
C LEU A 870 21.40 3.13 30.69
N TRP A 871 22.54 3.65 30.26
CA TRP A 871 23.73 2.82 30.33
C TRP A 871 24.05 2.61 31.80
N ARG A 872 24.51 1.41 32.16
CA ARG A 872 24.82 1.14 33.56
C ARG A 872 26.13 0.40 33.69
N ILE A 873 26.87 0.72 34.75
CA ILE A 873 28.14 0.07 35.07
C ILE A 873 28.07 -0.38 36.53
N PRO A 874 27.94 -1.68 36.80
CA PRO A 874 27.84 -2.12 38.18
C PRO A 874 29.19 -2.09 38.88
N PHE A 875 29.17 -1.81 40.18
CA PHE A 875 30.37 -1.66 40.98
C PHE A 875 30.76 -2.98 41.63
N SER A 876 30.87 -4.03 40.83
CA SER A 876 31.16 -5.36 41.33
C SER A 876 32.55 -5.81 40.88
N SER A 877 32.97 -6.95 41.42
CA SER A 877 34.30 -7.45 41.07
C SER A 877 34.32 -8.01 39.67
N ASN A 878 33.31 -8.79 39.29
CA ASN A 878 33.25 -9.41 37.97
C ASN A 878 32.00 -9.03 37.21
N PHE A 879 31.34 -7.95 37.62
CA PHE A 879 30.20 -7.32 36.94
C PHE A 879 28.91 -8.11 37.07
N MET A 880 28.94 -9.31 37.64
CA MET A 880 27.69 -10.04 37.76
C MET A 880 26.81 -9.41 38.83
N SER A 881 25.61 -9.96 38.99
CA SER A 881 24.66 -9.48 40.00
C SER A 881 24.43 -10.60 41.00
N MET A 882 25.28 -10.68 42.01
CA MET A 882 25.23 -11.75 43.00
C MET A 882 24.49 -11.36 44.27
N GLY A 883 23.90 -10.18 44.30
CA GLY A 883 23.16 -9.75 45.48
C GLY A 883 22.92 -8.26 45.45
N ALA A 884 22.00 -7.82 46.31
CA ALA A 884 21.71 -6.41 46.40
C ALA A 884 22.93 -5.61 46.83
N LEU A 885 23.68 -6.13 47.79
CA LEU A 885 24.84 -5.45 48.35
C LEU A 885 26.09 -6.06 47.74
N THR A 886 26.72 -5.34 46.83
CA THR A 886 27.82 -5.89 46.04
C THR A 886 29.01 -6.22 46.93
N ASP A 887 29.87 -7.13 46.44
CA ASP A 887 31.02 -7.55 47.21
C ASP A 887 32.01 -6.40 47.40
N LEU A 888 32.30 -5.65 46.34
CA LEU A 888 33.22 -4.54 46.48
C LEU A 888 32.68 -3.45 47.38
N GLY A 889 31.36 -3.40 47.58
CA GLY A 889 30.82 -2.49 48.57
C GLY A 889 31.31 -2.80 49.96
N GLN A 890 31.50 -4.08 50.27
CA GLN A 890 31.96 -4.51 51.58
C GLN A 890 33.47 -4.68 51.64
N ASN A 891 34.18 -4.33 50.58
CA ASN A 891 35.63 -4.41 50.63
C ASN A 891 36.16 -3.44 51.68
N LEU A 892 37.23 -3.82 52.36
CA LEU A 892 37.72 -2.99 53.46
C LEU A 892 38.38 -1.72 52.94
N LEU A 893 38.94 -1.76 51.74
CA LEU A 893 39.63 -0.59 51.21
C LEU A 893 38.66 0.58 51.02
N TYR A 894 37.47 0.30 50.50
CA TYR A 894 36.49 1.35 50.27
C TYR A 894 35.59 1.58 51.46
N ALA A 895 35.86 0.94 52.59
CA ALA A 895 34.96 1.03 53.74
C ALA A 895 35.62 1.53 55.00
N ASN A 896 36.92 1.82 54.98
CA ASN A 896 37.61 2.31 56.16
C ASN A 896 38.46 3.54 55.89
N SER A 897 38.21 4.27 54.81
CA SER A 897 38.99 5.45 54.50
C SER A 897 38.21 6.29 53.50
N ALA A 898 38.87 7.29 52.93
CA ALA A 898 38.25 8.16 51.95
C ALA A 898 39.14 8.25 50.71
N HIS A 899 38.53 8.62 49.59
CA HIS A 899 39.25 8.72 48.33
C HIS A 899 38.58 9.76 47.45
N ALA A 900 39.33 10.24 46.47
CA ALA A 900 38.80 11.14 45.46
C ALA A 900 38.37 10.36 44.24
N LEU A 901 37.44 10.93 43.47
CA LEU A 901 36.95 10.25 42.28
C LEU A 901 37.03 11.20 41.08
N ASP A 902 37.42 10.68 39.93
CA ASP A 902 37.48 11.48 38.71
C ASP A 902 36.89 10.69 37.57
N MET A 903 35.97 11.29 36.83
CA MET A 903 35.36 10.65 35.68
C MET A 903 35.50 11.57 34.47
N THR A 904 35.71 10.97 33.31
CA THR A 904 35.87 11.73 32.08
C THR A 904 35.03 11.07 30.99
N PHE A 905 34.09 11.84 30.42
CA PHE A 905 33.23 11.35 29.35
C PHE A 905 33.62 12.04 28.05
N GLU A 906 33.54 11.29 26.95
CA GLU A 906 33.74 11.83 25.61
C GLU A 906 32.55 11.45 24.77
N VAL A 907 31.87 12.44 24.21
CA VAL A 907 30.59 12.28 23.55
C VAL A 907 30.61 12.98 22.19
N ASP A 908 29.61 12.68 21.37
CA ASP A 908 29.46 13.34 20.09
C ASP A 908 29.01 14.79 20.27
N PRO A 909 29.36 15.67 19.34
CA PRO A 909 28.97 17.06 19.45
C PRO A 909 27.60 17.33 18.87
N MET A 910 26.90 18.29 19.47
CA MET A 910 25.61 18.74 19.00
C MET A 910 25.53 20.25 19.14
N ASP A 911 24.68 20.87 18.32
CA ASP A 911 24.54 22.32 18.33
C ASP A 911 23.39 22.77 19.23
N GLU A 912 23.43 22.35 20.48
CA GLU A 912 22.38 22.68 21.43
C GLU A 912 22.87 22.39 22.84
N PRO A 913 22.69 23.30 23.79
CA PRO A 913 23.11 23.02 25.16
C PRO A 913 22.41 21.78 25.68
N THR A 914 23.15 20.93 26.38
CA THR A 914 22.61 19.64 26.81
C THR A 914 23.08 19.34 28.23
N LEU A 915 22.55 18.26 28.77
CA LEU A 915 22.85 17.86 30.14
C LEU A 915 23.29 16.41 30.16
N LEU A 916 24.30 16.13 30.97
CA LEU A 916 24.72 14.77 31.26
C LEU A 916 24.10 14.37 32.59
N TYR A 917 23.32 13.29 32.57
CA TYR A 917 22.47 12.92 33.70
C TYR A 917 23.04 11.64 34.30
N VAL A 918 23.58 11.76 35.51
CA VAL A 918 24.31 10.67 36.16
C VAL A 918 23.57 10.27 37.43
N LEU A 919 23.34 8.98 37.60
CA LEU A 919 22.76 8.41 38.80
C LEU A 919 23.82 7.56 39.47
N PHE A 920 24.13 7.88 40.73
CA PHE A 920 24.92 6.99 41.56
C PHE A 920 23.96 6.09 42.31
N GLU A 921 24.04 4.79 42.10
CA GLU A 921 23.14 3.88 42.78
C GLU A 921 23.59 3.69 44.22
N VAL A 922 22.67 3.85 45.15
CA VAL A 922 22.96 3.85 46.57
C VAL A 922 21.88 3.08 47.30
N PHE A 923 21.99 3.00 48.62
CA PHE A 923 20.98 2.41 49.46
C PHE A 923 20.18 3.51 50.13
N ASP A 924 18.86 3.47 49.96
CA ASP A 924 17.95 4.44 50.57
C ASP A 924 16.84 3.67 51.25
N VAL A 925 16.64 3.93 52.54
CA VAL A 925 15.70 3.15 53.33
C VAL A 925 15.05 3.99 54.41
N VAL A 926 13.87 3.54 54.83
CA VAL A 926 13.08 4.21 55.86
C VAL A 926 12.58 3.17 56.84
N ARG A 927 12.62 3.49 58.13
CA ARG A 927 12.03 2.65 59.16
C ARG A 927 11.03 3.48 59.94
N VAL A 928 9.79 3.00 59.97
CA VAL A 928 8.68 3.71 60.60
C VAL A 928 8.25 2.96 61.84
N HIS A 929 8.05 3.68 62.93
CA HIS A 929 7.76 3.12 64.25
C HIS A 929 6.62 3.91 64.88
N ARG A 930 5.71 3.19 65.52
CA ARG A 930 4.46 3.77 66.04
C ARG A 930 4.21 3.31 67.47
N PRO A 931 4.88 3.88 68.44
CA PRO A 931 4.77 3.38 69.82
C PRO A 931 3.39 3.48 70.41
N HIS A 932 2.83 4.69 70.49
CA HIS A 932 1.56 4.92 71.19
C HIS A 932 0.47 5.30 70.20
N ARG A 933 -0.69 5.64 70.74
CA ARG A 933 -1.82 6.03 69.90
C ARG A 933 -1.61 7.43 69.35
N GLY A 934 -1.81 7.59 68.06
CA GLY A 934 -1.71 8.89 67.44
C GLY A 934 -0.32 9.50 67.48
N VAL A 935 0.71 8.69 67.32
CA VAL A 935 2.09 9.16 67.25
C VAL A 935 2.83 8.31 66.23
N ILE A 936 3.60 8.94 65.36
CA ILE A 936 4.31 8.24 64.30
C ILE A 936 5.69 8.86 64.16
N GLU A 937 6.73 8.04 64.26
CA GLU A 937 8.11 8.50 64.17
C GLU A 937 8.83 7.71 63.09
N THR A 938 9.86 8.33 62.53
CA THR A 938 10.53 7.75 61.38
C THR A 938 12.04 7.91 61.51
N VAL A 939 12.77 7.07 60.79
CA VAL A 939 14.20 7.19 60.64
C VAL A 939 14.55 6.98 59.17
N TYR A 940 15.23 7.95 58.57
CA TYR A 940 15.65 7.88 57.18
C TYR A 940 17.13 7.58 57.10
N LEU A 941 17.54 6.92 56.02
CA LEU A 941 18.96 6.70 55.81
C LEU A 941 19.24 6.56 54.33
N ARG A 942 20.37 7.11 53.90
CA ARG A 942 20.82 6.97 52.52
C ARG A 942 22.34 6.97 52.51
N THR A 943 22.94 5.88 52.02
CA THR A 943 24.38 5.75 51.98
C THR A 943 24.79 5.35 50.57
N PRO A 944 25.97 5.77 50.10
CA PRO A 944 27.06 6.54 50.74
C PRO A 944 26.96 8.05 50.65
N PHE A 945 25.88 8.59 50.11
CA PHE A 945 25.65 10.03 50.11
C PHE A 945 24.67 10.35 51.23
N SER A 946 25.19 10.42 52.44
CA SER A 946 24.35 10.69 53.60
C SER A 946 23.75 12.08 53.50
N ALA A 947 22.49 12.19 53.92
CA ALA A 947 21.80 13.46 53.89
C ALA A 947 22.57 14.51 54.67
N GLY A 948 22.66 15.71 54.11
CA GLY A 948 23.49 16.74 54.68
C GLY A 948 24.96 16.60 54.37
N ASN A 949 25.34 15.63 53.54
CA ASN A 949 26.70 15.50 53.05
C ASN A 949 26.67 15.15 51.57
N ALA A 950 25.79 15.81 50.82
CA ALA A 950 25.53 15.39 49.45
C ALA A 950 26.76 15.55 48.57
N THR A 951 27.37 16.73 48.57
CA THR A 951 28.52 16.97 47.71
C THR A 951 29.51 17.91 48.37
N SER B 5 20.07 2.99 69.91
CA SER B 5 21.52 3.14 69.86
C SER B 5 22.22 1.86 70.27
N MET B 6 21.46 0.78 70.34
CA MET B 6 22.00 -0.52 70.69
C MET B 6 22.31 -1.38 69.48
N MET B 7 22.16 -0.85 68.27
CA MET B 7 22.44 -1.61 67.06
C MET B 7 23.18 -0.73 66.06
N PRO B 8 24.07 -1.30 65.28
CA PRO B 8 24.72 -0.54 64.21
C PRO B 8 23.73 -0.22 63.11
N GLN B 9 24.11 0.77 62.29
CA GLN B 9 23.17 1.33 61.32
C GLN B 9 22.74 0.29 60.30
N TRP B 10 23.70 -0.43 59.71
CA TRP B 10 23.35 -1.42 58.69
C TRP B 10 22.36 -2.44 59.23
N SER B 11 22.64 -2.98 60.42
CA SER B 11 21.74 -3.98 60.98
C SER B 11 20.43 -3.38 61.44
N TYR B 12 20.32 -2.06 61.50
CA TYR B 12 19.07 -1.44 61.94
C TYR B 12 18.05 -1.43 60.82
N MET B 13 18.40 -0.83 59.67
CA MET B 13 17.49 -0.74 58.55
C MET B 13 17.40 -2.04 57.76
N HIS B 14 17.91 -3.13 58.31
CA HIS B 14 17.85 -4.44 57.66
C HIS B 14 18.57 -4.45 56.32
N ILE B 15 19.68 -3.72 56.22
CA ILE B 15 20.50 -3.82 55.03
C ILE B 15 21.21 -5.17 55.00
N SER B 16 21.75 -5.61 56.12
CA SER B 16 22.46 -6.88 56.20
C SER B 16 22.27 -7.44 57.61
N GLY B 17 21.39 -8.41 57.75
CA GLY B 17 21.11 -8.99 59.04
C GLY B 17 20.17 -10.17 58.97
N GLN B 18 19.33 -10.34 59.97
CA GLN B 18 18.41 -11.46 59.98
C GLN B 18 17.27 -11.22 58.99
N ASP B 19 16.64 -12.31 58.57
CA ASP B 19 15.54 -12.23 57.63
C ASP B 19 14.25 -11.83 58.35
N ALA B 20 13.19 -11.67 57.57
CA ALA B 20 11.92 -11.22 58.14
C ALA B 20 11.39 -12.22 59.16
N SER B 21 11.65 -13.51 58.97
CA SER B 21 11.14 -14.51 59.89
C SER B 21 12.02 -14.69 61.11
N GLU B 22 12.89 -13.74 61.41
CA GLU B 22 13.82 -13.95 62.51
C GLU B 22 13.88 -12.77 63.45
N TYR B 23 13.40 -11.61 63.03
CA TYR B 23 13.34 -10.47 63.93
C TYR B 23 11.91 -10.05 64.25
N LEU B 24 10.94 -10.91 63.99
CA LEU B 24 9.55 -10.62 64.33
C LEU B 24 9.11 -11.49 65.49
N SER B 25 8.24 -10.95 66.34
CA SER B 25 7.69 -11.74 67.42
C SER B 25 6.90 -12.91 66.84
N PRO B 26 6.95 -14.08 67.49
CA PRO B 26 6.30 -15.25 66.91
C PRO B 26 4.82 -15.07 66.65
N GLY B 27 4.14 -14.27 67.48
CA GLY B 27 2.73 -14.04 67.25
C GLY B 27 2.46 -13.41 65.89
N LEU B 28 3.25 -12.41 65.53
CA LEU B 28 3.04 -11.75 64.24
C LEU B 28 3.32 -12.71 63.09
N VAL B 29 4.35 -13.55 63.21
CA VAL B 29 4.64 -14.51 62.16
C VAL B 29 3.47 -15.45 61.98
N GLN B 30 2.94 -15.97 63.08
CA GLN B 30 1.82 -16.90 62.97
C GLN B 30 0.60 -16.21 62.38
N PHE B 31 0.35 -14.96 62.78
CA PHE B 31 -0.76 -14.21 62.21
C PHE B 31 -0.59 -14.03 60.71
N ALA B 32 0.61 -13.66 60.27
CA ALA B 32 0.83 -13.43 58.85
C ALA B 32 0.65 -14.72 58.06
N ARG B 33 1.09 -15.85 58.60
CA ARG B 33 0.82 -17.10 57.93
C ARG B 33 -0.66 -17.43 57.93
N ALA B 34 -1.41 -16.91 58.90
CA ALA B 34 -2.81 -17.30 59.03
C ALA B 34 -3.68 -16.69 57.95
N THR B 35 -3.49 -15.40 57.66
CA THR B 35 -4.41 -14.71 56.76
C THR B 35 -3.70 -14.20 55.52
N GLU B 36 -2.88 -15.04 54.91
CA GLU B 36 -2.12 -14.61 53.74
C GLU B 36 -3.00 -14.50 52.50
N THR B 37 -4.13 -15.19 52.48
CA THR B 37 -4.89 -15.28 51.23
C THR B 37 -5.63 -13.99 50.91
N TYR B 38 -6.25 -13.37 51.91
CA TYR B 38 -7.16 -12.26 51.65
C TYR B 38 -6.71 -10.92 52.21
N PHE B 39 -5.68 -10.88 53.05
CA PHE B 39 -5.20 -9.60 53.58
C PHE B 39 -3.72 -9.78 53.87
N SER B 40 -2.88 -9.30 52.96
CA SER B 40 -1.47 -9.68 52.97
C SER B 40 -0.61 -8.64 53.66
N LEU B 41 0.41 -9.10 54.37
CA LEU B 41 1.42 -8.24 54.99
C LEU B 41 2.81 -8.54 54.47
N ASN B 42 2.92 -9.16 53.29
CA ASN B 42 4.22 -9.65 52.84
C ASN B 42 5.18 -8.52 52.52
N ASN B 43 4.68 -7.44 51.92
CA ASN B 43 5.56 -6.42 51.37
C ASN B 43 5.83 -5.26 52.31
N LYS B 44 5.35 -5.31 53.55
CA LYS B 44 5.59 -4.24 54.49
C LYS B 44 6.86 -4.44 55.32
N PHE B 45 7.63 -5.49 55.09
CA PHE B 45 8.85 -5.73 55.83
C PHE B 45 9.96 -6.10 54.87
N ARG B 46 11.20 -5.86 55.29
CA ARG B 46 12.35 -6.02 54.43
C ARG B 46 12.82 -7.47 54.42
N ASN B 47 13.88 -7.74 53.66
CA ASN B 47 14.52 -9.03 53.57
C ASN B 47 15.94 -8.84 53.03
N PRO B 48 16.92 -8.61 53.88
CA PRO B 48 18.25 -8.26 53.38
C PRO B 48 18.86 -9.38 52.56
N THR B 49 19.65 -8.99 51.57
CA THR B 49 20.40 -9.91 50.74
C THR B 49 21.83 -9.43 50.61
N VAL B 50 22.77 -10.36 50.59
CA VAL B 50 24.20 -10.06 50.64
C VAL B 50 24.91 -10.90 49.59
N ALA B 51 26.06 -10.47 49.20
CA ALA B 51 26.80 -11.27 48.25
C ALA B 51 28.06 -11.84 48.89
N PRO B 52 28.50 -13.03 48.47
CA PRO B 52 29.67 -13.64 49.09
C PRO B 52 30.93 -12.85 48.79
N THR B 53 31.91 -12.97 49.68
CA THR B 53 33.15 -12.21 49.57
C THR B 53 34.38 -13.10 49.75
N HIS B 54 34.26 -14.40 49.50
CA HIS B 54 35.39 -15.29 49.67
C HIS B 54 35.32 -16.41 48.66
N ASP B 55 36.48 -16.75 48.10
CA ASP B 55 36.63 -17.93 47.24
C ASP B 55 35.65 -17.90 46.07
N VAL B 56 35.43 -16.72 45.51
CA VAL B 56 34.60 -16.59 44.32
C VAL B 56 35.37 -15.89 43.23
N THR B 57 35.96 -14.75 43.57
CA THR B 57 36.61 -13.88 42.60
C THR B 57 38.06 -13.63 43.00
N THR B 58 38.96 -13.72 42.05
CA THR B 58 40.36 -13.42 42.31
C THR B 58 40.55 -11.91 42.44
N ASP B 59 41.80 -11.51 42.67
CA ASP B 59 42.16 -10.10 42.65
C ASP B 59 43.49 -9.84 42.00
N ARG B 60 44.10 -10.81 41.33
CA ARG B 60 45.36 -10.60 40.64
C ARG B 60 45.08 -10.12 39.21
N SER B 61 46.10 -10.09 38.38
CA SER B 61 45.94 -9.69 36.99
C SER B 61 45.45 -10.87 36.18
N GLN B 62 44.26 -10.73 35.59
CA GLN B 62 43.70 -11.78 34.77
C GLN B 62 42.79 -11.15 33.73
N ARG B 63 42.80 -11.69 32.53
CA ARG B 63 42.10 -11.10 31.40
C ARG B 63 40.78 -11.80 31.18
N LEU B 64 39.72 -11.03 30.92
CA LEU B 64 38.41 -11.62 30.71
C LEU B 64 38.23 -12.14 29.29
N THR B 65 38.96 -11.58 28.32
CA THR B 65 38.80 -11.96 26.93
C THR B 65 40.16 -12.13 26.28
N LEU B 66 40.29 -13.15 25.44
CA LEU B 66 41.53 -13.41 24.73
C LEU B 66 41.25 -13.54 23.24
N ARG B 67 42.22 -13.12 22.43
CA ARG B 67 42.09 -13.12 20.98
C ARG B 67 43.32 -13.78 20.39
N PHE B 68 43.14 -14.93 19.75
CA PHE B 68 44.22 -15.75 19.24
C PHE B 68 44.38 -15.53 17.74
N ILE B 69 45.61 -15.27 17.32
CA ILE B 69 46.04 -15.19 15.94
C ILE B 69 46.20 -16.61 15.41
N PRO B 70 45.85 -16.90 14.16
CA PRO B 70 46.04 -18.26 13.65
C PRO B 70 47.51 -18.62 13.62
N VAL B 71 47.81 -19.84 14.08
CA VAL B 71 49.16 -20.35 13.94
C VAL B 71 49.45 -20.68 12.50
N ASP B 72 48.47 -21.24 11.78
CA ASP B 72 48.71 -21.55 10.38
C ASP B 72 47.42 -21.52 9.58
N ARG B 73 47.43 -20.78 8.48
CA ARG B 73 46.31 -20.72 7.56
C ARG B 73 46.74 -21.31 6.21
N GLU B 74 45.80 -22.00 5.56
CA GLU B 74 46.14 -22.70 4.33
C GLU B 74 44.96 -22.68 3.39
N ASP B 75 45.20 -22.31 2.15
CA ASP B 75 44.15 -21.94 1.21
C ASP B 75 44.18 -22.86 -0.01
N THR B 76 42.99 -23.18 -0.52
CA THR B 76 42.82 -23.99 -1.71
C THR B 76 41.74 -23.37 -2.60
N ALA B 77 41.46 -24.02 -3.72
CA ALA B 77 40.49 -23.48 -4.66
C ALA B 77 39.06 -23.69 -4.21
N TYR B 78 38.82 -24.50 -3.18
CA TYR B 78 37.46 -24.77 -2.75
C TYR B 78 37.25 -24.49 -1.27
N SER B 79 38.27 -24.69 -0.45
CA SER B 79 38.11 -24.69 1.00
C SER B 79 39.18 -23.80 1.64
N TYR B 80 39.08 -23.69 2.96
CA TYR B 80 39.96 -22.88 3.78
C TYR B 80 40.28 -23.65 5.04
N LYS B 81 41.53 -23.62 5.49
CA LYS B 81 41.92 -24.37 6.69
C LYS B 81 42.64 -23.45 7.66
N ALA B 82 42.22 -23.50 8.93
CA ALA B 82 42.82 -22.67 9.96
C ALA B 82 43.22 -23.53 11.16
N ARG B 83 44.39 -23.25 11.72
CA ARG B 83 44.94 -24.02 12.84
C ARG B 83 45.44 -23.07 13.92
N PHE B 84 44.84 -23.15 15.10
CA PHE B 84 45.17 -22.36 16.28
C PHE B 84 45.73 -23.24 17.38
N THR B 85 46.47 -22.61 18.29
CA THR B 85 46.89 -23.23 19.53
C THR B 85 46.16 -22.55 20.67
N LEU B 86 45.26 -23.30 21.32
CA LEU B 86 44.45 -22.77 22.40
C LEU B 86 45.11 -23.12 23.72
N ALA B 87 45.47 -22.11 24.50
CA ALA B 87 46.21 -22.28 25.74
C ALA B 87 45.36 -21.86 26.92
N VAL B 88 45.27 -22.71 27.94
CA VAL B 88 44.55 -22.42 29.15
C VAL B 88 45.54 -22.55 30.30
N GLY B 89 45.97 -21.43 30.85
CA GLY B 89 46.93 -21.44 31.92
C GLY B 89 46.33 -22.01 33.20
N ASP B 90 47.20 -22.29 34.15
CA ASP B 90 46.77 -22.96 35.36
C ASP B 90 45.80 -22.11 36.16
N ASN B 91 45.12 -22.75 37.10
CA ASN B 91 44.16 -22.09 37.98
C ASN B 91 43.04 -21.40 37.20
N ARG B 92 42.65 -22.00 36.08
CA ARG B 92 41.55 -21.46 35.28
C ARG B 92 40.74 -22.60 34.71
N VAL B 93 39.52 -22.28 34.31
CA VAL B 93 38.66 -23.21 33.59
C VAL B 93 38.00 -22.45 32.45
N LEU B 94 38.02 -23.06 31.27
CA LEU B 94 37.39 -22.49 30.08
C LEU B 94 36.19 -23.34 29.71
N ASP B 95 35.04 -22.69 29.54
CA ASP B 95 33.83 -23.37 29.10
C ASP B 95 33.71 -23.16 27.59
N MET B 96 33.69 -24.26 26.84
CA MET B 96 33.78 -24.16 25.39
C MET B 96 32.56 -23.52 24.76
N ALA B 97 31.47 -23.34 25.51
CA ALA B 97 30.30 -22.75 24.90
C ALA B 97 30.41 -21.25 24.71
N SER B 98 31.59 -20.66 24.91
CA SER B 98 31.74 -19.23 24.72
C SER B 98 32.64 -18.87 23.55
N THR B 99 33.43 -19.81 23.04
CA THR B 99 34.30 -19.50 21.92
C THR B 99 33.52 -19.40 20.62
N TYR B 100 34.01 -18.56 19.73
CA TYR B 100 33.44 -18.43 18.39
C TYR B 100 34.54 -17.98 17.45
N PHE B 101 34.30 -18.16 16.16
CA PHE B 101 35.25 -17.70 15.16
C PHE B 101 34.84 -16.33 14.64
N ASP B 102 35.84 -15.53 14.27
CA ASP B 102 35.63 -14.17 13.80
C ASP B 102 36.21 -14.04 12.40
N ILE B 103 35.40 -13.55 11.47
CA ILE B 103 35.76 -13.54 10.06
C ILE B 103 35.48 -12.16 9.47
N ARG B 104 36.37 -11.70 8.59
CA ARG B 104 36.18 -10.47 7.84
C ARG B 104 36.51 -10.71 6.38
N GLY B 105 35.91 -9.92 5.49
CA GLY B 105 36.25 -10.05 4.08
C GLY B 105 35.36 -9.21 3.19
N VAL B 106 35.31 -9.60 1.91
CA VAL B 106 34.65 -8.83 0.87
C VAL B 106 33.69 -9.73 0.10
N LEU B 107 32.48 -9.22 -0.13
CA LEU B 107 31.42 -9.95 -0.81
C LEU B 107 30.95 -9.17 -2.02
N ASP B 108 30.62 -9.89 -3.09
CA ASP B 108 30.09 -9.33 -4.32
C ASP B 108 28.85 -10.15 -4.67
N ARG B 109 27.68 -9.54 -4.56
CA ARG B 109 26.43 -10.26 -4.67
C ARG B 109 25.96 -10.45 -6.11
N GLY B 110 26.68 -9.91 -7.10
CA GLY B 110 26.36 -10.15 -8.49
C GLY B 110 25.40 -9.13 -9.06
N PRO B 111 25.22 -9.15 -10.38
CA PRO B 111 24.32 -8.18 -11.01
C PRO B 111 22.86 -8.55 -10.97
N THR B 112 22.50 -9.70 -10.41
CA THR B 112 21.12 -10.13 -10.31
C THR B 112 20.52 -9.77 -8.96
N PHE B 113 20.97 -8.70 -8.35
CA PHE B 113 20.57 -8.32 -7.01
C PHE B 113 19.64 -7.12 -7.12
N LYS B 114 18.39 -7.30 -6.68
CA LYS B 114 17.40 -6.23 -6.68
C LYS B 114 16.52 -6.41 -5.45
N PRO B 115 16.76 -5.63 -4.40
CA PRO B 115 16.04 -5.81 -3.13
C PRO B 115 14.73 -5.06 -2.97
N TYR B 116 14.13 -4.53 -4.03
CA TYR B 116 12.91 -3.76 -3.87
C TYR B 116 11.95 -4.03 -5.01
N SER B 117 10.66 -4.05 -4.68
CA SER B 117 9.62 -4.17 -5.69
C SER B 117 9.39 -2.83 -6.36
N GLY B 118 8.94 -2.87 -7.61
CA GLY B 118 8.76 -1.62 -8.31
C GLY B 118 10.10 -1.06 -8.74
N THR B 119 10.09 0.22 -9.09
CA THR B 119 11.28 0.91 -9.56
C THR B 119 11.49 2.18 -8.75
N ALA B 120 12.54 2.91 -9.09
CA ALA B 120 12.90 4.12 -8.38
C ALA B 120 12.87 5.38 -9.23
N TYR B 121 13.15 5.29 -10.52
CA TYR B 121 13.23 6.45 -11.39
C TYR B 121 11.91 6.64 -12.11
N ASN B 122 11.37 7.85 -12.05
CA ASN B 122 10.12 8.19 -12.73
C ASN B 122 9.02 7.19 -12.41
N ALA B 123 8.83 6.96 -11.12
CA ALA B 123 7.88 5.93 -10.71
C ALA B 123 6.44 6.31 -10.97
N LEU B 124 6.14 7.60 -11.14
CA LEU B 124 4.75 8.03 -11.24
C LEU B 124 4.23 8.13 -12.66
N ALA B 125 5.11 8.23 -13.65
CA ALA B 125 4.66 8.41 -15.01
C ALA B 125 3.89 7.18 -15.49
N PRO B 126 2.93 7.36 -16.38
CA PRO B 126 2.21 6.22 -16.93
C PRO B 126 3.15 5.32 -17.73
N LYS B 127 2.83 4.03 -17.75
CA LYS B 127 3.76 3.06 -18.30
C LYS B 127 3.87 3.12 -19.81
N GLY B 128 3.05 3.92 -20.49
CA GLY B 128 3.17 4.04 -21.93
C GLY B 128 3.73 5.37 -22.38
N ALA B 129 3.86 6.31 -21.46
CA ALA B 129 4.21 7.67 -21.84
C ALA B 129 5.64 7.72 -22.36
N PRO B 130 5.88 8.32 -23.52
CA PRO B 130 7.23 8.36 -24.09
C PRO B 130 7.98 9.64 -23.74
N ASN B 131 9.30 9.53 -23.79
CA ASN B 131 10.15 10.71 -23.69
C ASN B 131 10.07 11.54 -24.96
N PRO B 132 10.32 12.84 -24.88
CA PRO B 132 10.38 13.64 -26.11
C PRO B 132 11.48 13.13 -27.02
N CYS B 133 11.21 13.10 -28.32
CA CYS B 133 12.15 12.47 -29.23
C CYS B 133 12.02 13.08 -30.62
N GLU B 134 13.03 12.79 -31.44
CA GLU B 134 13.05 13.13 -32.86
C GLU B 134 13.55 11.91 -33.61
N TRP B 135 12.92 11.59 -34.73
CA TRP B 135 13.33 10.43 -35.51
C TRP B 135 13.17 10.72 -36.99
N ASP B 136 13.37 9.69 -37.81
CA ASP B 136 13.43 9.83 -39.25
C ASP B 136 12.41 8.94 -39.94
N GLU B 137 11.85 9.45 -41.03
CA GLU B 137 10.88 8.72 -41.83
C GLU B 137 11.13 9.01 -43.30
N ALA B 138 10.38 8.34 -44.16
CA ALA B 138 10.51 8.54 -45.60
C ALA B 138 9.93 9.88 -46.02
N GLN B 164 14.64 11.15 -46.81
CA GLN B 164 14.51 11.08 -45.36
C GLN B 164 14.15 12.45 -44.78
N LYS B 165 13.22 12.46 -43.84
CA LYS B 165 12.83 13.68 -43.16
C LYS B 165 12.64 13.39 -41.67
N THR B 166 12.81 14.43 -40.86
CA THR B 166 12.80 14.29 -39.41
C THR B 166 11.45 14.72 -38.84
N HIS B 167 10.99 13.97 -37.85
CA HIS B 167 9.77 14.27 -37.12
C HIS B 167 10.11 14.47 -35.65
N VAL B 168 9.38 15.38 -34.99
CA VAL B 168 9.66 15.83 -33.64
C VAL B 168 8.40 15.71 -32.80
N PHE B 169 8.52 15.10 -31.63
CA PHE B 169 7.42 14.99 -30.69
C PHE B 169 7.94 15.36 -29.32
N GLY B 170 7.30 16.32 -28.67
CA GLY B 170 7.84 16.82 -27.43
C GLY B 170 6.93 17.80 -26.73
N GLN B 171 7.50 18.53 -25.77
CA GLN B 171 6.76 19.39 -24.89
C GLN B 171 7.64 20.57 -24.50
N ALA B 172 7.03 21.66 -24.07
CA ALA B 172 7.76 22.86 -23.69
C ALA B 172 6.93 23.64 -22.69
N PRO B 173 7.22 23.50 -21.40
CA PRO B 173 6.39 24.16 -20.38
C PRO B 173 6.85 25.56 -20.01
N TYR B 174 8.12 25.87 -20.22
CA TYR B 174 8.66 27.12 -19.70
C TYR B 174 8.03 28.31 -20.40
N SER B 175 7.92 29.42 -19.68
CA SER B 175 7.39 30.66 -20.21
C SER B 175 8.40 31.77 -20.06
N GLY B 176 8.60 32.54 -21.13
CA GLY B 176 9.61 33.58 -21.12
C GLY B 176 9.08 34.96 -21.46
N ILE B 177 9.91 35.77 -22.09
CA ILE B 177 9.52 37.13 -22.45
C ILE B 177 9.57 37.29 -23.96
N ASN B 178 10.76 37.12 -24.54
CA ASN B 178 10.98 37.38 -25.95
C ASN B 178 12.05 36.42 -26.46
N ILE B 179 12.01 36.15 -27.76
CA ILE B 179 12.90 35.19 -28.39
C ILE B 179 13.74 35.90 -29.44
N THR B 180 15.04 35.68 -29.40
CA THR B 180 15.96 36.12 -30.45
C THR B 180 16.86 34.95 -30.79
N LYS B 181 17.75 35.16 -31.75
CA LYS B 181 18.59 34.07 -32.23
C LYS B 181 19.64 33.65 -31.21
N GLU B 182 19.62 34.18 -30.00
CA GLU B 182 20.54 33.79 -28.96
C GLU B 182 19.88 32.94 -27.87
N GLY B 183 18.59 32.70 -27.96
CA GLY B 183 17.91 31.90 -26.96
C GLY B 183 16.57 32.48 -26.58
N ILE B 184 16.16 32.28 -25.33
CA ILE B 184 14.92 32.82 -24.80
C ILE B 184 15.26 33.66 -23.58
N GLN B 185 14.81 34.91 -23.59
CA GLN B 185 15.14 35.83 -22.51
C GLN B 185 14.51 35.34 -21.21
N ILE B 186 15.28 35.37 -20.12
CA ILE B 186 14.78 34.95 -18.82
C ILE B 186 14.94 36.03 -17.77
N GLY B 187 15.09 37.28 -18.18
CA GLY B 187 15.22 38.35 -17.23
C GLY B 187 16.12 39.45 -17.78
N VAL B 188 16.16 40.55 -17.04
CA VAL B 188 16.94 41.72 -17.41
C VAL B 188 18.00 41.95 -16.35
N GLU B 189 19.25 42.06 -16.77
CA GLU B 189 20.35 42.42 -15.88
C GLU B 189 20.59 43.91 -16.05
N GLY B 190 19.77 44.71 -15.36
CA GLY B 190 19.77 46.13 -15.60
C GLY B 190 18.93 46.45 -16.81
N GLN B 191 19.58 46.76 -17.92
CA GLN B 191 18.90 46.94 -19.19
C GLN B 191 19.27 45.89 -20.23
N THR B 192 20.43 45.26 -20.10
CA THR B 192 20.84 44.23 -21.04
C THR B 192 19.98 42.99 -20.85
N PRO B 193 19.37 42.46 -21.91
CA PRO B 193 18.63 41.19 -21.77
C PRO B 193 19.57 40.07 -21.39
N LYS B 194 19.05 39.12 -20.62
CA LYS B 194 19.80 37.95 -20.19
C LYS B 194 19.15 36.70 -20.76
N TYR B 195 19.96 35.83 -21.34
CA TYR B 195 19.48 34.66 -22.06
C TYR B 195 19.84 33.39 -21.30
N ALA B 196 19.21 32.29 -21.72
CA ALA B 196 19.36 31.02 -21.02
C ALA B 196 20.77 30.48 -21.15
N ASP B 197 21.16 29.68 -20.16
CA ASP B 197 22.48 29.03 -20.17
C ASP B 197 22.31 27.60 -20.64
N LYS B 198 22.67 27.34 -21.90
CA LYS B 198 22.22 26.14 -22.59
C LYS B 198 22.64 24.85 -21.91
N THR B 199 23.67 24.86 -21.07
CA THR B 199 24.10 23.63 -20.43
C THR B 199 23.07 23.05 -19.49
N PHE B 200 22.36 23.87 -18.71
CA PHE B 200 21.43 23.36 -17.73
C PHE B 200 20.14 24.18 -17.64
N GLN B 201 19.90 25.01 -18.64
CA GLN B 201 18.74 25.91 -18.60
C GLN B 201 17.52 25.19 -19.13
N PRO B 202 16.41 25.88 -19.37
CA PRO B 202 15.18 25.56 -18.66
C PRO B 202 15.03 24.11 -18.31
N GLU B 203 14.84 23.87 -17.08
CA GLU B 203 14.89 22.59 -16.39
C GLU B 203 13.64 21.79 -16.70
N PRO B 204 13.74 20.48 -16.64
CA PRO B 204 12.58 19.64 -16.94
C PRO B 204 11.52 19.71 -15.86
N GLN B 205 11.71 20.57 -14.86
CA GLN B 205 10.84 20.58 -13.70
C GLN B 205 10.09 21.89 -13.48
N ILE B 206 10.61 23.02 -13.91
CA ILE B 206 9.97 24.31 -13.70
C ILE B 206 8.87 24.48 -14.73
N GLY B 207 7.68 24.80 -14.28
CA GLY B 207 6.56 25.01 -15.19
C GLY B 207 5.72 26.22 -14.82
N GLU B 208 4.46 26.21 -15.22
CA GLU B 208 3.53 27.27 -14.88
C GLU B 208 2.69 26.88 -13.67
N SER B 209 2.27 27.88 -12.91
CA SER B 209 1.65 27.65 -11.62
C SER B 209 0.13 27.75 -11.64
N GLN B 210 -0.43 28.84 -12.16
CA GLN B 210 -1.87 29.00 -12.11
C GLN B 210 -2.56 27.99 -13.02
N TRP B 211 -3.64 27.39 -12.51
CA TRP B 211 -4.30 26.31 -13.22
C TRP B 211 -5.17 26.83 -14.37
N TYR B 212 -5.83 27.97 -14.18
CA TYR B 212 -6.69 28.49 -15.23
C TYR B 212 -5.86 28.90 -16.44
N GLU B 213 -6.43 28.72 -17.62
CA GLU B 213 -5.68 28.87 -18.87
C GLU B 213 -5.27 30.33 -19.07
N THR B 214 -3.97 30.57 -19.08
CA THR B 214 -3.42 31.86 -19.47
C THR B 214 -2.94 31.77 -20.93
N GLU B 215 -2.22 32.78 -21.39
CA GLU B 215 -1.66 32.81 -22.73
C GLU B 215 -0.15 32.76 -22.63
N ILE B 216 0.46 31.92 -23.46
CA ILE B 216 1.91 31.77 -23.52
C ILE B 216 2.36 31.96 -24.95
N ASN B 217 3.38 32.79 -25.15
CA ASN B 217 3.82 33.12 -26.49
C ASN B 217 5.31 32.91 -26.75
N HIS B 218 6.09 32.51 -25.76
CA HIS B 218 7.53 32.37 -25.93
C HIS B 218 8.05 31.14 -25.21
N ALA B 219 7.39 30.01 -25.40
CA ALA B 219 7.74 28.82 -24.63
C ALA B 219 9.06 28.19 -25.08
N ALA B 220 9.65 27.40 -24.19
CA ALA B 220 10.90 26.72 -24.46
C ALA B 220 10.89 25.35 -23.77
N GLY B 221 11.78 24.47 -24.22
CA GLY B 221 11.81 23.12 -23.71
C GLY B 221 13.07 22.38 -24.12
N ARG B 222 13.09 21.08 -23.82
CA ARG B 222 14.24 20.22 -24.12
C ARG B 222 13.80 18.93 -24.80
N VAL B 223 14.61 18.46 -25.76
CA VAL B 223 14.41 17.19 -26.44
C VAL B 223 15.77 16.54 -26.70
N LEU B 224 15.73 15.24 -27.00
CA LEU B 224 16.92 14.46 -27.29
C LEU B 224 17.07 14.28 -28.80
N LYS B 225 18.31 14.26 -29.26
CA LYS B 225 18.58 14.05 -30.66
C LYS B 225 18.20 12.64 -31.10
N LYS B 226 18.23 12.41 -32.40
CA LYS B 226 17.82 11.11 -32.93
C LYS B 226 18.87 10.04 -32.73
N THR B 227 20.13 10.41 -32.48
CA THR B 227 21.17 9.41 -32.29
C THR B 227 20.90 8.57 -31.04
N THR B 228 20.46 9.21 -29.97
CA THR B 228 20.18 8.50 -28.73
C THR B 228 18.98 7.58 -28.92
N PRO B 229 19.02 6.36 -28.39
CA PRO B 229 17.89 5.45 -28.58
C PRO B 229 16.64 5.96 -27.88
N MET B 230 15.56 5.21 -28.02
CA MET B 230 14.26 5.63 -27.51
C MET B 230 13.76 4.63 -26.47
N LYS B 231 13.42 5.14 -25.30
CA LYS B 231 12.90 4.34 -24.20
C LYS B 231 11.69 5.03 -23.60
N PRO B 232 10.80 4.28 -22.95
CA PRO B 232 9.68 4.92 -22.27
C PRO B 232 10.14 5.74 -21.09
N CYS B 233 9.28 6.64 -20.65
CA CYS B 233 9.63 7.51 -19.52
C CYS B 233 9.75 6.69 -18.24
N TYR B 234 8.87 5.72 -18.05
CA TYR B 234 8.89 4.88 -16.86
C TYR B 234 10.25 4.23 -16.68
N GLY B 235 10.95 4.61 -15.61
CA GLY B 235 12.21 3.98 -15.30
C GLY B 235 13.29 4.27 -16.33
N SER B 236 13.74 5.51 -16.40
CA SER B 236 14.79 5.91 -17.32
C SER B 236 15.74 6.87 -16.60
N TYR B 237 17.03 6.63 -16.73
CA TYR B 237 18.02 7.37 -15.97
C TYR B 237 19.21 7.69 -16.85
N ALA B 238 19.91 8.77 -16.53
CA ALA B 238 21.08 9.18 -17.27
C ALA B 238 21.92 10.08 -16.39
N LYS B 239 23.16 9.70 -16.13
CA LYS B 239 23.97 10.39 -15.15
C LYS B 239 24.15 11.86 -15.52
N PRO B 240 24.22 12.73 -14.52
CA PRO B 240 24.54 14.13 -14.80
C PRO B 240 26.01 14.31 -15.13
N THR B 241 26.31 15.44 -15.78
CA THR B 241 27.69 15.67 -16.21
C THR B 241 28.17 17.09 -15.97
N ASN B 242 27.62 17.78 -14.97
CA ASN B 242 28.15 19.07 -14.56
C ASN B 242 27.64 19.38 -13.16
N GLU B 243 28.17 20.45 -12.58
CA GLU B 243 27.82 20.80 -11.20
C GLU B 243 26.35 21.15 -11.07
N ASN B 244 25.82 21.92 -12.02
CA ASN B 244 24.48 22.48 -11.87
C ASN B 244 23.38 21.45 -12.02
N GLY B 245 23.68 20.25 -12.49
CA GLY B 245 22.69 19.19 -12.54
C GLY B 245 22.10 18.91 -13.89
N GLY B 246 22.69 19.42 -14.98
CA GLY B 246 22.21 19.12 -16.30
C GLY B 246 22.97 17.97 -16.92
N GLN B 247 22.27 17.17 -17.70
CA GLN B 247 22.84 15.99 -18.34
C GLN B 247 23.04 16.25 -19.82
N GLY B 248 24.22 15.88 -20.32
CA GLY B 248 24.53 16.03 -21.73
C GLY B 248 25.93 15.55 -22.00
N ILE B 249 26.11 14.78 -23.08
CA ILE B 249 27.40 14.15 -23.33
C ILE B 249 28.43 15.20 -23.68
N LEU B 250 29.59 15.12 -23.03
CA LEU B 250 30.72 15.99 -23.35
C LEU B 250 31.65 15.27 -24.30
N VAL B 251 31.99 15.93 -25.40
CA VAL B 251 32.93 15.40 -26.37
C VAL B 251 34.02 16.43 -26.59
N LYS B 252 35.27 16.02 -26.44
CA LYS B 252 36.37 16.96 -26.47
C LYS B 252 36.77 17.28 -27.92
N GLN B 253 37.42 18.42 -28.07
CA GLN B 253 37.98 18.84 -29.34
C GLN B 253 39.45 18.44 -29.41
N GLN B 254 40.04 18.60 -30.60
CA GLN B 254 41.44 18.26 -30.79
C GLN B 254 42.37 19.24 -30.07
N ASN B 255 41.83 20.33 -29.53
CA ASN B 255 42.64 21.35 -28.88
C ASN B 255 42.48 21.35 -27.37
N GLY B 256 42.09 20.21 -26.78
CA GLY B 256 41.92 20.20 -25.34
C GLY B 256 40.52 19.93 -24.82
N LYS B 257 39.87 20.99 -24.34
CA LYS B 257 38.75 20.95 -23.41
C LYS B 257 37.60 20.04 -23.82
N LEU B 258 36.75 19.71 -22.86
CA LEU B 258 35.63 18.79 -23.01
C LEU B 258 34.30 19.52 -23.14
N GLU B 259 34.22 20.59 -23.92
CA GLU B 259 33.02 21.40 -23.93
C GLU B 259 31.83 20.61 -24.49
N SER B 260 30.63 21.11 -24.19
CA SER B 260 29.40 20.42 -24.51
C SER B 260 28.99 20.67 -25.96
N GLN B 261 27.87 20.08 -26.35
CA GLN B 261 27.31 20.25 -27.68
C GLN B 261 25.79 20.16 -27.56
N VAL B 262 25.13 21.31 -27.51
CA VAL B 262 23.68 21.40 -27.42
C VAL B 262 23.21 22.37 -28.48
N GLU B 263 22.19 21.98 -29.24
CA GLU B 263 21.74 22.83 -30.33
C GLU B 263 20.36 23.40 -30.03
N MET B 264 20.05 24.51 -30.68
CA MET B 264 18.77 25.16 -30.52
C MET B 264 17.96 25.00 -31.81
N GLN B 265 16.67 24.73 -31.66
CA GLN B 265 15.77 24.58 -32.79
C GLN B 265 14.53 25.41 -32.56
N PHE B 266 14.10 26.15 -33.58
CA PHE B 266 13.03 27.10 -33.46
C PHE B 266 11.78 26.61 -34.18
N PHE B 267 10.62 27.07 -33.73
CA PHE B 267 9.36 26.73 -34.37
C PHE B 267 8.41 27.91 -34.28
N SER B 268 7.60 28.08 -35.31
CA SER B 268 6.58 29.12 -35.36
C SER B 268 5.30 28.55 -35.95
N THR B 269 4.23 29.34 -35.84
CA THR B 269 2.90 28.88 -36.21
C THR B 269 2.80 28.63 -37.71
N THR B 270 1.87 27.74 -38.10
CA THR B 270 1.72 27.40 -39.50
C THR B 270 1.27 28.59 -40.32
N GLU B 271 0.31 29.36 -39.82
CA GLU B 271 -0.11 30.55 -40.56
C GLU B 271 0.92 31.66 -40.45
N ALA B 272 1.76 31.61 -39.42
CA ALA B 272 2.81 32.62 -39.29
C ALA B 272 3.77 32.55 -40.46
N THR B 273 4.11 31.34 -40.92
CA THR B 273 4.99 31.21 -42.07
C THR B 273 4.19 31.33 -43.37
N ALA B 274 3.44 32.41 -43.49
CA ALA B 274 2.73 32.73 -44.72
C ALA B 274 3.01 34.15 -45.20
N GLY B 275 3.15 35.10 -44.28
CA GLY B 275 3.36 36.49 -44.63
C GLY B 275 4.78 36.78 -45.05
N ASN B 276 5.23 37.99 -44.75
CA ASN B 276 6.57 38.43 -45.12
C ASN B 276 7.06 39.50 -44.14
N GLY B 277 8.31 39.36 -43.73
CA GLY B 277 9.00 40.39 -42.97
C GLY B 277 8.65 40.41 -41.50
N ASP B 278 7.48 40.93 -41.18
CA ASP B 278 6.95 40.92 -39.82
C ASP B 278 6.34 39.58 -39.44
N ASN B 279 6.25 38.68 -40.42
CA ASN B 279 5.43 37.48 -40.26
C ASN B 279 6.01 36.54 -39.22
N LEU B 280 7.32 36.47 -39.09
CA LEU B 280 7.91 35.25 -38.56
C LEU B 280 8.67 35.42 -37.25
N THR B 281 8.08 36.08 -36.28
CA THR B 281 8.65 35.97 -34.94
C THR B 281 8.44 34.54 -34.45
N PRO B 282 9.49 33.85 -34.03
CA PRO B 282 9.30 32.46 -33.58
C PRO B 282 8.48 32.40 -32.32
N LYS B 283 7.91 31.22 -32.06
CA LYS B 283 7.05 31.03 -30.90
C LYS B 283 7.59 30.03 -29.90
N VAL B 284 8.24 28.95 -30.33
CA VAL B 284 8.70 27.92 -29.42
C VAL B 284 10.16 27.64 -29.70
N VAL B 285 10.95 27.45 -28.64
CA VAL B 285 12.36 27.12 -28.75
C VAL B 285 12.60 25.80 -28.04
N LEU B 286 13.25 24.87 -28.72
CA LEU B 286 13.64 23.60 -28.14
C LEU B 286 15.15 23.52 -28.09
N TYR B 287 15.67 22.95 -27.00
CA TYR B 287 17.08 22.66 -26.87
C TYR B 287 17.27 21.16 -27.06
N SER B 288 18.07 20.79 -28.04
CA SER B 288 18.29 19.40 -28.40
C SER B 288 19.65 18.96 -27.90
N GLU B 289 19.67 17.83 -27.20
CA GLU B 289 20.89 17.27 -26.64
C GLU B 289 20.87 15.76 -26.82
N ASP B 290 21.76 15.06 -26.13
CA ASP B 290 21.79 13.61 -26.15
C ASP B 290 22.46 13.12 -24.88
N VAL B 291 21.87 12.10 -24.27
CA VAL B 291 22.25 11.66 -22.94
C VAL B 291 22.55 10.17 -22.95
N ASP B 292 23.32 9.73 -21.96
CA ASP B 292 23.72 8.34 -21.80
C ASP B 292 22.58 7.57 -21.12
N ILE B 293 21.49 7.42 -21.86
CA ILE B 293 20.26 6.87 -21.28
C ILE B 293 20.43 5.38 -21.04
N GLU B 294 19.90 4.91 -19.91
CA GLU B 294 19.90 3.49 -19.58
C GLU B 294 18.76 3.21 -18.62
N THR B 295 18.33 1.95 -18.59
CA THR B 295 17.23 1.50 -17.73
C THR B 295 17.75 0.39 -16.83
N PRO B 296 18.09 0.71 -15.58
CA PRO B 296 18.83 -0.26 -14.75
C PRO B 296 17.97 -1.27 -14.02
N ASP B 297 16.64 -1.13 -14.00
CA ASP B 297 15.84 -2.09 -13.26
C ASP B 297 14.54 -2.50 -13.95
N THR B 298 14.28 -2.06 -15.17
CA THR B 298 13.05 -2.40 -15.87
C THR B 298 13.37 -2.95 -17.25
N HIS B 299 12.44 -3.72 -17.80
CA HIS B 299 12.58 -4.28 -19.13
C HIS B 299 11.37 -3.92 -19.96
N ILE B 300 11.37 -4.40 -21.21
CA ILE B 300 10.31 -4.10 -22.16
C ILE B 300 9.29 -5.22 -22.12
N SER B 301 8.01 -4.87 -22.02
CA SER B 301 6.96 -5.86 -21.99
C SER B 301 6.09 -5.85 -23.24
N TYR B 302 6.45 -5.05 -24.24
CA TYR B 302 5.77 -5.10 -25.54
C TYR B 302 6.65 -4.43 -26.58
N MET B 303 7.13 -5.19 -27.56
CA MET B 303 7.92 -4.66 -28.66
C MET B 303 7.13 -4.79 -29.95
N PRO B 304 6.68 -3.68 -30.55
CA PRO B 304 5.84 -3.81 -31.74
C PRO B 304 6.57 -4.33 -32.97
N THR B 305 7.82 -3.91 -33.17
CA THR B 305 8.54 -4.28 -34.38
C THR B 305 9.94 -4.73 -34.03
N ILE B 306 10.43 -5.74 -34.77
CA ILE B 306 11.73 -6.32 -34.50
C ILE B 306 12.88 -5.55 -35.14
N LYS B 307 12.60 -4.42 -35.78
CA LYS B 307 13.64 -3.65 -36.44
C LYS B 307 14.59 -3.03 -35.41
N GLU B 308 15.58 -2.30 -35.90
CA GLU B 308 16.53 -1.59 -35.07
C GLU B 308 16.47 -0.10 -35.40
N GLY B 309 17.35 0.67 -34.78
CA GLY B 309 17.33 2.10 -34.99
C GLY B 309 16.08 2.72 -34.37
N ASN B 310 15.70 3.88 -34.88
CA ASN B 310 14.51 4.58 -34.43
C ASN B 310 13.55 4.75 -35.59
N SER B 311 12.32 4.29 -35.42
CA SER B 311 11.31 4.40 -36.46
C SER B 311 9.98 4.72 -35.81
N ARG B 312 8.98 4.97 -36.67
CA ARG B 312 7.68 5.40 -36.16
C ARG B 312 7.07 4.36 -35.23
N GLU B 313 7.16 3.08 -35.59
CA GLU B 313 6.49 2.04 -34.81
C GLU B 313 7.02 2.00 -33.38
N LEU B 314 8.34 2.12 -33.21
CA LEU B 314 8.97 1.96 -31.91
C LEU B 314 8.37 2.85 -30.84
N MET B 315 7.59 3.86 -31.21
CA MET B 315 6.99 4.73 -30.22
C MET B 315 5.96 4.03 -29.36
N GLY B 316 5.53 2.83 -29.73
CA GLY B 316 4.46 2.19 -28.99
C GLY B 316 4.88 1.29 -27.84
N GLN B 317 6.17 1.12 -27.59
CA GLN B 317 6.60 0.11 -26.65
C GLN B 317 6.23 0.50 -25.21
N GLN B 318 6.18 -0.51 -24.34
CA GLN B 318 5.81 -0.32 -22.94
C GLN B 318 6.84 -1.00 -22.05
N SER B 319 7.02 -0.46 -20.86
CA SER B 319 8.02 -0.94 -19.93
C SER B 319 7.36 -1.62 -18.74
N MET B 320 8.19 -2.27 -17.91
CA MET B 320 7.69 -2.99 -16.74
C MET B 320 8.85 -3.36 -15.83
N PRO B 321 8.67 -3.31 -14.51
CA PRO B 321 9.79 -3.49 -13.59
C PRO B 321 10.22 -4.95 -13.47
N ASN B 322 11.49 -5.14 -13.10
CA ASN B 322 12.05 -6.46 -12.90
C ASN B 322 11.63 -7.04 -11.56
N ARG B 323 11.64 -8.37 -11.47
CA ARG B 323 11.21 -9.03 -10.26
C ARG B 323 12.19 -8.76 -9.13
N PRO B 324 11.72 -8.67 -7.89
CA PRO B 324 12.62 -8.42 -6.77
C PRO B 324 13.30 -9.69 -6.32
N ASN B 325 14.53 -9.54 -5.83
CA ASN B 325 15.37 -10.71 -5.59
C ASN B 325 16.41 -10.38 -4.53
N TYR B 326 16.21 -10.86 -3.31
CA TYR B 326 17.16 -10.66 -2.22
C TYR B 326 18.24 -11.73 -2.24
N ILE B 327 19.39 -11.40 -1.63
CA ILE B 327 20.51 -12.33 -1.52
C ILE B 327 21.27 -12.00 -0.24
N ALA B 328 21.53 -13.00 0.59
CA ALA B 328 22.22 -12.79 1.85
C ALA B 328 22.76 -14.11 2.37
N PHE B 329 23.44 -14.05 3.50
CA PHE B 329 23.87 -15.25 4.20
C PHE B 329 22.66 -16.05 4.67
N ARG B 330 22.89 -17.31 5.02
CA ARG B 330 21.80 -18.17 5.42
C ARG B 330 21.43 -17.88 6.88
N ASP B 331 20.58 -18.74 7.42
CA ASP B 331 20.29 -18.72 8.85
C ASP B 331 21.41 -19.43 9.59
N ASN B 332 21.78 -18.87 10.74
CA ASN B 332 22.82 -19.44 11.60
C ASN B 332 24.08 -19.77 10.82
N PHE B 333 24.32 -19.06 9.72
CA PHE B 333 25.50 -19.27 8.89
C PHE B 333 25.64 -20.72 8.47
N ILE B 334 24.52 -21.36 8.16
CA ILE B 334 24.57 -22.75 7.74
C ILE B 334 25.48 -22.89 6.53
N GLY B 335 26.25 -23.97 6.49
CA GLY B 335 27.11 -24.25 5.37
C GLY B 335 28.45 -23.54 5.42
N LEU B 336 28.68 -22.68 6.40
CA LEU B 336 29.94 -21.97 6.47
C LEU B 336 31.06 -22.79 7.10
N MET B 337 30.74 -23.89 7.77
CA MET B 337 31.74 -24.77 8.33
C MET B 337 31.45 -26.20 7.89
N TYR B 338 32.51 -26.97 7.64
CA TYR B 338 32.33 -28.35 7.23
C TYR B 338 31.95 -29.22 8.42
N TYR B 339 30.91 -30.03 8.26
CA TYR B 339 30.57 -31.06 9.22
C TYR B 339 30.28 -32.35 8.47
N ASN B 340 30.50 -33.47 9.17
CA ASN B 340 30.09 -34.78 8.68
C ASN B 340 30.68 -35.09 7.32
N SER B 341 31.91 -34.65 7.09
CA SER B 341 32.61 -34.92 5.84
C SER B 341 33.98 -35.45 6.18
N THR B 342 34.20 -36.74 5.90
CA THR B 342 35.46 -37.37 6.27
C THR B 342 36.65 -36.76 5.55
N GLY B 343 36.41 -36.00 4.47
CA GLY B 343 37.51 -35.35 3.80
C GLY B 343 38.14 -34.24 4.63
N ASN B 344 37.32 -33.47 5.33
CA ASN B 344 37.78 -32.25 6.01
C ASN B 344 37.33 -32.23 7.45
N MET B 345 37.50 -33.34 8.16
CA MET B 345 37.08 -33.40 9.54
C MET B 345 37.89 -32.44 10.40
N GLY B 346 37.25 -31.85 11.40
CA GLY B 346 37.94 -30.93 12.28
C GLY B 346 38.79 -31.64 13.31
N VAL B 347 39.60 -30.87 14.02
CA VAL B 347 40.49 -31.43 15.03
C VAL B 347 40.48 -30.56 16.27
N LEU B 348 40.32 -31.19 17.43
CA LEU B 348 40.51 -30.56 18.74
C LEU B 348 41.21 -31.59 19.60
N ALA B 349 42.49 -31.39 19.87
CA ALA B 349 43.22 -32.46 20.55
C ALA B 349 44.37 -31.91 21.35
N GLY B 350 44.82 -32.70 22.33
CA GLY B 350 45.97 -32.31 23.11
C GLY B 350 47.20 -32.16 22.23
N GLN B 351 47.98 -31.12 22.51
CA GLN B 351 49.09 -30.78 21.62
C GLN B 351 50.09 -31.92 21.52
N ALA B 352 50.40 -32.58 22.62
CA ALA B 352 51.38 -33.65 22.59
C ALA B 352 50.84 -34.93 21.95
N SER B 353 49.58 -35.27 22.23
CA SER B 353 49.08 -36.57 21.85
C SER B 353 48.89 -36.66 20.33
N GLN B 354 48.75 -37.90 19.85
CA GLN B 354 48.52 -38.16 18.44
C GLN B 354 47.09 -38.54 18.13
N LEU B 355 46.16 -38.43 19.06
CA LEU B 355 44.82 -38.95 18.87
C LEU B 355 43.79 -37.84 18.91
N ASN B 356 42.94 -37.79 17.89
CA ASN B 356 41.89 -36.80 17.82
C ASN B 356 40.86 -37.04 18.90
N ALA B 357 40.04 -36.03 19.15
CA ALA B 357 38.93 -36.14 20.09
C ALA B 357 37.59 -35.86 19.43
N VAL B 358 37.55 -35.73 18.11
CA VAL B 358 36.31 -35.51 17.38
C VAL B 358 36.21 -36.57 16.30
N VAL B 359 35.18 -37.40 16.38
CA VAL B 359 34.98 -38.50 15.44
C VAL B 359 33.62 -38.31 14.78
N ASP B 360 33.62 -38.04 13.48
CA ASP B 360 32.42 -37.66 12.77
C ASP B 360 32.16 -38.65 11.63
N LEU B 361 30.93 -39.15 11.58
CA LEU B 361 30.52 -40.09 10.55
C LEU B 361 29.94 -39.33 9.36
N GLN B 362 29.34 -40.08 8.43
CA GLN B 362 28.77 -39.50 7.23
C GLN B 362 27.28 -39.21 7.35
N ASP B 363 26.54 -40.01 8.10
CA ASP B 363 25.09 -39.86 8.19
C ASP B 363 24.66 -39.35 9.56
N ARG B 364 25.46 -38.50 10.19
CA ARG B 364 25.01 -37.75 11.35
C ARG B 364 24.73 -36.32 10.90
N ASN B 365 23.47 -35.92 10.95
CA ASN B 365 23.05 -34.61 10.49
C ASN B 365 23.16 -33.62 11.64
N THR B 366 24.00 -32.59 11.52
CA THR B 366 24.25 -31.67 12.64
C THR B 366 23.60 -30.33 12.59
N GLU B 367 23.47 -29.79 11.40
CA GLU B 367 22.84 -28.53 11.26
C GLU B 367 21.38 -28.63 11.62
N LEU B 368 20.72 -29.60 11.06
CA LEU B 368 19.32 -29.77 11.35
C LEU B 368 19.18 -29.82 12.83
N SER B 369 20.14 -30.36 13.55
CA SER B 369 19.93 -30.52 14.99
C SER B 369 20.03 -29.24 15.76
N TYR B 370 21.07 -28.48 15.57
CA TYR B 370 21.11 -27.21 16.25
C TYR B 370 19.77 -26.53 16.10
N GLN B 371 19.10 -26.66 14.97
CA GLN B 371 17.87 -25.91 14.78
C GLN B 371 16.79 -26.41 15.68
N LEU B 372 16.48 -27.67 15.61
CA LEU B 372 15.52 -28.18 16.53
C LEU B 372 15.89 -27.80 17.97
N LEU B 373 17.16 -27.80 18.33
CA LEU B 373 17.50 -27.56 19.74
C LEU B 373 17.14 -26.18 20.09
N LEU B 374 17.52 -25.24 19.26
CA LEU B 374 17.23 -23.87 19.54
C LEU B 374 15.75 -23.86 19.75
N ASP B 375 14.99 -24.33 18.80
CA ASP B 375 13.58 -24.24 19.00
C ASP B 375 13.25 -24.63 20.39
N SER B 376 13.45 -25.89 20.69
CA SER B 376 13.03 -26.32 22.03
C SER B 376 13.46 -25.41 23.17
N ILE B 377 14.76 -25.23 23.37
CA ILE B 377 15.19 -24.50 24.56
C ILE B 377 14.72 -23.06 24.70
N GLY B 378 14.04 -22.50 23.73
CA GLY B 378 13.66 -21.11 23.87
C GLY B 378 12.77 -20.65 22.73
N ASP B 379 12.34 -19.40 22.83
CA ASP B 379 11.48 -18.82 21.81
C ASP B 379 12.25 -18.69 20.50
N ARG B 380 11.51 -18.54 19.41
CA ARG B 380 12.09 -18.60 18.08
C ARG B 380 11.76 -17.41 17.19
N THR B 381 10.61 -16.76 17.38
CA THR B 381 10.23 -15.69 16.47
C THR B 381 11.07 -14.44 16.68
N ARG B 382 11.73 -14.30 17.82
CA ARG B 382 12.55 -13.13 18.05
C ARG B 382 13.84 -13.21 17.26
N TYR B 383 14.44 -12.07 16.97
CA TYR B 383 15.62 -11.97 16.13
C TYR B 383 16.82 -11.54 16.94
N PHE B 384 17.91 -12.31 16.85
CA PHE B 384 19.17 -11.95 17.48
C PHE B 384 20.20 -11.72 16.38
N SER B 385 20.80 -10.54 16.37
CA SER B 385 21.66 -10.15 15.26
C SER B 385 23.03 -10.78 15.29
N MET B 386 23.57 -11.07 16.48
CA MET B 386 24.97 -11.51 16.56
C MET B 386 25.20 -12.80 15.80
N TRP B 387 24.36 -13.80 16.03
CA TRP B 387 24.51 -15.08 15.35
C TRP B 387 23.82 -15.11 14.00
N ASN B 388 23.39 -13.97 13.48
CA ASN B 388 22.63 -13.93 12.23
C ASN B 388 21.44 -14.86 12.31
N GLN B 389 20.69 -14.75 13.41
CA GLN B 389 19.69 -15.73 13.78
C GLN B 389 18.30 -15.17 13.51
N ALA B 390 17.74 -15.56 12.38
CA ALA B 390 16.35 -15.32 12.07
C ALA B 390 15.78 -16.59 11.49
N VAL B 391 14.46 -16.74 11.57
CA VAL B 391 13.79 -17.94 11.10
C VAL B 391 12.94 -17.57 9.89
N ASP B 392 13.14 -18.28 8.80
CA ASP B 392 12.47 -17.97 7.55
C ASP B 392 11.03 -18.47 7.58
N SER B 393 10.11 -17.62 7.12
CA SER B 393 8.70 -17.95 7.19
C SER B 393 7.99 -17.37 5.97
N TYR B 394 6.74 -17.74 5.81
CA TYR B 394 5.91 -17.26 4.72
C TYR B 394 4.64 -16.63 5.27
N ASP B 395 4.18 -15.58 4.60
CA ASP B 395 2.96 -14.92 5.03
C ASP B 395 1.81 -15.90 4.91
N PRO B 396 1.09 -16.18 6.00
CA PRO B 396 0.03 -17.20 5.93
C PRO B 396 -1.10 -16.82 5.00
N ASP B 397 -1.20 -15.56 4.59
CA ASP B 397 -2.22 -15.14 3.65
C ASP B 397 -1.77 -15.27 2.20
N VAL B 398 -0.55 -15.74 1.96
CA VAL B 398 -0.07 -16.00 0.61
C VAL B 398 -0.14 -17.47 0.27
N ARG B 399 0.26 -18.34 1.20
CA ARG B 399 0.17 -19.77 0.98
C ARG B 399 -1.27 -20.21 0.83
N ILE B 400 -2.16 -19.68 1.67
CA ILE B 400 -3.57 -20.06 1.67
C ILE B 400 -4.39 -18.84 1.30
N ILE B 401 -4.93 -18.83 0.09
CA ILE B 401 -5.80 -17.74 -0.35
C ILE B 401 -7.07 -17.75 0.47
N GLU B 402 -7.51 -16.59 0.91
CA GLU B 402 -8.77 -16.44 1.65
C GLU B 402 -9.48 -15.26 1.01
N ASN B 403 -10.30 -15.55 0.01
CA ASN B 403 -10.84 -14.53 -0.89
C ASN B 403 -12.25 -14.16 -0.45
N HIS B 404 -12.38 -13.03 0.23
CA HIS B 404 -13.67 -12.54 0.68
C HIS B 404 -14.31 -11.58 -0.30
N GLY B 405 -13.67 -11.30 -1.42
CA GLY B 405 -14.14 -10.22 -2.26
C GLY B 405 -13.64 -8.90 -1.72
N THR B 406 -14.30 -7.83 -2.12
CA THR B 406 -13.92 -6.50 -1.71
C THR B 406 -15.15 -5.67 -1.38
N GLU B 407 -14.94 -4.59 -0.63
CA GLU B 407 -16.01 -3.70 -0.22
C GLU B 407 -16.00 -2.49 -1.15
N ASP B 408 -16.91 -2.49 -2.13
CA ASP B 408 -16.96 -1.43 -3.12
C ASP B 408 -18.40 -0.98 -3.35
N GLU B 409 -19.14 -0.76 -2.27
CA GLU B 409 -20.52 -0.32 -2.39
C GLU B 409 -20.67 1.07 -2.98
N LEU B 410 -19.60 1.88 -2.99
CA LEU B 410 -19.72 3.23 -3.49
C LEU B 410 -18.79 3.46 -4.66
N PRO B 411 -19.15 4.34 -5.59
CA PRO B 411 -18.25 4.68 -6.69
C PRO B 411 -17.21 5.71 -6.26
N ASN B 412 -16.02 5.61 -6.78
CA ASN B 412 -15.02 6.55 -6.42
C ASN B 412 -14.70 7.33 -7.66
N TYR B 413 -14.95 8.63 -7.69
CA TYR B 413 -14.79 9.43 -8.88
C TYR B 413 -13.53 10.26 -8.91
N CYS B 414 -13.19 10.87 -10.05
CA CYS B 414 -12.05 11.78 -10.12
C CYS B 414 -12.48 12.98 -10.90
N PHE B 415 -12.40 14.16 -10.33
CA PHE B 415 -12.93 15.33 -10.97
C PHE B 415 -11.91 16.22 -11.64
N PRO B 416 -12.35 17.13 -12.51
CA PRO B 416 -11.40 17.95 -13.26
C PRO B 416 -10.59 18.79 -12.36
N LEU B 417 -9.35 19.07 -12.71
CA LEU B 417 -8.47 19.80 -11.80
C LEU B 417 -9.05 21.16 -11.43
N GLY B 418 -9.74 21.80 -12.35
CA GLY B 418 -10.21 23.14 -12.10
C GLY B 418 -11.63 23.28 -11.61
N GLY B 419 -12.32 22.17 -11.38
CA GLY B 419 -13.70 22.20 -10.91
C GLY B 419 -14.73 21.99 -11.99
N VAL B 420 -14.51 22.58 -13.16
CA VAL B 420 -15.39 22.39 -14.31
C VAL B 420 -14.65 22.88 -15.55
N ILE B 421 -14.86 22.20 -16.68
CA ILE B 421 -14.10 22.52 -17.88
C ILE B 421 -15.02 22.72 -19.08
N ASN B 422 -16.29 22.36 -18.94
CA ASN B 422 -17.23 22.41 -20.06
C ASN B 422 -18.09 23.65 -20.03
N THR B 423 -17.54 24.78 -19.58
CA THR B 423 -18.30 26.01 -19.48
C THR B 423 -18.79 26.47 -20.85
N GLU B 424 -19.74 27.40 -20.82
CA GLU B 424 -20.24 28.03 -22.03
C GLU B 424 -20.50 29.51 -21.76
N THR B 425 -20.49 30.29 -22.84
CA THR B 425 -20.59 31.74 -22.73
C THR B 425 -22.05 32.18 -22.63
N LEU B 426 -22.27 33.26 -21.89
CA LEU B 426 -23.60 33.81 -21.67
C LEU B 426 -23.50 35.32 -21.47
N THR B 427 -24.64 35.99 -21.62
CA THR B 427 -24.72 37.43 -21.62
C THR B 427 -25.83 37.90 -20.70
N LYS B 428 -25.55 38.94 -19.92
CA LYS B 428 -26.50 39.47 -18.95
C LYS B 428 -27.79 39.88 -19.64
N VAL B 429 -28.86 40.00 -18.84
CA VAL B 429 -30.19 40.29 -19.35
C VAL B 429 -31.01 40.86 -18.21
N LYS B 430 -31.84 41.85 -18.50
CA LYS B 430 -32.70 42.41 -17.47
C LYS B 430 -34.13 42.53 -17.98
N PRO B 431 -35.11 42.44 -17.08
CA PRO B 431 -36.51 42.46 -17.53
C PRO B 431 -36.93 43.84 -17.99
N LYS B 432 -37.53 43.88 -19.17
CA LYS B 432 -38.02 45.14 -19.72
C LYS B 432 -39.25 45.59 -18.94
N THR B 433 -39.26 46.86 -18.56
CA THR B 433 -40.39 47.42 -17.83
C THR B 433 -41.43 47.97 -18.79
N GLY B 434 -42.65 48.14 -18.27
CA GLY B 434 -43.73 48.70 -19.05
C GLY B 434 -44.35 47.76 -20.06
N GLN B 435 -44.05 46.45 -19.99
CA GLN B 435 -44.61 45.49 -20.93
C GLN B 435 -45.14 44.24 -20.26
N GLU B 436 -44.84 44.00 -18.98
CA GLU B 436 -45.21 42.82 -18.21
C GLU B 436 -44.46 41.58 -18.70
N ASN B 437 -43.69 41.69 -19.77
CA ASN B 437 -42.89 40.58 -20.31
C ASN B 437 -41.83 41.19 -21.21
N GLY B 438 -41.09 40.35 -21.91
CA GLY B 438 -40.00 40.83 -22.72
C GLY B 438 -38.83 41.30 -21.88
N TRP B 439 -37.65 41.30 -22.50
CA TRP B 439 -36.42 41.52 -21.78
C TRP B 439 -35.51 42.40 -22.63
N GLU B 440 -34.33 42.70 -22.10
CA GLU B 440 -33.39 43.53 -22.85
C GLU B 440 -31.99 43.27 -22.35
N LYS B 441 -31.02 43.73 -23.13
CA LYS B 441 -29.62 43.54 -22.78
C LYS B 441 -29.20 44.56 -21.73
N ASP B 442 -28.09 44.28 -21.06
CA ASP B 442 -27.55 45.15 -20.02
C ASP B 442 -26.04 45.03 -20.01
N ALA B 443 -25.35 46.15 -20.27
CA ALA B 443 -23.90 46.20 -20.20
C ALA B 443 -23.42 47.36 -19.34
N THR B 444 -24.29 47.95 -18.53
CA THR B 444 -23.89 49.08 -17.70
C THR B 444 -22.87 48.67 -16.66
N GLU B 445 -23.05 47.50 -16.04
CA GLU B 445 -22.17 47.07 -14.96
C GLU B 445 -21.58 45.68 -15.16
N PHE B 446 -22.23 44.80 -15.90
CA PHE B 446 -21.75 43.44 -16.08
C PHE B 446 -21.11 43.28 -17.46
N SER B 447 -19.90 42.75 -17.47
CA SER B 447 -19.26 42.43 -18.74
C SER B 447 -20.13 41.47 -19.53
N ASP B 448 -20.29 41.75 -20.82
CA ASP B 448 -21.24 41.00 -21.64
C ASP B 448 -20.81 39.57 -21.91
N LYS B 449 -19.65 39.14 -21.39
CA LYS B 449 -19.20 37.77 -21.56
C LYS B 449 -19.01 37.14 -20.19
N ASN B 450 -19.76 36.06 -19.92
CA ASN B 450 -19.62 35.31 -18.69
C ASN B 450 -19.56 33.83 -19.01
N GLU B 451 -18.93 33.06 -18.14
CA GLU B 451 -18.79 31.63 -18.32
C GLU B 451 -19.59 30.90 -17.26
N ILE B 452 -20.39 29.93 -17.69
CA ILE B 452 -21.26 29.18 -16.79
C ILE B 452 -21.41 27.77 -17.32
N ARG B 453 -21.44 26.80 -16.40
CA ARG B 453 -21.72 25.42 -16.73
C ARG B 453 -23.17 25.10 -16.42
N VAL B 454 -23.80 24.28 -17.24
CA VAL B 454 -25.17 23.83 -17.04
C VAL B 454 -25.16 22.33 -16.82
N GLY B 455 -25.98 21.86 -15.89
CA GLY B 455 -25.96 20.47 -15.51
C GLY B 455 -24.84 20.18 -14.52
N ASN B 456 -24.60 18.89 -14.31
CA ASN B 456 -23.55 18.47 -13.41
C ASN B 456 -22.19 18.76 -14.04
N ASN B 457 -21.13 18.40 -13.33
CA ASN B 457 -19.77 18.53 -13.84
C ASN B 457 -19.27 17.19 -14.35
N PHE B 458 -18.19 17.25 -15.12
CA PHE B 458 -17.66 16.07 -15.79
C PHE B 458 -16.64 15.35 -14.93
N ALA B 459 -16.87 14.06 -14.69
CA ALA B 459 -16.01 13.28 -13.81
C ALA B 459 -15.92 11.85 -14.33
N MET B 460 -14.80 11.20 -14.03
CA MET B 460 -14.56 9.84 -14.48
C MET B 460 -14.56 8.90 -13.28
N GLU B 461 -14.81 7.62 -13.52
CA GLU B 461 -14.99 6.65 -12.46
C GLU B 461 -13.84 5.66 -12.40
N ILE B 462 -13.66 5.06 -11.23
CA ILE B 462 -12.67 3.99 -11.03
C ILE B 462 -13.07 3.19 -9.82
N ASN B 463 -13.01 1.87 -9.92
CA ASN B 463 -13.23 1.00 -8.78
C ASN B 463 -11.91 0.85 -8.04
N LEU B 464 -11.89 1.23 -6.77
CA LEU B 464 -10.62 1.37 -6.06
C LEU B 464 -10.16 0.07 -5.41
N ASN B 465 -10.98 -0.50 -4.53
CA ASN B 465 -10.54 -1.67 -3.77
C ASN B 465 -10.19 -2.84 -4.69
N ALA B 466 -10.99 -3.05 -5.74
CA ALA B 466 -10.73 -4.16 -6.64
C ALA B 466 -9.35 -4.06 -7.27
N ASN B 467 -8.92 -2.84 -7.60
CA ASN B 467 -7.61 -2.69 -8.22
C ASN B 467 -6.49 -3.07 -7.26
N LEU B 468 -6.59 -2.64 -6.00
CA LEU B 468 -5.56 -3.01 -5.03
C LEU B 468 -5.53 -4.51 -4.80
N TRP B 469 -6.70 -5.12 -4.64
CA TRP B 469 -6.75 -6.57 -4.43
C TRP B 469 -6.17 -7.30 -5.62
N ARG B 470 -6.48 -6.83 -6.83
CA ARG B 470 -5.96 -7.46 -8.03
C ARG B 470 -4.45 -7.32 -8.13
N ASN B 471 -3.93 -6.15 -7.78
CA ASN B 471 -2.49 -5.94 -7.81
C ASN B 471 -1.79 -6.90 -6.87
N PHE B 472 -2.27 -6.98 -5.63
CA PHE B 472 -1.67 -7.91 -4.68
C PHE B 472 -1.73 -9.34 -5.20
N LEU B 473 -2.89 -9.74 -5.70
CA LEU B 473 -3.06 -11.12 -6.15
C LEU B 473 -2.13 -11.46 -7.29
N TYR B 474 -1.97 -10.55 -8.26
CA TYR B 474 -1.08 -10.84 -9.38
C TYR B 474 0.37 -10.83 -8.93
N SER B 475 0.74 -9.89 -8.07
CA SER B 475 2.16 -9.69 -7.79
C SER B 475 2.71 -10.77 -6.87
N ASN B 476 1.91 -11.25 -5.92
CA ASN B 476 2.46 -12.17 -4.92
C ASN B 476 2.13 -13.63 -5.17
N ILE B 477 1.36 -13.95 -6.20
CA ILE B 477 1.06 -15.35 -6.48
C ILE B 477 1.36 -15.71 -7.93
N ALA B 478 0.79 -14.95 -8.87
CA ALA B 478 0.76 -15.39 -10.26
C ALA B 478 2.15 -15.57 -10.83
N LEU B 479 3.11 -14.73 -10.42
CA LEU B 479 4.45 -14.85 -10.96
C LEU B 479 5.10 -16.16 -10.55
N TYR B 480 4.87 -16.60 -9.32
CA TYR B 480 5.54 -17.80 -8.79
C TYR B 480 4.90 -19.09 -9.27
N LEU B 481 4.07 -19.06 -10.30
CA LEU B 481 3.48 -20.29 -10.82
C LEU B 481 4.56 -21.18 -11.42
N PRO B 482 4.29 -22.47 -11.58
CA PRO B 482 5.28 -23.35 -12.20
C PRO B 482 5.58 -22.90 -13.61
N ASP B 483 6.82 -23.14 -14.04
CA ASP B 483 7.27 -22.63 -15.32
C ASP B 483 6.54 -23.24 -16.51
N LYS B 484 5.82 -24.33 -16.33
CA LYS B 484 5.15 -24.98 -17.45
C LYS B 484 3.83 -24.31 -17.82
N LEU B 485 3.47 -23.20 -17.17
CA LEU B 485 2.26 -22.48 -17.54
C LEU B 485 2.52 -21.14 -18.21
N LYS B 486 3.78 -20.78 -18.44
CA LYS B 486 4.12 -19.51 -19.05
C LYS B 486 4.61 -19.73 -20.48
N TYR B 487 4.42 -18.72 -21.31
CA TYR B 487 4.86 -18.75 -22.69
C TYR B 487 5.90 -17.67 -22.92
N SER B 488 6.87 -17.96 -23.78
CA SER B 488 7.95 -17.03 -24.04
C SER B 488 7.43 -15.79 -24.75
N PRO B 489 8.08 -14.64 -24.56
CA PRO B 489 7.60 -13.42 -25.19
C PRO B 489 7.90 -13.39 -26.68
N SER B 490 7.60 -12.27 -27.33
CA SER B 490 7.80 -12.12 -28.76
C SER B 490 8.67 -10.90 -29.05
N ASN B 491 9.59 -11.06 -30.01
CA ASN B 491 10.47 -9.99 -30.45
C ASN B 491 11.43 -9.52 -29.35
N VAL B 492 11.74 -10.42 -28.42
CA VAL B 492 12.71 -10.14 -27.36
C VAL B 492 13.70 -11.30 -27.29
N LYS B 493 14.98 -10.98 -27.30
CA LYS B 493 15.99 -12.02 -27.13
C LYS B 493 16.00 -12.47 -25.68
N ILE B 494 15.97 -13.78 -25.47
CA ILE B 494 15.89 -14.35 -24.13
C ILE B 494 16.95 -15.42 -23.99
N SER B 495 17.36 -15.67 -22.75
CA SER B 495 18.33 -16.71 -22.50
C SER B 495 17.67 -18.08 -22.69
N ASP B 496 18.50 -19.12 -22.64
CA ASP B 496 18.02 -20.48 -22.79
C ASP B 496 18.29 -21.36 -21.59
N ASN B 497 19.24 -20.99 -20.74
CA ASN B 497 19.49 -21.76 -19.53
C ASN B 497 18.36 -21.52 -18.55
N PRO B 498 17.56 -22.53 -18.21
CA PRO B 498 16.35 -22.31 -17.43
C PRO B 498 16.58 -22.02 -15.96
N ASN B 499 17.80 -21.72 -15.54
CA ASN B 499 18.07 -21.34 -14.17
C ASN B 499 18.50 -19.89 -14.00
N THR B 500 18.95 -19.24 -15.06
CA THR B 500 19.45 -17.87 -14.93
C THR B 500 18.35 -16.94 -14.45
N TYR B 501 18.77 -15.82 -13.85
CA TYR B 501 17.81 -14.79 -13.45
C TYR B 501 17.09 -14.22 -14.65
N ASP B 502 17.81 -14.05 -15.76
CA ASP B 502 17.22 -13.45 -16.95
C ASP B 502 16.04 -14.26 -17.45
N TYR B 503 16.22 -15.56 -17.61
CA TYR B 503 15.13 -16.40 -18.10
C TYR B 503 13.98 -16.44 -17.10
N MET B 504 14.30 -16.46 -15.81
CA MET B 504 13.23 -16.43 -14.81
C MET B 504 12.50 -15.11 -14.80
N ASN B 505 13.09 -14.07 -15.36
CA ASN B 505 12.46 -12.76 -15.34
C ASN B 505 11.63 -12.50 -16.58
N LYS B 506 12.09 -12.92 -17.75
CA LYS B 506 11.46 -12.48 -18.99
C LYS B 506 10.33 -13.37 -19.47
N ARG B 507 10.05 -14.49 -18.81
CA ARG B 507 8.84 -15.24 -19.14
C ARG B 507 7.62 -14.46 -18.69
N VAL B 508 6.53 -14.61 -19.43
CA VAL B 508 5.31 -13.84 -19.15
C VAL B 508 4.18 -14.80 -18.83
N VAL B 509 3.20 -14.31 -18.07
CA VAL B 509 2.12 -15.15 -17.56
C VAL B 509 0.81 -14.36 -17.57
N ALA B 510 -0.23 -14.96 -18.12
CA ALA B 510 -1.51 -14.27 -18.27
C ALA B 510 -2.14 -14.00 -16.91
N PRO B 511 -2.62 -12.78 -16.66
CA PRO B 511 -3.32 -12.51 -15.40
C PRO B 511 -4.58 -13.33 -15.24
N GLY B 512 -5.20 -13.78 -16.33
CA GLY B 512 -6.43 -14.52 -16.23
C GLY B 512 -6.32 -15.82 -15.46
N LEU B 513 -5.10 -16.32 -15.28
CA LEU B 513 -4.93 -17.54 -14.49
C LEU B 513 -5.32 -17.31 -13.04
N VAL B 514 -4.98 -16.15 -12.49
CA VAL B 514 -5.31 -15.79 -11.12
C VAL B 514 -5.82 -14.35 -11.13
N ASP B 515 -7.13 -14.19 -11.09
CA ASP B 515 -7.74 -12.87 -11.08
C ASP B 515 -8.53 -12.69 -9.79
N CYS B 516 -9.32 -11.64 -9.73
CA CYS B 516 -10.05 -11.33 -8.51
C CYS B 516 -11.23 -12.20 -8.30
N TYR B 517 -11.42 -13.30 -9.01
CA TYR B 517 -12.64 -14.11 -8.87
C TYR B 517 -12.34 -15.59 -8.75
N ILE B 518 -11.12 -15.97 -8.39
CA ILE B 518 -10.77 -17.38 -8.33
C ILE B 518 -11.19 -17.94 -6.97
N ASN B 519 -11.92 -19.05 -6.99
CA ASN B 519 -12.36 -19.74 -5.77
C ASN B 519 -13.01 -18.76 -4.81
N LEU B 520 -13.97 -18.00 -5.33
CA LEU B 520 -14.58 -16.92 -4.55
C LEU B 520 -15.23 -17.46 -3.28
N GLY B 521 -14.96 -16.80 -2.17
CA GLY B 521 -15.54 -17.21 -0.90
C GLY B 521 -15.11 -18.56 -0.41
N ALA B 522 -13.94 -19.04 -0.82
CA ALA B 522 -13.48 -20.37 -0.45
C ALA B 522 -12.05 -20.31 0.05
N ARG B 523 -11.85 -20.73 1.28
CA ARG B 523 -10.52 -20.81 1.87
C ARG B 523 -9.81 -21.99 1.23
N TRP B 524 -8.90 -21.70 0.30
CA TRP B 524 -8.32 -22.75 -0.51
C TRP B 524 -6.95 -22.30 -0.99
N SER B 525 -6.15 -23.26 -1.44
CA SER B 525 -4.84 -22.99 -2.00
C SER B 525 -4.74 -23.66 -3.36
N LEU B 526 -4.18 -22.94 -4.33
CA LEU B 526 -4.14 -23.43 -5.70
C LEU B 526 -3.33 -24.71 -5.79
N ASP B 527 -3.83 -25.67 -6.56
CA ASP B 527 -3.16 -26.96 -6.67
C ASP B 527 -1.77 -26.82 -7.26
N TYR B 528 -1.62 -25.96 -8.26
CA TYR B 528 -0.30 -25.77 -8.87
C TYR B 528 0.73 -25.29 -7.87
N MET B 529 0.30 -24.71 -6.75
CA MET B 529 1.20 -24.09 -5.80
C MET B 529 1.46 -24.93 -4.57
N ASP B 530 0.81 -26.09 -4.43
CA ASP B 530 1.07 -26.93 -3.26
C ASP B 530 2.48 -27.52 -3.31
N ASN B 531 2.88 -28.06 -4.46
CA ASN B 531 4.17 -28.72 -4.59
C ASN B 531 5.26 -27.77 -5.06
N VAL B 532 5.12 -26.47 -4.83
CA VAL B 532 6.14 -25.49 -5.13
C VAL B 532 6.57 -24.86 -3.82
N ASN B 533 7.87 -24.75 -3.61
CA ASN B 533 8.41 -24.31 -2.34
C ASN B 533 7.85 -22.95 -1.96
N PRO B 534 7.28 -22.80 -0.77
CA PRO B 534 6.77 -21.50 -0.33
C PRO B 534 7.74 -20.68 0.48
N PHE B 535 8.96 -21.15 0.68
CA PHE B 535 9.95 -20.37 1.39
C PHE B 535 10.84 -19.55 0.46
N ASN B 536 10.82 -19.84 -0.84
CA ASN B 536 11.48 -19.00 -1.82
C ASN B 536 10.49 -17.92 -2.20
N HIS B 537 10.74 -16.70 -1.71
CA HIS B 537 9.74 -15.65 -1.78
C HIS B 537 10.44 -14.34 -1.44
N HIS B 538 9.69 -13.24 -1.58
CA HIS B 538 10.18 -11.96 -1.15
C HIS B 538 9.40 -11.40 0.03
N ARG B 539 8.36 -12.10 0.48
CA ARG B 539 7.74 -11.81 1.76
C ARG B 539 8.27 -12.69 2.87
N ASN B 540 9.33 -13.44 2.60
CA ASN B 540 9.95 -14.27 3.63
C ASN B 540 10.69 -13.37 4.60
N ALA B 541 10.04 -13.04 5.72
CA ALA B 541 10.52 -11.97 6.59
C ALA B 541 11.95 -12.19 7.02
N GLY B 542 12.29 -13.40 7.44
CA GLY B 542 13.64 -13.66 7.90
C GLY B 542 14.67 -13.41 6.82
N LEU B 543 14.39 -13.87 5.59
CA LEU B 543 15.34 -13.66 4.51
C LEU B 543 15.51 -12.18 4.21
N ARG B 544 14.41 -11.44 4.17
CA ARG B 544 14.49 -10.01 3.93
C ARG B 544 15.30 -9.31 5.01
N TYR B 545 15.12 -9.72 6.27
CA TYR B 545 15.87 -9.11 7.35
C TYR B 545 17.36 -9.40 7.22
N ARG B 546 17.71 -10.66 6.98
CA ARG B 546 19.13 -11.00 6.84
C ARG B 546 19.72 -10.39 5.58
N SER B 547 18.89 -9.98 4.64
CA SER B 547 19.41 -9.30 3.45
C SER B 547 19.63 -7.83 3.73
N MET B 548 18.71 -7.19 4.43
CA MET B 548 18.89 -5.79 4.76
C MET B 548 20.00 -5.58 5.78
N LEU B 549 20.33 -6.59 6.56
CA LEU B 549 21.33 -6.42 7.59
C LEU B 549 22.71 -6.15 6.98
N LEU B 550 23.02 -6.76 5.84
CA LEU B 550 24.31 -6.53 5.21
C LEU B 550 24.37 -5.17 4.53
N GLY B 551 23.24 -4.57 4.21
CA GLY B 551 23.18 -3.32 3.49
C GLY B 551 22.24 -3.44 2.32
N ASN B 552 22.34 -2.49 1.39
CA ASN B 552 21.50 -2.49 0.20
C ASN B 552 22.29 -2.27 -1.07
N GLY B 553 23.61 -2.27 -1.01
CA GLY B 553 24.45 -2.09 -2.17
C GLY B 553 24.77 -3.40 -2.85
N ARG B 554 25.75 -3.34 -3.74
CA ARG B 554 26.21 -4.53 -4.43
C ARG B 554 27.55 -5.04 -3.94
N TYR B 555 28.45 -4.16 -3.53
CA TYR B 555 29.76 -4.55 -3.02
C TYR B 555 29.73 -4.35 -1.51
N VAL B 556 29.97 -5.41 -0.75
CA VAL B 556 29.80 -5.33 0.69
C VAL B 556 31.02 -5.84 1.44
N PRO B 557 31.72 -4.99 2.20
CA PRO B 557 32.73 -5.51 3.14
C PRO B 557 32.04 -5.94 4.42
N PHE B 558 32.29 -7.17 4.83
CA PHE B 558 31.52 -7.77 5.92
C PHE B 558 32.43 -8.28 7.02
N HIS B 559 31.84 -8.43 8.20
CA HIS B 559 32.55 -8.70 9.45
C HIS B 559 31.59 -9.44 10.38
N ILE B 560 31.79 -10.74 10.55
CA ILE B 560 30.81 -11.60 11.21
C ILE B 560 31.49 -12.48 12.25
N GLN B 561 30.67 -13.10 13.09
CA GLN B 561 31.11 -14.12 14.04
C GLN B 561 30.28 -15.38 13.84
N VAL B 562 30.89 -16.52 14.06
CA VAL B 562 30.25 -17.82 13.78
C VAL B 562 30.41 -18.73 14.98
N PRO B 563 29.35 -19.40 15.43
CA PRO B 563 29.45 -20.25 16.61
C PRO B 563 29.91 -21.65 16.28
N GLN B 564 29.92 -22.52 17.28
CA GLN B 564 30.35 -23.91 17.14
C GLN B 564 29.17 -24.81 17.45
N LYS B 565 28.93 -25.78 16.56
CA LYS B 565 27.67 -26.53 16.58
C LYS B 565 27.81 -28.01 16.90
N PHE B 566 29.02 -28.57 16.87
CA PHE B 566 29.17 -29.99 17.13
C PHE B 566 28.77 -30.31 18.56
N PHE B 567 28.11 -31.46 18.76
CA PHE B 567 27.48 -31.71 20.04
C PHE B 567 28.46 -32.16 21.10
N ALA B 568 29.58 -32.75 20.70
CA ALA B 568 30.49 -33.29 21.71
C ALA B 568 31.49 -32.28 22.23
N ILE B 569 31.55 -31.07 21.68
CA ILE B 569 32.41 -30.05 22.24
C ILE B 569 31.67 -28.73 22.37
N LYS B 570 30.35 -28.75 22.18
CA LYS B 570 29.59 -27.52 22.31
C LYS B 570 29.54 -27.06 23.76
N ASN B 571 29.53 -28.00 24.70
CA ASN B 571 29.38 -27.67 26.12
C ASN B 571 30.45 -28.31 26.98
N LEU B 572 31.59 -28.68 26.40
CA LEU B 572 32.66 -29.26 27.19
C LEU B 572 33.19 -28.23 28.19
N LEU B 573 33.94 -28.72 29.16
CA LEU B 573 34.56 -27.87 30.17
C LEU B 573 36.05 -28.18 30.19
N LEU B 574 36.85 -27.32 29.58
CA LEU B 574 38.27 -27.59 29.43
C LEU B 574 39.01 -27.30 30.74
N LEU B 575 40.03 -28.11 31.00
CA LEU B 575 40.89 -27.99 32.15
C LEU B 575 42.28 -27.57 31.68
N PRO B 576 43.09 -26.98 32.55
CA PRO B 576 44.30 -26.28 32.09
C PRO B 576 45.20 -27.15 31.23
N GLY B 577 45.74 -26.55 30.19
CA GLY B 577 46.61 -27.27 29.27
C GLY B 577 46.69 -26.54 27.94
N SER B 578 47.43 -27.15 27.03
CA SER B 578 47.64 -26.60 25.70
C SER B 578 47.08 -27.56 24.66
N TYR B 579 46.12 -27.10 23.87
CA TYR B 579 45.47 -27.93 22.87
C TYR B 579 45.62 -27.27 21.50
N THR B 580 45.41 -28.06 20.45
CA THR B 580 45.38 -27.56 19.10
C THR B 580 43.96 -27.70 18.55
N TYR B 581 43.56 -26.69 17.78
CA TYR B 581 42.17 -26.49 17.37
C TYR B 581 42.19 -26.05 15.92
N GLU B 582 41.69 -26.90 15.02
CA GLU B 582 41.81 -26.61 13.59
C GLU B 582 40.54 -27.01 12.88
N TRP B 583 40.13 -26.18 11.93
CA TRP B 583 38.84 -26.37 11.27
C TRP B 583 38.93 -25.90 9.83
N ASN B 584 37.84 -26.14 9.09
CA ASN B 584 37.78 -25.88 7.65
C ASN B 584 36.49 -25.15 7.30
N PHE B 585 36.58 -24.33 6.26
CA PHE B 585 35.48 -23.48 5.83
C PHE B 585 35.29 -23.60 4.33
N ARG B 586 34.06 -23.38 3.89
CA ARG B 586 33.70 -23.46 2.48
C ARG B 586 33.89 -22.12 1.79
N LYS B 587 34.11 -22.19 0.47
CA LYS B 587 34.21 -21.00 -0.36
C LYS B 587 33.23 -21.00 -1.52
N ASP B 588 32.49 -22.08 -1.72
CA ASP B 588 31.51 -22.13 -2.79
C ASP B 588 30.44 -21.07 -2.58
N VAL B 589 30.16 -20.29 -3.62
CA VAL B 589 29.20 -19.20 -3.52
C VAL B 589 27.76 -19.68 -3.56
N ASN B 590 27.53 -20.98 -3.63
CA ASN B 590 26.18 -21.49 -3.77
C ASN B 590 25.64 -22.11 -2.48
N MET B 591 26.50 -22.47 -1.54
CA MET B 591 26.07 -22.96 -0.24
C MET B 591 26.04 -21.87 0.82
N VAL B 592 27.01 -20.96 0.79
CA VAL B 592 27.15 -19.94 1.83
C VAL B 592 26.30 -18.72 1.53
N LEU B 593 25.45 -18.81 0.52
CA LEU B 593 24.55 -17.71 0.19
C LEU B 593 23.15 -18.25 -0.08
N GLN B 594 22.18 -17.36 0.02
CA GLN B 594 20.79 -17.71 -0.23
C GLN B 594 20.15 -16.62 -1.07
N SER B 595 19.34 -17.03 -2.03
CA SER B 595 18.64 -16.11 -2.91
C SER B 595 17.15 -16.38 -2.84
N SER B 596 16.35 -15.33 -3.04
CA SER B 596 14.91 -15.47 -2.93
C SER B 596 14.34 -16.28 -4.07
N LEU B 597 14.79 -16.02 -5.30
CA LEU B 597 14.23 -16.71 -6.45
C LEU B 597 14.73 -18.14 -6.55
N GLY B 598 16.02 -18.36 -6.29
CA GLY B 598 16.62 -19.65 -6.47
C GLY B 598 17.47 -19.80 -7.70
N ASN B 599 17.72 -18.72 -8.41
CA ASN B 599 18.56 -18.80 -9.60
C ASN B 599 19.96 -19.24 -9.23
N ASP B 600 20.59 -19.99 -10.12
CA ASP B 600 21.98 -20.38 -9.93
C ASP B 600 22.83 -19.14 -9.68
N LEU B 601 23.94 -19.32 -8.98
CA LEU B 601 24.83 -18.20 -8.68
C LEU B 601 26.27 -18.41 -9.11
N ARG B 602 26.69 -19.64 -9.37
CA ARG B 602 28.00 -19.84 -9.95
C ARG B 602 28.10 -19.21 -11.33
N VAL B 603 26.97 -18.99 -12.01
CA VAL B 603 26.97 -18.44 -13.35
C VAL B 603 26.63 -16.96 -13.36
N ASP B 604 26.37 -16.36 -12.20
CA ASP B 604 25.94 -14.98 -12.13
C ASP B 604 26.93 -14.08 -11.40
N GLY B 605 28.21 -14.44 -11.42
CA GLY B 605 29.24 -13.52 -10.99
C GLY B 605 29.33 -13.28 -9.49
N ALA B 606 28.63 -14.04 -8.68
CA ALA B 606 28.75 -13.88 -7.24
C ALA B 606 30.13 -14.30 -6.77
N SER B 607 30.71 -13.53 -5.85
CA SER B 607 32.05 -13.83 -5.38
C SER B 607 32.17 -13.48 -3.91
N ILE B 608 33.10 -14.15 -3.23
CA ILE B 608 33.30 -13.94 -1.79
C ILE B 608 34.73 -14.28 -1.46
N LYS B 609 35.43 -13.38 -0.78
CA LYS B 609 36.84 -13.58 -0.46
C LYS B 609 37.09 -13.23 1.00
N PHE B 610 37.59 -14.20 1.76
CA PHE B 610 37.92 -14.02 3.16
C PHE B 610 39.29 -13.40 3.31
N ASP B 611 39.44 -12.51 4.29
CA ASP B 611 40.70 -11.82 4.52
C ASP B 611 41.45 -12.36 5.72
N SER B 612 40.82 -12.39 6.89
CA SER B 612 41.52 -12.80 8.10
C SER B 612 40.58 -13.52 9.03
N ILE B 613 41.16 -14.21 10.00
CA ILE B 613 40.40 -14.95 11.00
C ILE B 613 41.10 -14.80 12.34
N CYS B 614 40.32 -14.69 13.41
CA CYS B 614 40.84 -14.65 14.76
C CYS B 614 39.90 -15.41 15.66
N LEU B 615 40.43 -15.98 16.74
CA LEU B 615 39.63 -16.83 17.63
C LEU B 615 39.47 -16.15 18.98
N TYR B 616 38.23 -15.99 19.43
CA TYR B 616 37.96 -15.29 20.68
C TYR B 616 37.55 -16.26 21.77
N ALA B 617 37.98 -15.99 22.99
CA ALA B 617 37.61 -16.82 24.13
C ALA B 617 37.35 -15.93 25.33
N THR B 618 36.44 -16.37 26.20
CA THR B 618 36.05 -15.63 27.38
C THR B 618 36.20 -16.52 28.61
N PHE B 619 37.01 -16.09 29.57
CA PHE B 619 37.28 -16.87 30.76
C PHE B 619 36.39 -16.41 31.91
N PHE B 620 36.62 -16.96 33.09
CA PHE B 620 35.92 -16.58 34.29
C PHE B 620 36.93 -16.21 35.37
N PRO B 621 36.82 -15.06 35.98
CA PRO B 621 37.80 -14.69 37.01
C PRO B 621 37.56 -15.44 38.31
N MET B 622 37.71 -16.76 38.27
CA MET B 622 37.48 -17.60 39.44
C MET B 622 38.68 -17.53 40.37
N ALA B 623 38.41 -17.52 41.68
CA ALA B 623 39.47 -17.47 42.67
C ALA B 623 40.38 -18.68 42.52
N HIS B 624 41.68 -18.46 42.76
CA HIS B 624 42.68 -19.44 42.36
C HIS B 624 42.46 -20.78 43.05
N ASN B 625 42.47 -20.81 44.38
CA ASN B 625 42.42 -22.09 45.08
C ASN B 625 41.11 -22.82 44.81
N THR B 626 40.01 -22.09 44.63
CA THR B 626 38.76 -22.73 44.26
C THR B 626 38.90 -23.43 42.92
N ALA B 627 39.50 -22.77 41.94
CA ALA B 627 39.69 -23.40 40.64
C ALA B 627 40.60 -24.61 40.76
N SER B 628 41.63 -24.53 41.61
CA SER B 628 42.51 -25.67 41.79
C SER B 628 41.76 -26.86 42.37
N THR B 629 40.89 -26.61 43.35
CA THR B 629 40.10 -27.68 43.92
C THR B 629 39.16 -28.28 42.88
N LEU B 630 38.52 -27.44 42.08
CA LEU B 630 37.61 -27.94 41.06
C LEU B 630 38.35 -28.80 40.05
N GLU B 631 39.53 -28.34 39.60
CA GLU B 631 40.32 -29.13 38.67
C GLU B 631 40.73 -30.46 39.28
N ALA B 632 41.16 -30.44 40.54
CA ALA B 632 41.57 -31.69 41.17
C ALA B 632 40.42 -32.67 41.28
N MET B 633 39.23 -32.17 41.59
CA MET B 633 38.08 -33.06 41.71
C MET B 633 37.58 -33.56 40.36
N LEU B 634 37.78 -32.80 39.29
CA LEU B 634 37.20 -33.13 38.01
C LEU B 634 38.11 -33.96 37.12
N ARG B 635 39.17 -34.55 37.67
CA ARG B 635 40.02 -35.47 36.92
C ARG B 635 39.87 -36.91 37.39
N ASN B 636 38.94 -37.19 38.29
CA ASN B 636 38.74 -38.55 38.76
C ASN B 636 37.96 -39.35 37.73
N ASP B 637 38.30 -40.63 37.62
CA ASP B 637 37.70 -41.48 36.60
C ASP B 637 36.19 -41.59 36.75
N THR B 638 35.66 -41.29 37.93
CA THR B 638 34.23 -41.36 38.14
C THR B 638 33.53 -40.02 37.94
N ASN B 639 34.24 -39.01 37.45
CA ASN B 639 33.63 -37.72 37.14
C ASN B 639 33.79 -37.36 35.67
N ASP B 640 33.81 -38.35 34.80
CA ASP B 640 33.81 -38.09 33.37
C ASP B 640 32.58 -37.28 32.98
N GLN B 641 32.61 -36.70 31.80
CA GLN B 641 31.49 -35.89 31.34
C GLN B 641 30.84 -36.55 30.13
N SER B 642 29.52 -36.46 30.03
CA SER B 642 28.81 -37.15 28.97
C SER B 642 27.91 -36.19 28.22
N PHE B 643 27.53 -36.48 27.00
CA PHE B 643 26.75 -35.51 26.29
C PHE B 643 25.98 -36.25 25.25
N ASN B 644 24.79 -35.78 24.89
CA ASN B 644 23.95 -36.54 23.96
C ASN B 644 23.32 -35.64 22.97
N ASP B 645 23.55 -35.87 21.69
CA ASP B 645 23.06 -34.98 20.64
C ASP B 645 21.57 -34.97 20.53
N TYR B 646 20.98 -33.84 20.17
CA TYR B 646 19.53 -33.79 20.18
C TYR B 646 18.97 -34.76 19.20
N LEU B 647 18.73 -34.35 17.98
CA LEU B 647 18.05 -35.24 17.03
C LEU B 647 18.32 -36.68 17.36
N SER B 648 19.55 -37.02 17.59
CA SER B 648 19.90 -38.39 17.84
C SER B 648 19.20 -39.25 16.85
N ALA B 649 19.83 -39.45 15.72
CA ALA B 649 19.23 -40.32 14.73
C ALA B 649 20.23 -40.59 13.62
N ALA B 650 19.91 -41.61 12.83
CA ALA B 650 20.65 -41.95 11.64
C ALA B 650 19.81 -41.61 10.43
N ASN B 651 20.38 -40.89 9.49
CA ASN B 651 19.65 -40.34 8.35
C ASN B 651 19.94 -41.14 7.09
N MET B 652 18.90 -41.46 6.34
CA MET B 652 19.06 -42.19 5.10
C MET B 652 18.16 -41.59 4.03
N LEU B 653 18.65 -41.62 2.79
CA LEU B 653 17.98 -41.03 1.64
C LEU B 653 17.82 -42.08 0.54
N TYR B 654 16.58 -42.31 0.11
CA TYR B 654 16.37 -43.28 -0.95
C TYR B 654 15.78 -42.60 -2.17
N PRO B 655 16.25 -42.95 -3.37
CA PRO B 655 15.80 -42.24 -4.57
C PRO B 655 14.41 -42.69 -5.02
N ILE B 656 13.71 -41.75 -5.66
CA ILE B 656 12.39 -42.00 -6.23
C ILE B 656 12.38 -41.49 -7.66
N PRO B 657 12.19 -42.35 -8.65
CA PRO B 657 12.19 -41.91 -10.04
C PRO B 657 10.96 -41.07 -10.35
N ALA B 658 10.98 -40.46 -11.52
CA ALA B 658 9.88 -39.60 -11.92
C ALA B 658 8.61 -40.42 -12.13
N ASN B 659 7.49 -39.86 -11.69
CA ASN B 659 6.17 -40.47 -11.89
C ASN B 659 6.05 -41.85 -11.27
N ALA B 660 6.78 -42.11 -10.19
CA ALA B 660 6.68 -43.38 -9.49
C ALA B 660 5.85 -43.20 -8.22
N THR B 661 5.29 -44.31 -7.74
CA THR B 661 4.40 -44.28 -6.60
C THR B 661 4.86 -45.15 -5.45
N ASN B 662 5.26 -46.38 -5.72
CA ASN B 662 5.55 -47.36 -4.69
C ASN B 662 7.05 -47.41 -4.43
N VAL B 663 7.43 -47.32 -3.16
CA VAL B 663 8.85 -47.34 -2.79
C VAL B 663 9.10 -48.38 -1.71
N PRO B 664 9.81 -49.46 -2.02
CA PRO B 664 10.21 -50.42 -0.98
C PRO B 664 11.60 -50.13 -0.45
N ILE B 665 11.82 -50.53 0.81
CA ILE B 665 13.15 -50.48 1.43
C ILE B 665 13.31 -51.67 2.35
N SER B 666 14.54 -52.19 2.40
CA SER B 666 14.83 -53.37 3.19
C SER B 666 16.13 -53.18 3.95
N ILE B 667 16.17 -53.75 5.15
CA ILE B 667 17.34 -53.73 6.01
C ILE B 667 17.71 -55.17 6.34
N PRO B 668 18.92 -55.61 6.01
CA PRO B 668 19.21 -57.05 5.90
C PRO B 668 19.09 -57.82 7.20
N SER B 669 19.84 -57.42 8.23
CA SER B 669 19.72 -58.04 9.54
C SER B 669 20.59 -57.27 10.51
N ARG B 670 20.19 -57.29 11.76
CA ARG B 670 20.84 -56.42 12.75
C ARG B 670 20.42 -56.88 14.13
N ASN B 671 20.75 -56.09 15.13
CA ASN B 671 20.34 -56.30 16.51
C ASN B 671 19.70 -55.00 16.98
N TRP B 672 18.39 -55.03 17.17
CA TRP B 672 17.59 -53.81 17.27
C TRP B 672 17.48 -53.28 18.69
N ALA B 673 18.46 -53.54 19.55
CA ALA B 673 18.36 -53.11 20.93
C ALA B 673 18.32 -51.59 21.03
N ALA B 674 17.55 -51.10 21.99
CA ALA B 674 17.50 -49.68 22.34
C ALA B 674 16.98 -48.81 21.20
N PHE B 675 16.17 -49.38 20.32
CA PHE B 675 15.57 -48.61 19.25
C PHE B 675 14.60 -47.57 19.83
N ARG B 676 14.29 -46.55 19.04
CA ARG B 676 13.34 -45.54 19.51
C ARG B 676 12.16 -45.31 18.56
N GLY B 677 12.38 -45.26 17.25
CA GLY B 677 11.27 -45.08 16.34
C GLY B 677 11.72 -44.53 14.99
N TRP B 678 10.71 -44.18 14.19
CA TRP B 678 10.91 -43.67 12.84
C TRP B 678 10.42 -42.24 12.72
N ALA B 679 11.03 -41.49 11.81
CA ALA B 679 10.51 -40.18 11.44
C ALA B 679 10.88 -39.88 10.00
N PHE B 680 9.90 -39.60 9.16
CA PHE B 680 10.18 -39.51 7.73
C PHE B 680 9.55 -38.27 7.10
N THR B 681 10.02 -37.98 5.89
CA THR B 681 9.62 -36.82 5.09
C THR B 681 10.00 -37.08 3.63
N ARG B 682 9.69 -36.12 2.76
CA ARG B 682 9.96 -36.21 1.33
C ARG B 682 10.66 -34.96 0.85
N LEU B 683 11.59 -35.10 -0.11
CA LEU B 683 12.42 -34.01 -0.57
C LEU B 683 12.52 -34.01 -2.09
N LYS B 684 12.87 -32.86 -2.65
CA LYS B 684 13.10 -32.70 -4.07
C LYS B 684 14.58 -32.87 -4.37
N THR B 685 14.91 -33.72 -5.35
CA THR B 685 16.31 -34.00 -5.65
C THR B 685 17.05 -32.77 -6.12
N LYS B 686 16.37 -31.87 -6.82
CA LYS B 686 17.02 -30.67 -7.34
C LYS B 686 17.62 -29.81 -6.23
N GLU B 687 17.16 -29.99 -4.99
CA GLU B 687 17.56 -29.12 -3.90
C GLU B 687 18.25 -29.90 -2.78
N THR B 688 19.16 -30.79 -3.13
CA THR B 688 19.86 -31.52 -2.07
C THR B 688 21.26 -31.88 -2.53
N PRO B 689 22.29 -31.28 -1.95
CA PRO B 689 23.66 -31.55 -2.39
C PRO B 689 24.08 -32.98 -2.13
N SER B 690 25.20 -33.39 -2.73
CA SER B 690 25.76 -34.70 -2.42
C SER B 690 26.08 -34.77 -0.93
N LEU B 691 25.81 -35.93 -0.35
CA LEU B 691 25.74 -36.05 1.11
C LEU B 691 27.06 -35.66 1.76
N GLY B 692 28.17 -36.24 1.30
CA GLY B 692 29.41 -36.12 2.04
C GLY B 692 30.52 -35.34 1.38
N SER B 693 30.50 -35.23 0.07
CA SER B 693 31.61 -34.63 -0.65
C SER B 693 31.74 -33.15 -0.31
N GLY B 694 32.96 -32.63 -0.45
CA GLY B 694 33.23 -31.24 -0.17
C GLY B 694 32.79 -30.27 -1.24
N TYR B 695 32.39 -30.77 -2.40
CA TYR B 695 31.92 -29.93 -3.49
C TYR B 695 31.03 -30.76 -4.38
N ASP B 696 30.02 -30.13 -4.99
CA ASP B 696 29.02 -30.83 -5.77
C ASP B 696 28.80 -30.10 -7.09
N PRO B 697 29.62 -30.40 -8.11
CA PRO B 697 29.49 -29.67 -9.37
C PRO B 697 28.14 -29.83 -10.05
N TYR B 698 27.38 -30.87 -9.70
CA TYR B 698 26.06 -31.10 -10.26
C TYR B 698 24.95 -30.45 -9.44
N TYR B 699 25.26 -29.38 -8.73
CA TYR B 699 24.31 -28.74 -7.83
C TYR B 699 24.16 -27.28 -8.25
N THR B 700 23.03 -26.95 -8.86
CA THR B 700 22.76 -25.61 -9.39
C THR B 700 21.41 -25.14 -8.86
N TYR B 701 21.43 -24.58 -7.66
CA TYR B 701 20.23 -24.07 -7.01
C TYR B 701 20.65 -23.37 -5.73
N SER B 702 19.99 -22.27 -5.39
CA SER B 702 20.42 -21.46 -4.27
C SER B 702 19.23 -21.00 -3.44
N GLY B 703 18.29 -21.90 -3.17
CA GLY B 703 17.21 -21.63 -2.26
C GLY B 703 17.40 -22.35 -0.93
N SER B 704 16.38 -22.23 -0.08
CA SER B 704 16.44 -22.87 1.22
C SER B 704 16.52 -24.38 1.05
N ILE B 705 17.48 -25.00 1.74
CA ILE B 705 17.73 -26.44 1.63
C ILE B 705 16.98 -27.12 2.78
N PRO B 706 15.90 -27.85 2.50
CA PRO B 706 15.17 -28.49 3.60
C PRO B 706 16.01 -29.46 4.40
N TYR B 707 16.96 -30.15 3.77
CA TYR B 707 17.76 -31.15 4.46
C TYR B 707 18.68 -30.56 5.51
N LEU B 708 18.84 -29.23 5.55
CA LEU B 708 19.73 -28.61 6.53
C LEU B 708 18.98 -27.75 7.54
N ASP B 709 18.17 -26.81 7.09
CA ASP B 709 17.56 -25.85 8.01
C ASP B 709 16.11 -26.16 8.33
N GLY B 710 15.62 -27.34 7.97
CA GLY B 710 14.32 -27.78 8.43
C GLY B 710 13.15 -26.97 7.94
N THR B 711 12.96 -26.89 6.63
CA THR B 711 11.82 -26.23 6.01
C THR B 711 11.21 -27.24 5.04
N PHE B 712 10.30 -28.06 5.53
CA PHE B 712 9.70 -29.12 4.74
C PHE B 712 8.31 -28.69 4.26
N TYR B 713 7.95 -29.10 3.04
CA TYR B 713 6.67 -28.72 2.51
C TYR B 713 5.99 -29.84 1.71
N LEU B 714 6.34 -31.10 1.93
CA LEU B 714 5.80 -32.16 1.10
C LEU B 714 5.12 -33.26 1.91
N ASN B 715 4.90 -33.06 3.21
CA ASN B 715 4.31 -34.10 4.03
C ASN B 715 2.96 -34.54 3.51
N HIS B 716 2.23 -33.66 2.82
CA HIS B 716 0.87 -33.93 2.42
C HIS B 716 0.78 -34.80 1.18
N THR B 717 1.85 -35.48 0.78
CA THR B 717 1.80 -36.31 -0.40
C THR B 717 2.04 -37.78 -0.11
N PHE B 718 2.22 -38.17 1.15
CA PHE B 718 2.26 -39.57 1.51
C PHE B 718 0.85 -40.16 1.47
N LYS B 719 0.76 -41.46 1.21
CA LYS B 719 -0.53 -42.11 1.12
C LYS B 719 -0.67 -43.29 2.06
N LYS B 720 0.35 -44.13 2.21
CA LYS B 720 0.27 -45.20 3.19
C LYS B 720 1.66 -45.75 3.48
N VAL B 721 1.79 -46.39 4.64
CA VAL B 721 3.05 -46.96 5.11
C VAL B 721 2.79 -48.35 5.67
N ALA B 722 3.66 -49.30 5.34
CA ALA B 722 3.57 -50.63 5.91
C ALA B 722 4.93 -51.08 6.41
N ILE B 723 4.94 -51.82 7.52
CA ILE B 723 6.15 -52.26 8.20
C ILE B 723 6.05 -53.75 8.51
N THR B 724 7.15 -54.47 8.31
CA THR B 724 7.19 -55.89 8.64
C THR B 724 8.55 -56.30 9.16
N PHE B 725 8.54 -57.03 10.28
CA PHE B 725 9.73 -57.68 10.81
C PHE B 725 9.78 -59.11 10.29
N ASP B 726 10.95 -59.51 9.79
CA ASP B 726 11.19 -60.88 9.34
C ASP B 726 10.27 -61.29 8.20
N SER B 727 9.81 -60.31 7.42
CA SER B 727 9.08 -60.48 6.17
C SER B 727 7.76 -61.23 6.33
N SER B 728 7.38 -61.63 7.53
CA SER B 728 6.08 -62.28 7.69
C SER B 728 5.29 -61.84 8.91
N VAL B 729 5.82 -60.97 9.76
CA VAL B 729 5.13 -60.52 10.95
C VAL B 729 4.97 -59.01 10.89
N SER B 730 3.72 -58.57 10.86
CA SER B 730 3.39 -57.17 10.71
C SER B 730 3.53 -56.50 12.07
N TRP B 731 3.94 -55.23 12.09
CA TRP B 731 4.09 -54.53 13.36
C TRP B 731 3.14 -53.34 13.47
N PRO B 732 1.85 -53.55 13.41
CA PRO B 732 0.99 -52.75 14.29
C PRO B 732 0.81 -53.56 15.55
N GLY B 733 1.04 -54.86 15.40
CA GLY B 733 0.88 -55.80 16.47
C GLY B 733 -0.55 -56.22 16.70
N ASN B 734 -0.73 -57.54 16.76
CA ASN B 734 -1.86 -58.16 17.45
C ASN B 734 -3.19 -57.45 17.18
N ASP B 735 -3.38 -57.03 15.93
CA ASP B 735 -4.65 -56.44 15.52
C ASP B 735 -4.99 -55.18 16.30
N ARG B 736 -4.17 -54.14 16.16
CA ARG B 736 -4.47 -52.90 16.88
C ARG B 736 -5.37 -51.98 16.06
N LEU B 737 -4.91 -51.58 14.88
CA LEU B 737 -5.51 -50.50 14.14
C LEU B 737 -6.83 -50.90 13.51
N LEU B 738 -7.58 -49.89 13.05
CA LEU B 738 -8.85 -50.15 12.37
C LEU B 738 -8.62 -50.92 11.09
N THR B 739 -7.75 -50.44 10.23
CA THR B 739 -7.31 -51.23 9.09
C THR B 739 -6.35 -52.30 9.56
N PRO B 740 -6.31 -53.44 8.88
CA PRO B 740 -5.60 -54.60 9.45
C PRO B 740 -4.09 -54.45 9.56
N ASN B 741 -3.41 -54.08 8.47
CA ASN B 741 -1.97 -54.29 8.42
C ASN B 741 -1.12 -53.04 8.22
N GLU B 742 -1.70 -51.87 8.07
CA GLU B 742 -0.87 -50.72 7.80
C GLU B 742 -1.49 -49.43 8.21
N PHE B 743 -0.68 -48.40 8.30
CA PHE B 743 -1.19 -47.14 8.71
C PHE B 743 -1.62 -46.43 7.47
N GLU B 744 -2.87 -46.00 7.38
CA GLU B 744 -3.34 -45.26 6.23
C GLU B 744 -3.36 -43.79 6.50
N ILE B 745 -2.59 -42.99 5.77
CA ILE B 745 -2.50 -41.57 6.09
C ILE B 745 -3.29 -40.63 5.22
N LYS B 746 -4.25 -41.11 4.42
CA LYS B 746 -5.12 -40.24 3.63
C LYS B 746 -5.97 -41.07 2.69
N ARG B 747 -7.26 -40.85 2.69
CA ARG B 747 -8.14 -41.57 1.80
C ARG B 747 -8.77 -40.63 0.80
N SER B 748 -8.85 -41.07 -0.45
CA SER B 748 -9.54 -40.29 -1.46
C SER B 748 -11.02 -40.61 -1.50
N VAL B 749 -11.35 -41.89 -1.65
CA VAL B 749 -12.74 -42.35 -1.72
C VAL B 749 -13.02 -43.16 -0.47
N ASP B 750 -13.99 -42.72 0.32
CA ASP B 750 -14.38 -43.40 1.54
C ASP B 750 -15.78 -43.96 1.40
N GLY B 751 -15.96 -45.18 1.91
CA GLY B 751 -17.28 -45.79 1.91
C GLY B 751 -17.85 -45.96 3.30
N GLU B 752 -16.98 -46.20 4.28
CA GLU B 752 -17.40 -46.44 5.65
C GLU B 752 -17.11 -45.27 6.57
N GLY B 753 -16.71 -44.12 6.02
CA GLY B 753 -16.56 -42.93 6.83
C GLY B 753 -15.44 -42.98 7.85
N TYR B 754 -14.20 -43.00 7.41
CA TYR B 754 -13.07 -43.01 8.32
C TYR B 754 -12.33 -41.68 8.39
N ASN B 755 -12.82 -40.63 7.73
CA ASN B 755 -12.17 -39.34 7.80
C ASN B 755 -12.46 -38.66 9.13
N VAL B 756 -11.65 -37.67 9.48
CA VAL B 756 -11.83 -36.88 10.69
C VAL B 756 -11.43 -35.44 10.43
N ALA B 757 -11.88 -34.56 11.33
CA ALA B 757 -11.52 -33.15 11.31
C ALA B 757 -11.96 -32.47 10.02
N GLN B 758 -13.00 -33.00 9.38
CA GLN B 758 -13.52 -32.43 8.15
C GLN B 758 -12.43 -32.29 7.09
N CYS B 759 -11.58 -33.31 7.02
CA CYS B 759 -10.50 -33.36 6.05
C CYS B 759 -10.46 -34.77 5.48
N ASN B 760 -9.35 -35.14 4.86
CA ASN B 760 -9.18 -36.49 4.36
C ASN B 760 -8.02 -37.12 5.05
N MET B 761 -8.06 -37.25 6.38
CA MET B 761 -7.00 -37.91 7.12
C MET B 761 -7.66 -38.98 7.92
N THR B 762 -7.17 -40.20 7.84
CA THR B 762 -7.88 -41.26 8.51
C THR B 762 -7.89 -40.95 9.94
N LYS B 763 -8.70 -41.62 10.73
CA LYS B 763 -8.82 -41.26 12.11
C LYS B 763 -7.53 -41.68 12.68
N ASP B 764 -7.24 -42.94 12.51
CA ASP B 764 -6.03 -43.44 13.04
C ASP B 764 -4.94 -42.46 13.00
N TRP B 765 -4.37 -42.29 11.85
CA TRP B 765 -3.17 -41.47 11.78
C TRP B 765 -3.28 -40.23 12.66
N PHE B 766 -4.46 -39.63 12.71
CA PHE B 766 -4.66 -38.49 13.59
C PHE B 766 -4.37 -38.87 15.04
N LEU B 767 -4.92 -40.01 15.47
CA LEU B 767 -4.68 -40.46 16.83
C LEU B 767 -3.21 -40.75 17.07
N VAL B 768 -2.55 -41.38 16.10
CA VAL B 768 -1.14 -41.73 16.29
C VAL B 768 -0.30 -40.49 16.47
N GLN B 769 -0.53 -39.48 15.63
CA GLN B 769 0.26 -38.26 15.75
C GLN B 769 -0.02 -37.55 17.06
N MET B 770 -1.30 -37.42 17.45
CA MET B 770 -1.59 -36.72 18.68
C MET B 770 -0.96 -37.44 19.88
N LEU B 771 -1.04 -38.77 19.90
CA LEU B 771 -0.38 -39.51 20.97
C LEU B 771 1.11 -39.24 20.98
N ALA B 772 1.79 -39.54 19.86
CA ALA B 772 3.24 -39.48 19.86
C ALA B 772 3.77 -38.06 20.07
N ASN B 773 2.93 -37.04 19.96
CA ASN B 773 3.43 -35.70 20.22
C ASN B 773 3.01 -35.12 21.57
N TYR B 774 1.86 -35.52 22.12
CA TYR B 774 1.44 -34.92 23.38
C TYR B 774 0.84 -35.90 24.37
N ASN B 775 0.88 -37.20 24.13
CA ASN B 775 0.23 -38.18 25.00
C ASN B 775 -1.25 -37.84 25.20
N ILE B 776 -1.88 -37.37 24.13
CA ILE B 776 -3.29 -36.98 24.13
C ILE B 776 -4.04 -37.87 23.17
N GLY B 777 -5.16 -38.43 23.62
CA GLY B 777 -5.98 -39.18 22.70
C GLY B 777 -6.71 -40.37 23.29
N TYR B 778 -6.24 -40.87 24.43
CA TYR B 778 -6.98 -41.93 25.10
C TYR B 778 -8.07 -41.40 26.01
N GLN B 779 -8.12 -40.09 26.23
CA GLN B 779 -9.13 -39.47 27.06
C GLN B 779 -9.67 -38.22 26.39
N GLY B 780 -10.00 -38.33 25.11
CA GLY B 780 -10.61 -37.21 24.42
C GLY B 780 -9.60 -36.22 23.91
N PHE B 781 -9.92 -35.61 22.77
CA PHE B 781 -9.02 -34.68 22.11
C PHE B 781 -9.32 -33.26 22.56
N TYR B 782 -8.28 -32.46 22.69
CA TYR B 782 -8.42 -31.06 23.08
C TYR B 782 -7.13 -30.34 22.72
N ILE B 783 -7.21 -29.02 22.70
CA ILE B 783 -6.06 -28.20 22.29
C ILE B 783 -4.96 -28.31 23.33
N PRO B 784 -3.76 -28.73 22.97
CA PRO B 784 -2.68 -28.82 23.95
C PRO B 784 -2.18 -27.45 24.38
N GLU B 785 -1.51 -27.43 25.52
CA GLU B 785 -1.03 -26.18 26.10
C GLU B 785 0.01 -25.54 25.20
N SER B 786 0.20 -24.22 25.39
CA SER B 786 1.10 -23.46 24.53
C SER B 786 2.54 -23.92 24.68
N TYR B 787 2.99 -24.17 25.91
CA TYR B 787 4.40 -24.50 26.12
C TYR B 787 4.76 -25.89 25.65
N LYS B 788 3.77 -26.77 25.46
CA LYS B 788 4.02 -28.09 24.91
C LYS B 788 3.84 -28.14 23.40
N ASP B 789 3.61 -26.99 22.77
CA ASP B 789 3.30 -26.90 21.34
C ASP B 789 4.26 -25.89 20.71
N ARG B 790 5.42 -26.37 20.27
CA ARG B 790 6.47 -25.48 19.81
C ARG B 790 6.21 -25.08 18.35
N MET B 791 7.19 -24.41 17.74
CA MET B 791 7.03 -23.96 16.37
C MET B 791 7.00 -25.11 15.39
N TYR B 792 7.82 -26.13 15.62
CA TYR B 792 7.95 -27.24 14.70
C TYR B 792 6.99 -28.38 15.01
N SER B 793 6.05 -28.18 15.91
CA SER B 793 5.18 -29.27 16.34
C SER B 793 4.18 -29.61 15.24
N PHE B 794 3.28 -30.53 15.57
CA PHE B 794 2.29 -30.99 14.61
C PHE B 794 1.02 -30.16 14.64
N PHE B 795 0.47 -29.91 15.82
CA PHE B 795 -0.85 -29.28 15.88
C PHE B 795 -0.80 -27.83 15.43
N ARG B 796 0.33 -27.15 15.61
CA ARG B 796 0.41 -25.77 15.16
C ARG B 796 0.33 -25.68 13.64
N ASN B 797 0.65 -26.75 12.93
CA ASN B 797 0.81 -26.73 11.49
C ASN B 797 -0.16 -27.66 10.78
N PHE B 798 -1.42 -27.64 11.18
CA PHE B 798 -2.46 -28.45 10.55
C PHE B 798 -3.46 -27.51 9.90
N GLN B 799 -3.76 -27.76 8.63
CA GLN B 799 -4.76 -26.91 7.99
C GLN B 799 -5.69 -27.74 7.12
N PRO B 800 -6.97 -27.87 7.46
CA PRO B 800 -7.91 -28.53 6.56
C PRO B 800 -8.57 -27.53 5.63
N MET B 801 -8.81 -27.96 4.39
CA MET B 801 -9.37 -27.08 3.39
C MET B 801 -10.33 -27.87 2.52
N SER B 802 -11.36 -27.18 2.01
CA SER B 802 -12.37 -27.80 1.17
C SER B 802 -12.93 -26.78 0.20
N ARG B 803 -13.51 -27.28 -0.89
CA ARG B 803 -14.15 -26.40 -1.86
C ARG B 803 -15.11 -27.22 -2.72
N GLN B 804 -15.86 -26.51 -3.57
CA GLN B 804 -16.79 -27.12 -4.49
C GLN B 804 -16.49 -26.66 -5.92
N VAL B 805 -16.78 -27.53 -6.88
CA VAL B 805 -16.59 -27.23 -8.29
C VAL B 805 -17.74 -27.83 -9.09
N VAL B 806 -17.82 -27.45 -10.36
CA VAL B 806 -18.93 -27.89 -11.21
C VAL B 806 -18.76 -29.35 -11.56
N ASP B 807 -19.87 -30.08 -11.54
CA ASP B 807 -19.87 -31.52 -11.84
C ASP B 807 -20.17 -31.68 -13.32
N ASP B 808 -19.14 -31.97 -14.10
CA ASP B 808 -19.31 -32.02 -15.55
C ASP B 808 -20.24 -33.15 -15.96
N THR B 809 -20.09 -34.33 -15.35
CA THR B 809 -20.88 -35.47 -15.78
C THR B 809 -22.36 -35.31 -15.47
N LYS B 810 -22.73 -34.42 -14.56
CA LYS B 810 -24.12 -34.29 -14.15
C LYS B 810 -24.78 -33.02 -14.66
N TYR B 811 -24.06 -31.91 -14.70
CA TYR B 811 -24.61 -30.68 -15.26
C TYR B 811 -24.75 -30.84 -16.77
N LYS B 812 -25.97 -30.71 -17.27
CA LYS B 812 -26.25 -31.05 -18.66
C LYS B 812 -25.82 -29.96 -19.63
N ASP B 813 -25.33 -28.82 -19.15
CA ASP B 813 -24.87 -27.75 -20.02
C ASP B 813 -23.40 -27.43 -19.83
N TYR B 814 -22.60 -28.40 -19.40
CA TYR B 814 -21.19 -28.16 -19.19
C TYR B 814 -20.50 -27.94 -20.53
N GLN B 815 -19.61 -26.95 -20.57
CA GLN B 815 -18.89 -26.59 -21.79
C GLN B 815 -17.49 -26.14 -21.39
N GLN B 816 -16.51 -27.02 -21.57
CA GLN B 816 -15.15 -26.70 -21.15
C GLN B 816 -14.62 -25.52 -21.97
N VAL B 817 -14.19 -24.48 -21.27
CA VAL B 817 -13.63 -23.29 -21.91
C VAL B 817 -12.20 -23.14 -21.42
N GLY B 818 -11.25 -23.08 -22.36
CA GLY B 818 -9.85 -22.93 -22.01
C GLY B 818 -9.57 -21.57 -21.43
N ILE B 819 -8.27 -21.25 -21.36
CA ILE B 819 -7.87 -19.92 -20.92
C ILE B 819 -7.99 -18.92 -22.06
N LEU B 820 -7.80 -19.38 -23.30
CA LEU B 820 -7.80 -18.47 -24.44
C LEU B 820 -9.17 -17.89 -24.75
N HIS B 821 -10.23 -18.35 -24.09
CA HIS B 821 -11.56 -17.90 -24.47
C HIS B 821 -12.43 -17.56 -23.27
N GLN B 822 -11.82 -17.11 -22.18
CA GLN B 822 -12.56 -16.59 -21.04
C GLN B 822 -12.46 -15.08 -21.06
N HIS B 823 -13.59 -14.41 -21.24
CA HIS B 823 -13.60 -12.97 -21.43
C HIS B 823 -14.41 -12.27 -20.36
N ASN B 824 -14.23 -12.67 -19.11
CA ASN B 824 -14.75 -11.89 -18.00
C ASN B 824 -13.95 -10.60 -17.84
N ASN B 825 -14.62 -9.56 -17.36
CA ASN B 825 -14.01 -8.25 -17.22
C ASN B 825 -13.41 -7.79 -18.54
N SER B 826 -14.18 -7.99 -19.61
CA SER B 826 -13.63 -8.02 -20.96
C SER B 826 -13.00 -6.70 -21.36
N GLY B 827 -13.75 -5.61 -21.25
CA GLY B 827 -13.35 -4.41 -21.94
C GLY B 827 -12.41 -3.49 -21.21
N PHE B 828 -11.89 -3.88 -20.06
CA PHE B 828 -11.04 -2.97 -19.31
C PHE B 828 -9.77 -3.63 -18.81
N VAL B 829 -9.19 -4.55 -19.56
CA VAL B 829 -8.02 -5.28 -19.11
C VAL B 829 -7.33 -5.92 -20.31
N GLY B 830 -6.01 -6.07 -20.21
CA GLY B 830 -5.23 -6.60 -21.32
C GLY B 830 -5.64 -8.00 -21.71
N TYR B 831 -4.99 -8.50 -22.76
CA TYR B 831 -5.27 -9.82 -23.30
C TYR B 831 -4.05 -10.72 -23.09
N LEU B 832 -4.16 -11.65 -22.16
CA LEU B 832 -3.12 -12.64 -21.90
C LEU B 832 -1.76 -11.96 -21.68
N ALA B 833 -1.78 -10.85 -20.98
CA ALA B 833 -0.58 -10.09 -20.67
C ALA B 833 -0.95 -8.97 -19.71
N PRO B 834 0.02 -8.42 -19.02
CA PRO B 834 -0.27 -7.26 -18.17
C PRO B 834 -0.18 -5.94 -18.92
N THR B 835 -0.31 -5.98 -20.24
CA THR B 835 -0.13 -4.80 -21.07
C THR B 835 -1.38 -3.94 -21.05
N MET B 836 -1.42 -2.95 -21.95
CA MET B 836 -2.48 -1.97 -22.00
C MET B 836 -3.84 -2.64 -22.23
N ARG B 837 -4.89 -1.94 -21.81
CA ARG B 837 -6.25 -2.45 -21.94
C ARG B 837 -6.67 -2.55 -23.40
N GLU B 838 -7.75 -3.26 -23.64
CA GLU B 838 -8.22 -3.51 -25.01
C GLU B 838 -9.65 -4.01 -24.94
N GLY B 839 -10.25 -4.20 -26.11
CA GLY B 839 -11.53 -4.86 -26.24
C GLY B 839 -12.71 -4.00 -25.86
N GLN B 840 -13.90 -4.56 -26.05
CA GLN B 840 -15.15 -3.89 -25.77
C GLN B 840 -15.81 -4.51 -24.54
N ALA B 841 -16.86 -3.84 -24.06
CA ALA B 841 -17.61 -4.32 -22.91
C ALA B 841 -18.66 -5.31 -23.36
N TYR B 842 -18.94 -6.30 -22.51
CA TYR B 842 -19.84 -7.38 -22.87
C TYR B 842 -20.10 -8.25 -21.63
N PRO B 843 -21.25 -8.88 -21.52
CA PRO B 843 -21.48 -9.79 -20.40
C PRO B 843 -20.49 -10.93 -20.41
N ALA B 844 -20.07 -11.35 -19.24
CA ALA B 844 -19.01 -12.32 -19.08
C ALA B 844 -19.53 -13.75 -19.19
N ASN B 845 -18.60 -14.69 -19.35
CA ASN B 845 -18.94 -16.10 -19.49
C ASN B 845 -18.14 -17.01 -18.56
N PHE B 846 -17.64 -16.50 -17.45
CA PHE B 846 -16.78 -17.29 -16.58
C PHE B 846 -16.61 -16.57 -15.25
N PRO B 847 -16.60 -17.29 -14.12
CA PRO B 847 -16.80 -18.72 -13.94
C PRO B 847 -18.25 -19.05 -13.65
N TYR B 848 -18.62 -20.31 -13.73
CA TYR B 848 -20.00 -20.70 -13.48
C TYR B 848 -20.41 -20.26 -12.08
N PRO B 849 -21.61 -19.73 -11.90
CA PRO B 849 -22.04 -19.36 -10.56
C PRO B 849 -22.27 -20.60 -9.71
N LEU B 850 -22.00 -20.46 -8.42
CA LEU B 850 -22.20 -21.54 -7.46
C LEU B 850 -23.21 -21.18 -6.39
N ILE B 851 -23.72 -19.96 -6.38
CA ILE B 851 -24.68 -19.49 -5.40
C ILE B 851 -25.85 -18.88 -6.15
N GLY B 852 -26.80 -18.33 -5.39
CA GLY B 852 -27.98 -17.76 -6.00
C GLY B 852 -28.96 -18.83 -6.41
N LYS B 853 -30.12 -18.37 -6.90
CA LYS B 853 -31.19 -19.30 -7.17
C LYS B 853 -31.01 -20.07 -8.48
N THR B 854 -30.01 -19.73 -9.28
CA THR B 854 -29.75 -20.41 -10.54
C THR B 854 -28.43 -21.17 -10.52
N ALA B 855 -28.06 -21.69 -9.35
CA ALA B 855 -26.75 -22.32 -9.22
C ALA B 855 -26.69 -23.63 -9.99
N VAL B 856 -25.48 -24.09 -10.24
CA VAL B 856 -25.23 -25.30 -10.98
C VAL B 856 -24.97 -26.44 -9.99
N ASP B 857 -25.04 -27.67 -10.48
CA ASP B 857 -24.73 -28.81 -9.63
C ASP B 857 -23.22 -28.90 -9.43
N SER B 858 -22.83 -29.54 -8.32
CA SER B 858 -21.43 -29.43 -7.91
C SER B 858 -20.99 -30.68 -7.17
N ILE B 859 -19.68 -30.86 -7.11
CA ILE B 859 -19.04 -31.87 -6.28
C ILE B 859 -18.02 -31.18 -5.38
N THR B 860 -17.52 -31.93 -4.42
CA THR B 860 -16.72 -31.39 -3.32
C THR B 860 -15.34 -32.03 -3.32
N GLN B 861 -14.34 -31.22 -3.03
CA GLN B 861 -12.97 -31.69 -2.88
C GLN B 861 -12.44 -31.23 -1.54
N LYS B 862 -11.70 -32.12 -0.87
CA LYS B 862 -11.14 -31.85 0.45
C LYS B 862 -9.67 -32.24 0.45
N LYS B 863 -8.86 -31.47 1.16
CA LYS B 863 -7.45 -31.83 1.35
C LYS B 863 -6.92 -31.13 2.58
N PHE B 864 -5.68 -31.43 2.94
CA PHE B 864 -5.08 -30.80 4.10
C PHE B 864 -3.65 -30.40 3.77
N LEU B 865 -3.14 -29.47 4.58
CA LEU B 865 -1.80 -28.95 4.42
C LEU B 865 -1.09 -29.02 5.76
N CYS B 866 0.10 -29.62 5.77
CA CYS B 866 0.85 -29.79 7.01
C CYS B 866 2.34 -29.76 6.65
N ASP B 867 2.96 -28.60 6.79
CA ASP B 867 4.35 -28.40 6.48
C ASP B 867 5.14 -28.15 7.75
N ARG B 868 6.46 -28.10 7.62
CA ARG B 868 7.40 -27.72 8.67
C ARG B 868 7.58 -28.79 9.73
N THR B 869 6.94 -29.96 9.59
CA THR B 869 7.07 -31.01 10.58
C THR B 869 7.33 -32.34 9.91
N LEU B 870 8.00 -33.22 10.64
CA LEU B 870 8.24 -34.59 10.18
C LEU B 870 7.07 -35.46 10.58
N TRP B 871 6.91 -36.58 9.88
CA TRP B 871 5.97 -37.58 10.35
C TRP B 871 6.68 -38.50 11.32
N ARG B 872 5.99 -38.88 12.39
CA ARG B 872 6.58 -39.63 13.49
C ARG B 872 5.87 -40.95 13.71
N ILE B 873 6.63 -41.97 14.10
CA ILE B 873 6.07 -43.24 14.56
C ILE B 873 6.94 -43.75 15.70
N PRO B 874 6.44 -43.79 16.93
CA PRO B 874 7.28 -44.23 18.05
C PRO B 874 7.24 -45.74 18.22
N PHE B 875 8.37 -46.28 18.65
CA PHE B 875 8.55 -47.73 18.78
C PHE B 875 8.17 -48.20 20.18
N SER B 876 6.97 -47.85 20.59
CA SER B 876 6.45 -48.25 21.89
C SER B 876 5.33 -49.27 21.71
N SER B 877 4.85 -49.78 22.84
CA SER B 877 3.76 -50.76 22.76
C SER B 877 2.42 -50.09 22.53
N ASN B 878 2.22 -48.88 23.03
CA ASN B 878 0.93 -48.21 22.93
C ASN B 878 1.07 -46.80 22.41
N PHE B 879 2.13 -46.50 21.67
CA PHE B 879 2.34 -45.21 21.02
C PHE B 879 2.32 -44.05 22.01
N MET B 880 2.91 -44.28 23.18
CA MET B 880 3.01 -43.21 24.16
C MET B 880 4.47 -42.94 24.47
N SER B 881 4.71 -41.79 25.09
CA SER B 881 6.05 -41.36 25.45
C SER B 881 6.21 -41.50 26.96
N MET B 882 6.62 -42.69 27.39
CA MET B 882 6.76 -43.01 28.80
C MET B 882 8.21 -42.95 29.28
N GLY B 883 9.12 -42.41 28.49
CA GLY B 883 10.52 -42.34 28.85
C GLY B 883 11.39 -42.50 27.63
N ALA B 884 12.66 -42.10 27.78
CA ALA B 884 13.58 -42.15 26.65
C ALA B 884 13.76 -43.57 26.14
N LEU B 885 14.06 -44.50 27.03
CA LEU B 885 14.29 -45.89 26.64
C LEU B 885 12.95 -46.62 26.65
N THR B 886 12.41 -46.88 25.47
CA THR B 886 11.06 -47.43 25.37
C THR B 886 10.99 -48.84 25.92
N ASP B 887 9.77 -49.29 26.19
CA ASP B 887 9.58 -50.61 26.77
C ASP B 887 9.85 -51.70 25.73
N LEU B 888 9.70 -51.40 24.45
CA LEU B 888 9.95 -52.41 23.43
C LEU B 888 11.39 -52.44 22.97
N GLY B 889 12.18 -51.43 23.30
CA GLY B 889 13.60 -51.50 23.00
C GLY B 889 14.40 -52.30 23.99
N GLN B 890 13.79 -52.76 25.07
CA GLN B 890 14.47 -53.55 26.08
C GLN B 890 14.03 -54.99 26.10
N ASN B 891 12.84 -55.30 25.59
CA ASN B 891 12.33 -56.65 25.63
C ASN B 891 13.33 -57.62 25.00
N LEU B 892 13.39 -58.83 25.57
CA LEU B 892 14.40 -59.79 25.14
C LEU B 892 14.29 -60.11 23.65
N LEU B 893 13.07 -60.10 23.11
CA LEU B 893 12.89 -60.51 21.72
C LEU B 893 13.60 -59.58 20.77
N TYR B 894 13.70 -58.29 21.11
CA TYR B 894 14.31 -57.31 20.23
C TYR B 894 15.72 -56.93 20.67
N ALA B 895 16.30 -57.63 21.64
CA ALA B 895 17.66 -57.34 22.06
C ALA B 895 18.51 -58.57 22.34
N ASN B 896 18.01 -59.77 22.05
CA ASN B 896 18.77 -60.99 22.23
C ASN B 896 18.63 -61.90 21.03
N SER B 897 18.46 -61.32 19.85
CA SER B 897 18.34 -62.07 18.61
C SER B 897 18.50 -61.07 17.48
N ALA B 898 18.25 -61.52 16.26
CA ALA B 898 18.38 -60.67 15.08
C ALA B 898 17.06 -60.61 14.35
N HIS B 899 16.96 -59.67 13.42
CA HIS B 899 15.74 -59.48 12.65
C HIS B 899 16.08 -58.78 11.35
N ALA B 900 15.16 -58.86 10.41
CA ALA B 900 15.26 -58.17 9.13
C ALA B 900 14.06 -57.27 8.97
N LEU B 901 14.24 -56.11 8.36
CA LEU B 901 13.20 -55.11 8.32
C LEU B 901 12.76 -54.82 6.91
N ASP B 902 11.45 -54.68 6.69
CA ASP B 902 10.93 -54.36 5.37
C ASP B 902 9.88 -53.26 5.51
N MET B 903 10.12 -52.12 4.87
CA MET B 903 9.16 -51.03 4.88
C MET B 903 8.71 -50.77 3.45
N THR B 904 7.46 -50.35 3.31
CA THR B 904 6.87 -50.09 2.01
C THR B 904 6.05 -48.82 2.08
N PHE B 905 6.47 -47.79 1.36
CA PHE B 905 5.76 -46.52 1.30
C PHE B 905 4.99 -46.42 -0.01
N GLU B 906 3.82 -45.81 0.05
CA GLU B 906 3.04 -45.51 -1.14
C GLU B 906 2.70 -44.03 -1.10
N VAL B 907 3.11 -43.29 -2.14
CA VAL B 907 3.00 -41.85 -2.19
C VAL B 907 2.36 -41.44 -3.51
N ASP B 908 1.90 -40.19 -3.55
CA ASP B 908 1.34 -39.63 -4.77
C ASP B 908 2.45 -39.24 -5.74
N PRO B 909 2.15 -39.26 -7.04
CA PRO B 909 3.22 -39.06 -8.03
C PRO B 909 3.51 -37.60 -8.31
N MET B 910 4.77 -37.33 -8.63
CA MET B 910 5.22 -36.02 -9.07
C MET B 910 6.15 -36.20 -10.24
N ASP B 911 6.21 -35.19 -11.11
CA ASP B 911 6.98 -35.28 -12.35
C ASP B 911 8.37 -34.68 -12.18
N GLU B 912 9.12 -35.24 -11.23
CA GLU B 912 10.48 -34.79 -10.96
C GLU B 912 11.15 -35.79 -10.03
N PRO B 913 12.42 -36.13 -10.27
CA PRO B 913 13.09 -37.08 -9.37
C PRO B 913 13.07 -36.55 -7.94
N THR B 914 12.86 -37.44 -6.98
CA THR B 914 12.70 -37.02 -5.60
C THR B 914 13.46 -37.94 -4.67
N LEU B 915 13.46 -37.60 -3.39
CA LEU B 915 14.14 -38.37 -2.37
C LEU B 915 13.19 -38.63 -1.20
N LEU B 916 13.32 -39.81 -0.62
CA LEU B 916 12.59 -40.18 0.58
C LEU B 916 13.56 -40.11 1.75
N TYR B 917 13.18 -39.40 2.80
CA TYR B 917 14.07 -39.07 3.90
C TYR B 917 13.60 -39.81 5.13
N VAL B 918 14.45 -40.70 5.65
CA VAL B 918 14.11 -41.54 6.78
C VAL B 918 15.10 -41.30 7.90
N LEU B 919 14.59 -41.03 9.10
CA LEU B 919 15.38 -40.90 10.30
C LEU B 919 15.06 -42.07 11.21
N PHE B 920 16.06 -42.90 11.47
CA PHE B 920 15.95 -43.93 12.51
C PHE B 920 16.42 -43.30 13.81
N GLU B 921 15.52 -43.15 14.77
CA GLU B 921 15.90 -42.55 16.03
C GLU B 921 16.67 -43.58 16.86
N VAL B 922 17.87 -43.20 17.30
CA VAL B 922 18.77 -44.12 17.96
C VAL B 922 19.42 -43.40 19.14
N PHE B 923 20.27 -44.12 19.86
CA PHE B 923 21.00 -43.57 20.99
C PHE B 923 22.43 -43.25 20.57
N ASP B 924 22.84 -42.00 20.79
CA ASP B 924 24.17 -41.53 20.42
C ASP B 924 24.75 -40.78 21.62
N VAL B 925 25.85 -41.29 22.17
CA VAL B 925 26.35 -40.81 23.46
C VAL B 925 27.87 -40.71 23.39
N VAL B 926 28.42 -39.70 24.08
CA VAL B 926 29.85 -39.47 24.16
C VAL B 926 30.25 -39.35 25.61
N ARG B 927 31.37 -39.97 25.96
CA ARG B 927 31.95 -39.85 27.30
C ARG B 927 33.38 -39.32 27.19
N VAL B 928 33.75 -38.41 28.08
CA VAL B 928 34.98 -37.64 27.97
C VAL B 928 35.73 -37.72 29.29
N HIS B 929 37.03 -38.02 29.22
CA HIS B 929 37.86 -38.27 30.39
C HIS B 929 39.18 -37.54 30.21
N ARG B 930 39.66 -36.93 31.31
CA ARG B 930 40.78 -35.99 31.26
C ARG B 930 41.77 -36.30 32.38
N PRO B 931 42.61 -37.31 32.21
CA PRO B 931 43.37 -37.82 33.36
C PRO B 931 44.57 -36.98 33.75
N HIS B 932 45.06 -36.10 32.88
CA HIS B 932 46.29 -35.39 33.22
C HIS B 932 46.20 -33.97 32.67
N ARG B 933 47.33 -33.28 32.67
CA ARG B 933 47.38 -31.94 32.10
C ARG B 933 47.57 -32.03 30.59
N GLY B 934 46.68 -31.39 29.85
CA GLY B 934 46.81 -31.37 28.41
C GLY B 934 46.69 -32.73 27.74
N VAL B 935 45.71 -33.52 28.15
CA VAL B 935 45.42 -34.81 27.55
C VAL B 935 43.93 -35.07 27.70
N ILE B 936 43.30 -35.57 26.65
CA ILE B 936 41.85 -35.75 26.65
C ILE B 936 41.50 -36.97 25.81
N GLU B 937 40.81 -37.95 26.40
CA GLU B 937 40.36 -39.12 25.69
C GLU B 937 38.83 -39.14 25.65
N THR B 938 38.28 -39.76 24.61
CA THR B 938 36.85 -39.80 24.40
C THR B 938 36.43 -41.20 23.97
N VAL B 939 35.17 -41.52 24.21
CA VAL B 939 34.58 -42.79 23.80
C VAL B 939 33.19 -42.52 23.26
N TYR B 940 32.89 -43.09 22.09
CA TYR B 940 31.63 -42.86 21.39
C TYR B 940 30.81 -44.13 21.35
N LEU B 941 29.49 -43.97 21.46
CA LEU B 941 28.60 -45.10 21.30
C LEU B 941 27.39 -44.66 20.49
N ARG B 942 26.97 -45.51 19.57
CA ARG B 942 25.79 -45.23 18.77
C ARG B 942 25.10 -46.56 18.48
N THR B 943 23.95 -46.78 19.10
CA THR B 943 23.23 -48.02 18.89
C THR B 943 21.80 -47.72 18.47
N PRO B 944 21.18 -48.59 17.65
CA PRO B 944 21.61 -49.87 17.09
C PRO B 944 22.65 -49.81 15.98
N PHE B 945 22.61 -48.80 15.13
CA PHE B 945 23.48 -48.75 13.95
C PHE B 945 24.90 -48.46 14.40
N SER B 946 25.53 -49.50 14.94
CA SER B 946 26.84 -49.39 15.55
C SER B 946 27.90 -48.99 14.53
N ALA B 947 28.96 -48.36 15.00
CA ALA B 947 30.12 -48.09 14.15
C ALA B 947 31.36 -47.93 15.00
N GLY B 948 32.19 -48.96 15.07
CA GLY B 948 33.39 -48.89 15.89
C GLY B 948 34.15 -50.19 15.87
N ASN B 949 35.38 -50.14 16.36
CA ASN B 949 36.27 -51.29 16.35
C ASN B 949 35.96 -52.21 17.53
N ALA B 950 36.62 -53.36 17.56
CA ALA B 950 36.37 -54.33 18.62
C ALA B 950 37.55 -55.29 18.71
N THR B 951 38.24 -55.28 19.84
CA THR B 951 39.29 -56.26 20.10
C THR B 951 38.66 -57.50 20.70
N ALA C 2 14.87 -55.12 30.65
CA ALA C 2 14.86 -56.40 31.35
C ALA C 2 15.84 -57.35 30.69
N THR C 3 16.91 -56.81 30.14
CA THR C 3 17.93 -57.63 29.49
C THR C 3 19.15 -57.76 30.39
N PRO C 4 19.41 -58.94 30.95
CA PRO C 4 20.62 -59.10 31.75
C PRO C 4 21.90 -58.86 30.97
N SER C 5 21.91 -59.19 29.68
CA SER C 5 23.17 -59.20 28.93
C SER C 5 23.75 -57.81 28.77
N MET C 6 22.92 -56.83 28.45
CA MET C 6 23.42 -55.51 28.07
C MET C 6 23.45 -54.51 29.21
N MET C 7 23.23 -54.95 30.44
CA MET C 7 23.23 -54.00 31.56
C MET C 7 24.57 -53.29 31.75
N PRO C 8 25.72 -53.96 31.70
CA PRO C 8 26.97 -53.22 31.97
C PRO C 8 27.25 -52.12 30.96
N GLN C 9 27.14 -52.42 29.67
CA GLN C 9 27.46 -51.43 28.65
C GLN C 9 26.55 -50.22 28.75
N TRP C 10 25.25 -50.45 28.91
CA TRP C 10 24.32 -49.33 29.06
C TRP C 10 24.62 -48.55 30.33
N SER C 11 24.95 -49.25 31.43
CA SER C 11 25.22 -48.55 32.68
C SER C 11 26.45 -47.67 32.56
N TYR C 12 27.45 -48.10 31.79
CA TYR C 12 28.63 -47.28 31.62
C TYR C 12 28.28 -45.93 30.99
N MET C 13 27.74 -45.94 29.78
CA MET C 13 27.51 -44.71 29.04
C MET C 13 26.30 -43.95 29.53
N HIS C 14 25.75 -44.31 30.68
CA HIS C 14 24.60 -43.62 31.26
C HIS C 14 23.38 -43.70 30.35
N ILE C 15 23.28 -44.79 29.58
CA ILE C 15 22.06 -45.02 28.81
C ILE C 15 20.90 -45.32 29.75
N SER C 16 21.12 -46.19 30.73
CA SER C 16 20.07 -46.54 31.68
C SER C 16 20.75 -46.97 32.97
N GLY C 17 20.46 -46.27 34.07
CA GLY C 17 21.06 -46.60 35.34
C GLY C 17 20.88 -45.52 36.38
N GLN C 18 21.93 -45.23 37.14
CA GLN C 18 21.83 -44.25 38.20
C GLN C 18 21.70 -42.84 37.63
N ASP C 19 20.86 -42.04 38.27
CA ASP C 19 20.66 -40.67 37.87
C ASP C 19 21.91 -39.85 38.22
N ALA C 20 21.87 -38.57 37.88
CA ALA C 20 23.08 -37.75 37.95
C ALA C 20 23.53 -37.54 39.39
N SER C 21 22.60 -37.31 40.30
CA SER C 21 22.94 -36.93 41.66
C SER C 21 23.44 -38.10 42.50
N GLU C 22 23.73 -39.24 41.90
CA GLU C 22 24.05 -40.42 42.67
C GLU C 22 25.37 -41.07 42.30
N TYR C 23 25.87 -40.88 41.09
CA TYR C 23 27.11 -41.53 40.69
C TYR C 23 28.31 -40.59 40.75
N LEU C 24 28.16 -39.40 41.28
CA LEU C 24 29.26 -38.48 41.46
C LEU C 24 29.74 -38.50 42.90
N SER C 25 31.02 -38.18 43.09
CA SER C 25 31.54 -38.09 44.44
C SER C 25 30.80 -36.99 45.20
N PRO C 26 30.46 -37.21 46.47
CA PRO C 26 29.58 -36.27 47.16
C PRO C 26 30.12 -34.85 47.23
N GLY C 27 31.44 -34.69 47.36
CA GLY C 27 32.00 -33.35 47.41
C GLY C 27 31.65 -32.55 46.18
N LEU C 28 31.75 -33.16 45.01
CA LEU C 28 31.42 -32.46 43.77
C LEU C 28 29.94 -32.08 43.74
N VAL C 29 29.07 -32.95 44.25
CA VAL C 29 27.65 -32.63 44.24
C VAL C 29 27.36 -31.43 45.13
N GLN C 30 27.96 -31.41 46.32
CA GLN C 30 27.77 -30.25 47.19
C GLN C 30 28.32 -28.99 46.54
N PHE C 31 29.49 -29.10 45.90
CA PHE C 31 30.06 -27.95 45.21
C PHE C 31 29.11 -27.42 44.15
N ALA C 32 28.57 -28.31 43.31
CA ALA C 32 27.69 -27.86 42.24
C ALA C 32 26.41 -27.27 42.79
N ARG C 33 25.88 -27.86 43.86
CA ARG C 33 24.67 -27.32 44.47
C ARG C 33 24.92 -25.97 45.11
N ALA C 34 26.18 -25.68 45.46
CA ALA C 34 26.47 -24.39 46.07
C ALA C 34 26.40 -23.25 45.07
N THR C 35 26.94 -23.44 43.87
CA THR C 35 27.17 -22.37 42.92
C THR C 35 26.32 -22.52 41.66
N GLU C 36 25.06 -22.89 41.82
CA GLU C 36 24.17 -22.97 40.66
C GLU C 36 23.68 -21.60 40.21
N THR C 37 23.83 -20.59 41.04
CA THR C 37 23.26 -19.29 40.73
C THR C 37 24.08 -18.53 39.69
N TYR C 38 25.41 -18.64 39.74
CA TYR C 38 26.26 -17.81 38.89
C TYR C 38 27.23 -18.57 38.02
N PHE C 39 27.43 -19.87 38.21
CA PHE C 39 28.27 -20.66 37.32
C PHE C 39 27.69 -22.08 37.27
N SER C 40 26.84 -22.33 36.30
CA SER C 40 26.07 -23.57 36.29
C SER C 40 26.95 -24.76 35.96
N LEU C 41 26.47 -25.94 36.37
CA LEU C 41 27.09 -27.20 35.98
C LEU C 41 26.03 -28.26 35.68
N ASN C 42 24.79 -27.86 35.42
CA ASN C 42 23.71 -28.82 35.28
C ASN C 42 23.85 -29.65 34.00
N ASN C 43 24.23 -29.01 32.90
CA ASN C 43 24.14 -29.66 31.60
C ASN C 43 25.40 -30.39 31.19
N LYS C 44 26.41 -30.46 32.05
CA LYS C 44 27.63 -31.19 31.72
C LYS C 44 27.52 -32.69 32.01
N PHE C 45 26.39 -33.16 32.51
CA PHE C 45 26.22 -34.56 32.86
C PHE C 45 24.86 -35.02 32.38
N ARG C 46 24.73 -36.33 32.17
CA ARG C 46 23.55 -36.91 31.53
C ARG C 46 22.77 -37.73 32.54
N ASN C 47 21.46 -37.48 32.62
CA ASN C 47 20.56 -38.15 33.56
C ASN C 47 19.60 -39.05 32.81
N PRO C 48 19.82 -40.35 32.77
CA PRO C 48 18.96 -41.22 31.98
C PRO C 48 17.58 -41.36 32.59
N THR C 49 16.63 -41.77 31.74
CA THR C 49 15.29 -42.13 32.16
C THR C 49 14.87 -43.40 31.45
N VAL C 50 14.01 -44.19 32.10
CA VAL C 50 13.64 -45.51 31.60
C VAL C 50 12.15 -45.71 31.82
N ALA C 51 11.49 -46.35 30.88
CA ALA C 51 10.07 -46.63 30.97
C ALA C 51 9.84 -48.03 31.56
N PRO C 52 8.69 -48.27 32.16
CA PRO C 52 8.45 -49.57 32.79
C PRO C 52 8.17 -50.65 31.76
N THR C 53 8.38 -51.90 32.17
CA THR C 53 8.24 -53.02 31.26
C THR C 53 7.54 -54.19 31.92
N HIS C 54 6.47 -53.92 32.67
CA HIS C 54 5.77 -54.98 33.38
C HIS C 54 4.39 -54.49 33.77
N ASP C 55 3.36 -55.24 33.37
CA ASP C 55 2.00 -55.01 33.84
C ASP C 55 1.53 -53.58 33.57
N VAL C 56 1.85 -53.06 32.39
CA VAL C 56 1.32 -51.79 31.91
C VAL C 56 0.51 -51.98 30.65
N THR C 57 1.04 -52.72 29.69
CA THR C 57 0.41 -52.91 28.39
C THR C 57 0.28 -54.39 28.10
N THR C 58 -0.92 -54.82 27.74
CA THR C 58 -1.15 -56.22 27.43
C THR C 58 -0.47 -56.60 26.12
N ASP C 59 -0.55 -57.87 25.79
CA ASP C 59 -0.08 -58.34 24.49
C ASP C 59 -0.99 -59.37 23.85
N ARG C 60 -2.26 -59.41 24.19
CA ARG C 60 -3.20 -60.22 23.43
C ARG C 60 -3.80 -59.39 22.30
N SER C 61 -4.75 -59.99 21.59
CA SER C 61 -5.40 -59.32 20.48
C SER C 61 -6.51 -58.42 21.02
N GLN C 62 -6.39 -57.12 20.80
CA GLN C 62 -7.38 -56.18 21.31
C GLN C 62 -7.27 -54.89 20.53
N ARG C 63 -8.39 -54.43 19.96
CA ARG C 63 -8.37 -53.23 19.15
C ARG C 63 -8.29 -51.98 20.02
N LEU C 64 -7.94 -50.87 19.40
CA LEU C 64 -7.88 -49.58 20.09
C LEU C 64 -9.10 -48.72 19.83
N THR C 65 -9.88 -49.00 18.80
CA THR C 65 -11.06 -48.22 18.50
C THR C 65 -12.20 -49.15 18.12
N LEU C 66 -13.42 -48.77 18.47
CA LEU C 66 -14.60 -49.54 18.15
C LEU C 66 -15.65 -48.64 17.55
N ARG C 67 -16.44 -49.21 16.65
CA ARG C 67 -17.44 -48.48 15.87
C ARG C 67 -18.77 -49.21 16.00
N PHE C 68 -19.64 -48.68 16.85
CA PHE C 68 -20.93 -49.29 17.11
C PHE C 68 -21.99 -48.76 16.17
N ILE C 69 -22.88 -49.65 15.75
CA ILE C 69 -23.91 -49.40 14.75
C ILE C 69 -25.26 -49.27 15.45
N PRO C 70 -26.09 -48.30 15.06
CA PRO C 70 -27.36 -48.11 15.75
C PRO C 70 -28.21 -49.37 15.71
N VAL C 71 -28.59 -49.84 16.90
CA VAL C 71 -29.54 -50.94 16.96
C VAL C 71 -30.90 -50.49 16.45
N ASP C 72 -31.30 -49.25 16.76
CA ASP C 72 -32.58 -48.77 16.25
C ASP C 72 -32.53 -47.27 15.99
N ARG C 73 -33.20 -46.87 14.90
CA ARG C 73 -33.29 -45.46 14.56
C ARG C 73 -34.70 -45.15 14.08
N GLU C 74 -35.15 -43.94 14.33
CA GLU C 74 -36.51 -43.52 14.00
C GLU C 74 -36.49 -42.05 13.60
N ASP C 75 -37.39 -41.69 12.68
CA ASP C 75 -37.35 -40.40 12.02
C ASP C 75 -38.73 -39.77 12.00
N THR C 76 -38.77 -38.45 12.10
CA THR C 76 -40.02 -37.70 12.13
C THR C 76 -39.85 -36.41 11.34
N ALA C 77 -40.81 -35.50 11.48
CA ALA C 77 -40.77 -34.27 10.70
C ALA C 77 -39.61 -33.39 11.12
N TYR C 78 -39.34 -33.29 12.42
CA TYR C 78 -38.35 -32.36 12.92
C TYR C 78 -37.27 -32.95 13.82
N SER C 79 -37.34 -34.24 14.16
CA SER C 79 -36.41 -34.83 15.10
C SER C 79 -35.98 -36.20 14.62
N TYR C 80 -34.85 -36.66 15.16
CA TYR C 80 -34.24 -37.91 14.74
C TYR C 80 -33.73 -38.64 15.96
N LYS C 81 -34.20 -39.85 16.21
CA LYS C 81 -33.89 -40.58 17.44
C LYS C 81 -33.05 -41.80 17.13
N ALA C 82 -32.00 -42.01 17.92
CA ALA C 82 -31.10 -43.14 17.70
C ALA C 82 -30.84 -43.85 19.01
N ARG C 83 -30.58 -45.16 18.91
CA ARG C 83 -30.38 -45.99 20.11
C ARG C 83 -29.40 -47.11 19.80
N PHE C 84 -28.30 -47.14 20.55
CA PHE C 84 -27.24 -48.14 20.44
C PHE C 84 -27.16 -48.99 21.69
N THR C 85 -26.57 -50.16 21.53
CA THR C 85 -26.14 -51.02 22.63
C THR C 85 -24.62 -50.91 22.72
N LEU C 86 -24.13 -50.40 23.84
CA LEU C 86 -22.71 -50.15 24.03
C LEU C 86 -22.16 -51.17 25.00
N ALA C 87 -21.17 -51.93 24.56
CA ALA C 87 -20.65 -53.05 25.34
C ALA C 87 -19.18 -52.83 25.67
N VAL C 88 -18.83 -53.07 26.93
CA VAL C 88 -17.46 -52.97 27.41
C VAL C 88 -17.07 -54.34 27.93
N GLY C 89 -16.27 -55.06 27.17
CA GLY C 89 -15.91 -56.42 27.54
C GLY C 89 -15.00 -56.44 28.74
N ASP C 90 -14.78 -57.66 29.25
CA ASP C 90 -14.04 -57.85 30.48
C ASP C 90 -12.61 -57.35 30.36
N ASN C 91 -12.02 -57.01 31.50
CA ASN C 91 -10.63 -56.60 31.60
C ASN C 91 -10.34 -55.37 30.75
N ARG C 92 -11.29 -54.45 30.71
CA ARG C 92 -11.09 -53.18 30.01
C ARG C 92 -11.74 -52.07 30.82
N VAL C 93 -11.44 -50.84 30.44
CA VAL C 93 -12.02 -49.66 31.08
C VAL C 93 -12.22 -48.59 30.02
N LEU C 94 -13.46 -48.12 29.89
CA LEU C 94 -13.80 -47.10 28.90
C LEU C 94 -14.00 -45.77 29.59
N ASP C 95 -13.40 -44.72 29.03
CA ASP C 95 -13.58 -43.36 29.51
C ASP C 95 -14.58 -42.66 28.59
N MET C 96 -15.65 -42.12 29.17
CA MET C 96 -16.65 -41.46 28.35
C MET C 96 -16.16 -40.15 27.76
N ALA C 97 -15.01 -39.66 28.20
CA ALA C 97 -14.48 -38.44 27.61
C ALA C 97 -14.05 -38.63 26.16
N SER C 98 -13.99 -39.86 25.68
CA SER C 98 -13.53 -40.14 24.33
C SER C 98 -14.57 -40.95 23.57
N THR C 99 -15.82 -40.55 23.66
CA THR C 99 -16.87 -41.09 22.81
C THR C 99 -17.62 -39.92 22.21
N TYR C 100 -17.77 -39.92 20.89
CA TYR C 100 -18.43 -38.85 20.18
C TYR C 100 -19.33 -39.45 19.11
N PHE C 101 -20.42 -38.76 18.81
CA PHE C 101 -21.29 -39.23 17.74
C PHE C 101 -20.72 -38.81 16.39
N ASP C 102 -21.03 -39.58 15.37
CA ASP C 102 -20.55 -39.33 14.02
C ASP C 102 -21.75 -39.26 13.08
N ILE C 103 -21.82 -38.20 12.28
CA ILE C 103 -22.99 -37.90 11.48
C ILE C 103 -22.58 -37.58 10.06
N ARG C 104 -23.38 -38.03 9.10
CA ARG C 104 -23.22 -37.68 7.69
C ARG C 104 -24.57 -37.32 7.09
N GLY C 105 -24.56 -36.53 6.03
CA GLY C 105 -25.80 -36.21 5.37
C GLY C 105 -25.64 -35.13 4.32
N VAL C 106 -26.77 -34.52 3.96
CA VAL C 106 -26.85 -33.56 2.86
C VAL C 106 -27.41 -32.26 3.38
N LEU C 107 -26.73 -31.16 3.08
CA LEU C 107 -27.11 -29.83 3.53
C LEU C 107 -27.33 -28.92 2.32
N ASP C 108 -28.40 -28.13 2.37
CA ASP C 108 -28.75 -27.19 1.31
C ASP C 108 -28.96 -25.84 1.95
N ARG C 109 -28.05 -24.90 1.70
CA ARG C 109 -28.02 -23.64 2.42
C ARG C 109 -28.96 -22.59 1.85
N GLY C 110 -29.70 -22.89 0.79
CA GLY C 110 -30.71 -21.99 0.29
C GLY C 110 -30.20 -21.00 -0.73
N PRO C 111 -31.12 -20.33 -1.42
CA PRO C 111 -30.74 -19.34 -2.43
C PRO C 111 -30.39 -17.95 -1.90
N THR C 112 -30.16 -17.80 -0.60
CA THR C 112 -29.71 -16.54 -0.05
C THR C 112 -28.37 -16.72 0.63
N PHE C 113 -27.48 -17.45 -0.02
CA PHE C 113 -26.13 -17.70 0.46
C PHE C 113 -25.19 -16.91 -0.43
N LYS C 114 -24.45 -15.98 0.16
CA LYS C 114 -23.47 -15.19 -0.57
C LYS C 114 -22.33 -14.85 0.38
N PRO C 115 -21.18 -15.53 0.26
CA PRO C 115 -20.09 -15.36 1.23
C PRO C 115 -19.04 -14.33 0.85
N TYR C 116 -19.24 -13.51 -0.16
CA TYR C 116 -18.24 -12.53 -0.55
C TYR C 116 -18.89 -11.17 -0.76
N SER C 117 -18.18 -10.13 -0.36
CA SER C 117 -18.63 -8.78 -0.67
C SER C 117 -18.35 -8.46 -2.13
N GLY C 118 -18.98 -7.41 -2.62
CA GLY C 118 -18.78 -7.08 -4.01
C GLY C 118 -19.40 -8.14 -4.90
N THR C 119 -18.97 -8.15 -6.15
CA THR C 119 -19.44 -9.12 -7.12
C THR C 119 -18.25 -9.75 -7.83
N ALA C 120 -18.55 -10.58 -8.84
CA ALA C 120 -17.52 -11.37 -9.47
C ALA C 120 -17.47 -11.26 -10.98
N TYR C 121 -18.30 -10.43 -11.60
CA TYR C 121 -18.32 -10.29 -13.05
C TYR C 121 -18.19 -8.83 -13.42
N ASN C 122 -17.24 -8.53 -14.31
CA ASN C 122 -17.02 -7.17 -14.79
C ASN C 122 -16.86 -6.19 -13.63
N ALA C 123 -16.26 -6.66 -12.54
CA ALA C 123 -16.17 -5.86 -11.33
C ALA C 123 -15.45 -4.54 -11.59
N LEU C 124 -14.59 -4.50 -12.59
CA LEU C 124 -13.83 -3.29 -12.86
C LEU C 124 -14.61 -2.26 -13.66
N ALA C 125 -15.75 -2.63 -14.22
CA ALA C 125 -16.47 -1.71 -15.09
C ALA C 125 -17.11 -0.59 -14.26
N PRO C 126 -17.25 0.60 -14.82
CA PRO C 126 -18.01 1.64 -14.14
C PRO C 126 -19.46 1.20 -13.96
N LYS C 127 -20.05 1.61 -12.85
CA LYS C 127 -21.33 1.09 -12.43
C LYS C 127 -22.51 1.68 -13.18
N GLY C 128 -22.28 2.38 -14.28
CA GLY C 128 -23.38 2.93 -15.06
C GLY C 128 -23.34 2.56 -16.51
N ALA C 129 -22.18 2.12 -17.00
CA ALA C 129 -22.01 1.92 -18.42
C ALA C 129 -22.88 0.77 -18.92
N PRO C 130 -23.64 0.96 -19.98
CA PRO C 130 -24.52 -0.10 -20.48
C PRO C 130 -23.77 -1.05 -21.42
N ASN C 131 -24.48 -2.07 -21.83
CA ASN C 131 -24.03 -3.04 -22.81
C ASN C 131 -24.42 -2.60 -24.21
N PRO C 132 -23.67 -3.01 -25.23
CA PRO C 132 -24.07 -2.70 -26.60
C PRO C 132 -25.45 -3.24 -26.88
N CYS C 133 -26.42 -2.36 -27.12
CA CYS C 133 -27.80 -2.76 -27.23
C CYS C 133 -28.45 -2.03 -28.39
N GLU C 134 -29.73 -2.33 -28.61
CA GLU C 134 -30.51 -1.66 -29.63
C GLU C 134 -31.98 -1.83 -29.29
N TRP C 135 -32.75 -0.76 -29.46
CA TRP C 135 -34.13 -0.75 -28.98
C TRP C 135 -35.02 -0.06 -30.00
N ASP C 136 -36.28 0.08 -29.63
CA ASP C 136 -37.31 0.60 -30.51
C ASP C 136 -37.83 1.93 -30.00
N GLU C 137 -38.24 2.79 -30.93
CA GLU C 137 -38.83 4.08 -30.62
C GLU C 137 -39.92 4.38 -31.63
N ALA C 138 -40.58 5.52 -31.43
CA ALA C 138 -41.64 5.96 -32.33
C ALA C 138 -41.09 6.34 -33.70
N GLN C 164 -42.55 3.32 -35.62
CA GLN C 164 -41.64 2.38 -34.95
C GLN C 164 -40.35 2.20 -35.75
N LYS C 165 -39.24 2.64 -35.17
CA LYS C 165 -37.93 2.45 -35.76
C LYS C 165 -36.97 1.94 -34.69
N THR C 166 -35.78 1.55 -35.12
CA THR C 166 -34.80 0.94 -34.24
C THR C 166 -33.56 1.82 -34.15
N HIS C 167 -33.01 1.94 -32.94
CA HIS C 167 -31.78 2.66 -32.70
C HIS C 167 -30.76 1.72 -32.08
N VAL C 168 -29.48 2.00 -32.32
CA VAL C 168 -28.39 1.11 -31.97
C VAL C 168 -27.31 1.89 -31.23
N PHE C 169 -26.81 1.32 -30.14
CA PHE C 169 -25.68 1.89 -29.40
C PHE C 169 -24.70 0.78 -29.13
N GLY C 170 -23.44 0.99 -29.49
CA GLY C 170 -22.47 -0.08 -29.32
C GLY C 170 -21.06 0.35 -29.61
N GLN C 171 -20.17 -0.64 -29.66
CA GLN C 171 -18.74 -0.41 -29.81
C GLN C 171 -18.20 -1.43 -30.81
N ALA C 172 -17.09 -1.09 -31.45
CA ALA C 172 -16.47 -1.94 -32.46
C ALA C 172 -14.96 -1.87 -32.32
N PRO C 173 -14.36 -2.75 -31.54
CA PRO C 173 -12.93 -2.63 -31.25
C PRO C 173 -12.02 -3.32 -32.27
N TYR C 174 -12.53 -4.35 -32.94
CA TYR C 174 -11.68 -5.19 -33.76
C TYR C 174 -11.30 -4.50 -35.06
N SER C 175 -10.10 -4.79 -35.53
CA SER C 175 -9.62 -4.29 -36.82
C SER C 175 -9.52 -5.45 -37.80
N GLY C 176 -9.70 -5.16 -39.08
CA GLY C 176 -9.68 -6.16 -40.12
C GLY C 176 -8.91 -5.65 -41.33
N ILE C 177 -9.17 -6.30 -42.47
CA ILE C 177 -8.50 -5.95 -43.71
C ILE C 177 -9.52 -5.40 -44.71
N ASN C 178 -10.48 -6.23 -45.08
CA ASN C 178 -11.48 -5.86 -46.07
C ASN C 178 -12.84 -6.41 -45.66
N ILE C 179 -13.89 -5.74 -46.09
CA ILE C 179 -15.26 -6.12 -45.75
C ILE C 179 -16.03 -6.39 -47.03
N THR C 180 -16.66 -7.55 -47.09
CA THR C 180 -17.57 -7.90 -48.17
C THR C 180 -18.90 -8.34 -47.55
N LYS C 181 -19.77 -8.89 -48.38
CA LYS C 181 -21.09 -9.30 -47.89
C LYS C 181 -21.06 -10.63 -47.17
N GLU C 182 -19.91 -11.29 -47.10
CA GLU C 182 -19.79 -12.53 -46.36
C GLU C 182 -19.38 -12.33 -44.91
N GLY C 183 -18.95 -11.12 -44.54
CA GLY C 183 -18.42 -10.89 -43.22
C GLY C 183 -17.22 -9.95 -43.27
N ILE C 184 -16.19 -10.25 -42.49
CA ILE C 184 -14.98 -9.44 -42.45
C ILE C 184 -13.78 -10.36 -42.56
N GLN C 185 -12.94 -10.11 -43.55
CA GLN C 185 -11.76 -10.94 -43.74
C GLN C 185 -10.83 -10.82 -42.54
N ILE C 186 -10.23 -11.94 -42.14
CA ILE C 186 -9.32 -11.93 -41.00
C ILE C 186 -8.02 -12.64 -41.33
N GLY C 187 -7.85 -13.06 -42.57
CA GLY C 187 -6.63 -13.73 -42.95
C GLY C 187 -6.73 -14.34 -44.33
N VAL C 188 -5.58 -14.73 -44.85
CA VAL C 188 -5.47 -15.33 -46.17
C VAL C 188 -4.99 -16.76 -46.01
N GLU C 189 -5.67 -17.70 -46.65
CA GLU C 189 -5.31 -19.10 -46.66
C GLU C 189 -4.93 -19.45 -48.10
N GLY C 190 -3.64 -19.32 -48.40
CA GLY C 190 -3.19 -19.44 -49.77
C GLY C 190 -3.30 -18.11 -50.47
N GLN C 191 -4.36 -17.94 -51.24
CA GLN C 191 -4.73 -16.62 -51.77
C GLN C 191 -6.21 -16.37 -51.49
N THR C 192 -6.94 -17.43 -51.19
CA THR C 192 -8.36 -17.28 -50.88
C THR C 192 -8.53 -16.56 -49.56
N PRO C 193 -9.38 -15.54 -49.49
CA PRO C 193 -9.62 -14.88 -48.21
C PRO C 193 -10.32 -15.82 -47.24
N LYS C 194 -10.02 -15.64 -45.96
CA LYS C 194 -10.68 -16.37 -44.89
C LYS C 194 -11.46 -15.39 -44.03
N TYR C 195 -12.69 -15.76 -43.69
CA TYR C 195 -13.62 -14.85 -43.05
C TYR C 195 -13.87 -15.27 -41.61
N ALA C 196 -14.78 -14.55 -40.97
CA ALA C 196 -15.05 -14.75 -39.55
C ALA C 196 -15.95 -15.95 -39.33
N ASP C 197 -15.84 -16.55 -38.14
CA ASP C 197 -16.69 -17.66 -37.75
C ASP C 197 -17.82 -17.13 -36.88
N LYS C 198 -18.99 -16.96 -37.47
CA LYS C 198 -20.03 -16.13 -36.86
C LYS C 198 -20.51 -16.63 -35.51
N THR C 199 -20.03 -17.76 -35.03
CA THR C 199 -20.45 -18.26 -33.72
C THR C 199 -19.65 -17.67 -32.57
N PHE C 200 -18.33 -17.49 -32.74
CA PHE C 200 -17.53 -16.95 -31.66
C PHE C 200 -16.47 -15.98 -32.15
N GLN C 201 -16.59 -15.55 -33.39
CA GLN C 201 -15.61 -14.62 -33.96
C GLN C 201 -15.87 -13.23 -33.42
N PRO C 202 -15.24 -12.19 -33.94
CA PRO C 202 -14.32 -11.39 -33.14
C PRO C 202 -14.72 -11.29 -31.68
N GLU C 203 -13.81 -11.76 -30.83
CA GLU C 203 -14.10 -11.91 -29.43
C GLU C 203 -14.16 -10.55 -28.75
N PRO C 204 -14.90 -10.42 -27.66
CA PRO C 204 -15.02 -9.14 -26.97
C PRO C 204 -13.73 -8.61 -26.39
N GLN C 205 -12.72 -9.45 -26.19
CA GLN C 205 -11.52 -9.03 -25.48
C GLN C 205 -10.29 -8.89 -26.37
N ILE C 206 -10.47 -8.70 -27.67
CA ILE C 206 -9.35 -8.49 -28.58
C ILE C 206 -9.54 -7.15 -29.27
N GLY C 207 -8.55 -6.30 -29.18
CA GLY C 207 -8.59 -4.99 -29.80
C GLY C 207 -7.22 -4.64 -30.33
N GLU C 208 -6.95 -3.34 -30.44
CA GLU C 208 -5.63 -2.91 -30.85
C GLU C 208 -4.67 -2.98 -29.68
N SER C 209 -3.42 -2.67 -29.95
CA SER C 209 -2.37 -2.76 -28.94
C SER C 209 -1.58 -1.48 -28.75
N GLN C 210 -1.34 -0.72 -29.82
CA GLN C 210 -0.59 0.52 -29.68
C GLN C 210 -1.48 1.60 -29.06
N TRP C 211 -0.89 2.36 -28.14
CA TRP C 211 -1.67 3.36 -27.42
C TRP C 211 -2.07 4.52 -28.31
N TYR C 212 -1.17 4.99 -29.16
CA TYR C 212 -1.44 6.18 -29.95
C TYR C 212 -2.41 5.83 -31.07
N GLU C 213 -3.45 6.65 -31.22
CA GLU C 213 -4.54 6.32 -32.12
C GLU C 213 -4.08 6.34 -33.58
N THR C 214 -4.53 5.35 -34.33
CA THR C 214 -4.32 5.32 -35.77
C THR C 214 -5.68 5.26 -36.46
N GLU C 215 -5.69 5.10 -37.78
CA GLU C 215 -6.92 5.06 -38.54
C GLU C 215 -7.26 3.61 -38.89
N ILE C 216 -8.51 3.25 -38.67
CA ILE C 216 -9.02 1.93 -39.03
C ILE C 216 -10.28 2.12 -39.86
N ASN C 217 -10.45 1.29 -40.89
CA ASN C 217 -11.52 1.49 -41.84
C ASN C 217 -12.47 0.31 -41.95
N HIS C 218 -12.20 -0.81 -41.26
CA HIS C 218 -12.99 -2.01 -41.44
C HIS C 218 -13.28 -2.68 -40.10
N ALA C 219 -13.75 -1.90 -39.14
CA ALA C 219 -13.96 -2.42 -37.79
C ALA C 219 -15.17 -3.33 -37.70
N ALA C 220 -15.16 -4.19 -36.68
CA ALA C 220 -16.24 -5.13 -36.42
C ALA C 220 -16.49 -5.21 -34.93
N GLY C 221 -17.64 -5.77 -34.57
CA GLY C 221 -17.99 -5.91 -33.17
C GLY C 221 -19.23 -6.76 -33.00
N ARG C 222 -19.67 -6.88 -31.75
CA ARG C 222 -20.85 -7.65 -31.41
C ARG C 222 -21.90 -6.74 -30.78
N VAL C 223 -23.15 -7.21 -30.78
CA VAL C 223 -24.26 -6.45 -30.21
C VAL C 223 -25.39 -7.40 -29.91
N LEU C 224 -26.25 -7.01 -28.97
CA LEU C 224 -27.38 -7.82 -28.54
C LEU C 224 -28.64 -7.41 -29.27
N LYS C 225 -29.45 -8.40 -29.66
CA LYS C 225 -30.71 -8.10 -30.32
C LYS C 225 -31.65 -7.38 -29.36
N LYS C 226 -32.80 -6.98 -29.87
CA LYS C 226 -33.71 -6.17 -29.08
C LYS C 226 -34.66 -7.00 -28.22
N THR C 227 -34.64 -8.32 -28.35
CA THR C 227 -35.49 -9.14 -27.49
C THR C 227 -34.91 -9.27 -26.09
N THR C 228 -33.60 -9.31 -25.99
CA THR C 228 -32.95 -9.50 -24.70
C THR C 228 -33.11 -8.25 -23.82
N PRO C 229 -33.45 -8.40 -22.56
CA PRO C 229 -33.58 -7.24 -21.68
C PRO C 229 -32.23 -6.56 -21.46
N MET C 230 -32.28 -5.29 -21.11
CA MET C 230 -31.07 -4.48 -20.97
C MET C 230 -30.67 -4.37 -19.51
N LYS C 231 -29.44 -4.75 -19.21
CA LYS C 231 -28.84 -4.64 -17.90
C LYS C 231 -27.50 -3.94 -18.02
N PRO C 232 -27.05 -3.26 -16.97
CA PRO C 232 -25.72 -2.64 -17.02
C PRO C 232 -24.64 -3.69 -17.17
N CYS C 233 -23.48 -3.25 -17.67
CA CYS C 233 -22.38 -4.18 -17.85
C CYS C 233 -21.96 -4.80 -16.52
N TYR C 234 -21.86 -3.97 -15.48
CA TYR C 234 -21.52 -4.42 -14.14
C TYR C 234 -22.36 -5.61 -13.69
N GLY C 235 -21.72 -6.74 -13.44
CA GLY C 235 -22.44 -7.90 -12.95
C GLY C 235 -23.43 -8.48 -13.93
N SER C 236 -22.96 -8.83 -15.12
CA SER C 236 -23.80 -9.42 -16.15
C SER C 236 -23.18 -10.72 -16.62
N TYR C 237 -23.97 -11.79 -16.63
CA TYR C 237 -23.46 -13.12 -16.93
C TYR C 237 -24.39 -13.83 -17.90
N ALA C 238 -23.80 -14.73 -18.68
CA ALA C 238 -24.57 -15.52 -19.63
C ALA C 238 -23.75 -16.76 -19.99
N LYS C 239 -24.36 -17.93 -19.85
CA LYS C 239 -23.61 -19.17 -19.95
C LYS C 239 -23.05 -19.35 -21.36
N PRO C 240 -21.88 -19.95 -21.49
CA PRO C 240 -21.39 -20.32 -22.82
C PRO C 240 -22.20 -21.47 -23.38
N THR C 241 -22.22 -21.56 -24.71
CA THR C 241 -23.02 -22.59 -25.38
C THR C 241 -22.23 -23.40 -26.40
N ASN C 242 -20.93 -23.19 -26.51
CA ASN C 242 -20.10 -24.03 -27.35
C ASN C 242 -18.66 -23.93 -26.87
N GLU C 243 -17.88 -24.95 -27.21
CA GLU C 243 -16.56 -25.09 -26.60
C GLU C 243 -15.66 -23.91 -26.91
N ASN C 244 -15.82 -23.30 -28.08
CA ASN C 244 -14.93 -22.20 -28.46
C ASN C 244 -15.08 -20.99 -27.55
N GLY C 245 -16.20 -20.87 -26.85
CA GLY C 245 -16.39 -19.80 -25.90
C GLY C 245 -17.43 -18.77 -26.28
N GLY C 246 -18.26 -19.04 -27.28
CA GLY C 246 -19.27 -18.08 -27.68
C GLY C 246 -20.59 -18.36 -27.00
N GLN C 247 -21.32 -17.29 -26.71
CA GLN C 247 -22.62 -17.38 -26.07
C GLN C 247 -23.68 -16.92 -27.05
N GLY C 248 -24.64 -17.80 -27.32
CA GLY C 248 -25.74 -17.47 -28.20
C GLY C 248 -26.79 -18.54 -28.14
N ILE C 249 -28.05 -18.15 -27.98
CA ILE C 249 -29.12 -19.12 -27.77
C ILE C 249 -29.26 -19.97 -29.03
N LEU C 250 -28.90 -21.25 -28.92
CA LEU C 250 -29.20 -22.19 -29.98
C LEU C 250 -30.70 -22.43 -30.05
N VAL C 251 -31.16 -22.82 -31.24
CA VAL C 251 -32.58 -23.06 -31.47
C VAL C 251 -32.72 -24.31 -32.34
N LYS C 252 -33.94 -24.82 -32.38
CA LYS C 252 -34.24 -26.04 -33.13
C LYS C 252 -34.45 -25.74 -34.60
N GLN C 253 -33.84 -26.55 -35.46
CA GLN C 253 -34.12 -26.50 -36.88
C GLN C 253 -35.33 -27.39 -37.20
N GLN C 254 -35.82 -27.29 -38.43
CA GLN C 254 -36.95 -28.13 -38.84
C GLN C 254 -36.62 -29.60 -38.66
N ASN C 255 -35.51 -30.05 -39.23
CA ASN C 255 -34.94 -31.32 -38.84
C ASN C 255 -34.38 -31.23 -37.42
N GLY C 256 -34.44 -32.34 -36.69
CA GLY C 256 -33.91 -32.35 -35.34
C GLY C 256 -32.44 -31.98 -35.32
N LYS C 257 -32.15 -30.75 -34.91
CA LYS C 257 -30.80 -30.21 -34.92
C LYS C 257 -30.83 -28.85 -34.23
N LEU C 258 -29.71 -28.50 -33.59
CA LEU C 258 -29.55 -27.22 -32.93
C LEU C 258 -28.63 -26.35 -33.78
N GLU C 259 -29.13 -25.16 -34.14
CA GLU C 259 -28.41 -24.28 -35.03
C GLU C 259 -28.43 -22.87 -34.49
N SER C 260 -27.28 -22.21 -34.54
CA SER C 260 -27.16 -20.85 -34.03
C SER C 260 -27.88 -19.88 -34.96
N GLN C 261 -28.13 -18.67 -34.44
CA GLN C 261 -28.83 -17.64 -35.21
C GLN C 261 -28.19 -16.29 -34.88
N VAL C 262 -27.26 -15.86 -35.72
CA VAL C 262 -26.58 -14.58 -35.56
C VAL C 262 -26.71 -13.81 -36.86
N GLU C 263 -27.21 -12.57 -36.78
CA GLU C 263 -27.35 -11.77 -37.98
C GLU C 263 -26.19 -10.80 -38.09
N MET C 264 -26.02 -10.26 -39.29
CA MET C 264 -25.00 -9.27 -39.56
C MET C 264 -25.64 -7.96 -39.99
N GLN C 265 -25.08 -6.85 -39.51
CA GLN C 265 -25.58 -5.52 -39.86
C GLN C 265 -24.42 -4.63 -40.22
N PHE C 266 -24.55 -3.91 -41.33
CA PHE C 266 -23.47 -3.12 -41.89
C PHE C 266 -23.77 -1.64 -41.76
N PHE C 267 -22.73 -0.85 -41.51
CA PHE C 267 -22.91 0.59 -41.35
C PHE C 267 -21.85 1.33 -42.15
N SER C 268 -22.26 2.45 -42.73
CA SER C 268 -21.43 3.29 -43.58
C SER C 268 -21.47 4.72 -43.09
N THR C 269 -20.54 5.52 -43.58
CA THR C 269 -20.43 6.90 -43.13
C THR C 269 -21.61 7.72 -43.63
N THR C 270 -22.06 8.65 -42.79
CA THR C 270 -23.23 9.46 -43.15
C THR C 270 -22.97 10.26 -44.41
N GLU C 271 -21.80 10.89 -44.52
CA GLU C 271 -21.50 11.69 -45.70
C GLU C 271 -21.39 10.81 -46.95
N ALA C 272 -20.88 9.59 -46.79
CA ALA C 272 -20.76 8.69 -47.93
C ALA C 272 -22.14 8.36 -48.51
N THR C 273 -23.10 8.00 -47.66
CA THR C 273 -24.45 7.78 -48.13
C THR C 273 -25.08 9.07 -48.63
N ALA C 274 -24.71 10.20 -48.02
CA ALA C 274 -25.21 11.50 -48.45
C ALA C 274 -24.53 11.85 -49.76
N GLY C 275 -24.92 11.14 -50.82
CA GLY C 275 -24.30 11.26 -52.11
C GLY C 275 -24.89 10.25 -53.08
N ASN C 276 -24.04 9.55 -53.81
CA ASN C 276 -24.47 8.54 -54.76
C ASN C 276 -23.78 7.22 -54.44
N GLY C 277 -24.49 6.13 -54.72
CA GLY C 277 -23.97 4.81 -54.41
C GLY C 277 -22.97 4.30 -55.42
N ASP C 278 -22.07 5.17 -55.86
CA ASP C 278 -21.02 4.76 -56.78
C ASP C 278 -20.11 3.72 -56.13
N ASN C 279 -19.65 4.01 -54.92
CA ASN C 279 -18.82 3.07 -54.17
C ASN C 279 -19.52 2.57 -52.92
N LEU C 280 -19.93 3.49 -52.03
CA LEU C 280 -20.78 3.17 -50.88
C LEU C 280 -20.34 1.90 -50.16
N THR C 281 -19.04 1.73 -49.99
CA THR C 281 -18.54 0.55 -49.32
C THR C 281 -18.84 0.65 -47.83
N PRO C 282 -19.24 -0.44 -47.18
CA PRO C 282 -19.50 -0.39 -45.74
C PRO C 282 -18.22 -0.11 -44.97
N LYS C 283 -18.39 0.40 -43.75
CA LYS C 283 -17.26 0.70 -42.89
C LYS C 283 -17.20 -0.15 -41.63
N VAL C 284 -18.35 -0.47 -41.03
CA VAL C 284 -18.37 -1.20 -39.77
C VAL C 284 -19.33 -2.37 -39.88
N VAL C 285 -18.97 -3.49 -39.26
CA VAL C 285 -19.80 -4.70 -39.27
C VAL C 285 -20.11 -5.10 -37.84
N LEU C 286 -21.38 -5.37 -37.57
CA LEU C 286 -21.82 -5.78 -36.25
C LEU C 286 -22.52 -7.12 -36.32
N TYR C 287 -22.11 -8.06 -35.47
CA TYR C 287 -22.79 -9.33 -35.33
C TYR C 287 -23.81 -9.20 -34.21
N SER C 288 -25.08 -9.36 -34.55
CA SER C 288 -26.16 -9.24 -33.59
C SER C 288 -26.61 -10.62 -33.17
N GLU C 289 -26.70 -10.83 -31.86
CA GLU C 289 -27.11 -12.11 -31.29
C GLU C 289 -28.07 -11.85 -30.13
N ASP C 290 -28.39 -12.89 -29.38
CA ASP C 290 -29.30 -12.78 -28.25
C ASP C 290 -28.90 -13.80 -27.19
N VAL C 291 -28.26 -13.32 -26.14
CA VAL C 291 -27.75 -14.19 -25.09
C VAL C 291 -28.83 -14.37 -24.04
N ASP C 292 -28.65 -15.40 -23.21
CA ASP C 292 -29.51 -15.62 -22.06
C ASP C 292 -28.91 -14.90 -20.85
N ILE C 293 -29.09 -13.58 -20.85
CA ILE C 293 -28.48 -12.74 -19.83
C ILE C 293 -29.14 -12.99 -18.48
N GLU C 294 -28.38 -12.81 -17.41
CA GLU C 294 -28.92 -12.90 -16.06
C GLU C 294 -27.93 -12.26 -15.11
N THR C 295 -28.43 -11.88 -13.94
CA THR C 295 -27.61 -11.26 -12.90
C THR C 295 -27.74 -12.07 -11.63
N PRO C 296 -26.71 -12.74 -11.18
CA PRO C 296 -26.86 -13.65 -10.04
C PRO C 296 -26.67 -13.01 -8.67
N ASP C 297 -26.01 -11.85 -8.58
CA ASP C 297 -25.69 -11.32 -7.26
C ASP C 297 -25.84 -9.81 -7.12
N THR C 298 -26.29 -9.09 -8.12
CA THR C 298 -26.47 -7.65 -8.01
C THR C 298 -27.93 -7.28 -8.13
N HIS C 299 -28.24 -6.02 -7.82
CA HIS C 299 -29.61 -5.55 -7.93
C HIS C 299 -29.61 -4.08 -8.32
N ILE C 300 -30.73 -3.63 -8.86
CA ILE C 300 -30.82 -2.29 -9.41
C ILE C 300 -31.04 -1.29 -8.28
N SER C 301 -30.20 -0.26 -8.23
CA SER C 301 -30.30 0.77 -7.20
C SER C 301 -30.97 2.03 -7.70
N TYR C 302 -31.37 2.09 -8.97
CA TYR C 302 -32.03 3.27 -9.51
C TYR C 302 -32.77 2.88 -10.77
N MET C 303 -34.09 3.00 -10.77
CA MET C 303 -34.91 2.65 -11.91
C MET C 303 -35.64 3.88 -12.43
N PRO C 304 -35.24 4.43 -13.59
CA PRO C 304 -35.85 5.69 -14.05
C PRO C 304 -37.35 5.59 -14.30
N THR C 305 -37.86 4.46 -14.77
CA THR C 305 -39.26 4.39 -15.17
C THR C 305 -39.85 3.03 -14.84
N ILE C 306 -41.07 3.05 -14.30
CA ILE C 306 -41.76 1.81 -13.94
C ILE C 306 -42.12 1.00 -15.18
N LYS C 307 -42.46 1.67 -16.28
CA LYS C 307 -42.96 0.99 -17.46
C LYS C 307 -41.98 -0.07 -17.94
N GLU C 308 -42.50 -1.25 -18.26
CA GLU C 308 -41.68 -2.40 -18.60
C GLU C 308 -41.26 -2.37 -20.06
N GLY C 309 -40.54 -3.40 -20.48
CA GLY C 309 -40.08 -3.52 -21.85
C GLY C 309 -38.83 -2.71 -22.11
N ASN C 310 -38.28 -2.90 -23.30
CA ASN C 310 -37.14 -2.10 -23.72
C ASN C 310 -37.60 -0.73 -24.18
N SER C 311 -36.87 0.31 -23.79
CA SER C 311 -37.18 1.66 -24.21
C SER C 311 -35.97 2.54 -23.94
N ARG C 312 -36.07 3.80 -24.35
CA ARG C 312 -34.95 4.73 -24.22
C ARG C 312 -34.57 4.94 -22.76
N GLU C 313 -35.56 5.02 -21.88
CA GLU C 313 -35.31 5.43 -20.50
C GLU C 313 -34.38 4.46 -19.79
N LEU C 314 -34.65 3.16 -19.90
CA LEU C 314 -33.94 2.17 -19.09
C LEU C 314 -32.43 2.22 -19.25
N MET C 315 -31.92 2.97 -20.23
CA MET C 315 -30.48 3.09 -20.38
C MET C 315 -29.83 3.77 -19.18
N GLY C 316 -30.61 4.44 -18.33
CA GLY C 316 -30.03 5.13 -17.21
C GLY C 316 -29.82 4.33 -15.94
N GLN C 317 -30.31 3.10 -15.87
CA GLN C 317 -30.32 2.39 -14.60
C GLN C 317 -28.90 2.07 -14.14
N GLN C 318 -28.77 1.81 -12.83
CA GLN C 318 -27.49 1.49 -12.20
C GLN C 318 -27.66 0.31 -11.27
N SER C 319 -26.58 -0.42 -11.06
CA SER C 319 -26.60 -1.62 -10.24
C SER C 319 -25.68 -1.47 -9.03
N MET C 320 -25.88 -2.33 -8.04
CA MET C 320 -24.96 -2.43 -6.92
C MET C 320 -25.05 -3.84 -6.35
N PRO C 321 -24.00 -4.31 -5.68
CA PRO C 321 -23.97 -5.71 -5.24
C PRO C 321 -24.85 -5.96 -4.03
N ASN C 322 -25.15 -7.23 -3.81
CA ASN C 322 -25.96 -7.63 -2.67
C ASN C 322 -25.15 -7.68 -1.39
N ARG C 323 -25.85 -7.60 -0.27
CA ARG C 323 -25.17 -7.62 1.02
C ARG C 323 -24.59 -9.01 1.28
N PRO C 324 -23.35 -9.09 1.73
CA PRO C 324 -22.76 -10.39 2.03
C PRO C 324 -23.49 -11.06 3.17
N ASN C 325 -23.55 -12.39 3.11
CA ASN C 325 -24.32 -13.15 4.09
C ASN C 325 -23.76 -14.55 4.17
N TYR C 326 -23.07 -14.87 5.27
CA TYR C 326 -22.53 -16.20 5.48
C TYR C 326 -23.58 -17.12 6.08
N ILE C 327 -23.19 -18.37 6.26
CA ILE C 327 -24.05 -19.38 6.88
C ILE C 327 -23.17 -20.56 7.26
N ALA C 328 -23.45 -21.18 8.41
CA ALA C 328 -22.62 -22.28 8.85
C ALA C 328 -23.30 -23.01 10.00
N PHE C 329 -22.66 -24.08 10.46
CA PHE C 329 -23.03 -24.65 11.74
C PHE C 329 -22.57 -23.74 12.86
N ARG C 330 -23.18 -23.91 14.03
CA ARG C 330 -22.88 -23.00 15.12
C ARG C 330 -21.54 -23.37 15.74
N ASP C 331 -21.24 -22.72 16.86
CA ASP C 331 -20.04 -23.06 17.60
C ASP C 331 -20.31 -24.29 18.47
N ASN C 332 -19.36 -25.22 18.49
CA ASN C 332 -19.50 -26.45 19.25
C ASN C 332 -20.80 -27.19 18.94
N PHE C 333 -21.38 -26.95 17.78
CA PHE C 333 -22.59 -27.63 17.35
C PHE C 333 -23.74 -27.46 18.34
N ILE C 334 -23.85 -26.27 18.92
CA ILE C 334 -24.99 -25.99 19.79
C ILE C 334 -26.27 -26.25 19.03
N GLY C 335 -27.29 -26.76 19.72
CA GLY C 335 -28.58 -26.96 19.13
C GLY C 335 -28.72 -28.25 18.34
N LEU C 336 -27.62 -28.92 18.02
CA LEU C 336 -27.73 -30.18 17.28
C LEU C 336 -28.22 -31.32 18.15
N MET C 337 -28.08 -31.20 19.46
CA MET C 337 -28.50 -32.24 20.40
C MET C 337 -29.49 -31.67 21.39
N TYR C 338 -30.40 -32.51 21.85
CA TYR C 338 -31.46 -32.08 22.74
C TYR C 338 -31.01 -32.17 24.19
N TYR C 339 -30.93 -31.01 24.86
CA TYR C 339 -30.62 -30.96 26.29
C TYR C 339 -31.74 -30.23 27.02
N ASN C 340 -31.90 -30.57 28.29
CA ASN C 340 -32.82 -29.86 29.18
C ASN C 340 -34.23 -29.84 28.64
N SER C 341 -34.68 -30.97 28.11
CA SER C 341 -36.04 -31.11 27.58
C SER C 341 -36.56 -32.48 28.02
N THR C 342 -37.30 -32.52 29.13
CA THR C 342 -37.73 -33.79 29.66
C THR C 342 -38.66 -34.53 28.71
N GLY C 343 -39.12 -33.88 27.65
CA GLY C 343 -39.87 -34.59 26.63
C GLY C 343 -39.02 -35.61 25.90
N ASN C 344 -37.80 -35.23 25.52
CA ASN C 344 -36.92 -36.07 24.71
C ASN C 344 -35.58 -36.26 25.41
N MET C 345 -35.60 -36.56 26.70
CA MET C 345 -34.37 -36.73 27.45
C MET C 345 -33.59 -37.93 26.94
N GLY C 346 -32.27 -37.82 26.97
CA GLY C 346 -31.42 -38.94 26.59
C GLY C 346 -31.44 -40.03 27.63
N VAL C 347 -30.87 -41.18 27.27
CA VAL C 347 -30.89 -42.34 28.15
C VAL C 347 -29.53 -43.02 28.11
N LEU C 348 -29.01 -43.36 29.29
CA LEU C 348 -27.85 -44.24 29.43
C LEU C 348 -28.12 -45.12 30.64
N ALA C 349 -28.20 -46.42 30.42
CA ALA C 349 -28.65 -47.28 31.51
C ALA C 349 -28.05 -48.68 31.39
N GLY C 350 -28.09 -49.40 32.49
CA GLY C 350 -27.70 -50.80 32.46
C GLY C 350 -28.62 -51.60 31.56
N GLN C 351 -28.04 -52.62 30.93
CA GLN C 351 -28.77 -53.37 29.92
C GLN C 351 -30.02 -54.02 30.50
N ALA C 352 -29.90 -54.62 31.67
CA ALA C 352 -31.04 -55.33 32.27
C ALA C 352 -31.70 -54.57 33.41
N SER C 353 -31.06 -53.52 33.93
CA SER C 353 -31.68 -52.75 34.98
C SER C 353 -32.77 -51.82 34.44
N GLN C 354 -32.53 -51.24 33.27
CA GLN C 354 -33.43 -50.25 32.68
C GLN C 354 -33.73 -49.12 33.66
N LEU C 355 -32.70 -48.68 34.36
CA LEU C 355 -32.81 -47.58 35.32
C LEU C 355 -31.99 -46.42 34.77
N ASN C 356 -32.66 -45.35 34.38
CA ASN C 356 -31.96 -44.22 33.79
C ASN C 356 -30.93 -43.65 34.75
N ALA C 357 -29.82 -43.20 34.21
CA ALA C 357 -28.77 -42.58 34.99
C ALA C 357 -28.63 -41.10 34.71
N VAL C 358 -29.37 -40.57 33.74
CA VAL C 358 -29.34 -39.16 33.41
C VAL C 358 -30.71 -38.59 33.73
N VAL C 359 -30.77 -37.71 34.72
CA VAL C 359 -31.99 -37.01 35.08
C VAL C 359 -31.75 -35.53 34.90
N ASP C 360 -32.56 -34.89 34.06
CA ASP C 360 -32.36 -33.50 33.69
C ASP C 360 -33.58 -32.69 34.04
N LEU C 361 -33.36 -31.52 34.62
CA LEU C 361 -34.45 -30.61 34.95
C LEU C 361 -34.67 -29.64 33.80
N GLN C 362 -35.79 -28.93 33.85
CA GLN C 362 -36.13 -28.02 32.78
C GLN C 362 -35.42 -26.68 32.87
N ASP C 363 -34.52 -26.48 33.84
CA ASP C 363 -33.86 -25.19 33.97
C ASP C 363 -32.35 -25.31 34.24
N ARG C 364 -31.76 -26.47 34.06
CA ARG C 364 -30.31 -26.61 34.18
C ARG C 364 -29.70 -26.33 32.81
N ASN C 365 -29.45 -25.05 32.53
CA ASN C 365 -28.84 -24.70 31.26
C ASN C 365 -27.46 -25.32 31.16
N THR C 366 -27.20 -26.00 30.05
CA THR C 366 -25.98 -26.79 29.89
C THR C 366 -24.98 -26.18 28.94
N GLU C 367 -25.42 -25.69 27.78
CA GLU C 367 -24.50 -25.23 26.76
C GLU C 367 -23.65 -24.07 27.27
N LEU C 368 -24.29 -23.07 27.88
CA LEU C 368 -23.55 -21.93 28.39
C LEU C 368 -22.50 -22.37 29.40
N SER C 369 -22.84 -23.37 30.21
CA SER C 369 -21.88 -23.91 31.17
C SER C 369 -20.67 -24.49 30.45
N TYR C 370 -20.90 -25.24 29.38
CA TYR C 370 -19.78 -25.81 28.64
C TYR C 370 -18.91 -24.70 28.06
N GLN C 371 -19.54 -23.64 27.54
CA GLN C 371 -18.75 -22.53 27.02
C GLN C 371 -17.87 -21.94 28.10
N LEU C 372 -18.44 -21.66 29.27
CA LEU C 372 -17.66 -21.06 30.34
C LEU C 372 -16.53 -22.00 30.77
N LEU C 373 -16.80 -23.29 30.87
CA LEU C 373 -15.76 -24.24 31.27
C LEU C 373 -14.63 -24.26 30.26
N LEU C 374 -14.96 -24.26 28.97
CA LEU C 374 -13.93 -24.27 27.94
C LEU C 374 -13.09 -23.01 28.03
N ASP C 375 -13.72 -21.88 28.34
CA ASP C 375 -12.93 -20.67 28.53
C ASP C 375 -12.03 -20.78 29.75
N SER C 376 -12.51 -21.41 30.82
CA SER C 376 -11.78 -21.38 32.08
C SER C 376 -10.57 -22.30 32.05
N ILE C 377 -10.69 -23.49 31.46
CA ILE C 377 -9.59 -24.45 31.60
C ILE C 377 -8.49 -24.29 30.56
N GLY C 378 -8.67 -23.47 29.53
CA GLY C 378 -7.66 -23.37 28.52
C GLY C 378 -7.81 -22.09 27.72
N ASP C 379 -6.92 -21.92 26.75
CA ASP C 379 -7.00 -20.76 25.88
C ASP C 379 -8.18 -20.90 24.93
N ARG C 380 -8.59 -19.77 24.35
CA ARG C 380 -9.81 -19.70 23.59
C ARG C 380 -9.67 -19.11 22.21
N THR C 381 -8.70 -18.22 21.99
CA THR C 381 -8.61 -17.58 20.68
C THR C 381 -8.22 -18.56 19.59
N ARG C 382 -7.60 -19.68 19.94
CA ARG C 382 -7.17 -20.63 18.93
C ARG C 382 -8.36 -21.43 18.40
N TYR C 383 -8.16 -22.03 17.23
CA TYR C 383 -9.20 -22.75 16.52
C TYR C 383 -8.86 -24.22 16.44
N PHE C 384 -9.82 -25.07 16.75
CA PHE C 384 -9.68 -26.52 16.63
C PHE C 384 -10.81 -27.02 15.73
N SER C 385 -10.45 -27.55 14.57
CA SER C 385 -11.44 -27.83 13.54
C SER C 385 -12.33 -29.00 13.90
N MET C 386 -11.83 -29.94 14.70
CA MET C 386 -12.53 -31.21 14.89
C MET C 386 -13.91 -30.99 15.51
N TRP C 387 -13.97 -30.27 16.62
CA TRP C 387 -15.25 -29.98 17.27
C TRP C 387 -15.89 -28.72 16.74
N ASN C 388 -15.40 -28.18 15.62
CA ASN C 388 -15.92 -26.92 15.08
C ASN C 388 -15.81 -25.82 16.11
N GLN C 389 -14.67 -25.77 16.78
CA GLN C 389 -14.48 -24.94 17.97
C GLN C 389 -13.88 -23.61 17.54
N ALA C 390 -14.73 -22.63 17.31
CA ALA C 390 -14.31 -21.27 16.99
C ALA C 390 -15.19 -20.31 17.78
N VAL C 391 -14.62 -19.24 18.26
CA VAL C 391 -15.33 -18.35 19.18
C VAL C 391 -15.85 -17.15 18.42
N ASP C 392 -17.13 -16.83 18.62
CA ASP C 392 -17.72 -15.66 17.99
C ASP C 392 -17.08 -14.40 18.55
N SER C 393 -16.82 -13.43 17.66
CA SER C 393 -16.19 -12.20 18.10
C SER C 393 -16.38 -11.13 17.05
N TYR C 394 -16.45 -9.89 17.49
CA TYR C 394 -16.61 -8.75 16.60
C TYR C 394 -15.27 -8.06 16.39
N ASP C 395 -15.22 -7.20 15.38
CA ASP C 395 -14.02 -6.42 15.17
C ASP C 395 -13.90 -5.36 16.26
N PRO C 396 -12.69 -5.14 16.79
CA PRO C 396 -12.53 -4.16 17.86
C PRO C 396 -12.67 -2.73 17.41
N ASP C 397 -12.81 -2.49 16.11
CA ASP C 397 -12.86 -1.14 15.57
C ASP C 397 -14.16 -0.82 14.86
N VAL C 398 -15.13 -1.73 14.91
CA VAL C 398 -16.44 -1.50 14.33
C VAL C 398 -17.45 -1.10 15.39
N ARG C 399 -17.38 -1.76 16.55
CA ARG C 399 -18.26 -1.39 17.66
C ARG C 399 -17.99 0.03 18.13
N ILE C 400 -16.73 0.42 18.20
CA ILE C 400 -16.32 1.75 18.58
C ILE C 400 -15.57 2.38 17.42
N ILE C 401 -15.83 3.64 17.14
CA ILE C 401 -15.32 4.30 15.95
C ILE C 401 -14.23 5.27 16.34
N GLU C 402 -12.97 4.82 16.30
CA GLU C 402 -11.83 5.72 16.41
C GLU C 402 -11.69 6.42 15.06
N ASN C 403 -11.97 7.72 15.04
CA ASN C 403 -12.03 8.48 13.79
C ASN C 403 -10.95 9.54 13.79
N HIS C 404 -9.81 9.23 13.18
CA HIS C 404 -8.68 10.16 13.10
C HIS C 404 -8.69 11.00 11.84
N GLY C 405 -9.65 10.82 10.95
CA GLY C 405 -9.56 11.47 9.67
C GLY C 405 -8.57 10.76 8.77
N THR C 406 -8.08 11.49 7.78
CA THR C 406 -7.24 10.93 6.73
C THR C 406 -5.98 11.78 6.55
N GLU C 407 -4.95 11.16 5.97
CA GLU C 407 -3.70 11.84 5.69
C GLU C 407 -3.64 12.13 4.20
N ASP C 408 -3.95 13.36 3.81
CA ASP C 408 -4.08 13.71 2.41
C ASP C 408 -3.44 15.06 2.11
N GLU C 409 -2.22 15.27 2.63
CA GLU C 409 -1.54 16.53 2.34
C GLU C 409 -1.24 16.69 0.85
N LEU C 410 -0.83 15.63 0.18
CA LEU C 410 -0.48 15.76 -1.23
C LEU C 410 -1.68 15.41 -2.12
N PRO C 411 -1.75 15.98 -3.31
CA PRO C 411 -2.80 15.59 -4.26
C PRO C 411 -2.40 14.34 -5.03
N ASN C 412 -3.35 13.67 -5.61
CA ASN C 412 -2.97 12.44 -6.24
C ASN C 412 -3.49 12.37 -7.65
N TYR C 413 -2.96 13.18 -8.54
CA TYR C 413 -3.43 13.28 -9.90
C TYR C 413 -3.48 12.01 -10.70
N CYS C 414 -3.92 12.09 -11.94
CA CYS C 414 -3.94 10.94 -12.85
C CYS C 414 -3.78 11.48 -14.26
N PHE C 415 -2.87 10.94 -15.06
CA PHE C 415 -2.59 11.54 -16.38
C PHE C 415 -3.05 10.80 -17.62
N PRO C 416 -2.99 11.45 -18.79
CA PRO C 416 -3.49 10.82 -20.01
C PRO C 416 -2.63 9.69 -20.48
N LEU C 417 -3.22 8.60 -20.94
CA LEU C 417 -2.44 7.41 -21.28
C LEU C 417 -1.25 7.75 -22.09
N GLY C 418 -1.37 8.72 -22.97
CA GLY C 418 -0.26 8.97 -23.84
C GLY C 418 0.74 9.99 -23.36
N GLY C 419 0.59 10.49 -22.15
CA GLY C 419 1.45 11.56 -21.65
C GLY C 419 0.88 12.94 -21.88
N VAL C 420 0.47 13.23 -23.12
CA VAL C 420 -0.16 14.50 -23.43
C VAL C 420 -0.99 14.32 -24.69
N ILE C 421 -2.18 14.95 -24.71
CA ILE C 421 -3.12 14.75 -25.81
C ILE C 421 -3.67 16.05 -26.37
N ASN C 422 -3.19 17.21 -25.92
CA ASN C 422 -3.68 18.49 -26.41
C ASN C 422 -2.64 19.20 -27.27
N THR C 423 -1.92 18.45 -28.09
CA THR C 423 -0.83 19.02 -28.87
C THR C 423 -1.36 19.89 -30.00
N GLU C 424 -0.48 20.71 -30.54
CA GLU C 424 -0.78 21.55 -31.69
C GLU C 424 0.36 21.46 -32.69
N THR C 425 0.06 21.86 -33.92
CA THR C 425 0.98 21.68 -35.04
C THR C 425 1.86 22.92 -35.23
N LEU C 426 3.11 22.70 -35.61
CA LEU C 426 4.08 23.77 -35.77
C LEU C 426 5.03 23.43 -36.91
N THR C 427 5.73 24.47 -37.40
CA THR C 427 6.63 24.38 -38.54
C THR C 427 7.98 24.95 -38.18
N LYS C 428 9.05 24.27 -38.59
CA LYS C 428 10.40 24.71 -38.26
C LYS C 428 10.77 25.96 -39.02
N VAL C 429 11.42 26.89 -38.34
CA VAL C 429 11.83 28.17 -38.89
C VAL C 429 13.27 28.44 -38.50
N LYS C 430 14.07 29.03 -39.37
CA LYS C 430 15.49 29.23 -39.10
C LYS C 430 15.94 30.65 -39.32
N PRO C 431 16.98 31.08 -38.61
CA PRO C 431 17.32 32.49 -38.75
C PRO C 431 17.64 32.79 -40.17
N LYS C 432 17.53 34.05 -40.57
CA LYS C 432 17.92 34.44 -41.91
C LYS C 432 19.30 34.93 -41.75
N THR C 433 19.78 35.63 -42.75
CA THR C 433 21.15 36.11 -42.70
C THR C 433 21.22 37.52 -43.24
N GLY C 434 21.64 38.47 -42.42
CA GLY C 434 21.67 39.84 -42.84
C GLY C 434 20.27 40.39 -42.89
N GLN C 435 19.64 40.53 -41.74
CA GLN C 435 18.30 41.09 -41.67
C GLN C 435 17.92 41.31 -40.23
N GLU C 436 18.70 40.76 -39.31
CA GLU C 436 18.47 41.01 -37.89
C GLU C 436 17.15 40.50 -37.38
N ASN C 437 16.52 39.61 -38.13
CA ASN C 437 15.27 39.03 -37.67
C ASN C 437 14.80 38.09 -38.73
N GLY C 438 15.42 38.21 -39.88
CA GLY C 438 14.98 37.38 -40.99
C GLY C 438 14.72 36.04 -40.44
N TRP C 439 13.47 35.74 -40.25
CA TRP C 439 13.16 34.44 -39.84
C TRP C 439 12.53 33.87 -41.08
N GLU C 440 13.09 32.79 -41.61
CA GLU C 440 12.58 32.22 -42.84
C GLU C 440 12.25 30.77 -42.65
N LYS C 441 11.45 30.19 -43.54
CA LYS C 441 11.03 28.81 -43.36
C LYS C 441 12.15 27.89 -43.73
N ASP C 442 12.06 26.62 -43.32
CA ASP C 442 13.07 25.67 -43.75
C ASP C 442 12.54 24.26 -43.49
N ALA C 443 12.40 23.48 -44.56
CA ALA C 443 11.88 22.12 -44.43
C ALA C 443 12.65 21.15 -45.29
N THR C 444 13.94 21.41 -45.52
CA THR C 444 14.75 20.48 -46.30
C THR C 444 14.96 19.17 -45.56
N GLU C 445 15.02 19.23 -44.22
CA GLU C 445 15.24 18.04 -43.41
C GLU C 445 14.11 17.73 -42.45
N PHE C 446 13.44 18.73 -41.91
CA PHE C 446 12.38 18.53 -40.93
C PHE C 446 11.03 18.68 -41.61
N SER C 447 10.14 17.73 -41.37
CA SER C 447 8.80 17.79 -41.95
C SER C 447 8.10 19.06 -41.50
N ASP C 448 7.28 19.62 -42.39
CA ASP C 448 6.69 20.93 -42.14
C ASP C 448 5.70 20.91 -40.99
N LYS C 449 5.19 19.74 -40.61
CA LYS C 449 4.18 19.65 -39.55
C LYS C 449 4.74 18.78 -38.42
N ASN C 450 4.83 19.37 -37.23
CA ASN C 450 5.27 18.65 -36.04
C ASN C 450 4.31 18.94 -34.91
N GLU C 451 4.24 18.00 -33.97
CA GLU C 451 3.33 18.12 -32.83
C GLU C 451 4.09 18.59 -31.61
N ILE C 452 3.48 19.50 -30.85
CA ILE C 452 4.13 20.07 -29.67
C ILE C 452 3.05 20.58 -28.72
N ARG C 453 3.28 20.40 -27.43
CA ARG C 453 2.37 20.89 -26.40
C ARG C 453 3.00 22.08 -25.69
N VAL C 454 2.22 23.14 -25.52
CA VAL C 454 2.67 24.34 -24.81
C VAL C 454 2.03 24.34 -23.43
N GLY C 455 2.83 24.60 -22.41
CA GLY C 455 2.34 24.57 -21.04
C GLY C 455 2.34 23.18 -20.45
N ASN C 456 1.75 23.07 -19.27
CA ASN C 456 1.65 21.78 -18.60
C ASN C 456 0.70 20.86 -19.38
N ASN C 457 0.54 19.64 -18.88
CA ASN C 457 -0.27 18.63 -19.53
C ASN C 457 -1.57 18.39 -18.78
N PHE C 458 -2.58 17.96 -19.52
CA PHE C 458 -3.90 17.71 -18.94
C PHE C 458 -3.81 16.58 -17.91
N ALA C 459 -4.60 16.70 -16.85
CA ALA C 459 -4.59 15.73 -15.76
C ALA C 459 -5.76 16.01 -14.84
N MET C 460 -6.33 14.94 -14.27
CA MET C 460 -7.47 15.07 -13.39
C MET C 460 -7.07 14.62 -11.99
N GLU C 461 -7.88 15.00 -11.00
CA GLU C 461 -7.49 14.83 -9.61
C GLU C 461 -8.46 13.89 -8.90
N ILE C 462 -7.97 13.29 -7.81
CA ILE C 462 -8.75 12.42 -6.95
C ILE C 462 -8.27 12.63 -5.52
N ASN C 463 -8.89 11.95 -4.56
CA ASN C 463 -8.45 11.95 -3.17
C ASN C 463 -8.58 10.54 -2.64
N LEU C 464 -7.45 9.90 -2.37
CA LEU C 464 -7.45 8.45 -2.13
C LEU C 464 -7.95 8.09 -0.73
N ASN C 465 -7.24 8.57 0.30
CA ASN C 465 -7.51 8.09 1.65
C ASN C 465 -8.92 8.44 2.09
N ALA C 466 -9.40 9.63 1.73
CA ALA C 466 -10.77 9.99 2.05
C ALA C 466 -11.74 8.98 1.47
N ASN C 467 -11.55 8.59 0.21
CA ASN C 467 -12.47 7.64 -0.41
C ASN C 467 -12.38 6.28 0.25
N LEU C 468 -11.18 5.82 0.57
CA LEU C 468 -11.06 4.51 1.21
C LEU C 468 -11.76 4.50 2.57
N TRP C 469 -11.50 5.52 3.38
CA TRP C 469 -12.13 5.60 4.69
C TRP C 469 -13.65 5.69 4.56
N ARG C 470 -14.12 6.45 3.57
CA ARG C 470 -15.56 6.59 3.38
C ARG C 470 -16.20 5.27 2.98
N ASN C 471 -15.53 4.51 2.11
CA ASN C 471 -16.06 3.21 1.72
C ASN C 471 -16.12 2.27 2.91
N PHE C 472 -15.07 2.26 3.73
CA PHE C 472 -15.08 1.42 4.92
C PHE C 472 -16.26 1.78 5.82
N LEU C 473 -16.43 3.08 6.10
CA LEU C 473 -17.50 3.51 6.98
C LEU C 473 -18.86 3.11 6.43
N TYR C 474 -19.11 3.35 5.14
CA TYR C 474 -20.42 3.01 4.61
C TYR C 474 -20.63 1.50 4.63
N SER C 475 -19.61 0.72 4.28
CA SER C 475 -19.82 -0.71 4.12
C SER C 475 -19.97 -1.43 5.46
N ASN C 476 -19.37 -0.91 6.52
CA ASN C 476 -19.36 -1.67 7.76
C ASN C 476 -20.29 -1.15 8.84
N ILE C 477 -20.75 0.09 8.75
CA ILE C 477 -21.61 0.67 9.78
C ILE C 477 -22.94 1.16 9.21
N ALA C 478 -22.91 1.85 8.06
CA ALA C 478 -24.11 2.50 7.57
C ALA C 478 -25.21 1.49 7.28
N LEU C 479 -24.86 0.33 6.73
CA LEU C 479 -25.88 -0.62 6.34
C LEU C 479 -26.57 -1.25 7.55
N TYR C 480 -25.84 -1.50 8.63
CA TYR C 480 -26.36 -2.26 9.75
C TYR C 480 -27.15 -1.41 10.74
N LEU C 481 -27.64 -0.24 10.32
CA LEU C 481 -28.41 0.60 11.21
C LEU C 481 -29.77 -0.05 11.50
N PRO C 482 -30.46 0.42 12.53
CA PRO C 482 -31.81 -0.08 12.78
C PRO C 482 -32.73 0.22 11.60
N ASP C 483 -33.69 -0.67 11.39
CA ASP C 483 -34.56 -0.56 10.21
C ASP C 483 -35.32 0.75 10.17
N LYS C 484 -35.65 1.34 11.33
CA LYS C 484 -36.53 2.49 11.34
C LYS C 484 -35.94 3.72 10.66
N LEU C 485 -34.67 3.71 10.28
CA LEU C 485 -34.09 4.86 9.60
C LEU C 485 -34.12 4.74 8.09
N LYS C 486 -34.16 3.52 7.56
CA LYS C 486 -34.17 3.34 6.11
C LYS C 486 -35.56 3.66 5.55
N TYR C 487 -35.63 3.74 4.22
CA TYR C 487 -36.89 3.98 3.53
C TYR C 487 -36.95 3.15 2.26
N SER C 488 -38.15 2.71 1.93
CA SER C 488 -38.34 1.82 0.79
C SER C 488 -37.98 2.54 -0.51
N PRO C 489 -37.49 1.82 -1.50
CA PRO C 489 -37.07 2.44 -2.75
C PRO C 489 -38.29 2.74 -3.64
N SER C 490 -38.01 3.22 -4.84
CA SER C 490 -39.05 3.62 -5.78
C SER C 490 -38.98 2.77 -7.03
N ASN C 491 -40.16 2.41 -7.55
CA ASN C 491 -40.30 1.66 -8.80
C ASN C 491 -39.71 0.26 -8.73
N VAL C 492 -39.51 -0.28 -7.52
CA VAL C 492 -38.98 -1.62 -7.36
C VAL C 492 -39.90 -2.40 -6.42
N LYS C 493 -40.28 -3.60 -6.82
CA LYS C 493 -41.12 -4.42 -5.96
C LYS C 493 -40.32 -4.99 -4.81
N ILE C 494 -40.93 -5.04 -3.64
CA ILE C 494 -40.27 -5.49 -2.42
C ILE C 494 -41.21 -6.43 -1.67
N SER C 495 -40.64 -7.20 -0.75
CA SER C 495 -41.39 -8.22 -0.04
C SER C 495 -42.15 -7.61 1.13
N ASP C 496 -42.73 -8.45 1.97
CA ASP C 496 -43.50 -7.99 3.13
C ASP C 496 -43.01 -8.54 4.45
N ASN C 497 -42.57 -9.78 4.51
CA ASN C 497 -42.00 -10.32 5.74
C ASN C 497 -40.70 -9.62 6.03
N PRO C 498 -40.65 -8.79 7.06
CA PRO C 498 -39.44 -7.99 7.30
C PRO C 498 -38.30 -8.84 7.84
N ASN C 499 -38.46 -10.15 7.79
CA ASN C 499 -37.38 -11.06 8.11
C ASN C 499 -36.68 -11.62 6.89
N THR C 500 -37.32 -11.60 5.73
CA THR C 500 -36.75 -12.22 4.54
C THR C 500 -35.50 -11.48 4.09
N TYR C 501 -34.59 -12.22 3.43
CA TYR C 501 -33.39 -11.61 2.88
C TYR C 501 -33.73 -10.51 1.89
N ASP C 502 -34.79 -10.69 1.11
CA ASP C 502 -35.17 -9.69 0.12
C ASP C 502 -35.42 -8.34 0.76
N TYR C 503 -36.22 -8.32 1.84
CA TYR C 503 -36.51 -7.06 2.51
C TYR C 503 -35.26 -6.45 3.13
N MET C 504 -34.43 -7.28 3.75
CA MET C 504 -33.21 -6.77 4.35
C MET C 504 -32.24 -6.23 3.31
N ASN C 505 -32.40 -6.64 2.05
CA ASN C 505 -31.43 -6.25 1.04
C ASN C 505 -31.89 -5.09 0.18
N LYS C 506 -33.19 -4.94 -0.04
CA LYS C 506 -33.68 -3.95 -0.98
C LYS C 506 -34.06 -2.62 -0.33
N ARG C 507 -33.83 -2.46 0.96
CA ARG C 507 -33.97 -1.16 1.59
C ARG C 507 -32.72 -0.33 1.32
N VAL C 508 -32.85 0.98 1.39
CA VAL C 508 -31.77 1.90 1.08
C VAL C 508 -31.59 2.88 2.22
N VAL C 509 -30.35 3.28 2.47
CA VAL C 509 -30.00 4.13 3.60
C VAL C 509 -29.08 5.24 3.12
N ALA C 510 -29.43 6.48 3.45
CA ALA C 510 -28.68 7.62 2.97
C ALA C 510 -27.30 7.64 3.60
N PRO C 511 -26.23 7.78 2.81
CA PRO C 511 -24.88 7.82 3.39
C PRO C 511 -24.62 9.04 4.24
N GLY C 512 -25.56 9.97 4.34
CA GLY C 512 -25.36 11.14 5.17
C GLY C 512 -25.36 10.85 6.66
N LEU C 513 -26.01 9.76 7.06
CA LEU C 513 -26.09 9.45 8.49
C LEU C 513 -24.70 9.16 9.06
N VAL C 514 -23.88 8.42 8.33
CA VAL C 514 -22.53 8.09 8.77
C VAL C 514 -21.60 8.39 7.59
N ASP C 515 -21.01 9.57 7.60
CA ASP C 515 -20.10 9.98 6.55
C ASP C 515 -18.69 10.11 7.15
N CYS C 516 -17.77 10.64 6.37
CA CYS C 516 -16.39 10.75 6.80
C CYS C 516 -16.16 11.89 7.78
N TYR C 517 -17.21 12.47 8.34
CA TYR C 517 -17.06 13.60 9.25
C TYR C 517 -17.90 13.43 10.51
N ILE C 518 -18.08 12.20 10.97
CA ILE C 518 -18.95 11.92 12.11
C ILE C 518 -18.10 11.80 13.36
N ASN C 519 -18.45 12.58 14.39
CA ASN C 519 -17.77 12.54 15.68
C ASN C 519 -16.26 12.60 15.54
N LEU C 520 -15.81 13.61 14.81
CA LEU C 520 -14.39 13.72 14.48
C LEU C 520 -13.54 13.86 15.74
N GLY C 521 -12.43 13.14 15.75
CA GLY C 521 -11.49 13.26 16.85
C GLY C 521 -11.94 12.61 18.13
N ALA C 522 -13.00 11.80 18.10
CA ALA C 522 -13.56 11.24 19.31
C ALA C 522 -13.62 9.73 19.23
N ARG C 523 -13.37 9.09 20.36
CA ARG C 523 -13.52 7.64 20.49
C ARG C 523 -14.92 7.41 21.05
N TRP C 524 -15.83 6.96 20.19
CA TRP C 524 -17.23 6.97 20.55
C TRP C 524 -17.97 5.98 19.66
N SER C 525 -19.16 5.58 20.09
CA SER C 525 -20.00 4.68 19.33
C SER C 525 -21.39 5.28 19.18
N LEU C 526 -21.99 5.07 18.03
CA LEU C 526 -23.24 5.74 17.71
C LEU C 526 -24.35 5.28 18.62
N ASP C 527 -25.30 6.18 18.88
CA ASP C 527 -26.40 5.86 19.79
C ASP C 527 -27.25 4.71 19.27
N TYR C 528 -27.64 4.78 17.99
CA TYR C 528 -28.50 3.73 17.44
C TYR C 528 -27.82 2.37 17.51
N MET C 529 -26.55 2.31 17.13
CA MET C 529 -25.83 1.05 17.04
C MET C 529 -25.48 0.46 18.40
N ASP C 530 -25.95 1.04 19.51
CA ASP C 530 -25.60 0.51 20.82
C ASP C 530 -26.36 -0.78 21.11
N ASN C 531 -27.68 -0.77 20.93
CA ASN C 531 -28.51 -1.91 21.29
C ASN C 531 -28.65 -2.93 20.16
N VAL C 532 -27.99 -2.70 19.04
CA VAL C 532 -28.02 -3.65 17.92
C VAL C 532 -26.93 -4.69 18.14
N ASN C 533 -27.31 -5.95 18.05
CA ASN C 533 -26.38 -7.04 18.31
C ASN C 533 -25.15 -6.91 17.42
N PRO C 534 -23.94 -6.89 17.99
CA PRO C 534 -22.75 -6.71 17.17
C PRO C 534 -22.12 -8.01 16.70
N PHE C 535 -22.63 -9.15 17.13
CA PHE C 535 -22.10 -10.42 16.63
C PHE C 535 -22.73 -10.82 15.31
N ASN C 536 -23.94 -10.34 15.03
CA ASN C 536 -24.56 -10.54 13.72
C ASN C 536 -23.91 -9.55 12.77
N HIS C 537 -22.89 -10.02 12.06
CA HIS C 537 -22.04 -9.15 11.26
C HIS C 537 -21.32 -10.03 10.25
N HIS C 538 -20.55 -9.40 9.38
CA HIS C 538 -19.79 -10.17 8.40
C HIS C 538 -18.30 -10.07 8.60
N ARG C 539 -17.86 -9.59 9.77
CA ARG C 539 -16.45 -9.68 10.17
C ARG C 539 -16.29 -10.54 11.41
N ASN C 540 -17.29 -11.34 11.72
CA ASN C 540 -17.27 -12.23 12.87
C ASN C 540 -16.35 -13.40 12.53
N ALA C 541 -15.06 -13.23 12.83
CA ALA C 541 -14.03 -14.12 12.31
C ALA C 541 -14.37 -15.58 12.55
N GLY C 542 -14.92 -15.90 13.72
CA GLY C 542 -15.37 -17.26 13.95
C GLY C 542 -16.41 -17.70 12.94
N LEU C 543 -17.35 -16.81 12.62
CA LEU C 543 -18.43 -17.18 11.70
C LEU C 543 -17.90 -17.40 10.30
N ARG C 544 -17.05 -16.50 9.81
CA ARG C 544 -16.52 -16.70 8.47
C ARG C 544 -15.64 -17.94 8.40
N TYR C 545 -14.89 -18.23 9.47
CA TYR C 545 -14.09 -19.45 9.46
C TYR C 545 -14.98 -20.68 9.39
N ARG C 546 -16.02 -20.73 10.21
CA ARG C 546 -16.90 -21.89 10.19
C ARG C 546 -17.65 -22.00 8.87
N SER C 547 -17.90 -20.88 8.21
CA SER C 547 -18.58 -20.94 6.92
C SER C 547 -17.65 -21.45 5.83
N MET C 548 -16.42 -20.95 5.79
CA MET C 548 -15.47 -21.43 4.82
C MET C 548 -15.11 -22.89 5.04
N LEU C 549 -15.22 -23.38 6.28
CA LEU C 549 -14.83 -24.76 6.54
C LEU C 549 -15.70 -25.77 5.83
N LEU C 550 -16.85 -25.36 5.30
CA LEU C 550 -17.73 -26.25 4.56
C LEU C 550 -17.67 -26.03 3.06
N GLY C 551 -16.91 -25.06 2.59
CA GLY C 551 -16.83 -24.76 1.18
C GLY C 551 -17.75 -23.63 0.77
N ASN C 552 -17.51 -23.12 -0.44
CA ASN C 552 -18.20 -21.94 -0.93
C ASN C 552 -19.45 -22.27 -1.72
N GLY C 553 -19.81 -23.54 -1.86
CA GLY C 553 -20.95 -23.91 -2.68
C GLY C 553 -22.27 -23.69 -1.98
N ARG C 554 -23.31 -24.26 -2.57
CA ARG C 554 -24.66 -24.22 -1.99
C ARG C 554 -25.16 -25.59 -1.57
N TYR C 555 -24.81 -26.64 -2.29
CA TYR C 555 -25.15 -28.01 -1.91
C TYR C 555 -23.91 -28.66 -1.32
N VAL C 556 -23.99 -29.12 -0.08
CA VAL C 556 -22.82 -29.63 0.63
C VAL C 556 -23.14 -31.00 1.18
N PRO C 557 -22.41 -32.04 0.81
CA PRO C 557 -22.45 -33.29 1.58
C PRO C 557 -21.51 -33.20 2.76
N PHE C 558 -22.06 -33.26 3.96
CA PHE C 558 -21.28 -32.97 5.15
C PHE C 558 -21.14 -34.21 6.02
N HIS C 559 -20.10 -34.18 6.85
CA HIS C 559 -19.68 -35.34 7.63
C HIS C 559 -18.91 -34.82 8.83
N ILE C 560 -19.51 -34.90 10.02
CA ILE C 560 -19.01 -34.22 11.21
C ILE C 560 -19.02 -35.18 12.39
N GLN C 561 -18.29 -34.78 13.43
CA GLN C 561 -18.30 -35.47 14.72
C GLN C 561 -18.76 -34.51 15.79
N VAL C 562 -19.62 -34.99 16.68
CA VAL C 562 -20.27 -34.16 17.69
C VAL C 562 -19.89 -34.69 19.07
N PRO C 563 -19.43 -33.83 19.98
CA PRO C 563 -19.04 -34.30 21.32
C PRO C 563 -20.22 -34.52 22.25
N GLN C 564 -19.92 -34.79 23.52
CA GLN C 564 -20.93 -35.03 24.55
C GLN C 564 -20.69 -34.07 25.71
N LYS C 565 -21.75 -33.38 26.15
CA LYS C 565 -21.58 -32.26 27.06
C LYS C 565 -22.29 -32.38 28.41
N PHE C 566 -23.11 -33.40 28.63
CA PHE C 566 -23.77 -33.50 29.92
C PHE C 566 -22.75 -33.76 31.01
N PHE C 567 -22.94 -33.12 32.16
CA PHE C 567 -21.88 -33.12 33.17
C PHE C 567 -21.78 -34.44 33.92
N ALA C 568 -22.89 -35.17 34.04
CA ALA C 568 -22.85 -36.42 34.80
C ALA C 568 -22.24 -37.57 34.01
N ILE C 569 -21.99 -37.41 32.72
CA ILE C 569 -21.35 -38.46 31.95
C ILE C 569 -20.23 -37.89 31.10
N LYS C 570 -19.85 -36.65 31.35
CA LYS C 570 -18.78 -36.04 30.58
C LYS C 570 -17.46 -36.73 30.84
N ASN C 571 -17.19 -37.09 32.09
CA ASN C 571 -15.91 -37.69 32.47
C ASN C 571 -16.07 -39.01 33.21
N LEU C 572 -17.27 -39.58 33.22
CA LEU C 572 -17.49 -40.81 33.97
C LEU C 572 -16.66 -41.94 33.40
N LEU C 573 -16.13 -42.78 34.29
CA LEU C 573 -15.27 -43.90 33.92
C LEU C 573 -16.05 -45.19 34.06
N LEU C 574 -16.46 -45.77 32.94
CA LEU C 574 -17.30 -46.95 32.96
C LEU C 574 -16.47 -48.20 33.29
N LEU C 575 -17.18 -49.27 33.62
CA LEU C 575 -16.62 -50.55 34.02
C LEU C 575 -17.32 -51.65 33.26
N PRO C 576 -16.71 -52.84 33.16
CA PRO C 576 -17.23 -53.87 32.23
C PRO C 576 -18.72 -54.10 32.36
N GLY C 577 -19.38 -54.28 31.22
CA GLY C 577 -20.80 -54.57 31.21
C GLY C 577 -21.42 -54.11 29.91
N SER C 578 -22.75 -54.29 29.84
CA SER C 578 -23.52 -53.92 28.66
C SER C 578 -24.51 -52.82 29.02
N TYR C 579 -24.59 -51.80 28.18
CA TYR C 579 -25.39 -50.62 28.48
C TYR C 579 -26.20 -50.24 27.26
N THR C 580 -27.27 -49.52 27.49
CA THR C 580 -28.08 -48.95 26.43
C THR C 580 -27.89 -47.44 26.42
N TYR C 581 -27.69 -46.88 25.23
CA TYR C 581 -27.30 -45.49 25.07
C TYR C 581 -28.12 -44.92 23.91
N GLU C 582 -29.00 -43.96 24.20
CA GLU C 582 -29.91 -43.45 23.19
C GLU C 582 -30.06 -41.94 23.31
N TRP C 583 -30.19 -41.27 22.17
CA TRP C 583 -30.22 -39.82 22.16
C TRP C 583 -31.08 -39.31 21.01
N ASN C 584 -31.27 -37.99 20.97
CA ASN C 584 -32.14 -37.32 20.01
C ASN C 584 -31.43 -36.13 19.38
N PHE C 585 -31.75 -35.86 18.12
CA PHE C 585 -31.13 -34.78 17.37
C PHE C 585 -32.20 -33.95 16.66
N ARG C 586 -31.91 -32.67 16.49
CA ARG C 586 -32.82 -31.74 15.85
C ARG C 586 -32.63 -31.72 14.34
N LYS C 587 -33.70 -31.40 13.62
CA LYS C 587 -33.65 -31.17 12.19
C LYS C 587 -34.11 -29.77 11.81
N ASP C 588 -34.54 -28.97 12.79
CA ASP C 588 -34.88 -27.58 12.50
C ASP C 588 -33.67 -26.85 11.97
N VAL C 589 -33.90 -25.91 11.06
CA VAL C 589 -32.79 -25.22 10.44
C VAL C 589 -32.48 -23.90 11.13
N ASN C 590 -33.47 -23.30 11.79
CA ASN C 590 -33.22 -22.05 12.48
C ASN C 590 -32.34 -22.23 13.70
N MET C 591 -32.31 -23.43 14.27
CA MET C 591 -31.52 -23.67 15.47
C MET C 591 -30.08 -24.05 15.16
N VAL C 592 -29.88 -25.05 14.30
CA VAL C 592 -28.54 -25.61 14.12
C VAL C 592 -27.69 -24.82 13.13
N LEU C 593 -28.24 -23.92 12.32
CA LEU C 593 -27.36 -23.13 11.42
C LEU C 593 -27.39 -21.63 11.72
N GLN C 594 -26.25 -20.95 11.81
CA GLN C 594 -26.25 -19.55 12.14
C GLN C 594 -26.52 -18.83 10.87
N SER C 595 -26.40 -17.52 10.83
CA SER C 595 -26.58 -16.76 9.60
C SER C 595 -26.40 -15.31 9.81
N SER C 596 -25.29 -14.78 9.38
CA SER C 596 -25.00 -13.39 9.64
C SER C 596 -25.99 -12.41 9.15
N LEU C 597 -27.18 -12.37 9.70
CA LEU C 597 -28.14 -11.35 9.35
C LEU C 597 -29.41 -11.66 10.08
N GLY C 598 -30.00 -12.81 9.83
CA GLY C 598 -31.18 -13.19 10.55
C GLY C 598 -32.33 -13.66 9.72
N ASN C 599 -32.08 -13.94 8.47
CA ASN C 599 -33.16 -14.31 7.65
C ASN C 599 -33.82 -15.51 8.23
N ASP C 600 -35.13 -15.51 8.35
CA ASP C 600 -35.81 -16.71 8.80
C ASP C 600 -35.55 -17.82 7.80
N LEU C 601 -34.60 -18.70 8.12
CA LEU C 601 -34.12 -19.66 7.14
C LEU C 601 -35.15 -20.71 6.76
N ARG C 602 -36.23 -20.87 7.52
CA ARG C 602 -37.27 -21.80 7.10
C ARG C 602 -37.98 -21.30 5.84
N VAL C 603 -38.16 -19.99 5.74
CA VAL C 603 -38.78 -19.43 4.54
C VAL C 603 -37.81 -19.52 3.36
N ASP C 604 -36.53 -19.30 3.61
CA ASP C 604 -35.54 -19.24 2.53
C ASP C 604 -35.12 -20.59 2.01
N GLY C 605 -35.86 -21.65 2.31
CA GLY C 605 -35.64 -22.92 1.65
C GLY C 605 -34.43 -23.72 2.10
N ALA C 606 -33.79 -23.35 3.19
CA ALA C 606 -32.70 -24.15 3.71
C ALA C 606 -33.21 -25.51 4.15
N SER C 607 -32.33 -26.51 4.09
CA SER C 607 -32.74 -27.86 4.46
C SER C 607 -31.53 -28.67 4.87
N ILE C 608 -31.78 -29.71 5.67
CA ILE C 608 -30.72 -30.57 6.17
C ILE C 608 -31.30 -31.96 6.39
N LYS C 609 -30.67 -32.97 5.80
CA LYS C 609 -31.17 -34.33 5.89
C LYS C 609 -30.06 -35.25 6.37
N PHE C 610 -30.34 -35.99 7.44
CA PHE C 610 -29.38 -36.93 7.98
C PHE C 610 -29.41 -38.23 7.18
N ASP C 611 -28.25 -38.87 7.10
CA ASP C 611 -28.11 -40.09 6.32
C ASP C 611 -27.83 -41.31 7.20
N SER C 612 -26.80 -41.23 8.05
CA SER C 612 -26.47 -42.35 8.92
C SER C 612 -25.72 -41.83 10.13
N ILE C 613 -25.76 -42.61 11.20
CA ILE C 613 -25.04 -42.31 12.43
C ILE C 613 -24.23 -43.51 12.83
N CYS C 614 -23.10 -43.28 13.49
CA CYS C 614 -22.27 -44.32 14.07
C CYS C 614 -21.68 -43.79 15.36
N LEU C 615 -21.32 -44.69 16.27
CA LEU C 615 -20.77 -44.30 17.56
C LEU C 615 -19.34 -44.83 17.68
N TYR C 616 -18.42 -43.98 18.15
CA TYR C 616 -17.02 -44.36 18.22
C TYR C 616 -16.56 -44.40 19.67
N ALA C 617 -15.63 -45.30 19.96
CA ALA C 617 -15.07 -45.40 21.30
C ALA C 617 -13.62 -45.83 21.23
N THR C 618 -12.85 -45.46 22.25
CA THR C 618 -11.42 -45.73 22.29
C THR C 618 -11.07 -46.36 23.63
N PHE C 619 -10.30 -47.45 23.60
CA PHE C 619 -9.96 -48.21 24.80
C PHE C 619 -8.46 -48.15 25.03
N PHE C 620 -8.05 -47.87 26.26
CA PHE C 620 -6.65 -47.97 26.61
C PHE C 620 -6.26 -49.43 26.71
N PRO C 621 -5.22 -49.87 26.02
CA PRO C 621 -4.84 -51.29 26.08
C PRO C 621 -4.13 -51.62 27.39
N MET C 622 -4.87 -51.62 28.47
CA MET C 622 -4.31 -51.87 29.79
C MET C 622 -4.11 -53.37 30.00
N ALA C 623 -3.03 -53.70 30.71
CA ALA C 623 -2.73 -55.10 31.00
C ALA C 623 -3.86 -55.73 31.79
N HIS C 624 -4.11 -57.01 31.53
CA HIS C 624 -5.35 -57.63 32.00
C HIS C 624 -5.42 -57.66 33.53
N ASN C 625 -4.39 -58.17 34.19
CA ASN C 625 -4.48 -58.30 35.65
C ASN C 625 -4.54 -56.94 36.33
N THR C 626 -3.79 -55.97 35.81
CA THR C 626 -3.85 -54.62 36.36
C THR C 626 -5.24 -54.04 36.21
N ALA C 627 -5.88 -54.25 35.06
CA ALA C 627 -7.24 -53.77 34.87
C ALA C 627 -8.21 -54.45 35.83
N SER C 628 -8.02 -55.74 36.06
CA SER C 628 -8.87 -56.43 37.02
C SER C 628 -8.71 -55.84 38.41
N THR C 629 -7.47 -55.57 38.82
CA THR C 629 -7.25 -54.95 40.12
C THR C 629 -7.91 -53.59 40.21
N LEU C 630 -7.78 -52.79 39.15
CA LEU C 630 -8.40 -51.46 39.16
C LEU C 630 -9.91 -51.55 39.28
N GLU C 631 -10.52 -52.47 38.55
CA GLU C 631 -11.97 -52.65 38.66
C GLU C 631 -12.36 -53.04 40.08
N ALA C 632 -11.65 -54.02 40.65
CA ALA C 632 -11.99 -54.48 41.98
C ALA C 632 -11.88 -53.36 43.00
N MET C 633 -10.83 -52.56 42.90
CA MET C 633 -10.71 -51.43 43.83
C MET C 633 -11.82 -50.41 43.60
N LEU C 634 -12.22 -50.21 42.35
CA LEU C 634 -13.18 -49.16 42.05
C LEU C 634 -14.62 -49.59 42.22
N ARG C 635 -14.88 -50.84 42.59
CA ARG C 635 -16.25 -51.20 42.93
C ARG C 635 -16.57 -51.09 44.41
N ASN C 636 -15.59 -50.78 45.26
CA ASN C 636 -15.86 -50.58 46.67
C ASN C 636 -16.56 -49.25 46.89
N ASP C 637 -17.64 -49.29 47.66
CA ASP C 637 -18.55 -48.14 47.72
C ASP C 637 -17.95 -46.92 48.40
N THR C 638 -16.69 -46.98 48.83
CA THR C 638 -16.04 -45.79 49.33
C THR C 638 -15.24 -45.06 48.26
N ASN C 639 -15.17 -45.61 47.05
CA ASN C 639 -14.47 -44.98 45.94
C ASN C 639 -15.44 -44.57 44.85
N ASP C 640 -16.65 -44.21 45.23
CA ASP C 640 -17.63 -43.73 44.27
C ASP C 640 -17.11 -42.44 43.62
N GLN C 641 -17.79 -42.00 42.58
CA GLN C 641 -17.34 -40.84 41.82
C GLN C 641 -18.23 -39.65 42.13
N SER C 642 -17.62 -38.46 42.10
CA SER C 642 -18.31 -37.22 42.40
C SER C 642 -18.14 -36.26 41.23
N PHE C 643 -19.23 -35.60 40.85
CA PHE C 643 -19.19 -34.72 39.70
C PHE C 643 -20.02 -33.46 39.96
N ASN C 644 -19.47 -32.32 39.57
CA ASN C 644 -20.09 -31.04 39.81
C ASN C 644 -20.18 -30.27 38.51
N ASP C 645 -21.37 -29.73 38.22
CA ASP C 645 -21.53 -28.83 37.08
C ASP C 645 -20.69 -27.58 37.29
N TYR C 646 -20.35 -26.92 36.18
CA TYR C 646 -19.51 -25.73 36.31
C TYR C 646 -20.34 -24.49 36.57
N LEU C 647 -21.41 -24.28 35.81
CA LEU C 647 -22.25 -23.11 36.06
C LEU C 647 -22.95 -23.26 37.41
N SER C 648 -23.52 -24.43 37.67
CA SER C 648 -24.04 -24.78 38.98
C SER C 648 -24.98 -23.72 39.52
N ALA C 649 -26.09 -23.53 38.81
CA ALA C 649 -27.03 -22.50 39.22
C ALA C 649 -28.40 -22.80 38.64
N ALA C 650 -29.39 -22.12 39.18
CA ALA C 650 -30.77 -22.23 38.70
C ALA C 650 -31.14 -20.96 37.95
N ASN C 651 -31.78 -21.12 36.80
CA ASN C 651 -31.98 -20.05 35.84
C ASN C 651 -33.46 -19.71 35.72
N MET C 652 -33.77 -18.42 35.78
CA MET C 652 -35.13 -17.96 35.64
C MET C 652 -35.17 -16.75 34.71
N LEU C 653 -36.17 -16.71 33.85
CA LEU C 653 -36.35 -15.60 32.92
C LEU C 653 -37.70 -14.96 33.17
N TYR C 654 -37.72 -13.63 33.12
CA TYR C 654 -38.95 -12.88 33.33
C TYR C 654 -39.17 -11.94 32.16
N PRO C 655 -40.42 -11.62 31.85
CA PRO C 655 -40.68 -10.76 30.70
C PRO C 655 -40.72 -9.29 31.07
N ILE C 656 -40.38 -8.45 30.09
CA ILE C 656 -40.38 -7.01 30.25
C ILE C 656 -41.08 -6.44 29.01
N PRO C 657 -42.21 -5.77 29.17
CA PRO C 657 -42.92 -5.25 28.01
C PRO C 657 -42.26 -4.02 27.43
N ALA C 658 -42.77 -3.52 26.33
CA ALA C 658 -42.13 -2.42 25.64
C ALA C 658 -42.15 -1.15 26.48
N ASN C 659 -41.03 -0.43 26.46
CA ASN C 659 -40.90 0.87 27.14
C ASN C 659 -41.14 0.76 28.64
N ALA C 660 -40.84 -0.39 29.23
CA ALA C 660 -40.98 -0.53 30.66
C ALA C 660 -39.76 0.04 31.37
N THR C 661 -39.89 0.26 32.67
CA THR C 661 -38.82 0.85 33.46
C THR C 661 -38.62 0.21 34.82
N ASN C 662 -39.46 -0.73 35.24
CA ASN C 662 -39.42 -1.24 36.59
C ASN C 662 -39.94 -2.67 36.60
N VAL C 663 -39.11 -3.60 37.08
CA VAL C 663 -39.48 -5.01 37.10
C VAL C 663 -39.33 -5.55 38.51
N PRO C 664 -40.42 -5.77 39.23
CA PRO C 664 -40.33 -6.45 40.53
C PRO C 664 -40.55 -7.95 40.42
N ILE C 665 -39.79 -8.72 41.20
CA ILE C 665 -39.93 -10.16 41.25
C ILE C 665 -39.96 -10.59 42.71
N SER C 666 -40.53 -11.78 42.94
CA SER C 666 -40.68 -12.28 44.28
C SER C 666 -40.41 -13.78 44.33
N ILE C 667 -40.06 -14.26 45.52
CA ILE C 667 -39.80 -15.67 45.78
C ILE C 667 -40.39 -16.02 47.14
N PRO C 668 -41.27 -17.01 47.22
CA PRO C 668 -41.97 -17.29 48.47
C PRO C 668 -41.03 -17.88 49.50
N SER C 669 -41.51 -17.93 50.75
CA SER C 669 -40.67 -18.37 51.86
C SER C 669 -40.17 -19.78 51.63
N ARG C 670 -38.90 -19.99 51.93
CA ARG C 670 -38.28 -21.29 51.77
C ARG C 670 -36.97 -21.30 52.54
N ASN C 671 -36.26 -22.41 52.44
CA ASN C 671 -34.94 -22.50 53.06
C ASN C 671 -33.89 -21.84 52.18
N TRP C 672 -32.82 -21.35 52.82
CA TRP C 672 -31.76 -20.65 52.09
C TRP C 672 -30.38 -21.11 52.54
N ALA C 673 -30.26 -22.34 52.99
CA ALA C 673 -28.96 -22.84 53.41
C ALA C 673 -28.04 -23.02 52.22
N ALA C 674 -26.76 -22.68 52.41
CA ALA C 674 -25.71 -22.89 51.41
C ALA C 674 -26.06 -22.22 50.09
N PHE C 675 -26.38 -20.93 50.17
CA PHE C 675 -26.58 -20.12 48.99
C PHE C 675 -25.23 -19.69 48.44
N ARG C 676 -25.23 -19.10 47.26
CA ARG C 676 -23.94 -18.59 46.80
C ARG C 676 -23.97 -17.15 46.31
N GLY C 677 -25.02 -16.72 45.63
CA GLY C 677 -25.08 -15.36 45.12
C GLY C 677 -25.97 -15.27 43.89
N TRP C 678 -26.00 -14.07 43.32
CA TRP C 678 -26.81 -13.79 42.14
C TRP C 678 -25.94 -13.48 40.94
N ALA C 679 -26.51 -13.65 39.75
CA ALA C 679 -25.86 -13.17 38.53
C ALA C 679 -26.92 -12.93 37.47
N PHE C 680 -26.98 -11.72 36.94
CA PHE C 680 -28.04 -11.36 36.01
C PHE C 680 -27.52 -10.76 34.72
N THR C 681 -28.43 -10.71 33.74
CA THR C 681 -28.20 -10.20 32.39
C THR C 681 -29.56 -9.91 31.75
N ARG C 682 -29.54 -9.42 30.52
CA ARG C 682 -30.76 -9.02 29.82
C ARG C 682 -30.71 -9.43 28.36
N LEU C 683 -31.84 -9.92 27.84
CA LEU C 683 -31.92 -10.45 26.48
C LEU C 683 -33.08 -9.82 25.73
N LYS C 684 -33.01 -9.91 24.40
CA LYS C 684 -34.15 -9.59 23.56
C LYS C 684 -35.03 -10.81 23.41
N THR C 685 -36.36 -10.61 23.43
CA THR C 685 -37.27 -11.73 23.30
C THR C 685 -37.22 -12.33 21.90
N LYS C 686 -37.00 -11.49 20.90
CA LYS C 686 -36.98 -11.94 19.52
C LYS C 686 -35.93 -13.01 19.27
N GLU C 687 -34.95 -13.16 20.17
CA GLU C 687 -33.83 -14.07 19.95
C GLU C 687 -33.68 -15.06 21.08
N THR C 688 -34.77 -15.71 21.49
CA THR C 688 -34.65 -16.68 22.57
C THR C 688 -35.64 -17.82 22.36
N PRO C 689 -35.17 -18.98 21.93
CA PRO C 689 -36.09 -20.06 21.57
C PRO C 689 -36.79 -20.62 22.79
N SER C 690 -37.88 -21.33 22.54
CA SER C 690 -38.69 -21.90 23.62
C SER C 690 -38.29 -23.35 23.82
N LEU C 691 -37.14 -23.53 24.46
CA LEU C 691 -36.72 -24.86 24.87
C LEU C 691 -37.75 -25.46 25.80
N GLY C 692 -38.05 -26.75 25.58
CA GLY C 692 -39.05 -27.45 26.35
C GLY C 692 -40.11 -28.11 25.51
N SER C 693 -40.07 -27.95 24.19
CA SER C 693 -40.97 -28.64 23.29
C SER C 693 -40.23 -29.06 22.04
N GLY C 694 -40.86 -29.93 21.26
CA GLY C 694 -40.19 -30.48 20.09
C GLY C 694 -39.82 -29.43 19.07
N TYR C 695 -40.72 -28.48 18.81
CA TYR C 695 -40.55 -27.58 17.70
C TYR C 695 -41.29 -26.29 17.98
N ASP C 696 -40.57 -25.17 17.94
CA ASP C 696 -41.15 -23.88 18.25
C ASP C 696 -41.41 -23.10 16.97
N PRO C 697 -42.61 -23.18 16.38
CA PRO C 697 -42.84 -22.55 15.09
C PRO C 697 -42.87 -21.03 15.14
N TYR C 698 -42.82 -20.43 16.32
CA TYR C 698 -42.90 -18.99 16.44
C TYR C 698 -41.54 -18.35 16.65
N TYR C 699 -40.48 -19.01 16.22
CA TYR C 699 -39.11 -18.55 16.42
C TYR C 699 -38.51 -18.33 15.04
N THR C 700 -38.62 -17.12 14.54
CA THR C 700 -38.07 -16.83 13.28
C THR C 700 -36.94 -15.86 13.37
N TYR C 701 -35.74 -16.31 13.66
CA TYR C 701 -34.58 -15.45 13.66
C TYR C 701 -33.47 -16.41 13.55
N SER C 702 -32.25 -15.98 13.40
CA SER C 702 -31.18 -16.95 13.38
C SER C 702 -29.85 -16.31 13.44
N GLY C 703 -29.68 -15.45 14.41
CA GLY C 703 -28.42 -14.78 14.56
C GLY C 703 -27.64 -15.55 15.53
N SER C 704 -27.19 -14.90 16.57
CA SER C 704 -26.51 -15.62 17.58
C SER C 704 -27.60 -15.85 18.56
N ILE C 705 -27.35 -16.64 19.57
CA ILE C 705 -28.33 -16.82 20.63
C ILE C 705 -27.64 -16.60 21.97
N PRO C 706 -27.80 -15.44 22.58
CA PRO C 706 -27.08 -15.16 23.84
C PRO C 706 -27.39 -16.14 24.94
N TYR C 707 -28.63 -16.63 25.02
CA TYR C 707 -29.02 -17.52 26.11
C TYR C 707 -28.31 -18.87 26.03
N LEU C 708 -27.74 -19.23 24.89
CA LEU C 708 -27.05 -20.50 24.77
C LEU C 708 -25.55 -20.35 24.53
N ASP C 709 -25.14 -19.62 23.50
CA ASP C 709 -23.72 -19.60 23.19
C ASP C 709 -22.93 -18.74 24.18
N GLY C 710 -23.55 -17.71 24.73
CA GLY C 710 -22.92 -16.95 25.78
C GLY C 710 -22.29 -15.64 25.35
N THR C 711 -22.97 -14.89 24.49
CA THR C 711 -22.51 -13.57 24.06
C THR C 711 -23.61 -12.56 24.37
N PHE C 712 -23.44 -11.79 25.42
CA PHE C 712 -24.40 -10.78 25.83
C PHE C 712 -23.87 -9.39 25.48
N TYR C 713 -24.79 -8.48 25.21
CA TYR C 713 -24.39 -7.13 24.83
C TYR C 713 -25.25 -6.04 25.44
N LEU C 714 -26.23 -6.36 26.28
CA LEU C 714 -27.12 -5.35 26.84
C LEU C 714 -26.83 -5.07 28.31
N ASN C 715 -25.63 -5.39 28.78
CA ASN C 715 -25.31 -5.21 30.18
C ASN C 715 -25.31 -3.75 30.62
N HIS C 716 -25.31 -2.80 29.70
CA HIS C 716 -25.18 -1.40 30.06
C HIS C 716 -26.50 -0.69 30.19
N THR C 717 -27.63 -1.39 30.14
CA THR C 717 -28.92 -0.73 30.24
C THR C 717 -29.56 -0.87 31.61
N PHE C 718 -28.82 -1.34 32.61
CA PHE C 718 -29.34 -1.41 33.97
C PHE C 718 -29.09 -0.08 34.68
N LYS C 719 -30.01 0.27 35.58
CA LYS C 719 -29.84 1.44 36.42
C LYS C 719 -29.60 1.07 37.87
N LYS C 720 -30.48 0.31 38.50
CA LYS C 720 -30.20 -0.09 39.87
C LYS C 720 -30.99 -1.32 40.28
N VAL C 721 -30.56 -1.92 41.38
CA VAL C 721 -31.08 -3.19 41.88
C VAL C 721 -31.35 -3.04 43.37
N ALA C 722 -32.49 -3.56 43.83
CA ALA C 722 -32.84 -3.51 45.24
C ALA C 722 -33.27 -4.89 45.71
N ILE C 723 -32.80 -5.27 46.90
CA ILE C 723 -32.99 -6.60 47.46
C ILE C 723 -33.56 -6.48 48.86
N THR C 724 -34.54 -7.32 49.19
CA THR C 724 -35.12 -7.33 50.53
C THR C 724 -35.52 -8.73 50.94
N PHE C 725 -35.29 -9.05 52.22
CA PHE C 725 -35.76 -10.29 52.82
C PHE C 725 -36.84 -9.95 53.83
N ASP C 726 -37.93 -10.71 53.81
CA ASP C 726 -38.99 -10.62 54.82
C ASP C 726 -39.61 -9.23 54.87
N SER C 727 -39.51 -8.48 53.78
CA SER C 727 -40.24 -7.23 53.57
C SER C 727 -39.71 -6.07 54.41
N SER C 728 -38.76 -6.31 55.31
CA SER C 728 -38.19 -5.19 56.04
C SER C 728 -36.67 -5.21 56.00
N VAL C 729 -36.08 -6.40 56.07
CA VAL C 729 -34.62 -6.53 56.06
C VAL C 729 -34.08 -6.05 54.73
N SER C 730 -33.07 -5.20 54.75
CA SER C 730 -32.52 -4.68 53.51
C SER C 730 -31.08 -5.12 53.30
N TRP C 731 -30.89 -6.28 52.71
CA TRP C 731 -29.56 -6.78 52.44
C TRP C 731 -28.82 -5.82 51.50
N PRO C 732 -27.51 -5.61 51.68
CA PRO C 732 -26.64 -6.20 52.69
C PRO C 732 -26.71 -5.46 54.01
N GLY C 733 -27.41 -4.34 54.03
CA GLY C 733 -27.67 -3.62 55.26
C GLY C 733 -26.44 -3.31 56.08
N ASN C 734 -26.65 -3.07 57.37
CA ASN C 734 -25.57 -2.76 58.30
C ASN C 734 -24.76 -1.56 57.83
N ASP C 735 -25.31 -0.79 56.90
CA ASP C 735 -24.73 0.48 56.49
C ASP C 735 -23.32 0.29 55.95
N ARG C 736 -23.22 -0.46 54.86
CA ARG C 736 -21.92 -0.75 54.26
C ARG C 736 -21.63 0.18 53.08
N LEU C 737 -22.48 0.18 52.07
CA LEU C 737 -22.20 0.86 50.83
C LEU C 737 -22.39 2.37 50.98
N LEU C 738 -21.91 3.11 49.98
CA LEU C 738 -22.04 4.57 49.99
C LEU C 738 -23.49 5.01 49.94
N THR C 739 -24.36 4.19 49.37
CA THR C 739 -25.80 4.41 49.41
C THR C 739 -26.40 3.08 49.86
N PRO C 740 -26.42 2.83 51.17
CA PRO C 740 -26.58 1.45 51.65
C PRO C 740 -27.87 0.79 51.27
N ASN C 741 -28.91 1.54 50.89
CA ASN C 741 -30.21 0.93 50.70
C ASN C 741 -30.24 0.04 49.46
N GLU C 742 -29.55 0.48 48.40
CA GLU C 742 -29.59 -0.25 47.13
C GLU C 742 -28.34 -0.11 46.33
N PHE C 743 -27.99 -1.13 45.59
CA PHE C 743 -26.82 -1.05 44.76
C PHE C 743 -27.12 0.00 43.76
N GLU C 744 -26.15 0.41 42.95
CA GLU C 744 -26.37 1.50 42.00
C GLU C 744 -25.38 1.51 40.90
N ILE C 745 -25.78 1.13 39.71
CA ILE C 745 -24.82 1.01 38.64
C ILE C 745 -24.50 2.33 38.00
N LYS C 746 -25.44 3.00 37.39
CA LYS C 746 -25.11 4.22 36.69
C LYS C 746 -25.84 5.42 37.21
N ARG C 747 -25.21 6.59 37.28
CA ARG C 747 -25.92 7.79 37.67
C ARG C 747 -26.13 8.69 36.46
N SER C 748 -27.37 9.15 36.28
CA SER C 748 -27.66 10.04 35.17
C SER C 748 -26.98 11.39 35.36
N VAL C 749 -27.17 12.00 36.52
CA VAL C 749 -26.57 13.30 36.83
C VAL C 749 -25.98 13.23 38.24
N ASP C 750 -24.69 13.46 38.34
CA ASP C 750 -23.99 13.44 39.62
C ASP C 750 -23.96 14.84 40.20
N GLY C 751 -24.07 14.93 41.52
CA GLY C 751 -23.94 16.20 42.20
C GLY C 751 -22.79 16.21 43.20
N GLU C 752 -22.36 15.03 43.61
CA GLU C 752 -21.41 14.90 44.70
C GLU C 752 -20.14 14.14 44.30
N GLY C 753 -19.91 13.90 43.03
CA GLY C 753 -18.70 13.21 42.62
C GLY C 753 -18.68 11.75 43.01
N TYR C 754 -19.54 10.93 42.40
CA TYR C 754 -19.61 9.51 42.72
C TYR C 754 -19.26 8.62 41.54
N ASN C 755 -18.74 9.18 40.46
CA ASN C 755 -18.38 8.38 39.29
C ASN C 755 -16.87 8.25 39.20
N VAL C 756 -16.41 7.15 38.60
CA VAL C 756 -15.00 6.82 38.56
C VAL C 756 -14.57 6.47 37.14
N ALA C 757 -13.26 6.43 36.97
CA ALA C 757 -12.64 6.04 35.69
C ALA C 757 -13.07 6.98 34.56
N GLN C 758 -13.39 8.22 34.90
CA GLN C 758 -13.86 9.19 33.91
C GLN C 758 -15.05 8.64 33.12
N CYS C 759 -15.90 7.92 33.83
CA CYS C 759 -17.08 7.29 33.26
C CYS C 759 -18.28 7.72 34.08
N ASN C 760 -19.34 6.93 33.97
CA ASN C 760 -20.52 7.15 34.74
C ASN C 760 -20.88 5.87 35.50
N MET C 761 -19.92 5.18 36.12
CA MET C 761 -20.23 4.02 36.94
C MET C 761 -19.96 4.34 38.35
N THR C 762 -20.97 4.29 39.21
CA THR C 762 -20.78 4.68 40.58
C THR C 762 -19.67 3.94 41.17
N LYS C 763 -18.93 4.57 42.06
CA LYS C 763 -17.76 3.93 42.62
C LYS C 763 -18.19 2.58 42.99
N ASP C 764 -18.97 2.50 44.03
CA ASP C 764 -19.48 1.23 44.41
C ASP C 764 -19.38 0.16 43.37
N TRP C 765 -20.31 0.14 42.46
CA TRP C 765 -20.36 -0.97 41.52
C TRP C 765 -18.98 -1.39 41.09
N PHE C 766 -18.08 -0.43 40.91
CA PHE C 766 -16.72 -0.77 40.51
C PHE C 766 -16.05 -1.61 41.58
N LEU C 767 -16.17 -1.18 42.84
CA LEU C 767 -15.55 -1.91 43.94
C LEU C 767 -16.14 -3.31 44.06
N VAL C 768 -17.47 -3.42 43.95
CA VAL C 768 -18.10 -4.73 44.11
C VAL C 768 -17.64 -5.68 43.00
N GLN C 769 -17.61 -5.21 41.76
CA GLN C 769 -17.17 -6.08 40.68
C GLN C 769 -15.73 -6.51 40.85
N MET C 770 -14.85 -5.56 41.19
CA MET C 770 -13.45 -5.91 41.34
C MET C 770 -13.27 -6.93 42.46
N LEU C 771 -13.98 -6.75 43.58
CA LEU C 771 -13.85 -7.71 44.66
C LEU C 771 -14.36 -9.08 44.22
N ALA C 772 -15.57 -9.13 43.68
CA ALA C 772 -16.17 -10.42 43.35
C ALA C 772 -15.40 -11.15 42.27
N ASN C 773 -14.61 -10.43 41.48
CA ASN C 773 -13.86 -11.15 40.45
C ASN C 773 -12.43 -11.49 40.87
N TYR C 774 -11.68 -10.53 41.40
CA TYR C 774 -10.25 -10.73 41.60
C TYR C 774 -9.80 -10.56 43.04
N ASN C 775 -10.72 -10.40 44.00
CA ASN C 775 -10.37 -10.12 45.38
C ASN C 775 -9.43 -8.92 45.47
N ILE C 776 -9.72 -7.89 44.67
CA ILE C 776 -8.90 -6.70 44.57
C ILE C 776 -9.72 -5.50 45.01
N GLY C 777 -9.14 -4.67 45.87
CA GLY C 777 -9.78 -3.42 46.19
C GLY C 777 -9.64 -2.93 47.61
N TYR C 778 -9.32 -3.81 48.54
CA TYR C 778 -9.07 -3.35 49.90
C TYR C 778 -7.64 -2.88 50.10
N GLN C 779 -6.78 -3.04 49.10
CA GLN C 779 -5.40 -2.58 49.18
C GLN C 779 -4.98 -1.95 47.87
N GLY C 780 -5.82 -1.11 47.32
CA GLY C 780 -5.46 -0.36 46.12
C GLY C 780 -5.78 -1.11 44.85
N PHE C 781 -6.14 -0.35 43.82
CA PHE C 781 -6.51 -0.91 42.53
C PHE C 781 -5.29 -1.01 41.63
N TYR C 782 -5.28 -2.03 40.78
CA TYR C 782 -4.23 -2.17 39.78
C TYR C 782 -4.69 -3.21 38.77
N ILE C 783 -3.92 -3.34 37.69
CA ILE C 783 -4.29 -4.22 36.60
C ILE C 783 -4.04 -5.67 37.02
N PRO C 784 -5.08 -6.51 37.06
CA PRO C 784 -4.88 -7.90 37.44
C PRO C 784 -4.04 -8.64 36.42
N GLU C 785 -3.35 -9.68 36.90
CA GLU C 785 -2.51 -10.48 36.02
C GLU C 785 -3.36 -11.16 34.94
N SER C 786 -2.70 -11.53 33.85
CA SER C 786 -3.42 -12.08 32.71
C SER C 786 -4.11 -13.39 33.05
N TYR C 787 -3.43 -14.28 33.77
CA TYR C 787 -3.97 -15.62 33.99
C TYR C 787 -5.22 -15.62 34.84
N LYS C 788 -5.46 -14.56 35.61
CA LYS C 788 -6.66 -14.46 36.42
C LYS C 788 -7.77 -13.69 35.72
N ASP C 789 -7.53 -13.18 34.53
CA ASP C 789 -8.48 -12.34 33.79
C ASP C 789 -8.73 -12.98 32.42
N ARG C 790 -9.71 -13.86 32.37
CA ARG C 790 -9.96 -14.64 31.16
C ARG C 790 -10.74 -13.81 30.16
N MET C 791 -11.22 -14.46 29.09
CA MET C 791 -11.92 -13.74 28.04
C MET C 791 -13.26 -13.19 28.53
N TYR C 792 -13.97 -13.97 29.33
CA TYR C 792 -15.31 -13.59 29.79
C TYR C 792 -15.29 -12.79 31.07
N SER C 793 -14.14 -12.25 31.46
CA SER C 793 -14.03 -11.56 32.73
C SER C 793 -14.63 -10.18 32.62
N PHE C 794 -14.44 -9.35 33.64
CA PHE C 794 -14.98 -8.00 33.67
C PHE C 794 -13.97 -6.98 33.14
N PHE C 795 -12.78 -6.92 33.76
CA PHE C 795 -11.84 -5.87 33.41
C PHE C 795 -11.37 -5.97 31.97
N ARG C 796 -11.44 -7.14 31.36
CA ARG C 796 -11.11 -7.23 29.94
C ARG C 796 -12.11 -6.48 29.08
N ASN C 797 -13.36 -6.34 29.55
CA ASN C 797 -14.43 -5.77 28.74
C ASN C 797 -15.03 -4.52 29.36
N PHE C 798 -14.20 -3.60 29.82
CA PHE C 798 -14.67 -2.36 30.44
C PHE C 798 -14.18 -1.20 29.59
N GLN C 799 -15.08 -0.56 28.86
CA GLN C 799 -14.68 0.51 27.94
C GLN C 799 -15.41 1.81 28.23
N PRO C 800 -14.73 2.85 28.71
CA PRO C 800 -15.37 4.16 28.87
C PRO C 800 -15.18 5.06 27.66
N MET C 801 -16.21 5.87 27.38
CA MET C 801 -16.24 6.72 26.20
C MET C 801 -16.86 8.06 26.55
N SER C 802 -16.44 9.09 25.81
CA SER C 802 -16.93 10.45 26.05
C SER C 802 -16.83 11.27 24.77
N ARG C 803 -17.65 12.31 24.67
CA ARG C 803 -17.62 13.20 23.52
C ARG C 803 -18.25 14.54 23.90
N GLN C 804 -18.13 15.50 22.99
CA GLN C 804 -18.75 16.81 23.15
C GLN C 804 -19.74 17.07 22.02
N VAL C 805 -20.79 17.82 22.34
CA VAL C 805 -21.78 18.24 21.35
C VAL C 805 -22.11 19.69 21.58
N VAL C 806 -22.73 20.30 20.57
CA VAL C 806 -23.06 21.72 20.62
C VAL C 806 -24.25 21.94 21.54
N ASP C 807 -24.09 22.84 22.49
CA ASP C 807 -25.21 23.20 23.36
C ASP C 807 -26.26 23.95 22.56
N ASP C 808 -27.53 23.68 22.85
CA ASP C 808 -28.62 24.31 22.11
C ASP C 808 -29.39 25.32 22.95
N THR C 809 -28.84 25.74 24.09
CA THR C 809 -29.46 26.79 24.89
C THR C 809 -28.53 27.98 25.06
N LYS C 810 -27.27 27.75 25.43
CA LYS C 810 -26.34 28.86 25.61
C LYS C 810 -25.85 29.41 24.28
N TYR C 811 -25.72 28.57 23.26
CA TYR C 811 -25.29 29.06 21.95
C TYR C 811 -26.36 29.97 21.36
N LYS C 812 -25.93 31.11 20.84
CA LYS C 812 -26.89 32.13 20.47
C LYS C 812 -27.61 31.80 19.17
N ASP C 813 -26.91 31.19 18.21
CA ASP C 813 -27.42 31.03 16.86
C ASP C 813 -27.68 29.57 16.50
N TYR C 814 -28.13 28.77 17.46
CA TYR C 814 -28.38 27.37 17.19
C TYR C 814 -29.54 27.23 16.21
N GLN C 815 -29.36 26.33 15.24
CA GLN C 815 -30.40 26.03 14.26
C GLN C 815 -30.39 24.53 13.98
N GLN C 816 -31.57 23.94 13.92
CA GLN C 816 -31.69 22.50 13.74
C GLN C 816 -31.87 22.18 12.26
N VAL C 817 -31.00 21.35 11.72
CA VAL C 817 -31.03 20.98 10.31
C VAL C 817 -31.19 19.48 10.21
N GLY C 818 -32.33 19.04 9.71
CA GLY C 818 -32.58 17.62 9.53
C GLY C 818 -31.64 17.03 8.49
N ILE C 819 -31.85 15.74 8.21
CA ILE C 819 -31.00 15.05 7.25
C ILE C 819 -31.29 15.49 5.82
N LEU C 820 -32.43 16.14 5.59
CA LEU C 820 -32.80 16.51 4.24
C LEU C 820 -32.19 17.82 3.77
N HIS C 821 -31.43 18.52 4.62
CA HIS C 821 -30.94 19.84 4.22
C HIS C 821 -29.49 20.06 4.63
N GLN C 822 -28.71 18.99 4.77
CA GLN C 822 -27.28 19.12 5.05
C GLN C 822 -26.53 18.85 3.76
N HIS C 823 -25.76 19.82 3.32
CA HIS C 823 -25.13 19.76 2.00
C HIS C 823 -23.64 19.97 2.11
N ASN C 824 -23.02 19.26 3.04
CA ASN C 824 -21.58 19.14 3.03
C ASN C 824 -21.15 18.19 1.92
N ASN C 825 -19.97 18.44 1.37
CA ASN C 825 -19.49 17.71 0.19
C ASN C 825 -20.50 17.81 -0.94
N SER C 826 -20.81 19.06 -1.31
CA SER C 826 -22.04 19.33 -2.04
C SER C 826 -22.02 18.73 -3.43
N GLY C 827 -20.98 18.97 -4.20
CA GLY C 827 -21.01 18.69 -5.62
C GLY C 827 -20.29 17.46 -6.10
N PHE C 828 -19.92 16.54 -5.21
CA PHE C 828 -19.15 15.39 -5.64
C PHE C 828 -19.63 14.11 -4.97
N VAL C 829 -20.94 14.01 -4.70
CA VAL C 829 -21.49 12.85 -4.03
C VAL C 829 -22.98 12.79 -4.34
N GLY C 830 -23.58 11.63 -4.11
CA GLY C 830 -24.98 11.44 -4.38
C GLY C 830 -25.86 12.30 -3.48
N TYR C 831 -27.14 11.97 -3.47
CA TYR C 831 -28.13 12.66 -2.65
C TYR C 831 -29.06 11.64 -2.03
N LEU C 832 -28.86 11.32 -0.76
CA LEU C 832 -29.69 10.38 -0.02
C LEU C 832 -29.70 9.00 -0.65
N ALA C 833 -28.59 8.63 -1.29
CA ALA C 833 -28.49 7.34 -1.96
C ALA C 833 -27.04 7.13 -2.35
N PRO C 834 -26.67 5.91 -2.67
CA PRO C 834 -25.32 5.66 -3.19
C PRO C 834 -25.22 5.89 -4.68
N THR C 835 -26.19 6.60 -5.26
CA THR C 835 -26.28 6.72 -6.70
C THR C 835 -25.23 7.70 -7.22
N MET C 836 -25.37 8.10 -8.48
CA MET C 836 -24.36 8.91 -9.15
C MET C 836 -24.28 10.30 -8.54
N ARG C 837 -23.12 10.94 -8.72
CA ARG C 837 -22.90 12.27 -8.17
C ARG C 837 -23.83 13.28 -8.82
N GLU C 838 -24.07 14.37 -8.11
CA GLU C 838 -24.95 15.43 -8.60
C GLU C 838 -24.61 16.72 -7.86
N GLY C 839 -25.30 17.78 -8.23
CA GLY C 839 -25.16 19.05 -7.57
C GLY C 839 -23.89 19.79 -7.95
N GLN C 840 -23.68 20.92 -7.27
CA GLN C 840 -22.57 21.81 -7.57
C GLN C 840 -21.75 22.06 -6.31
N ALA C 841 -20.62 22.73 -6.49
CA ALA C 841 -19.73 23.01 -5.37
C ALA C 841 -20.20 24.26 -4.64
N TYR C 842 -20.16 24.21 -3.32
CA TYR C 842 -20.67 25.29 -2.49
C TYR C 842 -20.24 25.08 -1.05
N PRO C 843 -19.87 26.13 -0.32
CA PRO C 843 -19.39 25.95 1.05
C PRO C 843 -20.41 25.26 1.92
N ALA C 844 -19.92 24.41 2.83
CA ALA C 844 -20.77 23.51 3.60
C ALA C 844 -21.48 24.26 4.72
N ASN C 845 -22.41 23.57 5.38
CA ASN C 845 -23.20 24.18 6.44
C ASN C 845 -23.32 23.21 7.61
N PHE C 846 -22.42 22.24 7.68
CA PHE C 846 -22.54 21.17 8.65
C PHE C 846 -21.24 20.37 8.69
N PRO C 847 -20.79 19.88 9.85
CA PRO C 847 -21.32 20.07 11.21
C PRO C 847 -20.68 21.25 11.88
N TYR C 848 -21.22 21.67 13.02
CA TYR C 848 -20.68 22.84 13.70
C TYR C 848 -19.24 22.58 14.12
N PRO C 849 -18.38 23.59 14.14
CA PRO C 849 -17.00 23.36 14.55
C PRO C 849 -16.86 23.33 16.06
N LEU C 850 -15.90 22.55 16.53
CA LEU C 850 -15.60 22.46 17.95
C LEU C 850 -14.17 22.84 18.28
N ILE C 851 -13.33 23.09 17.30
CA ILE C 851 -11.95 23.50 17.54
C ILE C 851 -11.74 24.84 16.88
N GLY C 852 -10.52 25.37 16.96
CA GLY C 852 -10.25 26.64 16.33
C GLY C 852 -10.82 27.79 17.12
N LYS C 853 -10.49 29.02 16.72
CA LYS C 853 -10.88 30.18 17.50
C LYS C 853 -12.28 30.66 17.18
N THR C 854 -13.12 29.80 16.61
CA THR C 854 -14.52 30.14 16.37
C THR C 854 -15.44 29.05 16.88
N ALA C 855 -14.99 28.27 17.86
CA ALA C 855 -15.76 27.14 18.33
C ALA C 855 -17.04 27.61 19.02
N VAL C 856 -17.92 26.65 19.27
CA VAL C 856 -19.25 26.93 19.82
C VAL C 856 -19.33 26.40 21.25
N ASP C 857 -20.15 27.06 22.05
CA ASP C 857 -20.36 26.59 23.42
C ASP C 857 -20.96 25.20 23.41
N SER C 858 -20.42 24.32 24.25
CA SER C 858 -20.68 22.90 24.10
C SER C 858 -20.91 22.26 25.46
N ILE C 859 -21.53 21.08 25.43
CA ILE C 859 -21.70 20.25 26.60
C ILE C 859 -21.08 18.89 26.32
N THR C 860 -20.96 18.08 27.36
CA THR C 860 -20.23 16.83 27.32
C THR C 860 -21.16 15.67 27.63
N GLN C 861 -20.88 14.53 27.02
CA GLN C 861 -21.60 13.30 27.31
C GLN C 861 -20.62 12.18 27.56
N LYS C 862 -20.97 11.28 28.49
CA LYS C 862 -20.13 10.17 28.88
C LYS C 862 -20.97 8.90 28.97
N LYS C 863 -20.35 7.75 28.72
CA LYS C 863 -21.00 6.47 28.92
C LYS C 863 -19.96 5.37 28.88
N PHE C 864 -20.42 4.12 29.01
CA PHE C 864 -19.50 2.98 29.04
C PHE C 864 -20.15 1.77 28.41
N LEU C 865 -19.31 0.86 27.95
CA LEU C 865 -19.72 -0.37 27.30
C LEU C 865 -19.04 -1.56 27.96
N CYS C 866 -19.80 -2.64 28.11
CA CYS C 866 -19.31 -3.84 28.79
C CYS C 866 -20.15 -5.02 28.31
N ASP C 867 -19.52 -5.94 27.59
CA ASP C 867 -20.22 -7.05 26.97
C ASP C 867 -19.50 -8.36 27.27
N ARG C 868 -20.19 -9.47 26.98
CA ARG C 868 -19.68 -10.82 27.18
C ARG C 868 -19.49 -11.16 28.65
N THR C 869 -20.23 -10.50 29.54
CA THR C 869 -20.09 -10.78 30.96
C THR C 869 -21.44 -10.66 31.66
N LEU C 870 -21.57 -11.40 32.75
CA LEU C 870 -22.74 -11.33 33.60
C LEU C 870 -22.45 -10.40 34.78
N TRP C 871 -23.43 -9.60 35.16
CA TRP C 871 -23.28 -8.84 36.39
C TRP C 871 -23.45 -9.83 37.53
N ARG C 872 -22.53 -9.85 38.48
CA ARG C 872 -22.61 -10.82 39.56
C ARG C 872 -22.53 -10.15 40.92
N ILE C 873 -23.23 -10.73 41.88
CA ILE C 873 -23.26 -10.24 43.25
C ILE C 873 -23.01 -11.42 44.19
N PRO C 874 -21.89 -11.46 44.89
CA PRO C 874 -21.60 -12.60 45.75
C PRO C 874 -22.29 -12.49 47.09
N PHE C 875 -22.66 -13.64 47.64
CA PHE C 875 -23.37 -13.70 48.90
C PHE C 875 -22.41 -13.96 50.05
N SER C 876 -21.50 -13.02 50.26
CA SER C 876 -20.53 -13.10 51.34
C SER C 876 -20.75 -11.93 52.29
N SER C 877 -19.92 -11.89 53.34
CA SER C 877 -20.03 -10.81 54.30
C SER C 877 -19.23 -9.59 53.86
N ASN C 878 -18.01 -9.79 53.40
CA ASN C 878 -17.16 -8.68 52.97
C ASN C 878 -16.95 -8.67 51.46
N PHE C 879 -17.78 -9.42 50.73
CA PHE C 879 -17.80 -9.50 49.28
C PHE C 879 -16.60 -10.21 48.68
N MET C 880 -15.63 -10.61 49.49
CA MET C 880 -14.50 -11.30 48.91
C MET C 880 -14.88 -12.74 48.59
N SER C 881 -13.98 -13.44 47.92
CA SER C 881 -14.18 -14.84 47.56
C SER C 881 -13.18 -15.67 48.34
N MET C 882 -13.54 -16.03 49.57
CA MET C 882 -12.68 -16.83 50.43
C MET C 882 -12.88 -18.32 50.26
N GLY C 883 -13.96 -18.76 49.63
CA GLY C 883 -14.16 -20.17 49.41
C GLY C 883 -15.46 -20.41 48.69
N ALA C 884 -15.66 -21.68 48.30
CA ALA C 884 -16.87 -22.04 47.59
C ALA C 884 -18.10 -21.88 48.49
N LEU C 885 -18.06 -22.45 49.68
CA LEU C 885 -19.18 -22.42 50.61
C LEU C 885 -19.08 -21.17 51.46
N THR C 886 -19.55 -20.04 50.91
CA THR C 886 -19.36 -18.76 51.57
C THR C 886 -20.00 -18.78 52.95
N ASP C 887 -19.41 -18.00 53.86
CA ASP C 887 -19.73 -18.14 55.28
C ASP C 887 -21.19 -17.84 55.58
N LEU C 888 -21.84 -16.98 54.78
CA LEU C 888 -23.23 -16.69 55.05
C LEU C 888 -24.12 -17.91 54.84
N GLY C 889 -23.77 -18.78 53.91
CA GLY C 889 -24.51 -20.03 53.78
C GLY C 889 -24.43 -20.87 55.04
N GLN C 890 -23.23 -21.04 55.58
CA GLN C 890 -23.09 -21.79 56.82
C GLN C 890 -23.85 -21.12 57.95
N ASN C 891 -23.77 -19.79 58.03
CA ASN C 891 -24.47 -19.08 59.10
C ASN C 891 -25.97 -19.31 59.01
N LEU C 892 -26.52 -19.27 57.79
CA LEU C 892 -27.95 -19.50 57.64
C LEU C 892 -28.34 -20.93 57.94
N LEU C 893 -27.45 -21.89 57.66
CA LEU C 893 -27.69 -23.25 58.13
C LEU C 893 -27.74 -23.30 59.64
N TYR C 894 -26.83 -22.58 60.29
CA TYR C 894 -26.74 -22.55 61.74
C TYR C 894 -28.01 -21.97 62.35
N ALA C 895 -28.54 -20.90 61.75
CA ALA C 895 -29.76 -20.29 62.28
C ALA C 895 -30.96 -21.21 62.12
N ASN C 896 -31.03 -21.94 61.02
CA ASN C 896 -32.08 -22.92 60.77
C ASN C 896 -33.46 -22.29 60.79
N SER C 897 -33.71 -21.42 59.81
CA SER C 897 -35.01 -20.77 59.66
C SER C 897 -35.32 -20.61 58.19
N ALA C 898 -36.36 -19.84 57.88
CA ALA C 898 -36.82 -19.65 56.52
C ALA C 898 -37.13 -18.19 56.27
N HIS C 899 -37.04 -17.77 55.01
CA HIS C 899 -37.29 -16.39 54.64
C HIS C 899 -37.86 -16.33 53.23
N ALA C 900 -38.40 -15.16 52.88
CA ALA C 900 -38.92 -14.89 51.55
C ALA C 900 -38.21 -13.69 50.96
N LEU C 901 -38.15 -13.63 49.64
CA LEU C 901 -37.25 -12.70 48.95
C LEU C 901 -38.02 -11.81 47.99
N ASP C 902 -37.67 -10.53 47.95
CA ASP C 902 -38.24 -9.59 47.00
C ASP C 902 -37.11 -8.83 46.32
N MET C 903 -37.16 -8.74 45.00
CA MET C 903 -36.16 -7.99 44.26
C MET C 903 -36.86 -6.99 43.36
N THR C 904 -36.16 -5.91 43.04
CA THR C 904 -36.69 -4.87 42.16
C THR C 904 -35.57 -4.36 41.28
N PHE C 905 -35.75 -4.45 39.96
CA PHE C 905 -34.77 -3.94 39.01
C PHE C 905 -35.32 -2.71 38.34
N GLU C 906 -34.51 -1.66 38.23
CA GLU C 906 -34.86 -0.47 37.48
C GLU C 906 -33.89 -0.34 36.32
N VAL C 907 -34.42 -0.34 35.10
CA VAL C 907 -33.66 -0.53 33.88
C VAL C 907 -34.01 0.54 32.86
N ASP C 908 -33.15 0.67 31.85
CA ASP C 908 -33.38 1.62 30.78
C ASP C 908 -34.52 1.17 29.89
N PRO C 909 -35.17 2.10 29.19
CA PRO C 909 -36.27 1.73 28.30
C PRO C 909 -35.80 1.37 26.90
N MET C 910 -36.43 0.34 26.34
CA MET C 910 -36.25 -0.03 24.94
C MET C 910 -37.61 -0.28 24.33
N ASP C 911 -37.73 -0.04 23.02
CA ASP C 911 -39.00 -0.19 22.32
C ASP C 911 -39.09 -1.58 21.67
N GLU C 912 -38.98 -2.59 22.52
CA GLU C 912 -38.96 -3.96 22.05
C GLU C 912 -39.16 -4.89 23.24
N PRO C 913 -39.99 -5.91 23.13
CA PRO C 913 -40.17 -6.84 24.26
C PRO C 913 -38.84 -7.48 24.62
N THR C 914 -38.58 -7.63 25.91
CA THR C 914 -37.30 -8.15 26.34
C THR C 914 -37.48 -9.12 27.50
N LEU C 915 -36.39 -9.77 27.88
CA LEU C 915 -36.38 -10.71 29.00
C LEU C 915 -35.27 -10.33 29.96
N LEU C 916 -35.55 -10.50 31.25
CA LEU C 916 -34.56 -10.38 32.31
C LEU C 916 -34.14 -11.77 32.72
N TYR C 917 -32.84 -11.97 32.91
CA TYR C 917 -32.26 -13.30 33.08
C TYR C 917 -31.51 -13.34 34.39
N VAL C 918 -31.95 -14.21 35.30
CA VAL C 918 -31.43 -14.25 36.66
C VAL C 918 -30.96 -15.66 36.96
N LEU C 919 -29.72 -15.78 37.42
CA LEU C 919 -29.14 -17.04 37.85
C LEU C 919 -28.91 -16.96 39.36
N PHE C 920 -29.52 -17.87 40.10
CA PHE C 920 -29.20 -18.06 41.50
C PHE C 920 -28.12 -19.14 41.59
N GLU C 921 -26.96 -18.79 42.12
CA GLU C 921 -25.87 -19.75 42.21
C GLU C 921 -26.11 -20.69 43.39
N VAL C 922 -26.08 -21.99 43.13
CA VAL C 922 -26.33 -23.00 44.15
C VAL C 922 -25.29 -24.12 44.00
N PHE C 923 -25.42 -25.14 44.83
CA PHE C 923 -24.58 -26.32 44.74
C PHE C 923 -25.34 -27.44 44.05
N ASP C 924 -24.69 -28.07 43.06
CA ASP C 924 -25.30 -29.13 42.28
C ASP C 924 -24.28 -30.24 42.12
N VAL C 925 -24.53 -31.41 42.72
CA VAL C 925 -23.52 -32.47 42.80
C VAL C 925 -24.17 -33.81 42.50
N VAL C 926 -23.36 -34.72 41.96
CA VAL C 926 -23.79 -36.06 41.57
C VAL C 926 -22.80 -37.07 42.12
N ARG C 927 -23.31 -38.14 42.70
CA ARG C 927 -22.46 -39.24 43.16
C ARG C 927 -22.86 -40.52 42.44
N VAL C 928 -21.88 -41.18 41.83
CA VAL C 928 -22.13 -42.34 40.99
C VAL C 928 -21.50 -43.56 41.64
N HIS C 929 -22.29 -44.62 41.78
CA HIS C 929 -21.90 -45.84 42.47
C HIS C 929 -22.23 -47.03 41.58
N ARG C 930 -21.32 -48.00 41.54
CA ARG C 930 -21.35 -49.06 40.54
C ARG C 930 -21.01 -50.41 41.19
N PRO C 931 -21.99 -51.02 41.83
CA PRO C 931 -21.69 -52.24 42.61
C PRO C 931 -21.22 -53.42 41.79
N HIS C 932 -21.99 -53.85 40.81
CA HIS C 932 -21.73 -55.11 40.11
C HIS C 932 -21.47 -54.87 38.63
N ARG C 933 -21.38 -55.96 37.89
CA ARG C 933 -21.18 -55.90 36.45
C ARG C 933 -22.50 -55.54 35.77
N GLY C 934 -22.52 -54.39 35.09
CA GLY C 934 -23.70 -54.00 34.37
C GLY C 934 -24.78 -53.35 35.19
N VAL C 935 -24.41 -52.64 36.26
CA VAL C 935 -25.35 -51.89 37.08
C VAL C 935 -24.71 -50.55 37.42
N ILE C 936 -25.46 -49.47 37.26
CA ILE C 936 -24.98 -48.13 37.55
C ILE C 936 -26.07 -47.36 38.26
N GLU C 937 -25.76 -46.82 39.43
CA GLU C 937 -26.72 -46.05 40.22
C GLU C 937 -26.16 -44.66 40.48
N THR C 938 -27.06 -43.69 40.62
CA THR C 938 -26.66 -42.32 40.81
C THR C 938 -27.50 -41.67 41.89
N VAL C 939 -26.93 -40.68 42.55
CA VAL C 939 -27.63 -39.85 43.52
C VAL C 939 -27.38 -38.40 43.16
N TYR C 940 -28.46 -37.64 43.00
CA TYR C 940 -28.38 -36.23 42.65
C TYR C 940 -28.69 -35.37 43.87
N LEU C 941 -28.07 -34.20 43.93
CA LEU C 941 -28.41 -33.26 44.97
C LEU C 941 -28.21 -31.85 44.47
N ARG C 942 -29.17 -30.98 44.75
CA ARG C 942 -29.01 -29.56 44.45
C ARG C 942 -29.60 -28.76 45.60
N THR C 943 -28.76 -27.95 46.24
CA THR C 943 -29.21 -27.14 47.36
C THR C 943 -28.67 -25.72 47.18
N PRO C 944 -29.52 -24.69 47.37
CA PRO C 944 -30.96 -24.76 47.63
C PRO C 944 -31.74 -25.16 46.39
N PHE C 945 -33.05 -24.89 46.38
CA PHE C 945 -33.92 -25.20 45.25
C PHE C 945 -33.82 -26.68 44.89
N SER C 946 -34.19 -27.53 45.85
CA SER C 946 -34.16 -28.96 45.63
C SER C 946 -35.09 -29.35 44.48
N ALA C 947 -34.96 -30.58 43.99
CA ALA C 947 -35.80 -31.01 42.89
C ALA C 947 -36.32 -32.43 43.08
N GLY C 948 -36.10 -33.05 44.23
CA GLY C 948 -36.53 -34.41 44.46
C GLY C 948 -37.55 -34.53 45.58
N ASN C 949 -38.35 -35.60 45.54
CA ASN C 949 -39.40 -35.83 46.52
C ASN C 949 -38.96 -36.76 47.64
N ALA C 950 -37.66 -36.97 47.80
CA ALA C 950 -37.16 -37.83 48.87
C ALA C 950 -36.68 -37.00 50.05
N ALA D 41 -14.65 26.30 -31.46
CA ALA D 41 -13.91 27.13 -30.53
C ALA D 41 -12.64 26.43 -30.07
N ASN D 42 -11.84 27.14 -29.27
CA ASN D 42 -10.61 26.61 -28.69
C ASN D 42 -10.91 26.25 -27.23
N SER D 43 -11.08 24.95 -26.97
CA SER D 43 -11.37 24.48 -25.62
C SER D 43 -10.40 23.36 -25.25
N PHE D 44 -10.65 22.72 -24.11
CA PHE D 44 -9.79 21.64 -23.64
C PHE D 44 -10.38 20.26 -23.84
N LEU D 45 -11.68 20.16 -24.11
CA LEU D 45 -12.30 18.88 -24.41
C LEU D 45 -12.86 18.91 -25.82
N CGU D 46 -13.19 20.11 -26.28
CA CGU D 46 -13.68 20.33 -27.67
C CGU D 46 -12.63 19.85 -28.68
O CGU D 46 -12.86 18.82 -29.40
CB CGU D 46 -14.00 21.80 -27.93
CG CGU D 46 -15.44 22.03 -28.34
CD1 CGU D 46 -15.68 21.75 -29.85
CD2 CGU D 46 -15.88 23.46 -27.98
OE11 CGU D 46 -14.88 21.02 -30.50
OE12 CGU D 46 -16.68 22.26 -30.42
OE21 CGU D 46 -17.07 23.71 -27.66
OE22 CGU D 46 -15.01 24.39 -28.01
N CGU D 47 -11.52 20.57 -28.77
CA CGU D 47 -10.41 20.21 -29.69
C CGU D 47 -9.84 18.83 -29.30
O CGU D 47 -9.25 18.12 -30.15
CB CGU D 47 -9.30 21.27 -29.67
CG CGU D 47 -8.86 21.63 -31.08
CD1 CGU D 47 -8.42 20.39 -31.88
CD2 CGU D 47 -7.73 22.68 -31.08
OE11 CGU D 47 -9.22 19.85 -32.70
OE12 CGU D 47 -7.28 19.90 -31.69
OE21 CGU D 47 -7.25 23.09 -29.99
OE22 CGU D 47 -7.30 23.11 -32.17
N MET D 48 -10.00 18.47 -28.03
CA MET D 48 -9.60 17.16 -27.54
C MET D 48 -10.36 16.09 -28.30
N LYS D 49 -11.66 16.29 -28.44
CA LYS D 49 -12.45 15.54 -29.41
C LYS D 49 -12.01 15.91 -30.83
N LYS D 50 -12.09 14.93 -31.72
CA LYS D 50 -11.77 15.21 -33.12
C LYS D 50 -12.65 16.33 -33.64
N GLY D 51 -12.01 17.34 -34.23
CA GLY D 51 -12.72 18.52 -34.70
C GLY D 51 -13.69 18.17 -35.82
N HIS D 52 -14.88 18.75 -35.80
CA HIS D 52 -15.85 18.61 -36.88
C HIS D 52 -16.28 19.99 -37.34
N LEU D 53 -16.37 20.18 -38.65
CA LEU D 53 -16.82 21.43 -39.24
C LEU D 53 -18.29 21.67 -38.91
N CGU D 54 -19.02 20.58 -38.70
CA CGU D 54 -20.44 20.66 -38.34
C CGU D 54 -20.59 20.89 -36.82
O CGU D 54 -21.71 21.20 -36.32
CB CGU D 54 -21.19 19.37 -38.77
CG CGU D 54 -22.70 19.59 -38.91
CD1 CGU D 54 -23.17 19.40 -40.36
CD2 CGU D 54 -23.53 18.68 -37.96
OE11 CGU D 54 -22.70 20.13 -41.28
OE12 CGU D 54 -24.03 18.52 -40.62
OE21 CGU D 54 -22.93 17.83 -37.25
OE22 CGU D 54 -24.77 18.81 -37.92
N ARG D 55 -19.49 20.74 -36.08
CA ARG D 55 -19.52 20.86 -34.62
C ARG D 55 -18.66 22.02 -34.12
N CGU D 56 -17.99 22.70 -35.04
CA CGU D 56 -17.16 23.88 -34.68
C CGU D 56 -17.41 25.04 -35.67
O CGU D 56 -17.64 26.21 -35.24
CB CGU D 56 -15.66 23.52 -34.64
CG CGU D 56 -15.32 22.59 -33.49
CD1 CGU D 56 -14.27 23.19 -32.58
CD2 CGU D 56 -14.79 21.27 -34.01
OE11 CGU D 56 -14.60 24.03 -31.70
OE12 CGU D 56 -13.08 22.83 -32.70
OE21 CGU D 56 -15.06 20.20 -33.41
OE22 CGU D 56 -14.09 21.28 -35.05
N CYS D 57 -17.36 24.75 -36.98
CA CYS D 57 -17.57 25.79 -37.99
C CYS D 57 -19.02 25.93 -38.36
N MET D 58 -19.82 26.41 -37.43
CA MET D 58 -21.25 26.59 -37.62
C MET D 58 -21.81 27.42 -36.47
N CGU D 59 -22.02 26.77 -35.33
CA CGU D 59 -22.52 27.47 -34.12
C CGU D 59 -21.46 28.45 -33.60
O CGU D 59 -21.81 29.55 -33.10
CB CGU D 59 -22.87 26.46 -33.00
CG CGU D 59 -23.40 25.14 -33.59
CD1 CGU D 59 -24.92 25.17 -33.78
CD2 CGU D 59 -22.97 23.92 -32.74
OE11 CGU D 59 -25.51 26.27 -33.94
OE12 CGU D 59 -25.56 24.08 -33.77
OE21 CGU D 59 -23.61 23.60 -31.70
OE22 CGU D 59 -21.97 23.24 -33.11
N CGU D 60 -20.19 28.07 -33.72
CA CGU D 60 -19.08 28.92 -33.26
C CGU D 60 -18.53 29.75 -34.45
O CGU D 60 -18.90 29.50 -35.62
CB CGU D 60 -17.96 28.07 -32.63
CG CGU D 60 -18.51 27.21 -31.48
CD1 CGU D 60 -18.09 27.76 -30.11
CD2 CGU D 60 -18.09 25.75 -31.60
OE11 CGU D 60 -17.99 26.98 -29.13
OE12 CGU D 60 -17.83 28.99 -30.00
OE21 CGU D 60 -18.91 24.88 -32.01
OE22 CGU D 60 -16.92 25.41 -31.27
N THR D 61 -17.65 30.71 -34.15
CA THR D 61 -17.21 31.70 -35.13
C THR D 61 -16.37 31.12 -36.27
N CYS D 62 -15.98 29.85 -36.15
CA CYS D 62 -15.19 29.17 -37.17
C CYS D 62 -13.89 29.92 -37.45
N SER D 63 -13.18 30.22 -36.37
CA SER D 63 -12.01 31.07 -36.45
C SER D 63 -10.93 30.47 -37.34
N TYR D 64 -10.37 29.33 -36.94
CA TYR D 64 -9.33 28.68 -37.73
C TYR D 64 -8.94 27.33 -37.15
N CGU D 65 -8.15 26.59 -37.92
CA CGU D 65 -7.71 25.21 -37.58
C CGU D 65 -8.94 24.28 -37.40
O CGU D 65 -9.05 23.27 -38.14
CB CGU D 65 -6.80 25.17 -36.33
CG CGU D 65 -5.40 24.67 -36.69
CD1 CGU D 65 -4.29 25.43 -35.96
CD2 CGU D 65 -5.12 24.70 -38.20
OE11 CGU D 65 -3.31 24.80 -35.46
OE12 CGU D 65 -4.37 26.68 -35.84
OE21 CGU D 65 -5.17 23.63 -38.88
OE22 CGU D 65 -4.82 25.80 -38.76
N CGU D 66 -9.84 24.62 -36.48
CA CGU D 66 -11.18 23.95 -36.50
C CGU D 66 -11.88 24.29 -37.83
O CGU D 66 -12.88 23.63 -38.23
CB CGU D 66 -12.05 24.38 -35.30
CG CGU D 66 -11.25 25.15 -34.25
CD1 CGU D 66 -10.49 24.20 -33.29
CD2 CGU D 66 -12.14 26.12 -33.47
OE11 CGU D 66 -10.27 24.58 -32.10
OE12 CGU D 66 -10.12 23.07 -33.69
OE21 CGU D 66 -11.63 27.12 -32.88
OE22 CGU D 66 -13.38 25.91 -33.43
N ALA D 67 -11.37 25.31 -38.52
CA ALA D 67 -11.78 25.63 -39.87
C ALA D 67 -10.87 24.93 -40.88
N ARG D 68 -9.81 24.30 -40.39
CA ARG D 68 -8.87 23.63 -41.28
C ARG D 68 -8.69 22.13 -41.00
N CGU D 69 -8.65 21.75 -39.72
CA CGU D 69 -8.43 20.31 -39.30
C CGU D 69 -9.38 19.37 -40.06
O CGU D 69 -8.92 18.46 -40.81
CB CGU D 69 -8.62 20.11 -37.77
CG CGU D 69 -7.59 20.83 -36.90
CD1 CGU D 69 -6.26 20.06 -36.78
CD2 CGU D 69 -8.18 21.14 -35.50
OE11 CGU D 69 -6.12 18.96 -37.37
OE12 CGU D 69 -5.33 20.53 -36.07
OE21 CGU D 69 -9.42 20.93 -35.30
OE22 CGU D 69 -7.45 21.60 -34.60
N VAL D 70 -10.68 19.56 -39.87
CA VAL D 70 -11.70 18.72 -40.49
C VAL D 70 -11.60 18.77 -42.00
N PHE D 71 -11.11 19.89 -42.50
CA PHE D 71 -10.92 20.06 -43.94
C PHE D 71 -9.54 19.56 -44.34
N CGU D 72 -8.62 19.59 -43.38
CA CGU D 72 -7.21 19.07 -43.54
C CGU D 72 -6.61 19.46 -44.91
O CGU D 72 -5.97 18.60 -45.59
CB CGU D 72 -7.15 17.54 -43.37
CG CGU D 72 -5.93 17.13 -42.52
CD1 CGU D 72 -5.34 15.75 -42.95
CD2 CGU D 72 -6.22 17.18 -41.01
OE11 CGU D 72 -5.66 15.25 -44.06
OE12 CGU D 72 -4.54 15.16 -42.18
OE21 CGU D 72 -6.65 16.16 -40.40
OE22 CGU D 72 -6.04 18.25 -40.38
N ASP D 73 -6.80 20.70 -45.32
CA ASP D 73 -6.30 21.17 -46.60
C ASP D 73 -6.27 22.69 -46.69
N SER D 74 -5.18 23.23 -47.24
CA SER D 74 -5.09 24.65 -47.54
C SER D 74 -5.79 25.02 -48.83
N ASP D 75 -6.23 24.05 -49.63
CA ASP D 75 -6.99 24.28 -50.85
C ASP D 75 -8.49 24.25 -50.62
N LYS D 76 -8.94 23.92 -49.40
CA LYS D 76 -10.34 23.94 -49.04
C LYS D 76 -10.66 24.87 -47.88
N THR D 77 -9.72 25.07 -46.96
CA THR D 77 -9.95 25.95 -45.82
C THR D 77 -9.98 27.41 -46.24
N ASN D 78 -8.99 27.84 -47.02
CA ASN D 78 -8.87 29.23 -47.45
C ASN D 78 -10.09 29.65 -48.26
N CGU D 79 -10.77 28.66 -48.82
CA CGU D 79 -11.96 28.90 -49.63
C CGU D 79 -13.23 28.83 -48.73
O CGU D 79 -14.35 29.16 -49.19
CB CGU D 79 -12.06 27.86 -50.78
CG CGU D 79 -11.13 28.20 -51.98
CD1 CGU D 79 -11.19 27.11 -53.07
CD2 CGU D 79 -9.66 28.48 -51.59
OE11 CGU D 79 -12.02 26.16 -52.96
OE12 CGU D 79 -10.42 27.17 -54.05
OE21 CGU D 79 -9.03 29.45 -52.09
OE22 CGU D 79 -9.10 27.71 -50.75
N PHE D 80 -13.03 28.43 -47.47
CA PHE D 80 -14.13 28.35 -46.51
C PHE D 80 -13.95 29.39 -45.42
N TRP D 81 -12.74 29.92 -45.32
CA TRP D 81 -12.41 30.97 -44.35
C TRP D 81 -12.82 32.36 -44.83
N ASN D 82 -13.29 32.48 -46.07
CA ASN D 82 -13.79 33.73 -46.59
C ASN D 82 -15.29 33.67 -46.90
N LYS D 83 -15.92 32.55 -46.62
CA LYS D 83 -17.36 32.36 -46.84
C LYS D 83 -18.12 32.25 -45.53
N TYR D 84 -17.49 32.67 -44.44
CA TYR D 84 -18.06 32.61 -43.10
C TYR D 84 -17.94 33.93 -42.34
N LYS D 85 -16.97 34.77 -42.68
CA LYS D 85 -16.79 36.04 -42.00
C LYS D 85 -17.31 37.21 -42.84
N ASP D 86 -16.95 37.27 -44.13
CA ASP D 86 -17.37 38.36 -44.98
C ASP D 86 -18.26 37.93 -46.13
N GLY D 87 -18.65 36.65 -46.19
CA GLY D 87 -19.57 36.18 -47.20
C GLY D 87 -18.89 35.86 -48.52
N ASP D 88 -19.63 35.14 -49.37
CA ASP D 88 -19.14 34.77 -50.68
C ASP D 88 -19.52 35.86 -51.68
N GLN D 89 -18.53 36.56 -52.22
CA GLN D 89 -18.79 37.61 -53.19
C GLN D 89 -19.13 37.07 -54.57
N CYS D 90 -18.98 35.76 -54.80
CA CYS D 90 -19.27 35.16 -56.09
C CYS D 90 -20.73 34.76 -56.26
N GLU D 91 -21.58 35.01 -55.25
CA GLU D 91 -22.99 34.66 -55.38
C GLU D 91 -23.73 35.64 -56.28
N THR D 92 -23.09 36.75 -56.65
CA THR D 92 -23.66 37.71 -57.58
C THR D 92 -23.25 37.46 -59.03
N SER D 93 -22.42 36.45 -59.28
CA SER D 93 -21.88 36.17 -60.60
C SER D 93 -21.19 37.40 -61.21
N PRO D 94 -20.14 37.92 -60.58
CA PRO D 94 -19.56 39.19 -61.04
C PRO D 94 -18.67 39.06 -62.25
N CYS D 95 -17.92 37.96 -62.39
CA CYS D 95 -16.95 37.84 -63.47
C CYS D 95 -17.68 37.52 -64.77
N GLN D 96 -17.80 38.52 -65.64
CA GLN D 96 -18.49 38.33 -66.90
C GLN D 96 -17.56 37.67 -67.93
N ASN D 97 -18.06 37.58 -69.16
CA ASN D 97 -17.34 36.95 -70.28
C ASN D 97 -16.94 35.52 -69.93
N GLN D 98 -17.83 34.83 -69.22
CA GLN D 98 -17.62 33.44 -68.79
C GLN D 98 -16.32 33.25 -68.01
N GLY D 99 -15.98 34.21 -67.14
CA GLY D 99 -14.78 34.05 -66.34
C GLY D 99 -15.05 33.19 -65.11
N LYS D 100 -13.98 32.92 -64.36
CA LYS D 100 -14.08 32.11 -63.15
C LYS D 100 -14.03 33.02 -61.92
N CYS D 101 -14.88 32.75 -60.94
CA CYS D 101 -14.92 33.56 -59.73
C CYS D 101 -14.41 32.75 -58.55
N LYS D 102 -13.38 33.26 -57.88
CA LYS D 102 -12.79 32.60 -56.72
C LYS D 102 -12.93 33.52 -55.52
N ASP D 103 -13.34 32.96 -54.38
CA ASP D 103 -13.72 33.77 -53.24
C ASP D 103 -12.53 33.99 -52.30
N GLY D 104 -12.30 35.27 -51.97
CA GLY D 104 -11.25 35.62 -51.03
C GLY D 104 -11.80 36.55 -49.96
N LEU D 105 -10.93 36.89 -49.01
CA LEU D 105 -11.32 37.74 -47.89
C LEU D 105 -11.31 39.20 -48.35
N GLY D 106 -12.50 39.79 -48.43
CA GLY D 106 -12.62 41.19 -48.80
C GLY D 106 -12.77 41.46 -50.28
N GLU D 107 -12.54 40.46 -51.13
CA GLU D 107 -12.68 40.64 -52.57
C GLU D 107 -12.69 39.27 -53.23
N TYR D 108 -12.85 39.27 -54.55
CA TYR D 108 -12.88 38.06 -55.34
C TYR D 108 -11.92 38.16 -56.51
N THR D 109 -11.45 37.01 -56.96
CA THR D 109 -10.51 36.92 -58.07
C THR D 109 -11.25 36.41 -59.30
N CYS D 110 -11.09 37.13 -60.42
CA CYS D 110 -11.73 36.77 -61.68
C CYS D 110 -10.69 36.23 -62.65
N THR D 111 -10.99 35.08 -63.24
CA THR D 111 -10.17 34.47 -64.28
C THR D 111 -10.79 34.76 -65.63
N CYS D 112 -10.14 35.61 -66.42
CA CYS D 112 -10.62 35.96 -67.74
C CYS D 112 -9.83 35.20 -68.81
N LEU D 113 -10.49 34.95 -69.94
CA LEU D 113 -9.88 34.19 -71.02
C LEU D 113 -8.99 35.08 -71.89
N GLU D 114 -8.57 34.52 -73.02
CA GLU D 114 -7.73 35.25 -73.96
C GLU D 114 -8.45 36.50 -74.47
N GLY D 115 -7.73 37.62 -74.51
CA GLY D 115 -8.28 38.87 -74.99
C GLY D 115 -9.18 39.58 -74.01
N PHE D 116 -9.28 39.11 -72.77
CA PHE D 116 -10.11 39.74 -71.75
C PHE D 116 -9.24 40.15 -70.56
N GLU D 117 -9.39 41.40 -70.14
CA GLU D 117 -8.66 41.93 -69.00
C GLU D 117 -9.59 42.84 -68.21
N GLY D 118 -9.01 43.55 -67.23
CA GLY D 118 -9.78 44.40 -66.35
C GLY D 118 -9.94 43.78 -64.97
N LYS D 119 -10.52 44.59 -64.07
CA LYS D 119 -10.72 44.12 -62.70
C LYS D 119 -11.71 42.96 -62.63
N ASN D 120 -12.81 43.04 -63.37
CA ASN D 120 -13.85 42.01 -63.34
C ASN D 120 -14.12 41.43 -64.73
N CYS D 121 -13.10 41.31 -65.57
CA CYS D 121 -13.20 40.72 -66.91
C CYS D 121 -14.25 41.45 -67.77
N GLU D 122 -14.42 42.75 -67.55
CA GLU D 122 -15.41 43.51 -68.32
C GLU D 122 -14.83 44.13 -69.58
N LEU D 123 -13.51 44.05 -69.77
CA LEU D 123 -12.84 44.74 -70.87
C LEU D 123 -12.22 43.74 -71.84
N PHE D 124 -12.37 44.01 -73.14
CA PHE D 124 -11.59 43.33 -74.15
C PHE D 124 -10.16 43.85 -74.11
N THR D 125 -9.19 42.96 -74.28
CA THR D 125 -7.79 43.38 -74.33
C THR D 125 -7.53 44.18 -75.60
N ARG D 126 -7.23 45.46 -75.45
CA ARG D 126 -7.02 46.33 -76.60
C ARG D 126 -5.71 45.96 -77.30
N LYS D 127 -5.80 45.55 -78.56
CA LYS D 127 -4.62 45.14 -79.32
C LYS D 127 -4.00 46.36 -79.97
N LEU D 128 -2.71 46.59 -79.72
CA LEU D 128 -1.96 47.68 -80.32
C LEU D 128 -0.60 47.18 -80.77
N CYS D 129 -0.02 47.85 -81.76
CA CYS D 129 1.33 47.51 -82.20
C CYS D 129 2.38 47.84 -81.16
N SER D 130 2.03 48.66 -80.15
CA SER D 130 2.95 48.92 -79.05
C SER D 130 3.04 47.74 -78.09
N LEU D 131 1.93 47.08 -77.78
CA LEU D 131 1.88 45.98 -76.83
C LEU D 131 1.94 44.66 -77.60
N ASP D 132 3.08 43.98 -77.50
CA ASP D 132 3.31 42.68 -78.15
C ASP D 132 3.18 42.80 -79.67
N ASN D 133 3.48 43.98 -80.20
CA ASN D 133 3.54 44.23 -81.65
C ASN D 133 2.22 43.90 -82.35
N GLY D 134 1.12 43.92 -81.60
CA GLY D 134 -0.17 43.57 -82.18
C GLY D 134 -0.26 42.13 -82.66
N ASP D 135 0.60 41.26 -82.15
CA ASP D 135 0.70 39.84 -82.49
C ASP D 135 1.17 39.61 -83.92
N CYS D 136 1.46 40.66 -84.68
CA CYS D 136 1.91 40.49 -86.06
C CYS D 136 3.38 40.11 -86.10
N ASP D 137 3.72 39.22 -87.04
CA ASP D 137 5.12 38.81 -87.18
C ASP D 137 5.95 39.83 -87.93
N GLN D 138 5.45 40.35 -89.05
CA GLN D 138 6.26 41.23 -89.89
C GLN D 138 5.69 42.66 -89.94
N PHE D 139 4.44 42.81 -90.35
CA PHE D 139 3.87 44.14 -90.49
C PHE D 139 2.62 44.29 -89.63
N CYS D 140 2.67 45.28 -88.73
CA CYS D 140 1.55 45.63 -87.86
C CYS D 140 1.04 47.00 -88.26
N HIS D 141 -0.28 47.12 -88.45
CA HIS D 141 -0.89 48.39 -88.83
C HIS D 141 -2.08 48.66 -87.93
N GLU D 142 -2.33 49.93 -87.65
CA GLU D 142 -3.42 50.36 -86.78
C GLU D 142 -4.48 51.07 -87.62
N GLU D 143 -5.69 50.52 -87.64
CA GLU D 143 -6.79 51.06 -88.41
C GLU D 143 -8.08 50.89 -87.62
N GLN D 144 -8.74 52.01 -87.31
CA GLN D 144 -10.03 52.01 -86.61
C GLN D 144 -9.92 51.27 -85.28
N ASN D 145 -8.85 51.55 -84.54
CA ASN D 145 -8.53 50.90 -83.26
C ASN D 145 -8.41 49.39 -83.41
N SER D 146 -8.00 48.91 -84.57
CA SER D 146 -7.87 47.49 -84.86
C SER D 146 -6.49 47.20 -85.44
N VAL D 147 -5.96 46.03 -85.12
CA VAL D 147 -4.63 45.63 -85.57
C VAL D 147 -4.79 44.79 -86.83
N VAL D 148 -4.12 45.21 -87.90
CA VAL D 148 -4.07 44.48 -89.16
C VAL D 148 -2.66 43.95 -89.35
N CYS D 149 -2.55 42.64 -89.55
CA CYS D 149 -1.26 42.01 -89.80
C CYS D 149 -1.09 41.75 -91.28
N SER D 150 0.06 42.16 -91.81
CA SER D 150 0.40 41.92 -93.20
C SER D 150 1.84 41.44 -93.26
N CYS D 151 2.14 40.67 -94.31
CA CYS D 151 3.44 40.04 -94.47
C CYS D 151 4.12 40.57 -95.73
N ALA D 152 5.45 40.64 -95.67
CA ALA D 152 6.22 41.18 -96.77
C ALA D 152 6.23 40.20 -97.95
N ARG D 153 6.96 40.59 -99.00
CA ARG D 153 7.07 39.75 -100.19
C ARG D 153 7.71 38.42 -99.84
N GLY D 154 7.19 37.34 -100.42
CA GLY D 154 7.62 36.01 -100.08
C GLY D 154 6.88 35.37 -98.92
N TYR D 155 5.92 36.06 -98.33
CA TYR D 155 5.13 35.53 -97.23
C TYR D 155 3.65 35.80 -97.48
N THR D 156 2.81 34.89 -97.00
CA THR D 156 1.36 35.03 -97.08
C THR D 156 0.78 35.08 -95.68
N LEU D 157 -0.25 35.90 -95.50
CA LEU D 157 -0.93 35.99 -94.21
C LEU D 157 -1.61 34.67 -93.90
N ALA D 158 -1.53 34.24 -92.64
CA ALA D 158 -2.07 32.94 -92.26
C ALA D 158 -3.58 33.00 -92.16
N ASP D 159 -4.18 31.81 -92.02
CA ASP D 159 -5.64 31.71 -91.91
C ASP D 159 -6.16 32.41 -90.67
N ASN D 160 -5.48 32.30 -89.54
CA ASN D 160 -5.89 32.99 -88.33
C ASN D 160 -5.62 34.49 -88.39
N GLY D 161 -4.89 34.96 -89.39
CA GLY D 161 -4.64 36.38 -89.55
C GLY D 161 -3.49 36.93 -88.74
N LYS D 162 -2.64 36.09 -88.16
CA LYS D 162 -1.56 36.57 -87.33
C LYS D 162 -0.18 36.11 -87.82
N ALA D 163 -0.07 34.88 -88.32
CA ALA D 163 1.20 34.33 -88.73
C ALA D 163 1.47 34.59 -90.21
N CYS D 164 2.72 34.42 -90.61
CA CYS D 164 3.16 34.59 -91.99
C CYS D 164 3.78 33.27 -92.47
N ILE D 165 3.17 32.65 -93.47
CA ILE D 165 3.68 31.43 -94.07
C ILE D 165 4.63 31.80 -95.21
N PRO D 166 5.88 31.35 -95.18
CA PRO D 166 6.77 31.58 -96.32
C PRO D 166 6.20 30.95 -97.59
N THR D 167 6.39 31.64 -98.71
CA THR D 167 5.83 31.19 -99.98
C THR D 167 6.81 30.42 -100.85
N GLY D 168 8.05 30.25 -100.42
CA GLY D 168 9.03 29.57 -101.21
C GLY D 168 10.01 28.76 -100.37
N PRO D 169 10.84 27.96 -101.04
CA PRO D 169 11.85 27.18 -100.29
C PRO D 169 12.83 28.05 -99.53
N TYR D 170 13.24 29.18 -100.08
CA TYR D 170 14.21 30.08 -99.44
C TYR D 170 13.68 31.50 -99.47
N PRO D 171 12.81 31.86 -98.54
CA PRO D 171 12.33 33.24 -98.47
C PRO D 171 13.38 34.17 -97.89
N CYS D 172 13.06 35.46 -97.88
CA CYS D 172 14.00 36.45 -97.39
C CYS D 172 14.20 36.33 -95.89
N GLY D 173 15.43 36.62 -95.45
CA GLY D 173 15.71 36.74 -94.03
C GLY D 173 15.53 35.49 -93.20
N LYS D 174 15.47 34.32 -93.82
CA LYS D 174 15.28 33.07 -93.12
C LYS D 174 16.57 32.24 -93.19
N GLN D 175 17.11 31.92 -92.02
CA GLN D 175 18.31 31.09 -91.96
C GLN D 175 17.96 29.61 -92.09
N THR D 176 18.78 28.89 -92.83
CA THR D 176 18.58 27.46 -93.01
C THR D 176 19.76 26.66 -92.46
N ASN D 230 39.99 31.26 -76.29
CA ASN D 230 40.79 32.46 -76.50
C ASN D 230 41.05 32.71 -77.99
N ASN D 231 40.49 33.81 -78.50
CA ASN D 231 40.67 34.18 -79.91
C ASN D 231 41.25 35.60 -79.93
N LEU D 232 42.58 35.69 -79.82
CA LEU D 232 43.30 36.95 -79.90
C LEU D 232 43.53 37.33 -81.36
N THR D 233 44.47 38.24 -81.60
CA THR D 233 44.92 38.61 -82.95
C THR D 233 43.80 39.17 -83.81
N ARG D 234 43.32 40.36 -83.45
CA ARG D 234 42.41 41.16 -84.27
C ARG D 234 41.03 40.54 -84.42
N ILE D 235 40.38 40.21 -83.29
CA ILE D 235 38.99 39.76 -83.29
C ILE D 235 38.19 40.71 -82.42
N VAL D 236 37.26 41.43 -83.04
CA VAL D 236 36.45 42.40 -82.31
C VAL D 236 35.19 41.74 -81.79
N GLY D 237 35.31 41.01 -80.68
CA GLY D 237 34.16 40.45 -79.97
C GLY D 237 33.22 39.59 -80.78
N GLY D 238 33.54 39.35 -82.05
CA GLY D 238 32.57 38.74 -82.94
C GLY D 238 32.80 37.26 -83.14
N GLN D 239 31.93 36.66 -83.94
CA GLN D 239 31.99 35.25 -84.27
C GLN D 239 32.09 35.05 -85.77
N GLU D 240 32.35 33.80 -86.17
CA GLU D 240 32.44 33.47 -87.58
C GLU D 240 31.07 33.11 -88.14
N CYS D 241 30.77 33.59 -89.35
CA CYS D 241 29.51 33.27 -89.99
C CYS D 241 29.50 31.81 -90.43
N LYS D 242 28.44 31.09 -90.04
CA LYS D 242 28.27 29.70 -90.39
C LYS D 242 27.44 29.57 -91.66
N ASP D 243 27.37 28.36 -92.20
CA ASP D 243 26.60 28.11 -93.41
C ASP D 243 25.12 28.28 -93.13
N GLY D 244 24.44 29.03 -94.00
CA GLY D 244 23.05 29.35 -93.80
C GLY D 244 22.79 30.43 -92.77
N GLU D 245 23.79 30.79 -91.97
CA GLU D 245 23.62 31.82 -90.95
C GLU D 245 23.78 33.22 -91.54
N CYS D 246 24.64 33.38 -92.54
CA CYS D 246 24.82 34.68 -93.20
C CYS D 246 24.74 34.52 -94.71
N PRO D 247 23.57 34.19 -95.28
CA PRO D 247 23.49 34.04 -96.74
C PRO D 247 23.19 35.35 -97.47
N TRP D 248 22.86 36.42 -96.76
CA TRP D 248 22.49 37.69 -97.39
C TRP D 248 23.69 38.59 -97.65
N GLN D 249 24.91 38.15 -97.32
CA GLN D 249 26.08 38.98 -97.51
C GLN D 249 26.78 38.65 -98.82
N ALA D 250 27.31 39.69 -99.49
CA ALA D 250 28.06 39.53 -100.72
C ALA D 250 29.24 40.49 -100.71
N LEU D 251 30.26 40.17 -101.50
CA LEU D 251 31.50 40.94 -101.54
C LEU D 251 31.72 41.48 -102.94
N LEU D 252 32.16 42.73 -103.04
CA LEU D 252 32.48 43.33 -104.33
C LEU D 252 33.98 43.31 -104.54
N ILE D 253 34.42 42.85 -105.70
CA ILE D 253 35.84 42.76 -106.03
C ILE D 253 36.09 43.48 -107.35
N ASN D 254 37.24 44.15 -107.42
CA ASN D 254 37.64 44.88 -108.62
C ASN D 254 38.23 43.90 -109.64
N GLU D 255 38.87 44.44 -110.69
CA GLU D 255 39.43 43.61 -111.74
C GLU D 255 40.53 42.68 -111.23
N GLU D 256 41.19 43.04 -110.14
CA GLU D 256 42.22 42.20 -109.54
C GLU D 256 41.66 41.25 -108.50
N ASN D 257 40.33 41.17 -108.37
CA ASN D 257 39.65 40.33 -107.39
C ASN D 257 40.03 40.65 -105.96
N GLU D 258 40.00 41.93 -105.59
CA GLU D 258 40.26 42.35 -104.22
C GLU D 258 38.98 42.92 -103.62
N GLY D 259 38.59 42.40 -102.46
CA GLY D 259 37.39 42.85 -101.80
C GLY D 259 37.50 44.24 -101.22
N PHE D 260 36.51 45.09 -101.48
CA PHE D 260 36.51 46.46 -100.99
C PHE D 260 35.21 46.88 -100.32
N CYS D 261 34.09 46.25 -100.68
CA CYS D 261 32.80 46.64 -100.10
C CYS D 261 31.90 45.43 -100.01
N GLY D 262 30.86 45.56 -99.18
CA GLY D 262 29.86 44.52 -99.04
C GLY D 262 28.56 44.86 -99.75
N GLY D 263 27.65 43.89 -99.74
CA GLY D 263 26.38 44.06 -100.41
C GLY D 263 25.33 43.15 -99.83
N THR D 264 24.10 43.65 -99.82
CA THR D 264 22.94 42.94 -99.30
C THR D 264 22.07 42.49 -100.48
N ILE D 265 21.73 41.20 -100.50
CA ILE D 265 20.90 40.67 -101.58
C ILE D 265 19.45 40.99 -101.26
N LEU D 266 18.75 41.66 -102.18
CA LEU D 266 17.35 41.99 -101.99
C LEU D 266 16.42 41.17 -102.88
N SER D 267 16.92 40.65 -104.00
CA SER D 267 16.12 39.87 -104.93
C SER D 267 17.06 39.07 -105.81
N GLU D 268 16.51 38.52 -106.89
CA GLU D 268 17.30 37.74 -107.83
C GLU D 268 18.25 38.61 -108.66
N PHE D 269 18.14 39.93 -108.56
CA PHE D 269 18.94 40.83 -109.38
C PHE D 269 19.55 42.01 -108.63
N TYR D 270 19.12 42.30 -107.41
CA TYR D 270 19.42 43.58 -106.77
C TYR D 270 20.32 43.40 -105.55
N ILE D 271 21.38 44.20 -105.52
CA ILE D 271 22.34 44.22 -104.42
C ILE D 271 22.41 45.65 -103.90
N LEU D 272 22.36 45.80 -102.58
CA LEU D 272 22.38 47.11 -101.94
C LEU D 272 23.73 47.33 -101.26
N THR D 273 24.32 48.50 -101.50
CA THR D 273 25.65 48.80 -101.00
C THR D 273 25.74 50.30 -100.72
N ALA D 274 26.96 50.80 -100.60
CA ALA D 274 27.19 52.22 -100.39
C ALA D 274 27.55 52.91 -101.71
N ALA D 275 27.22 54.19 -101.79
CA ALA D 275 27.46 54.94 -103.02
C ALA D 275 28.94 55.19 -103.28
N HIS D 276 29.74 55.37 -102.22
CA HIS D 276 31.15 55.68 -102.41
C HIS D 276 31.92 54.50 -102.98
N CYS D 277 31.40 53.27 -102.80
CA CYS D 277 32.08 52.09 -103.32
C CYS D 277 32.21 52.14 -104.84
N LEU D 278 31.32 52.87 -105.51
CA LEU D 278 31.41 53.06 -106.96
C LEU D 278 32.64 53.87 -107.36
N TYR D 279 33.11 54.78 -106.51
CA TYR D 279 34.28 55.58 -106.82
C TYR D 279 35.58 54.85 -106.56
N GLN D 280 35.54 53.74 -105.82
CA GLN D 280 36.76 53.00 -105.53
C GLN D 280 37.24 52.18 -106.72
N ALA D 281 36.32 51.60 -107.49
CA ALA D 281 36.69 50.76 -108.63
C ALA D 281 35.77 51.07 -109.81
N LYS D 282 36.35 51.14 -111.00
CA LYS D 282 35.57 51.44 -112.19
C LYS D 282 34.62 50.29 -112.52
N ARG D 283 35.13 49.07 -112.58
CA ARG D 283 34.32 47.89 -112.86
C ARG D 283 34.59 46.83 -111.80
N PHE D 284 33.53 46.15 -111.38
CA PHE D 284 33.62 45.22 -110.27
C PHE D 284 32.60 44.10 -110.45
N LYS D 285 32.85 42.99 -109.76
CA LYS D 285 31.97 41.84 -109.74
C LYS D 285 31.52 41.56 -108.31
N VAL D 286 30.29 41.08 -108.18
CA VAL D 286 29.68 40.82 -106.88
C VAL D 286 29.60 39.31 -106.69
N ARG D 287 30.20 38.83 -105.60
CA ARG D 287 30.17 37.42 -105.26
C ARG D 287 29.26 37.20 -104.06
N VAL D 288 28.27 36.34 -104.23
CA VAL D 288 27.29 36.02 -103.20
C VAL D 288 27.59 34.62 -102.66
N GLY D 289 27.26 34.42 -101.39
CA GLY D 289 27.57 33.17 -100.71
C GLY D 289 29.02 33.00 -100.34
N ASP D 290 29.79 34.09 -100.25
CA ASP D 290 31.21 33.99 -99.96
C ASP D 290 31.44 33.56 -98.52
N ARG D 291 32.32 32.56 -98.34
CA ARG D 291 32.74 32.11 -97.02
C ARG D 291 34.22 32.33 -96.76
N ASN D 292 35.06 32.38 -97.79
CA ASN D 292 36.49 32.62 -97.65
C ASN D 292 37.01 33.06 -99.00
N THR D 293 37.64 34.23 -99.06
CA THR D 293 38.19 34.73 -100.31
C THR D 293 39.36 33.89 -100.82
N GLU D 294 39.99 33.09 -99.96
CA GLU D 294 41.10 32.24 -100.36
C GLU D 294 40.70 30.80 -100.63
N GLN D 295 39.41 30.48 -100.56
CA GLN D 295 38.93 29.11 -100.79
C GLN D 295 37.56 29.15 -101.44
N GLU D 296 37.43 28.50 -102.60
CA GLU D 296 36.14 28.35 -103.26
C GLU D 296 35.49 27.06 -102.79
N GLU D 297 34.41 27.18 -102.01
CA GLU D 297 33.71 26.02 -101.47
C GLU D 297 32.59 25.53 -102.37
N GLY D 298 32.43 26.11 -103.56
CA GLY D 298 31.43 25.66 -104.51
C GLY D 298 30.08 26.35 -104.40
N GLY D 299 29.86 27.15 -103.36
CA GLY D 299 28.61 27.86 -103.17
C GLY D 299 28.64 29.32 -103.55
N GLU D 300 29.78 29.86 -103.95
CA GLU D 300 29.91 31.27 -104.28
C GLU D 300 29.53 31.51 -105.73
N ALA D 301 28.60 32.44 -105.95
CA ALA D 301 28.18 32.81 -107.29
C ALA D 301 28.66 34.22 -107.61
N VAL D 302 29.36 34.37 -108.73
CA VAL D 302 29.98 35.64 -109.12
C VAL D 302 29.19 36.20 -110.29
N HIS D 303 28.76 37.45 -110.17
CA HIS D 303 27.96 38.13 -111.18
C HIS D 303 28.61 39.46 -111.56
N GLU D 304 28.54 39.80 -112.84
CA GLU D 304 28.94 41.12 -113.29
C GLU D 304 27.86 42.13 -112.97
N VAL D 305 28.26 43.39 -112.79
CA VAL D 305 27.32 44.46 -112.49
C VAL D 305 26.85 45.10 -113.78
N GLU D 306 25.53 45.20 -113.95
CA GLU D 306 24.97 45.75 -115.19
C GLU D 306 24.48 47.17 -115.02
N VAL D 307 23.67 47.43 -114.00
CA VAL D 307 23.06 48.74 -113.77
C VAL D 307 23.54 49.26 -112.43
N VAL D 308 24.05 50.49 -112.42
CA VAL D 308 24.53 51.15 -111.21
C VAL D 308 23.69 52.40 -110.98
N ILE D 309 23.10 52.52 -109.80
CA ILE D 309 22.27 53.67 -109.45
C ILE D 309 22.73 54.16 -108.08
N LYS D 310 23.37 55.33 -108.05
CA LYS D 310 23.72 55.96 -106.79
C LYS D 310 22.69 57.01 -106.43
N HIS D 311 22.75 57.49 -105.18
CA HIS D 311 21.89 58.59 -104.78
C HIS D 311 22.39 59.89 -105.42
N ASN D 312 21.45 60.65 -105.99
CA ASN D 312 21.82 61.86 -106.71
C ASN D 312 22.37 62.93 -105.77
N ARG D 313 21.90 62.95 -104.53
CA ARG D 313 22.29 63.96 -103.55
C ARG D 313 23.53 63.57 -102.75
N PHE D 314 24.38 62.71 -103.30
CA PHE D 314 25.60 62.30 -102.60
C PHE D 314 26.54 63.50 -102.40
N THR D 315 27.10 63.59 -101.21
CA THR D 315 28.04 64.66 -100.85
C THR D 315 29.31 64.02 -100.31
N LYS D 316 30.46 64.45 -100.85
CA LYS D 316 31.73 63.87 -100.44
C LYS D 316 32.19 64.41 -99.09
N GLU D 317 31.89 65.68 -98.79
CA GLU D 317 32.38 66.30 -97.56
C GLU D 317 31.79 65.66 -96.32
N THR D 318 30.49 65.32 -96.34
CA THR D 318 29.81 64.78 -95.18
C THR D 318 29.37 63.33 -95.35
N TYR D 319 29.71 62.68 -96.47
CA TYR D 319 29.34 61.30 -96.75
C TYR D 319 27.83 61.10 -96.77
N ASP D 320 27.07 62.18 -96.94
CA ASP D 320 25.62 62.11 -96.85
C ASP D 320 25.04 61.41 -98.08
N PHE D 321 23.90 60.73 -97.87
CA PHE D 321 23.21 59.99 -98.93
C PHE D 321 24.14 58.97 -99.59
N ASP D 322 24.87 58.22 -98.77
CA ASP D 322 25.84 57.25 -99.25
C ASP D 322 25.21 55.87 -99.40
N ILE D 323 24.50 55.64 -100.50
CA ILE D 323 23.86 54.35 -100.75
C ILE D 323 23.82 54.12 -102.26
N ALA D 324 23.99 52.87 -102.67
CA ALA D 324 24.02 52.49 -104.08
C ALA D 324 23.25 51.21 -104.31
N VAL D 325 22.70 51.09 -105.51
CA VAL D 325 21.91 49.93 -105.93
C VAL D 325 22.57 49.35 -107.18
N LEU D 326 22.80 48.05 -107.17
CA LEU D 326 23.40 47.35 -108.31
C LEU D 326 22.42 46.29 -108.83
N ARG D 327 22.16 46.34 -110.13
CA ARG D 327 21.41 45.29 -110.82
C ARG D 327 22.41 44.46 -111.62
N LEU D 328 22.46 43.16 -111.34
CA LEU D 328 23.47 42.29 -111.91
C LEU D 328 23.03 41.78 -113.29
N LYS D 329 24.03 41.45 -114.11
CA LYS D 329 23.77 40.94 -115.44
C LYS D 329 23.18 39.53 -115.41
N THR D 330 23.57 38.72 -114.42
CA THR D 330 23.08 37.37 -114.31
C THR D 330 22.11 37.24 -113.13
N PRO D 331 21.04 36.47 -113.26
CA PRO D 331 20.10 36.32 -112.14
C PRO D 331 20.71 35.56 -110.98
N ILE D 332 20.19 35.84 -109.79
CA ILE D 332 20.66 35.16 -108.58
C ILE D 332 19.73 34.01 -108.25
N THR D 333 20.26 32.79 -108.27
CA THR D 333 19.48 31.61 -107.91
C THR D 333 19.74 31.28 -106.45
N PHE D 334 18.74 31.51 -105.60
CA PHE D 334 18.92 31.36 -104.16
C PHE D 334 19.08 29.89 -103.79
N ARG D 335 19.92 29.64 -102.79
CA ARG D 335 20.26 28.29 -102.34
C ARG D 335 20.70 28.37 -100.89
N MET D 336 21.35 27.29 -100.43
CA MET D 336 21.72 27.15 -99.02
C MET D 336 22.48 28.37 -98.51
N ASN D 337 23.49 28.81 -99.24
CA ASN D 337 24.32 29.93 -98.78
C ASN D 337 23.98 31.25 -99.44
N VAL D 338 22.94 31.30 -100.28
CA VAL D 338 22.53 32.54 -100.94
C VAL D 338 21.05 32.77 -100.70
N ALA D 339 20.71 33.74 -99.86
CA ALA D 339 19.32 34.07 -99.58
C ALA D 339 19.18 35.58 -99.49
N PRO D 340 18.01 36.13 -99.82
CA PRO D 340 17.82 37.57 -99.72
C PRO D 340 17.45 38.00 -98.30
N ALA D 341 17.18 39.29 -98.17
CA ALA D 341 16.72 39.86 -96.90
C ALA D 341 15.44 40.65 -97.12
N CYS D 342 14.59 40.64 -96.10
CA CYS D 342 13.29 41.30 -96.19
C CYS D 342 13.42 42.80 -95.93
N LEU D 343 12.74 43.59 -96.77
CA LEU D 343 12.71 45.04 -96.58
C LEU D 343 11.47 45.44 -95.81
N PRO D 344 11.60 46.04 -94.63
CA PRO D 344 10.44 46.36 -93.81
C PRO D 344 9.77 47.66 -94.23
N GLU D 345 8.77 48.05 -93.45
CA GLU D 345 8.05 49.30 -93.65
C GLU D 345 8.68 50.39 -92.79
N ARG D 346 8.67 51.62 -93.32
CA ARG D 346 9.37 52.72 -92.68
C ARG D 346 8.84 52.98 -91.27
N ASP D 347 7.52 53.13 -91.14
CA ASP D 347 6.94 53.42 -89.83
C ASP D 347 7.14 52.26 -88.87
N TRP D 348 6.94 51.03 -89.34
CA TRP D 348 7.15 49.87 -88.47
C TRP D 348 8.61 49.74 -88.07
N ALA D 349 9.53 50.00 -88.99
CA ALA D 349 10.95 49.94 -88.66
C ALA D 349 11.33 50.99 -87.63
N GLU D 350 10.78 52.21 -87.76
CA GLU D 350 11.10 53.26 -86.81
C GLU D 350 10.46 53.02 -85.45
N SER D 351 9.28 52.40 -85.41
CA SER D 351 8.57 52.23 -84.14
C SER D 351 8.97 50.98 -83.39
N THR D 352 9.25 49.88 -84.09
CA THR D 352 9.52 48.59 -83.46
C THR D 352 10.94 48.09 -83.71
N LEU D 353 11.38 48.04 -84.97
CA LEU D 353 12.69 47.49 -85.28
C LEU D 353 13.82 48.31 -84.66
N MET D 354 13.78 49.62 -84.80
CA MET D 354 14.83 50.48 -84.25
C MET D 354 14.79 50.57 -82.74
N THR D 355 13.72 50.09 -82.10
CA THR D 355 13.64 50.03 -80.65
C THR D 355 14.18 48.72 -80.09
N GLN D 356 14.56 47.78 -80.95
CA GLN D 356 15.25 46.58 -80.49
C GLN D 356 16.61 46.94 -79.91
N LYS D 357 17.01 46.22 -78.87
CA LYS D 357 18.21 46.59 -78.13
C LYS D 357 19.47 46.32 -78.94
N THR D 358 19.49 45.26 -79.75
CA THR D 358 20.69 44.87 -80.47
C THR D 358 20.37 44.57 -81.92
N GLY D 359 21.39 44.73 -82.77
CA GLY D 359 21.30 44.37 -84.17
C GLY D 359 22.60 43.73 -84.62
N ILE D 360 22.58 43.22 -85.86
CA ILE D 360 23.67 42.40 -86.40
C ILE D 360 24.18 43.04 -87.68
N VAL D 361 25.51 43.11 -87.82
CA VAL D 361 26.16 43.60 -89.03
C VAL D 361 27.20 42.58 -89.47
N SER D 362 27.14 42.17 -90.74
CA SER D 362 28.07 41.18 -91.27
C SER D 362 28.92 41.82 -92.36
N GLY D 363 30.16 41.35 -92.48
CA GLY D 363 31.05 41.89 -93.49
C GLY D 363 32.35 41.11 -93.56
N PHE D 364 33.12 41.44 -94.60
CA PHE D 364 34.42 40.84 -94.88
C PHE D 364 35.57 41.79 -94.58
N GLY D 365 35.27 42.99 -94.08
CA GLY D 365 36.24 44.06 -94.00
C GLY D 365 37.42 43.84 -93.08
N ARG D 366 38.23 44.88 -92.91
CA ARG D 366 39.41 44.80 -92.07
C ARG D 366 39.03 44.46 -90.64
N THR D 367 39.89 43.66 -89.99
CA THR D 367 39.65 43.22 -88.63
C THR D 367 39.87 44.30 -87.58
N HIS D 368 40.75 45.25 -87.84
CA HIS D 368 40.98 46.37 -86.92
C HIS D 368 41.44 47.56 -87.74
N GLU D 369 41.48 48.72 -87.08
CA GLU D 369 41.85 49.96 -87.76
C GLU D 369 43.25 49.83 -88.38
N LYS D 370 43.35 50.20 -89.65
CA LYS D 370 44.60 50.14 -90.41
C LYS D 370 45.19 48.73 -90.44
N GLY D 371 44.34 47.71 -90.47
CA GLY D 371 44.80 46.33 -90.47
C GLY D 371 44.43 45.59 -91.74
N ARG D 372 44.76 44.30 -91.75
CA ARG D 372 44.51 43.46 -92.92
C ARG D 372 43.02 43.11 -93.02
N GLN D 373 42.60 42.84 -94.25
CA GLN D 373 41.22 42.43 -94.50
C GLN D 373 40.99 41.02 -93.96
N SER D 374 39.78 40.78 -93.46
CA SER D 374 39.43 39.47 -92.92
C SER D 374 39.32 38.45 -94.05
N THR D 375 39.92 37.28 -93.84
CA THR D 375 39.87 36.23 -94.86
C THR D 375 38.46 35.67 -95.01
N ARG D 376 37.71 35.57 -93.92
CA ARG D 376 36.39 34.96 -93.93
C ARG D 376 35.33 35.94 -93.41
N LEU D 377 34.09 35.73 -93.85
CA LEU D 377 32.97 36.58 -93.43
C LEU D 377 32.79 36.52 -91.92
N LYS D 378 32.60 37.68 -91.30
CA LYS D 378 32.38 37.74 -89.87
C LYS D 378 31.28 38.74 -89.55
N MET D 379 30.56 38.46 -88.45
CA MET D 379 29.43 39.26 -88.02
C MET D 379 29.69 39.82 -86.62
N LEU D 380 29.00 40.89 -86.30
CA LEU D 380 29.11 41.55 -85.00
C LEU D 380 27.74 42.03 -84.56
N GLU D 381 27.43 41.81 -83.28
CA GLU D 381 26.19 42.28 -82.69
C GLU D 381 26.47 43.56 -81.90
N VAL D 382 25.82 44.65 -82.27
CA VAL D 382 26.04 45.96 -81.67
C VAL D 382 24.69 46.54 -81.27
N PRO D 383 24.62 47.35 -80.22
CA PRO D 383 23.33 47.94 -79.84
C PRO D 383 23.12 49.30 -80.49
N TYR D 384 21.86 49.70 -80.54
CA TYR D 384 21.52 51.05 -80.99
C TYR D 384 22.02 52.08 -80.00
N VAL D 385 22.42 53.25 -80.51
CA VAL D 385 22.92 54.35 -79.70
C VAL D 385 21.93 55.50 -79.76
N ASP D 386 21.64 56.09 -78.60
CA ASP D 386 20.68 57.18 -78.53
C ASP D 386 21.18 58.39 -79.31
N ARG D 387 20.24 59.19 -79.80
CA ARG D 387 20.55 60.24 -80.76
C ARG D 387 21.35 61.38 -80.12
N ASN D 388 21.07 61.71 -78.86
CA ASN D 388 21.75 62.83 -78.22
C ASN D 388 23.25 62.60 -78.12
N SER D 389 23.66 61.45 -77.56
CA SER D 389 25.09 61.15 -77.49
C SER D 389 25.69 60.93 -78.87
N CYS D 390 24.88 60.43 -79.80
CA CYS D 390 25.35 60.25 -81.18
C CYS D 390 25.75 61.58 -81.80
N LYS D 391 24.92 62.62 -81.59
CA LYS D 391 25.24 63.93 -82.15
C LYS D 391 26.30 64.65 -81.32
N LEU D 392 26.40 64.32 -80.03
CA LEU D 392 27.41 64.96 -79.19
C LEU D 392 28.81 64.41 -79.44
N SER D 393 28.90 63.14 -79.85
CA SER D 393 30.21 62.50 -80.00
C SER D 393 30.79 62.65 -81.39
N SER D 394 30.07 63.25 -82.33
CA SER D 394 30.49 63.32 -83.72
C SER D 394 31.07 64.69 -84.04
N SER D 395 32.27 64.67 -84.64
CA SER D 395 32.89 65.90 -85.10
C SER D 395 32.34 66.38 -86.43
N PHE D 396 31.57 65.53 -87.13
CA PHE D 396 30.91 65.89 -88.38
C PHE D 396 29.41 65.96 -88.20
N ILE D 397 28.73 66.37 -89.27
CA ILE D 397 27.27 66.50 -89.26
C ILE D 397 26.65 65.11 -89.44
N ILE D 398 25.67 64.80 -88.61
CA ILE D 398 24.89 63.57 -88.76
C ILE D 398 23.44 63.96 -89.06
N THR D 399 22.94 63.53 -90.20
CA THR D 399 21.60 63.90 -90.63
C THR D 399 20.59 62.84 -90.15
N GLN D 400 19.36 62.96 -90.66
CA GLN D 400 18.30 62.00 -90.34
C GLN D 400 18.52 60.63 -90.98
N ASN D 401 19.44 60.52 -91.93
CA ASN D 401 19.69 59.27 -92.63
C ASN D 401 20.86 58.49 -92.04
N MET D 402 21.44 58.96 -90.94
CA MET D 402 22.55 58.28 -90.28
C MET D 402 22.24 58.08 -88.80
N PHE D 403 22.79 57.01 -88.24
CA PHE D 403 22.66 56.77 -86.80
C PHE D 403 23.90 56.07 -86.29
N CYS D 404 24.15 56.23 -85.00
CA CYS D 404 25.30 55.63 -84.33
C CYS D 404 24.94 54.26 -83.78
N ALA D 405 25.89 53.33 -83.90
CA ALA D 405 25.72 51.99 -83.33
C ALA D 405 27.08 51.47 -82.89
N GLY D 406 27.06 50.60 -81.88
CA GLY D 406 28.28 50.03 -81.35
C GLY D 406 28.37 50.12 -79.84
N TYR D 407 29.57 49.90 -79.31
CA TYR D 407 29.81 49.96 -77.87
C TYR D 407 30.77 51.10 -77.55
N ASP D 408 30.47 51.84 -76.49
CA ASP D 408 31.32 52.97 -76.11
C ASP D 408 32.62 52.49 -75.49
N THR D 409 32.58 51.37 -74.76
CA THR D 409 33.75 50.87 -74.05
C THR D 409 34.39 49.65 -74.68
N LYS D 410 33.62 48.73 -75.26
CA LYS D 410 34.19 47.53 -75.84
C LYS D 410 34.94 47.84 -77.13
N GLN D 411 35.87 46.96 -77.49
CA GLN D 411 36.54 47.03 -78.78
C GLN D 411 35.70 46.28 -79.82
N GLU D 412 34.55 46.87 -80.12
CA GLU D 412 33.59 46.28 -81.06
C GLU D 412 32.91 47.39 -81.82
N ASP D 413 33.22 47.53 -83.11
CA ASP D 413 32.63 48.53 -83.97
C ASP D 413 32.89 48.16 -85.42
N ALA D 414 32.10 48.74 -86.31
CA ALA D 414 32.31 48.54 -87.74
C ALA D 414 33.61 49.23 -88.17
N CYS D 415 34.24 48.67 -89.20
CA CYS D 415 35.51 49.16 -89.70
C CYS D 415 35.45 49.24 -91.21
N GLN D 416 36.48 49.86 -91.81
CA GLN D 416 36.54 49.98 -93.26
C GLN D 416 36.63 48.61 -93.91
N GLY D 417 36.08 48.50 -95.11
CA GLY D 417 35.95 47.22 -95.79
C GLY D 417 34.59 46.59 -95.66
N ASP D 418 33.81 47.00 -94.67
CA ASP D 418 32.43 46.56 -94.53
C ASP D 418 31.44 47.55 -95.13
N SER D 419 31.93 48.55 -95.87
CA SER D 419 31.08 49.58 -96.45
C SER D 419 30.04 48.97 -97.37
N GLY D 420 28.80 49.42 -97.22
CA GLY D 420 27.67 48.84 -97.94
C GLY D 420 27.06 47.62 -97.30
N GLY D 421 27.63 47.12 -96.21
CA GLY D 421 27.08 45.98 -95.51
C GLY D 421 25.82 46.34 -94.76
N PRO D 422 24.89 45.40 -94.68
CA PRO D 422 23.62 45.69 -94.00
C PRO D 422 23.79 45.71 -92.49
N HIS D 423 22.94 46.52 -91.85
CA HIS D 423 22.70 46.43 -90.41
C HIS D 423 21.31 45.82 -90.25
N VAL D 424 21.25 44.64 -89.65
CA VAL D 424 20.01 43.87 -89.60
C VAL D 424 19.66 43.58 -88.14
N THR D 425 18.35 43.63 -87.87
CA THR D 425 17.80 43.30 -86.56
C THR D 425 17.13 41.93 -86.64
N ARG D 426 17.40 41.10 -85.64
CA ARG D 426 16.82 39.76 -85.61
C ARG D 426 15.53 39.77 -84.80
N PHE D 427 14.40 39.97 -85.49
CA PHE D 427 13.08 39.91 -84.87
C PHE D 427 12.70 38.44 -84.76
N LYS D 428 11.60 38.17 -84.06
CA LYS D 428 11.26 36.87 -83.50
C LYS D 428 11.69 35.69 -84.35
N ASP D 429 11.41 35.74 -85.65
CA ASP D 429 11.79 34.66 -86.56
C ASP D 429 12.31 35.18 -87.90
N THR D 430 12.67 36.47 -88.00
CA THR D 430 13.01 37.05 -89.28
C THR D 430 14.07 38.13 -89.10
N TYR D 431 14.97 38.25 -90.07
CA TYR D 431 15.97 39.32 -90.10
C TYR D 431 15.44 40.47 -90.94
N PHE D 432 15.51 41.68 -90.40
CA PHE D 432 15.02 42.87 -91.06
C PHE D 432 16.13 43.90 -91.19
N VAL D 433 16.32 44.44 -92.40
CA VAL D 433 17.35 45.43 -92.63
C VAL D 433 16.87 46.79 -92.11
N THR D 434 17.65 47.39 -91.21
CA THR D 434 17.35 48.71 -90.68
C THR D 434 18.44 49.74 -90.96
N GLY D 435 19.66 49.29 -91.28
CA GLY D 435 20.75 50.20 -91.54
C GLY D 435 21.75 49.62 -92.52
N ILE D 436 22.59 50.50 -93.05
CA ILE D 436 23.70 50.13 -93.93
C ILE D 436 24.95 50.84 -93.44
N VAL D 437 26.08 50.12 -93.42
CA VAL D 437 27.33 50.69 -92.93
C VAL D 437 27.67 51.91 -93.77
N SER D 438 27.96 53.03 -93.10
CA SER D 438 28.36 54.25 -93.77
C SER D 438 29.84 54.55 -93.51
N TRP D 439 30.24 54.68 -92.23
CA TRP D 439 31.64 54.94 -91.91
C TRP D 439 31.86 54.79 -90.42
N GLY D 440 33.06 55.15 -89.99
CA GLY D 440 33.39 55.15 -88.57
C GLY D 440 34.72 55.82 -88.32
N GLU D 441 34.71 56.74 -87.36
CA GLU D 441 35.93 57.46 -86.98
C GLU D 441 36.77 56.55 -86.12
N GLY D 442 37.67 55.82 -86.78
CA GLY D 442 38.46 54.81 -86.11
C GLY D 442 37.69 53.52 -85.94
N CYS D 443 38.41 52.48 -85.54
CA CYS D 443 37.83 51.16 -85.33
C CYS D 443 38.17 50.68 -83.94
N ALA D 444 37.16 50.20 -83.22
CA ALA D 444 37.29 49.76 -81.82
C ALA D 444 37.85 50.88 -80.95
N ARG D 445 37.43 52.11 -81.22
CA ARG D 445 37.88 53.25 -80.45
C ARG D 445 36.86 53.63 -79.39
N LYS D 446 37.34 53.94 -78.19
CA LYS D 446 36.46 54.38 -77.11
C LYS D 446 35.89 55.76 -77.43
N GLY D 447 34.60 55.93 -77.19
CA GLY D 447 33.94 57.19 -77.47
C GLY D 447 33.53 57.40 -78.90
N LYS D 448 33.70 56.40 -79.77
CA LYS D 448 33.32 56.49 -81.17
C LYS D 448 32.38 55.35 -81.52
N TYR D 449 31.39 55.65 -82.35
CA TYR D 449 30.39 54.67 -82.77
C TYR D 449 30.32 54.64 -84.29
N GLY D 450 30.12 53.43 -84.82
CA GLY D 450 29.97 53.28 -86.25
C GLY D 450 28.70 53.97 -86.74
N ILE D 451 28.87 54.80 -87.77
CA ILE D 451 27.76 55.53 -88.38
C ILE D 451 27.19 54.68 -89.50
N TYR D 452 25.89 54.36 -89.39
CA TYR D 452 25.18 53.53 -90.34
C TYR D 452 24.13 54.38 -91.07
N THR D 453 24.04 54.19 -92.38
CA THR D 453 23.03 54.87 -93.18
C THR D 453 21.66 54.26 -92.92
N LYS D 454 20.67 55.11 -92.70
CA LYS D 454 19.31 54.66 -92.35
C LYS D 454 18.62 54.15 -93.61
N VAL D 455 18.16 52.89 -93.57
CA VAL D 455 17.44 52.32 -94.71
C VAL D 455 16.03 52.88 -94.81
N THR D 456 15.39 53.16 -93.67
CA THR D 456 13.97 53.49 -93.66
C THR D 456 13.67 54.74 -94.49
N ALA D 457 14.52 55.76 -94.39
CA ALA D 457 14.29 56.99 -95.14
C ALA D 457 14.57 56.83 -96.62
N PHE D 458 15.14 55.71 -97.05
CA PHE D 458 15.47 55.49 -98.45
C PHE D 458 14.73 54.32 -99.09
N LEU D 459 13.95 53.56 -98.32
CA LEU D 459 13.25 52.40 -98.87
C LEU D 459 12.42 52.80 -100.08
N LYS D 460 11.65 53.89 -99.96
CA LYS D 460 10.82 54.35 -101.06
C LYS D 460 11.63 54.58 -102.33
N TRP D 461 12.86 55.08 -102.19
CA TRP D 461 13.72 55.24 -103.36
C TRP D 461 14.16 53.90 -103.92
N ILE D 462 14.55 52.96 -103.04
CA ILE D 462 15.05 51.67 -103.49
C ILE D 462 13.98 50.94 -104.29
N ASP D 463 12.74 51.02 -103.82
CA ASP D 463 11.61 50.46 -104.58
C ASP D 463 11.60 51.00 -106.00
N ARG D 464 11.76 52.32 -106.15
CA ARG D 464 11.85 52.90 -107.49
C ARG D 464 13.04 52.32 -108.25
N SER D 465 14.19 52.18 -107.58
CA SER D 465 15.37 51.63 -108.24
C SER D 465 15.14 50.17 -108.64
N MET D 466 14.11 49.53 -108.08
CA MET D 466 13.82 48.16 -108.46
C MET D 466 12.70 48.07 -109.49
N LYS D 467 12.14 49.21 -109.91
CA LYS D 467 11.08 49.19 -110.91
C LYS D 467 11.30 50.24 -111.99
N THR D 468 12.17 51.22 -111.75
CA THR D 468 12.52 52.18 -112.79
C THR D 468 13.25 51.53 -113.95
N ARG D 469 14.20 50.63 -113.68
CA ARG D 469 14.90 49.89 -114.72
C ARG D 469 14.66 48.40 -114.65
N GLY D 470 13.45 47.98 -114.27
CA GLY D 470 13.13 46.57 -114.17
C GLY D 470 11.92 46.17 -115.00
CA CA E . -2.36 22.54 -36.23
CA CA F . -5.30 20.84 -33.63
CA CA G . -11.87 20.88 -36.12
CA CA H . -11.86 21.29 -34.12
CA CA I . -17.06 20.62 -32.18
CA CA J . -21.27 21.23 -27.88
CA CA K . -26.27 21.77 -37.77
#